data_7DL7
#
_entry.id   7DL7
#
_cell.length_a   89.604
_cell.length_b   89.889
_cell.length_c   123.693
_cell.angle_alpha   87.328
_cell.angle_beta   70.970
_cell.angle_gamma   80.562
#
_symmetry.space_group_name_H-M   'P 1'
#
loop_
_entity.id
_entity.type
_entity.pdbx_description
1 polymer '3,5-diaminohexanoate dehydrogenase'
2 non-polymer DI(HYDROXYETHYL)ETHER
3 non-polymer 1,2-ETHANEDIOL
4 non-polymer 'CHLORIDE ION'
5 non-polymer 'SULFATE ION'
6 non-polymer GLYCEROL
7 non-polymer 'CALCIUM ION'
8 non-polymer 2-AMINO-2-HYDROXYMETHYL-PROPANE-1,3-DIOL
9 water water
#
_entity_poly.entity_id   1
_entity_poly.type   'polypeptide(L)'
_entity_poly.pdbx_seq_one_letter_code
;MKSNGCRYGTHRVIEPKGVLPQPAKILNNDMSEIWDNEMLIDVIRLNIDSASFHQIKNKLIAQGHQDLEKAFAEHAIELT
NRTGKHKNEDTGSGGMFIGRVAAIGDKFEMKEEVKVGDKIASLVSLSLTPLKINKVKKVLLDKDQMEIEGQAILFSSGVY
AKLPDDLDENLALSVLDVAGAPAQVERLVKPDDTVVIIGANGKSGILCNAVAKERAGICGKVIGVVRNENYIPTCKATGC
DEVILAQATDAITIQKEVSRLTNGKMADVVINVVNTEDTELPSIMAAKDRGMVYFFSMATSFTKAALGAEGIGADVDMMI
GNGYAHHHSEIALDLLRRNSVLMKIFKERYAEHHHHHH
;
_entity_poly.pdbx_strand_id   A,B,C,D,E,F,G,H
#
loop_
_chem_comp.id
_chem_comp.type
_chem_comp.name
_chem_comp.formula
CA non-polymer 'CALCIUM ION' 'Ca 2'
CL non-polymer 'CHLORIDE ION' 'Cl -1'
EDO non-polymer 1,2-ETHANEDIOL 'C2 H6 O2'
GOL non-polymer GLYCEROL 'C3 H8 O3'
PEG non-polymer DI(HYDROXYETHYL)ETHER 'C4 H10 O3'
SO4 non-polymer 'SULFATE ION' 'O4 S -2'
TRS non-polymer 2-AMINO-2-HYDROXYMETHYL-PROPANE-1,3-DIOL 'C4 H12 N O3 1'
#
# COMPACT_ATOMS: atom_id res chain seq x y z
N MET A 1 -16.74 -16.99 10.24
CA MET A 1 -15.73 -17.99 10.55
C MET A 1 -16.31 -19.41 10.45
N LYS A 2 -15.68 -20.24 9.64
CA LYS A 2 -16.13 -21.61 9.44
C LYS A 2 -15.48 -22.54 10.46
N SER A 3 -16.24 -23.55 10.88
CA SER A 3 -15.85 -24.42 11.97
C SER A 3 -15.26 -25.73 11.44
N ASN A 4 -14.56 -26.43 12.34
CA ASN A 4 -13.99 -27.75 12.07
C ASN A 4 -12.99 -27.69 10.90
N GLY A 5 -12.04 -26.78 10.99
CA GLY A 5 -10.97 -26.73 10.00
C GLY A 5 -9.93 -27.79 10.26
N CYS A 6 -9.47 -28.42 9.18
CA CYS A 6 -8.43 -29.43 9.30
C CYS A 6 -7.09 -28.75 9.58
N ARG A 7 -6.38 -29.26 10.59
CA ARG A 7 -5.10 -28.65 10.96
C ARG A 7 -4.07 -28.77 9.83
N TYR A 8 -4.19 -29.82 9.01
CA TYR A 8 -3.30 -29.99 7.86
C TYR A 8 -3.79 -29.25 6.62
N GLY A 9 -4.99 -28.69 6.65
CA GLY A 9 -5.45 -27.81 5.59
C GLY A 9 -6.18 -28.47 4.44
N THR A 10 -6.68 -29.69 4.63
CA THR A 10 -7.36 -30.39 3.53
C THR A 10 -8.69 -29.75 3.17
N HIS A 11 -9.28 -28.95 4.07
CA HIS A 11 -10.57 -28.31 3.80
C HIS A 11 -10.49 -27.29 2.68
N ARG A 12 -9.29 -26.93 2.22
CA ARG A 12 -9.12 -26.01 1.11
C ARG A 12 -8.62 -26.70 -0.15
N VAL A 13 -8.55 -28.02 -0.15
CA VAL A 13 -8.09 -28.78 -1.32
C VAL A 13 -9.26 -28.96 -2.27
N ILE A 14 -9.09 -28.50 -3.50
CA ILE A 14 -10.15 -28.56 -4.52
C ILE A 14 -9.96 -29.75 -5.45
N GLU A 15 -8.73 -29.94 -5.95
CA GLU A 15 -8.48 -30.97 -6.95
C GLU A 15 -7.04 -31.46 -6.83
N PRO A 16 -6.83 -32.78 -6.69
CA PRO A 16 -7.88 -33.78 -6.58
C PRO A 16 -8.43 -33.89 -5.16
N LYS A 17 -9.65 -34.41 -5.02
CA LYS A 17 -10.31 -34.49 -3.73
C LYS A 17 -9.75 -35.67 -2.94
N GLY A 18 -8.96 -35.39 -1.91
CA GLY A 18 -8.49 -36.43 -1.03
C GLY A 18 -7.00 -36.39 -0.73
N VAL A 19 -6.31 -35.34 -1.18
CA VAL A 19 -4.89 -35.20 -0.97
C VAL A 19 -4.64 -34.01 -0.04
N LEU A 20 -3.37 -33.86 0.36
CA LEU A 20 -2.96 -32.75 1.21
C LEU A 20 -2.71 -31.51 0.36
N PRO A 21 -2.67 -30.33 1.00
CA PRO A 21 -2.51 -29.09 0.20
C PRO A 21 -1.26 -29.06 -0.66
N GLN A 22 -0.13 -29.58 -0.17
CA GLN A 22 1.10 -29.48 -0.96
C GLN A 22 1.05 -30.33 -2.22
N PRO A 23 0.73 -31.63 -2.18
CA PRO A 23 0.63 -32.38 -3.45
C PRO A 23 -0.60 -32.02 -4.26
N ALA A 24 -1.58 -31.34 -3.66
CA ALA A 24 -2.75 -30.91 -4.42
C ALA A 24 -2.34 -29.93 -5.50
N LYS A 25 -3.14 -29.89 -6.58
CA LYS A 25 -2.86 -29.01 -7.69
C LYS A 25 -3.67 -27.72 -7.66
N ILE A 26 -4.89 -27.77 -7.13
CA ILE A 26 -5.75 -26.59 -7.02
C ILE A 26 -6.16 -26.43 -5.56
N LEU A 27 -5.85 -25.28 -4.98
CA LEU A 27 -6.25 -24.93 -3.63
C LEU A 27 -7.32 -23.85 -3.66
N ASN A 28 -8.11 -23.79 -2.60
CA ASN A 28 -9.11 -22.74 -2.41
C ASN A 28 -8.43 -21.56 -1.75
N ASN A 29 -8.16 -20.51 -2.53
CA ASN A 29 -7.49 -19.32 -2.03
C ASN A 29 -8.46 -18.18 -1.73
N ASP A 30 -9.73 -18.49 -1.49
CA ASP A 30 -10.67 -17.48 -1.04
C ASP A 30 -10.24 -16.93 0.31
N MET A 31 -10.36 -15.61 0.48
CA MET A 31 -9.93 -14.95 1.70
C MET A 31 -11.04 -14.14 2.36
N SER A 32 -12.28 -14.23 1.86
CA SER A 32 -13.39 -13.51 2.49
C SER A 32 -13.75 -14.10 3.84
N GLU A 33 -13.59 -15.42 3.99
CA GLU A 33 -13.87 -16.10 5.25
C GLU A 33 -12.81 -17.16 5.50
N ILE A 34 -12.37 -17.27 6.75
CA ILE A 34 -11.34 -18.23 7.12
C ILE A 34 -11.95 -19.26 8.08
N TRP A 35 -11.23 -20.36 8.25
CA TRP A 35 -11.66 -21.40 9.17
C TRP A 35 -11.18 -21.06 10.59
N ASP A 36 -11.74 -21.78 11.56
CA ASP A 36 -11.49 -21.45 12.97
C ASP A 36 -10.05 -21.69 13.38
N ASN A 37 -9.31 -22.56 12.69
CA ASN A 37 -7.94 -22.86 13.05
C ASN A 37 -6.94 -22.40 11.99
N GLU A 38 -7.27 -21.34 11.27
CA GLU A 38 -6.35 -20.71 10.32
C GLU A 38 -5.87 -19.37 10.87
N MET A 39 -4.85 -18.82 10.20
CA MET A 39 -4.37 -17.47 10.48
C MET A 39 -4.23 -16.73 9.15
N LEU A 40 -4.80 -15.54 9.08
CA LEU A 40 -4.80 -14.74 7.86
C LEU A 40 -3.66 -13.73 7.91
N ILE A 41 -2.91 -13.65 6.82
CA ILE A 41 -1.72 -12.80 6.75
C ILE A 41 -1.88 -11.83 5.59
N ASP A 42 -1.57 -10.56 5.84
CA ASP A 42 -1.48 -9.56 4.79
C ASP A 42 -0.07 -9.60 4.21
N VAL A 43 0.07 -10.18 3.02
CA VAL A 43 1.38 -10.45 2.45
C VAL A 43 2.01 -9.16 1.95
N ILE A 44 3.27 -8.94 2.30
CA ILE A 44 4.03 -7.81 1.81
C ILE A 44 4.98 -8.21 0.69
N ARG A 45 5.64 -9.36 0.84
CA ARG A 45 6.67 -9.78 -0.10
C ARG A 45 6.60 -11.28 -0.30
N LEU A 46 6.86 -11.71 -1.53
CA LEU A 46 6.94 -13.12 -1.89
C LEU A 46 8.38 -13.46 -2.25
N ASN A 47 9.01 -14.31 -1.45
CA ASN A 47 10.38 -14.75 -1.68
C ASN A 47 10.31 -16.12 -2.35
N ILE A 48 10.23 -16.12 -3.68
CA ILE A 48 10.09 -17.35 -4.44
C ILE A 48 11.38 -18.15 -4.34
N ASP A 49 11.24 -19.48 -4.31
CA ASP A 49 12.39 -20.38 -4.39
C ASP A 49 13.24 -20.02 -5.60
N SER A 50 14.57 -20.03 -5.40
CA SER A 50 15.48 -19.58 -6.45
C SER A 50 15.34 -20.42 -7.71
N ALA A 51 15.32 -21.75 -7.55
CA ALA A 51 15.17 -22.63 -8.71
C ALA A 51 13.83 -22.39 -9.40
N SER A 52 12.77 -22.21 -8.63
CA SER A 52 11.46 -21.92 -9.23
C SER A 52 11.45 -20.56 -9.91
N PHE A 53 12.01 -19.55 -9.26
CA PHE A 53 12.03 -18.21 -9.85
C PHE A 53 12.85 -18.18 -11.13
N HIS A 54 14.03 -18.80 -11.11
CA HIS A 54 14.88 -18.82 -12.31
C HIS A 54 14.25 -19.65 -13.41
N GLN A 55 13.58 -20.75 -13.06
CA GLN A 55 12.92 -21.56 -14.07
C GLN A 55 11.76 -20.82 -14.72
N ILE A 56 10.97 -20.10 -13.91
CA ILE A 56 9.89 -19.30 -14.48
C ILE A 56 10.45 -18.12 -15.27
N LYS A 57 11.51 -17.49 -14.75
CA LYS A 57 12.12 -16.37 -15.46
C LYS A 57 12.68 -16.82 -16.80
N ASN A 58 13.41 -17.93 -16.82
CA ASN A 58 13.98 -18.44 -18.07
C ASN A 58 12.89 -18.90 -19.02
N LYS A 59 11.79 -19.45 -18.50
CA LYS A 59 10.68 -19.83 -19.36
C LYS A 59 10.08 -18.62 -20.06
N LEU A 60 9.94 -17.51 -19.34
CA LEU A 60 9.41 -16.30 -19.94
C LEU A 60 10.43 -15.66 -20.88
N ILE A 61 11.72 -15.75 -20.54
CA ILE A 61 12.76 -15.31 -21.47
C ILE A 61 12.73 -16.15 -22.74
N ALA A 62 12.49 -17.46 -22.59
CA ALA A 62 12.42 -18.37 -23.72
C ALA A 62 11.03 -18.45 -24.35
N GLN A 63 10.13 -17.53 -23.99
CA GLN A 63 8.86 -17.37 -24.68
C GLN A 63 8.80 -16.13 -25.56
N GLY A 64 9.67 -15.14 -25.32
CA GLY A 64 9.71 -13.96 -26.14
C GLY A 64 9.05 -12.75 -25.51
N HIS A 65 9.23 -12.56 -24.21
CA HIS A 65 8.68 -11.40 -23.53
C HIS A 65 9.74 -10.31 -23.45
N GLN A 66 9.35 -9.08 -23.79
CA GLN A 66 10.27 -7.95 -23.75
C GLN A 66 10.28 -7.24 -22.41
N ASP A 67 9.14 -7.18 -21.72
CA ASP A 67 9.05 -6.63 -20.37
C ASP A 67 8.98 -7.82 -19.42
N LEU A 68 10.13 -8.23 -18.91
CA LEU A 68 10.20 -9.44 -18.07
C LEU A 68 9.46 -9.25 -16.76
N GLU A 69 9.65 -8.09 -16.11
CA GLU A 69 8.96 -7.81 -14.85
C GLU A 69 7.46 -7.87 -15.04
N LYS A 70 6.97 -7.38 -16.18
CA LYS A 70 5.54 -7.46 -16.47
C LYS A 70 5.11 -8.91 -16.72
N ALA A 71 5.92 -9.66 -17.48
CA ALA A 71 5.57 -11.04 -17.78
C ALA A 71 5.57 -11.90 -16.52
N PHE A 72 6.56 -11.71 -15.65
CA PHE A 72 6.59 -12.48 -14.40
C PHE A 72 5.43 -12.10 -13.50
N ALA A 73 5.09 -10.82 -13.43
CA ALA A 73 3.97 -10.38 -12.60
C ALA A 73 2.66 -11.00 -13.07
N GLU A 74 2.43 -10.99 -14.38
CA GLU A 74 1.23 -11.63 -14.92
C GLU A 74 1.25 -13.13 -14.69
N HIS A 75 2.43 -13.74 -14.80
CA HIS A 75 2.55 -15.18 -14.58
C HIS A 75 2.16 -15.56 -13.16
N ALA A 76 2.58 -14.76 -12.18
CA ALA A 76 2.25 -15.07 -10.78
C ALA A 76 0.77 -14.87 -10.51
N ILE A 77 0.18 -13.80 -11.06
CA ILE A 77 -1.25 -13.56 -10.85
C ILE A 77 -2.09 -14.64 -11.51
N GLU A 78 -1.72 -15.04 -12.73
CA GLU A 78 -2.45 -16.10 -13.42
C GLU A 78 -2.29 -17.43 -12.70
N LEU A 79 -1.09 -17.73 -12.20
CA LEU A 79 -0.85 -19.00 -11.54
C LEU A 79 -1.63 -19.10 -10.23
N THR A 80 -1.67 -18.01 -9.45
CA THR A 80 -2.33 -18.05 -8.15
C THR A 80 -3.84 -17.94 -8.27
N ASN A 81 -4.35 -17.28 -9.31
CA ASN A 81 -5.79 -17.19 -9.48
C ASN A 81 -6.39 -18.51 -9.93
N ARG A 82 -5.63 -19.30 -10.70
CA ARG A 82 -6.12 -20.58 -11.22
C ARG A 82 -5.89 -21.73 -10.24
N THR A 83 -4.71 -21.79 -9.62
CA THR A 83 -4.36 -22.90 -8.74
C THR A 83 -4.56 -22.58 -7.26
N GLY A 84 -4.69 -21.32 -6.90
CA GLY A 84 -4.85 -20.94 -5.51
C GLY A 84 -3.56 -20.85 -4.72
N LYS A 85 -2.41 -21.05 -5.36
CA LYS A 85 -1.13 -21.03 -4.68
C LYS A 85 -0.03 -20.81 -5.72
N HIS A 86 1.14 -20.39 -5.24
CA HIS A 86 2.30 -20.21 -6.11
C HIS A 86 3.22 -21.43 -6.04
N LYS A 87 2.68 -22.57 -6.48
CA LYS A 87 3.45 -23.78 -6.66
C LYS A 87 3.87 -23.88 -8.12
N ASN A 88 5.16 -24.03 -8.35
CA ASN A 88 5.67 -24.16 -9.71
C ASN A 88 5.05 -25.39 -10.37
N GLU A 89 4.45 -25.19 -11.54
CA GLU A 89 3.73 -26.25 -12.22
C GLU A 89 4.66 -27.23 -12.95
N ASP A 90 5.92 -26.87 -13.15
CA ASP A 90 6.89 -27.76 -13.78
C ASP A 90 7.76 -28.48 -12.75
N THR A 91 8.38 -27.74 -11.85
CA THR A 91 9.06 -28.34 -10.70
C THR A 91 8.05 -28.47 -9.57
N GLY A 92 8.51 -28.52 -8.32
CA GLY A 92 7.60 -28.59 -7.20
C GLY A 92 7.81 -27.49 -6.20
N SER A 93 8.71 -26.56 -6.53
CA SER A 93 9.17 -25.55 -5.57
C SER A 93 8.12 -24.46 -5.37
N GLY A 94 8.23 -23.80 -4.22
CA GLY A 94 7.36 -22.68 -3.90
C GLY A 94 8.12 -21.48 -3.37
N GLY A 95 8.29 -21.41 -2.05
CA GLY A 95 9.00 -20.32 -1.41
C GLY A 95 8.33 -19.99 -0.09
N MET A 96 8.63 -18.79 0.41
CA MET A 96 8.06 -18.30 1.66
C MET A 96 7.68 -16.84 1.47
N PHE A 97 6.92 -16.29 2.42
CA PHE A 97 6.43 -14.93 2.32
C PHE A 97 6.68 -14.16 3.61
N ILE A 98 6.64 -12.84 3.48
CA ILE A 98 6.69 -11.90 4.60
C ILE A 98 5.38 -11.14 4.63
N GLY A 99 4.87 -10.89 5.83
CA GLY A 99 3.62 -10.17 5.92
C GLY A 99 3.30 -9.79 7.35
N ARG A 100 2.13 -9.17 7.51
CA ARG A 100 1.60 -8.77 8.80
C ARG A 100 0.29 -9.50 9.06
N VAL A 101 0.10 -9.92 10.31
CA VAL A 101 -1.08 -10.71 10.65
C VAL A 101 -2.34 -9.87 10.45
N ALA A 102 -3.32 -10.44 9.76
CA ALA A 102 -4.60 -9.77 9.51
C ALA A 102 -5.73 -10.30 10.37
N ALA A 103 -5.77 -11.61 10.61
CA ALA A 103 -6.82 -12.21 11.43
C ALA A 103 -6.32 -13.55 11.96
N ILE A 104 -6.71 -13.88 13.18
CA ILE A 104 -6.31 -15.12 13.83
C ILE A 104 -7.57 -15.88 14.22
N GLY A 105 -7.71 -17.10 13.69
CA GLY A 105 -8.83 -17.92 14.08
C GLY A 105 -8.83 -18.23 15.57
N ASP A 106 -10.02 -18.44 16.12
CA ASP A 106 -10.16 -18.66 17.56
C ASP A 106 -9.35 -19.88 18.00
N LYS A 107 -9.52 -21.00 17.30
CA LYS A 107 -8.86 -22.25 17.66
C LYS A 107 -7.59 -22.50 16.86
N PHE A 108 -6.89 -21.43 16.47
CA PHE A 108 -5.61 -21.57 15.80
C PHE A 108 -4.57 -22.10 16.78
N GLU A 109 -3.90 -23.19 16.39
CA GLU A 109 -2.83 -23.75 17.21
C GLU A 109 -1.64 -22.80 17.21
N MET A 110 -1.57 -21.92 18.20
CA MET A 110 -0.47 -20.96 18.26
C MET A 110 0.84 -21.67 18.57
N LYS A 111 1.88 -21.30 17.82
CA LYS A 111 3.23 -21.79 18.10
C LYS A 111 4.00 -20.61 18.67
N GLU A 112 4.60 -19.75 17.85
CA GLU A 112 5.17 -18.51 18.35
C GLU A 112 4.06 -17.49 18.57
N GLU A 113 4.08 -16.83 19.72
CA GLU A 113 2.99 -15.92 20.08
C GLU A 113 3.03 -14.69 19.18
N VAL A 114 1.94 -14.46 18.45
CA VAL A 114 1.79 -13.30 17.58
C VAL A 114 0.37 -12.78 17.69
N LYS A 115 0.20 -11.49 17.43
CA LYS A 115 -1.10 -10.83 17.45
C LYS A 115 -1.34 -10.14 16.12
N VAL A 116 -2.55 -9.58 15.97
CA VAL A 116 -2.92 -8.92 14.73
C VAL A 116 -2.02 -7.71 14.52
N GLY A 117 -1.46 -7.59 13.31
CA GLY A 117 -0.54 -6.52 12.99
C GLY A 117 0.93 -6.87 13.17
N ASP A 118 1.24 -8.01 13.78
CA ASP A 118 2.62 -8.41 13.96
C ASP A 118 3.25 -8.79 12.62
N LYS A 119 4.54 -8.50 12.50
CA LYS A 119 5.29 -8.81 11.29
C LYS A 119 5.88 -10.21 11.43
N ILE A 120 5.49 -11.11 10.53
CA ILE A 120 5.89 -12.52 10.62
C ILE A 120 6.53 -12.95 9.31
N ALA A 121 7.20 -14.11 9.37
CA ALA A 121 7.83 -14.74 8.22
C ALA A 121 7.33 -16.17 8.12
N SER A 122 6.89 -16.55 6.93
CA SER A 122 6.42 -17.92 6.72
C SER A 122 7.61 -18.87 6.64
N LEU A 123 7.49 -20.00 7.32
CA LEU A 123 8.50 -21.04 7.29
C LEU A 123 8.00 -22.30 6.59
N VAL A 124 6.81 -22.26 6.01
CA VAL A 124 6.30 -23.35 5.18
C VAL A 124 6.38 -22.92 3.73
N SER A 125 6.37 -23.91 2.84
CA SER A 125 6.52 -23.64 1.41
C SER A 125 5.24 -23.04 0.83
N LEU A 126 5.42 -22.16 -0.15
CA LEU A 126 4.28 -21.59 -0.87
C LEU A 126 3.53 -22.65 -1.66
N SER A 127 4.14 -23.81 -1.91
CA SER A 127 3.49 -24.88 -2.64
C SER A 127 2.37 -25.54 -1.85
N LEU A 128 2.18 -25.18 -0.59
CA LEU A 128 1.02 -25.60 0.18
C LEU A 128 0.25 -24.43 0.77
N THR A 129 0.69 -23.19 0.53
CA THR A 129 0.07 -22.03 1.14
C THR A 129 -1.00 -21.46 0.20
N PRO A 130 -2.27 -21.43 0.62
CA PRO A 130 -3.27 -20.71 -0.18
C PRO A 130 -2.93 -19.23 -0.26
N LEU A 131 -2.83 -18.72 -1.49
CA LEU A 131 -2.35 -17.37 -1.72
C LEU A 131 -3.22 -16.67 -2.75
N LYS A 132 -3.60 -15.43 -2.44
CA LYS A 132 -4.35 -14.58 -3.36
C LYS A 132 -3.55 -13.30 -3.57
N ILE A 133 -3.15 -13.05 -4.81
CA ILE A 133 -2.38 -11.87 -5.17
C ILE A 133 -3.33 -10.85 -5.80
N ASN A 134 -3.49 -9.70 -5.15
CA ASN A 134 -4.34 -8.65 -5.67
C ASN A 134 -3.58 -7.66 -6.55
N LYS A 135 -2.28 -7.50 -6.33
CA LYS A 135 -1.47 -6.55 -7.07
C LYS A 135 0.01 -6.87 -6.85
N VAL A 136 0.79 -6.82 -7.91
CA VAL A 136 2.23 -7.03 -7.84
C VAL A 136 2.90 -5.66 -7.98
N LYS A 137 3.45 -5.14 -6.88
CA LYS A 137 4.03 -3.81 -6.90
C LYS A 137 5.33 -3.78 -7.69
N LYS A 138 6.16 -4.82 -7.55
CA LYS A 138 7.43 -4.84 -8.25
C LYS A 138 7.99 -6.26 -8.24
N VAL A 139 8.62 -6.65 -9.35
CA VAL A 139 9.33 -7.92 -9.47
C VAL A 139 10.81 -7.61 -9.46
N LEU A 140 11.54 -8.24 -8.54
CA LEU A 140 12.99 -8.08 -8.41
C LEU A 140 13.64 -9.35 -8.96
N LEU A 141 14.04 -9.30 -10.24
CA LEU A 141 14.59 -10.48 -10.90
C LEU A 141 15.88 -10.95 -10.23
N ASP A 142 16.71 -10.02 -9.77
CA ASP A 142 17.98 -10.36 -9.17
C ASP A 142 17.86 -10.82 -7.73
N LYS A 143 16.66 -10.80 -7.15
CA LYS A 143 16.46 -11.21 -5.77
C LYS A 143 15.43 -12.31 -5.61
N ASP A 144 14.82 -12.80 -6.69
CA ASP A 144 13.77 -13.81 -6.64
C ASP A 144 12.60 -13.36 -5.76
N GLN A 145 12.30 -12.07 -5.76
CA GLN A 145 11.35 -11.48 -4.85
C GLN A 145 10.20 -10.82 -5.60
N MET A 146 9.10 -10.63 -4.89
CA MET A 146 7.92 -9.96 -5.45
C MET A 146 7.23 -9.19 -4.33
N GLU A 147 7.38 -7.87 -4.35
CA GLU A 147 6.61 -7.01 -3.47
C GLU A 147 5.18 -6.92 -4.00
N ILE A 148 4.21 -7.37 -3.21
CA ILE A 148 2.84 -7.50 -3.68
C ILE A 148 1.89 -6.93 -2.64
N GLU A 149 0.61 -6.91 -3.02
CA GLU A 149 -0.50 -6.69 -2.10
C GLU A 149 -1.40 -7.91 -2.20
N GLY A 150 -1.41 -8.73 -1.16
CA GLY A 150 -2.18 -9.95 -1.20
C GLY A 150 -2.32 -10.55 0.19
N GLN A 151 -2.89 -11.75 0.22
CA GLN A 151 -3.16 -12.43 1.47
C GLN A 151 -2.88 -13.91 1.34
N ALA A 152 -2.47 -14.52 2.45
CA ALA A 152 -2.13 -15.94 2.47
C ALA A 152 -2.73 -16.58 3.72
N ILE A 153 -2.90 -17.91 3.65
CA ILE A 153 -3.48 -18.70 4.72
C ILE A 153 -2.39 -19.55 5.36
N LEU A 154 -2.26 -19.46 6.67
CA LEU A 154 -1.38 -20.34 7.44
C LEU A 154 -2.25 -21.31 8.23
N PHE A 155 -2.08 -22.60 7.99
CA PHE A 155 -2.83 -23.61 8.72
C PHE A 155 -2.26 -23.78 10.13
N SER A 156 -3.03 -24.46 10.98
CA SER A 156 -2.57 -24.72 12.34
C SER A 156 -1.33 -25.61 12.36
N SER A 157 -1.12 -26.41 11.32
CA SER A 157 0.11 -27.19 11.21
C SER A 157 1.26 -26.40 10.59
N GLY A 158 1.00 -25.18 10.14
CA GLY A 158 2.04 -24.38 9.52
C GLY A 158 3.09 -23.90 10.51
N VAL A 159 4.17 -23.36 9.96
CA VAL A 159 5.29 -22.85 10.74
C VAL A 159 5.56 -21.41 10.33
N TYR A 160 5.84 -20.57 11.31
CA TYR A 160 6.06 -19.15 11.08
C TYR A 160 7.00 -18.62 12.16
N ALA A 161 7.53 -17.43 11.92
CA ALA A 161 8.42 -16.78 12.89
C ALA A 161 8.08 -15.30 12.95
N LYS A 162 7.95 -14.78 14.16
CA LYS A 162 7.75 -13.34 14.36
C LYS A 162 9.08 -12.63 14.15
N LEU A 163 9.11 -11.69 13.22
CA LEU A 163 10.35 -10.98 12.93
C LEU A 163 10.67 -10.04 14.07
N PRO A 164 11.89 -10.09 14.61
CA PRO A 164 12.21 -9.26 15.79
C PRO A 164 12.45 -7.81 15.43
N ASP A 165 12.13 -6.94 16.39
CA ASP A 165 12.31 -5.50 16.21
C ASP A 165 13.76 -5.06 16.38
N ASP A 166 14.57 -5.83 17.08
CA ASP A 166 15.94 -5.45 17.41
C ASP A 166 16.95 -5.89 16.37
N LEU A 167 16.51 -6.34 15.20
CA LEU A 167 17.42 -6.84 14.18
C LEU A 167 16.94 -6.38 12.81
N ASP A 168 17.90 -6.23 11.89
CA ASP A 168 17.55 -5.97 10.49
C ASP A 168 16.69 -7.10 9.97
N GLU A 169 15.75 -6.77 9.08
CA GLU A 169 14.78 -7.77 8.63
C GLU A 169 15.47 -8.88 7.86
N ASN A 170 16.32 -8.52 6.90
CA ASN A 170 17.08 -9.53 6.17
C ASN A 170 18.23 -10.10 6.99
N LEU A 171 18.59 -9.46 8.11
CA LEU A 171 19.41 -10.13 9.11
C LEU A 171 18.68 -11.34 9.67
N ALA A 172 17.48 -11.13 10.20
CA ALA A 172 16.74 -12.22 10.84
C ALA A 172 16.35 -13.30 9.85
N LEU A 173 15.95 -12.90 8.63
CA LEU A 173 15.52 -13.88 7.64
C LEU A 173 16.67 -14.77 7.19
N SER A 174 17.89 -14.26 7.20
CA SER A 174 19.05 -15.11 6.91
C SER A 174 19.22 -16.18 7.97
N VAL A 175 18.80 -15.90 9.21
CA VAL A 175 18.89 -16.89 10.28
C VAL A 175 17.77 -17.92 10.16
N LEU A 176 16.55 -17.47 9.88
CA LEU A 176 15.42 -18.39 9.77
C LEU A 176 15.58 -19.36 8.62
N ASP A 177 16.38 -19.03 7.62
CA ASP A 177 16.64 -19.94 6.50
C ASP A 177 17.35 -21.21 6.96
N VAL A 178 18.03 -21.16 8.10
CA VAL A 178 18.77 -22.31 8.62
C VAL A 178 18.47 -22.45 10.11
N ALA A 179 17.29 -21.98 10.53
CA ALA A 179 16.93 -21.98 11.95
C ALA A 179 16.85 -23.37 12.55
N GLY A 180 16.59 -24.40 11.75
CA GLY A 180 16.55 -25.75 12.28
C GLY A 180 17.90 -26.34 12.64
N ALA A 181 18.97 -25.77 12.08
CA ALA A 181 20.31 -26.32 12.33
C ALA A 181 20.74 -26.21 13.79
N PRO A 182 20.72 -25.04 14.44
CA PRO A 182 21.17 -25.00 15.85
C PRO A 182 20.24 -25.72 16.79
N ALA A 183 18.94 -25.75 16.49
CA ALA A 183 17.99 -26.41 17.39
C ALA A 183 18.23 -27.91 17.46
N GLN A 184 18.52 -28.54 16.32
CA GLN A 184 18.77 -29.97 16.32
C GLN A 184 20.14 -30.32 16.87
N VAL A 185 21.13 -29.46 16.65
CA VAL A 185 22.49 -29.77 17.09
C VAL A 185 22.57 -29.80 18.61
N GLU A 186 21.88 -28.90 19.29
CA GLU A 186 21.89 -28.92 20.75
C GLU A 186 21.12 -30.10 21.32
N ARG A 187 20.40 -30.86 20.49
CA ARG A 187 19.81 -32.12 20.92
C ARG A 187 20.74 -33.30 20.71
N LEU A 188 21.60 -33.23 19.69
CA LEU A 188 22.41 -34.37 19.29
C LEU A 188 23.72 -34.49 20.06
N VAL A 189 24.30 -33.38 20.51
CA VAL A 189 25.63 -33.36 21.08
C VAL A 189 25.53 -33.42 22.59
N LYS A 190 26.21 -34.40 23.18
CA LYS A 190 26.36 -34.58 24.61
C LYS A 190 27.70 -34.02 25.08
N PRO A 191 27.85 -33.74 26.37
CA PRO A 191 29.15 -33.28 26.87
C PRO A 191 30.24 -34.31 26.61
N ASP A 192 31.43 -33.80 26.28
CA ASP A 192 32.63 -34.57 25.96
C ASP A 192 32.57 -35.25 24.60
N ASP A 193 31.55 -34.97 23.79
CA ASP A 193 31.41 -35.61 22.49
C ASP A 193 32.45 -35.09 21.51
N THR A 194 32.83 -35.95 20.57
CA THR A 194 33.59 -35.54 19.40
C THR A 194 32.61 -35.34 18.25
N VAL A 195 32.58 -34.13 17.71
CA VAL A 195 31.62 -33.75 16.66
C VAL A 195 32.40 -33.41 15.40
N VAL A 196 31.98 -33.99 14.27
CA VAL A 196 32.53 -33.68 12.97
C VAL A 196 31.46 -32.97 12.16
N ILE A 197 31.77 -31.78 11.68
CA ILE A 197 30.85 -30.96 10.92
C ILE A 197 31.42 -30.78 9.52
N ILE A 198 30.79 -31.41 8.54
CA ILE A 198 31.24 -31.35 7.16
C ILE A 198 30.56 -30.16 6.50
N GLY A 199 31.35 -29.13 6.20
CA GLY A 199 30.81 -27.88 5.70
C GLY A 199 30.73 -26.84 6.79
N ALA A 200 31.80 -26.73 7.58
CA ALA A 200 31.81 -25.87 8.75
C ALA A 200 31.87 -24.38 8.41
N ASN A 201 32.09 -24.02 7.15
CA ASN A 201 32.18 -22.63 6.75
C ASN A 201 30.87 -22.08 6.18
N GLY A 202 29.93 -22.94 5.83
CA GLY A 202 28.69 -22.51 5.24
C GLY A 202 27.81 -21.72 6.19
N LYS A 203 26.62 -21.37 5.69
CA LYS A 203 25.68 -20.58 6.48
C LYS A 203 25.25 -21.35 7.72
N SER A 204 24.70 -22.56 7.53
CA SER A 204 24.31 -23.39 8.67
C SER A 204 25.51 -24.00 9.36
N GLY A 205 26.64 -24.14 8.65
CA GLY A 205 27.81 -24.78 9.24
C GLY A 205 28.37 -24.02 10.43
N ILE A 206 28.48 -22.69 10.31
CA ILE A 206 29.04 -21.90 11.40
C ILE A 206 28.11 -21.92 12.61
N LEU A 207 26.80 -21.98 12.39
CA LEU A 207 25.87 -22.16 13.51
C LEU A 207 26.10 -23.50 14.20
N CYS A 208 26.32 -24.55 13.41
CA CYS A 208 26.54 -25.87 13.99
C CYS A 208 27.85 -25.93 14.75
N ASN A 209 28.87 -25.20 14.29
CA ASN A 209 30.14 -25.16 15.01
C ASN A 209 29.95 -24.64 16.42
N ALA A 210 29.25 -23.51 16.57
CA ALA A 210 29.12 -22.86 17.87
C ALA A 210 28.29 -23.70 18.82
N VAL A 211 27.14 -24.20 18.36
CA VAL A 211 26.28 -24.99 19.23
C VAL A 211 26.93 -26.30 19.61
N ALA A 212 27.65 -26.92 18.67
CA ALA A 212 28.35 -28.16 18.99
C ALA A 212 29.41 -27.93 20.06
N LYS A 213 30.07 -26.78 20.04
CA LYS A 213 31.14 -26.53 21.00
C LYS A 213 30.59 -26.26 22.40
N GLU A 214 29.49 -25.52 22.50
CA GLU A 214 28.94 -25.25 23.83
C GLU A 214 28.27 -26.48 24.42
N ARG A 215 27.74 -27.37 23.58
CA ARG A 215 27.15 -28.59 24.08
C ARG A 215 28.20 -29.66 24.38
N ALA A 216 29.21 -29.80 23.49
CA ALA A 216 30.27 -30.74 23.76
C ALA A 216 31.10 -30.34 24.97
N GLY A 217 31.32 -29.05 25.15
CA GLY A 217 31.95 -28.55 26.35
C GLY A 217 33.45 -28.40 26.23
N ILE A 218 34.06 -28.06 27.37
CA ILE A 218 35.50 -27.79 27.42
C ILE A 218 36.30 -29.04 27.07
N CYS A 219 35.77 -30.22 27.39
CA CYS A 219 36.46 -31.48 27.13
C CYS A 219 35.88 -32.23 25.94
N GLY A 220 35.10 -31.55 25.10
CA GLY A 220 34.69 -32.10 23.83
C GLY A 220 35.64 -31.69 22.71
N LYS A 221 35.39 -32.23 21.52
CA LYS A 221 36.24 -31.98 20.36
C LYS A 221 35.36 -31.73 19.15
N VAL A 222 35.37 -30.50 18.64
CA VAL A 222 34.63 -30.12 17.45
C VAL A 222 35.61 -30.03 16.29
N ILE A 223 35.38 -30.84 15.26
CA ILE A 223 36.26 -30.89 14.09
C ILE A 223 35.47 -30.45 12.88
N GLY A 224 36.00 -29.46 12.17
CA GLY A 224 35.39 -28.96 10.94
C GLY A 224 36.07 -29.54 9.71
N VAL A 225 35.28 -29.69 8.65
CA VAL A 225 35.77 -30.21 7.37
C VAL A 225 35.41 -29.20 6.29
N VAL A 226 36.43 -28.66 5.63
CA VAL A 226 36.24 -27.69 4.55
C VAL A 226 37.20 -28.01 3.41
N ARG A 227 36.86 -27.50 2.22
CA ARG A 227 37.67 -27.74 1.04
C ARG A 227 38.77 -26.71 0.85
N ASN A 228 38.63 -25.53 1.42
CA ASN A 228 39.53 -24.42 1.18
C ASN A 228 40.21 -24.01 2.48
N GLU A 229 41.53 -23.82 2.41
CA GLU A 229 42.31 -23.43 3.58
C GLU A 229 41.85 -22.09 4.15
N ASN A 230 41.29 -21.22 3.31
CA ASN A 230 40.92 -19.89 3.76
C ASN A 230 39.73 -19.90 4.71
N TYR A 231 39.00 -21.01 4.78
CA TYR A 231 37.86 -21.13 5.69
C TYR A 231 38.28 -21.49 7.11
N ILE A 232 39.56 -21.82 7.33
CA ILE A 232 39.99 -22.27 8.66
C ILE A 232 39.74 -21.21 9.73
N PRO A 233 40.19 -19.95 9.58
CA PRO A 233 39.96 -18.98 10.67
C PRO A 233 38.50 -18.81 11.04
N THR A 234 37.60 -18.88 10.06
CA THR A 234 36.17 -18.79 10.38
C THR A 234 35.70 -20.03 11.13
N CYS A 235 36.23 -21.21 10.77
CA CYS A 235 35.82 -22.44 11.44
C CYS A 235 36.27 -22.45 12.89
N LYS A 236 37.52 -22.06 13.16
CA LYS A 236 38.02 -22.08 14.52
C LYS A 236 37.43 -20.93 15.34
N ALA A 237 37.13 -19.80 14.72
CA ALA A 237 36.51 -18.70 15.45
C ALA A 237 35.06 -18.98 15.82
N THR A 238 34.41 -19.90 15.11
CA THR A 238 33.02 -20.23 15.37
C THR A 238 32.83 -21.48 16.22
N GLY A 239 33.92 -22.12 16.66
CA GLY A 239 33.79 -23.21 17.62
C GLY A 239 34.61 -24.45 17.35
N CYS A 240 35.15 -24.58 16.15
CA CYS A 240 35.92 -25.78 15.81
C CYS A 240 37.26 -25.79 16.55
N ASP A 241 37.54 -26.90 17.23
CA ASP A 241 38.85 -27.07 17.86
C ASP A 241 39.89 -27.47 16.82
N GLU A 242 39.51 -28.31 15.87
CA GLU A 242 40.38 -28.73 14.77
C GLU A 242 39.63 -28.58 13.45
N VAL A 243 40.40 -28.42 12.37
CA VAL A 243 39.84 -28.29 11.03
C VAL A 243 40.58 -29.21 10.09
N ILE A 244 39.84 -30.01 9.31
CA ILE A 244 40.41 -30.92 8.34
C ILE A 244 40.25 -30.32 6.96
N LEU A 245 41.31 -30.38 6.15
CA LEU A 245 41.27 -29.90 4.78
C LEU A 245 41.11 -31.09 3.85
N ALA A 246 39.94 -31.20 3.24
CA ALA A 246 39.63 -32.29 2.33
C ALA A 246 38.37 -31.93 1.56
N GLN A 247 38.24 -32.51 0.37
CA GLN A 247 36.99 -32.40 -0.36
C GLN A 247 35.91 -33.21 0.37
N ALA A 248 34.70 -32.65 0.42
CA ALA A 248 33.61 -33.30 1.14
C ALA A 248 33.28 -34.68 0.57
N THR A 249 33.63 -34.94 -0.69
CA THR A 249 33.40 -36.23 -1.31
C THR A 249 34.51 -37.24 -1.01
N ASP A 250 35.62 -36.79 -0.43
CA ASP A 250 36.80 -37.65 -0.21
C ASP A 250 36.62 -38.40 1.11
N ALA A 251 36.05 -39.61 1.01
CA ALA A 251 35.76 -40.38 2.22
C ALA A 251 37.04 -40.90 2.87
N ILE A 252 38.05 -41.25 2.07
CA ILE A 252 39.27 -41.84 2.62
C ILE A 252 40.06 -40.80 3.42
N THR A 253 40.20 -39.60 2.87
CA THR A 253 40.97 -38.56 3.57
C THR A 253 40.29 -38.13 4.86
N ILE A 254 38.96 -37.97 4.83
CA ILE A 254 38.23 -37.57 6.03
C ILE A 254 38.38 -38.63 7.11
N GLN A 255 38.25 -39.90 6.73
CA GLN A 255 38.38 -40.99 7.71
C GLN A 255 39.77 -40.98 8.35
N LYS A 256 40.82 -40.91 7.52
CA LYS A 256 42.17 -40.97 8.04
C LYS A 256 42.49 -39.75 8.92
N GLU A 257 41.98 -38.58 8.53
CA GLU A 257 42.27 -37.37 9.31
C GLU A 257 41.44 -37.31 10.58
N VAL A 258 40.19 -37.75 10.54
CA VAL A 258 39.39 -37.86 11.76
C VAL A 258 40.03 -38.87 12.70
N SER A 259 40.53 -39.99 12.15
CA SER A 259 41.19 -41.00 12.98
C SER A 259 42.45 -40.44 13.61
N ARG A 260 43.23 -39.65 12.87
CA ARG A 260 44.44 -39.07 13.43
C ARG A 260 44.11 -38.07 14.54
N LEU A 261 43.07 -37.25 14.34
CA LEU A 261 42.69 -36.25 15.32
C LEU A 261 41.99 -36.84 16.53
N THR A 262 41.52 -38.10 16.46
CA THR A 262 40.81 -38.73 17.55
C THR A 262 41.51 -39.97 18.09
N ASN A 263 42.74 -40.25 17.61
CA ASN A 263 43.48 -41.44 18.00
C ASN A 263 42.68 -42.70 17.71
N GLY A 264 41.98 -42.73 16.57
CA GLY A 264 41.20 -43.87 16.15
C GLY A 264 39.83 -43.99 16.80
N LYS A 265 39.49 -43.11 17.74
CA LYS A 265 38.20 -43.22 18.43
C LYS A 265 37.05 -42.68 17.60
N MET A 266 37.33 -41.88 16.57
CA MET A 266 36.32 -41.35 15.64
C MET A 266 35.31 -40.46 16.34
N ALA A 267 34.29 -40.01 15.60
CA ALA A 267 33.37 -38.99 16.08
C ALA A 267 32.10 -39.62 16.64
N ASP A 268 31.62 -39.04 17.75
CA ASP A 268 30.33 -39.45 18.30
C ASP A 268 29.18 -38.99 17.42
N VAL A 269 29.29 -37.77 16.87
CA VAL A 269 28.25 -37.18 16.04
C VAL A 269 28.91 -36.65 14.77
N VAL A 270 28.29 -36.90 13.62
CA VAL A 270 28.72 -36.37 12.34
C VAL A 270 27.55 -35.57 11.77
N ILE A 271 27.79 -34.28 11.53
CA ILE A 271 26.78 -33.37 10.99
C ILE A 271 27.19 -33.00 9.57
N ASN A 272 26.33 -33.31 8.60
CA ASN A 272 26.58 -33.02 7.20
C ASN A 272 25.74 -31.79 6.82
N VAL A 273 26.42 -30.69 6.51
CA VAL A 273 25.74 -29.47 6.10
C VAL A 273 26.36 -28.93 4.82
N VAL A 274 26.95 -29.82 4.03
CA VAL A 274 27.38 -29.49 2.68
C VAL A 274 26.27 -29.85 1.71
N ASN A 275 25.83 -28.89 0.91
CA ASN A 275 24.88 -29.16 -0.16
C ASN A 275 25.61 -29.71 -1.38
N THR A 276 26.33 -30.81 -1.13
CA THR A 276 27.17 -31.45 -2.13
C THR A 276 26.80 -32.93 -2.20
N GLU A 277 26.67 -33.45 -3.42
CA GLU A 277 26.28 -34.83 -3.61
C GLU A 277 27.44 -35.77 -3.31
N ASP A 278 27.09 -37.03 -3.04
CA ASP A 278 28.06 -38.09 -2.77
C ASP A 278 28.92 -37.77 -1.56
N THR A 279 28.30 -37.22 -0.52
CA THR A 279 28.96 -37.01 0.77
C THR A 279 28.39 -37.89 1.86
N GLU A 280 27.48 -38.81 1.50
CA GLU A 280 26.92 -39.72 2.49
C GLU A 280 28.01 -40.62 3.09
N LEU A 281 28.72 -41.35 2.22
CA LEU A 281 29.77 -42.25 2.70
C LEU A 281 30.90 -41.53 3.45
N PRO A 282 31.40 -40.38 3.00
CA PRO A 282 32.35 -39.64 3.86
C PRO A 282 31.80 -39.31 5.23
N SER A 283 30.50 -39.04 5.34
CA SER A 283 29.91 -38.77 6.64
C SER A 283 29.80 -40.04 7.47
N ILE A 284 29.48 -41.17 6.81
CA ILE A 284 29.33 -42.43 7.53
C ILE A 284 30.66 -42.87 8.13
N MET A 285 31.70 -42.90 7.30
CA MET A 285 33.00 -43.43 7.72
C MET A 285 33.69 -42.57 8.77
N ALA A 286 33.24 -41.33 8.97
CA ALA A 286 33.79 -40.51 10.04
C ALA A 286 33.21 -40.85 11.40
N ALA A 287 32.06 -41.51 11.45
CA ALA A 287 31.40 -41.80 12.70
C ALA A 287 31.99 -43.06 13.34
N LYS A 288 31.98 -43.07 14.67
CA LYS A 288 32.39 -44.26 15.41
C LYS A 288 31.27 -45.31 15.36
N ASP A 289 31.58 -46.49 15.90
CA ASP A 289 30.58 -47.55 15.96
C ASP A 289 29.40 -47.11 16.83
N ARG A 290 28.19 -47.30 16.31
CA ARG A 290 26.96 -46.84 16.96
C ARG A 290 26.94 -45.32 17.11
N GLY A 291 27.65 -44.62 16.23
CA GLY A 291 27.65 -43.17 16.23
C GLY A 291 26.41 -42.59 15.57
N MET A 292 26.37 -41.27 15.54
CA MET A 292 25.24 -40.52 14.99
C MET A 292 25.67 -39.77 13.74
N VAL A 293 24.88 -39.90 12.67
CA VAL A 293 25.12 -39.19 11.42
C VAL A 293 23.84 -38.43 11.09
N TYR A 294 23.93 -37.09 11.08
CA TYR A 294 22.78 -36.23 10.85
C TYR A 294 22.95 -35.56 9.49
N PHE A 295 22.09 -35.93 8.54
CA PHE A 295 22.14 -35.39 7.18
C PHE A 295 21.16 -34.22 7.08
N PHE A 296 21.69 -33.01 7.00
CA PHE A 296 20.86 -31.81 6.92
C PHE A 296 20.58 -31.37 5.49
N SER A 297 21.51 -31.61 4.57
CA SER A 297 21.43 -31.02 3.23
C SER A 297 20.51 -31.81 2.32
N MET A 298 19.84 -31.10 1.42
CA MET A 298 18.89 -31.71 0.49
C MET A 298 19.59 -32.48 -0.63
N ALA A 299 20.91 -32.39 -0.74
CA ALA A 299 21.64 -33.18 -1.72
C ALA A 299 21.85 -34.62 -1.25
N THR A 300 21.39 -34.97 -0.06
CA THR A 300 21.56 -36.33 0.46
C THR A 300 20.63 -37.29 -0.27
N SER A 301 21.20 -38.42 -0.71
CA SER A 301 20.43 -39.49 -1.33
C SER A 301 20.16 -40.57 -0.29
N PHE A 302 18.88 -40.93 -0.12
CA PHE A 302 18.49 -41.97 0.83
C PHE A 302 19.20 -43.28 0.50
N THR A 303 19.15 -43.70 -0.77
CA THR A 303 19.73 -44.98 -1.16
C THR A 303 21.25 -44.96 -0.98
N LYS A 304 21.91 -43.89 -1.41
CA LYS A 304 23.36 -43.78 -1.22
C LYS A 304 23.73 -43.85 0.25
N ALA A 305 22.89 -43.29 1.12
CA ALA A 305 23.13 -43.39 2.56
C ALA A 305 22.88 -44.80 3.06
N ALA A 306 21.78 -45.43 2.61
CA ALA A 306 21.47 -46.78 3.05
C ALA A 306 22.50 -47.78 2.53
N LEU A 307 22.76 -47.78 1.22
CA LEU A 307 23.73 -48.70 0.67
C LEU A 307 25.14 -48.37 1.10
N GLY A 308 25.42 -47.11 1.39
CA GLY A 308 26.77 -46.73 1.81
C GLY A 308 27.16 -47.39 3.12
N ALA A 309 26.27 -47.38 4.10
CA ALA A 309 26.58 -47.99 5.39
C ALA A 309 26.60 -49.51 5.31
N GLU A 310 25.84 -50.09 4.38
CA GLU A 310 25.82 -51.54 4.23
C GLU A 310 27.15 -52.07 3.72
N GLY A 311 27.67 -51.45 2.65
CA GLY A 311 28.86 -51.98 2.00
C GLY A 311 30.09 -51.97 2.88
N ILE A 312 30.15 -51.08 3.86
CA ILE A 312 31.29 -50.97 4.75
C ILE A 312 30.94 -51.39 6.18
N GLY A 313 29.77 -51.97 6.38
CA GLY A 313 29.39 -52.53 7.68
C GLY A 313 29.43 -51.54 8.82
N ALA A 314 28.85 -50.37 8.62
CA ALA A 314 28.82 -49.32 9.64
C ALA A 314 27.45 -49.36 10.33
N ASP A 315 27.43 -49.88 11.56
CA ASP A 315 26.23 -49.84 12.39
C ASP A 315 26.13 -48.45 13.01
N VAL A 316 25.68 -47.50 12.20
CA VAL A 316 25.54 -46.12 12.62
C VAL A 316 24.07 -45.71 12.52
N ASP A 317 23.69 -44.71 13.31
CA ASP A 317 22.35 -44.15 13.25
C ASP A 317 22.37 -42.98 12.26
N MET A 318 21.57 -43.09 11.20
CA MET A 318 21.52 -42.09 10.14
C MET A 318 20.14 -41.44 10.17
N MET A 319 20.10 -40.12 10.28
CA MET A 319 18.87 -39.37 10.46
C MET A 319 18.62 -38.43 9.29
N ILE A 320 17.37 -38.38 8.86
CA ILE A 320 16.94 -37.38 7.88
C ILE A 320 16.78 -36.06 8.62
N GLY A 321 17.71 -35.13 8.39
CA GLY A 321 17.70 -33.86 9.08
C GLY A 321 16.42 -33.07 8.90
N ASN A 322 15.80 -32.68 10.01
CA ASN A 322 14.54 -31.96 9.99
C ASN A 322 14.81 -30.47 10.16
N GLY A 323 14.38 -29.68 9.17
CA GLY A 323 14.52 -28.24 9.23
C GLY A 323 13.60 -27.56 10.22
N TYR A 324 12.68 -28.29 10.83
CA TYR A 324 11.77 -27.75 11.83
C TYR A 324 12.00 -28.43 13.17
N ALA A 325 11.95 -27.64 14.24
CA ALA A 325 11.97 -28.15 15.60
C ALA A 325 11.28 -27.13 16.49
N HIS A 326 10.96 -27.57 17.72
CA HIS A 326 10.34 -26.67 18.68
C HIS A 326 11.21 -25.45 18.92
N HIS A 327 10.63 -24.27 18.75
CA HIS A 327 11.26 -22.99 19.08
C HIS A 327 12.54 -22.73 18.29
N HIS A 328 12.71 -23.34 17.11
CA HIS A 328 13.98 -23.23 16.41
C HIS A 328 14.26 -21.80 15.94
N SER A 329 13.21 -21.02 15.67
CA SER A 329 13.41 -19.62 15.29
C SER A 329 13.93 -18.80 16.47
N GLU A 330 13.28 -18.92 17.63
N GLU A 330 13.27 -18.93 17.63
CA GLU A 330 13.72 -18.20 18.81
CA GLU A 330 13.72 -18.20 18.82
C GLU A 330 15.10 -18.68 19.26
C GLU A 330 15.09 -18.69 19.28
N ILE A 331 15.35 -19.99 19.18
CA ILE A 331 16.63 -20.54 19.59
C ILE A 331 17.75 -20.01 18.69
N ALA A 332 17.51 -19.98 17.37
CA ALA A 332 18.54 -19.54 16.44
C ALA A 332 18.82 -18.06 16.59
N LEU A 333 17.75 -17.24 16.68
CA LEU A 333 17.94 -15.81 16.80
C LEU A 333 18.63 -15.45 18.11
N ASP A 334 18.34 -16.19 19.19
CA ASP A 334 18.98 -15.93 20.46
C ASP A 334 20.47 -16.25 20.41
N LEU A 335 20.85 -17.28 19.66
CA LEU A 335 22.27 -17.63 19.54
C LEU A 335 23.05 -16.50 18.88
N LEU A 336 22.45 -15.84 17.87
CA LEU A 336 23.11 -14.71 17.24
C LEU A 336 23.30 -13.56 18.24
N ARG A 337 22.32 -13.35 19.12
CA ARG A 337 22.46 -12.31 20.13
C ARG A 337 23.53 -12.65 21.15
N ARG A 338 23.65 -13.94 21.51
CA ARG A 338 24.65 -14.36 22.48
C ARG A 338 26.06 -14.39 21.89
N ASN A 339 26.18 -14.66 20.60
CA ASN A 339 27.48 -14.86 19.94
C ASN A 339 27.76 -13.66 19.04
N SER A 340 28.61 -12.76 19.52
CA SER A 340 28.98 -11.59 18.73
C SER A 340 29.80 -11.98 17.50
N VAL A 341 30.60 -13.05 17.60
CA VAL A 341 31.37 -13.52 16.44
C VAL A 341 30.43 -13.97 15.34
N LEU A 342 29.39 -14.74 15.70
CA LEU A 342 28.41 -15.18 14.72
C LEU A 342 27.62 -14.02 14.15
N MET A 343 27.25 -13.06 15.00
CA MET A 343 26.48 -11.91 14.54
C MET A 343 27.26 -11.08 13.53
N LYS A 344 28.57 -10.93 13.76
CA LYS A 344 29.41 -10.18 12.83
C LYS A 344 29.52 -10.90 11.48
N ILE A 345 29.66 -12.22 11.51
CA ILE A 345 29.78 -12.98 10.27
C ILE A 345 28.46 -12.98 9.52
N PHE A 346 27.34 -13.14 10.24
CA PHE A 346 26.04 -13.17 9.57
C PHE A 346 25.69 -11.81 8.99
N LYS A 347 26.08 -10.73 9.67
CA LYS A 347 25.82 -9.40 9.15
C LYS A 347 26.63 -9.11 7.88
N GLU A 348 27.87 -9.59 7.85
CA GLU A 348 28.78 -9.26 6.75
C GLU A 348 28.47 -10.10 5.51
N ARG A 349 28.07 -11.36 5.68
CA ARG A 349 27.83 -12.24 4.56
C ARG A 349 26.37 -12.31 4.15
N TYR A 350 25.44 -12.20 5.08
CA TYR A 350 24.02 -12.31 4.77
C TYR A 350 23.23 -11.14 5.33
N MET B 1 -3.77 53.52 41.22
CA MET B 1 -3.98 52.17 41.71
C MET B 1 -5.39 51.99 42.25
N LYS B 2 -6.10 51.01 41.71
CA LYS B 2 -7.47 50.72 42.13
C LYS B 2 -7.46 49.78 43.33
N SER B 3 -8.53 49.86 44.12
CA SER B 3 -8.60 49.19 45.41
C SER B 3 -9.47 47.93 45.34
N ASN B 4 -9.19 47.00 46.25
CA ASN B 4 -9.96 45.78 46.44
C ASN B 4 -10.07 44.98 45.14
N GLY B 5 -8.90 44.63 44.59
CA GLY B 5 -8.87 43.78 43.42
C GLY B 5 -9.13 42.33 43.79
N CYS B 6 -9.90 41.66 42.94
CA CYS B 6 -10.17 40.25 43.14
C CYS B 6 -8.92 39.42 42.84
N ARG B 7 -8.52 38.58 43.80
CA ARG B 7 -7.33 37.75 43.60
C ARG B 7 -7.47 36.82 42.41
N TYR B 8 -8.70 36.46 42.03
CA TYR B 8 -8.94 35.63 40.86
C TYR B 8 -9.06 36.46 39.58
N GLY B 9 -9.10 37.78 39.69
CA GLY B 9 -9.07 38.64 38.52
C GLY B 9 -10.41 38.93 37.87
N THR B 10 -11.52 38.71 38.59
CA THR B 10 -12.84 38.95 38.00
C THR B 10 -13.09 40.43 37.73
N HIS B 11 -12.33 41.33 38.35
CA HIS B 11 -12.51 42.77 38.16
C HIS B 11 -12.14 43.23 36.75
N ARG B 12 -11.50 42.38 35.95
CA ARG B 12 -11.14 42.72 34.58
C ARG B 12 -11.97 41.95 33.56
N VAL B 13 -13.03 41.28 34.00
CA VAL B 13 -13.89 40.51 33.10
C VAL B 13 -14.95 41.44 32.54
N ILE B 14 -15.01 41.55 31.22
CA ILE B 14 -15.94 42.44 30.54
C ILE B 14 -17.19 41.69 30.06
N GLU B 15 -17.00 40.52 29.45
CA GLU B 15 -18.12 39.81 28.84
C GLU B 15 -17.83 38.31 28.78
N PRO B 16 -18.69 37.46 29.39
CA PRO B 16 -19.84 37.87 30.21
C PRO B 16 -19.41 38.22 31.63
N LYS B 17 -20.29 38.90 32.38
CA LYS B 17 -19.87 39.51 33.64
C LYS B 17 -19.71 38.50 34.77
N GLY B 18 -20.41 37.38 34.72
CA GLY B 18 -20.44 36.48 35.86
C GLY B 18 -19.48 35.32 35.81
N VAL B 19 -18.41 35.44 35.00
CA VAL B 19 -17.47 34.35 34.82
C VAL B 19 -16.07 34.83 35.25
N LEU B 20 -15.15 33.88 35.31
CA LEU B 20 -13.77 34.13 35.69
C LEU B 20 -12.93 34.44 34.45
N PRO B 21 -11.71 34.97 34.61
CA PRO B 21 -10.97 35.45 33.44
C PRO B 21 -10.74 34.42 32.35
N GLN B 22 -10.47 33.15 32.69
CA GLN B 22 -10.15 32.19 31.64
C GLN B 22 -11.36 31.87 30.77
N PRO B 23 -12.52 31.48 31.30
CA PRO B 23 -13.68 31.22 30.41
C PRO B 23 -14.27 32.48 29.79
N ALA B 24 -13.89 33.66 30.26
CA ALA B 24 -14.44 34.90 29.73
C ALA B 24 -14.03 35.09 28.27
N LYS B 25 -14.84 35.84 27.54
CA LYS B 25 -14.54 36.15 26.15
C LYS B 25 -13.75 37.44 26.00
N ILE B 26 -14.09 38.48 26.77
CA ILE B 26 -13.45 39.78 26.68
C ILE B 26 -12.93 40.15 28.06
N LEU B 27 -11.62 40.44 28.14
CA LEU B 27 -11.00 40.93 29.36
C LEU B 27 -10.60 42.38 29.18
N ASN B 28 -10.52 43.11 30.31
CA ASN B 28 -10.05 44.48 30.31
C ASN B 28 -8.52 44.45 30.40
N ASN B 29 -7.85 44.92 29.35
CA ASN B 29 -6.39 44.91 29.30
C ASN B 29 -5.81 46.33 29.39
N ASP B 30 -6.46 47.21 30.13
CA ASP B 30 -5.93 48.55 30.37
C ASP B 30 -4.73 48.46 31.29
N MET B 31 -3.57 48.88 30.79
CA MET B 31 -2.32 48.85 31.55
C MET B 31 -1.90 50.24 32.04
N SER B 32 -2.76 51.25 31.89
CA SER B 32 -2.45 52.57 32.43
C SER B 32 -2.63 52.61 33.95
N GLU B 33 -3.47 51.74 34.49
CA GLU B 33 -3.68 51.66 35.93
C GLU B 33 -3.95 50.21 36.29
N ILE B 34 -3.36 49.76 37.39
CA ILE B 34 -3.49 48.38 37.84
C ILE B 34 -4.21 48.37 39.19
N TRP B 35 -4.63 47.18 39.61
CA TRP B 35 -5.32 47.01 40.87
C TRP B 35 -4.30 46.77 42.00
N ASP B 36 -4.81 46.81 43.23
CA ASP B 36 -3.94 46.76 44.40
C ASP B 36 -3.21 45.43 44.52
N ASN B 37 -3.83 44.33 44.05
CA ASN B 37 -3.26 43.00 44.21
C ASN B 37 -2.84 42.38 42.88
N GLU B 38 -2.45 43.21 41.91
CA GLU B 38 -1.95 42.74 40.62
C GLU B 38 -0.47 43.05 40.50
N MET B 39 0.17 42.37 39.56
CA MET B 39 1.57 42.63 39.21
C MET B 39 1.66 42.90 37.71
N LEU B 40 2.34 43.99 37.36
CA LEU B 40 2.45 44.42 35.97
C LEU B 40 3.80 44.00 35.40
N ILE B 41 3.77 43.33 34.25
CA ILE B 41 4.95 42.77 33.62
C ILE B 41 5.17 43.43 32.27
N ASP B 42 6.41 43.79 31.97
CA ASP B 42 6.80 44.28 30.65
C ASP B 42 7.17 43.08 29.80
N VAL B 43 6.24 42.63 28.95
CA VAL B 43 6.42 41.37 28.22
C VAL B 43 7.50 41.54 27.16
N ILE B 44 8.39 40.55 27.09
CA ILE B 44 9.44 40.50 26.09
C ILE B 44 9.12 39.49 25.00
N ARG B 45 8.61 38.32 25.38
CA ARG B 45 8.36 37.23 24.45
C ARG B 45 7.04 36.56 24.78
N LEU B 46 6.34 36.09 23.75
CA LEU B 46 5.12 35.33 23.89
C LEU B 46 5.34 33.92 23.36
N ASN B 47 5.23 32.92 24.24
CA ASN B 47 5.35 31.53 23.85
C ASN B 47 3.94 30.96 23.72
N ILE B 48 3.36 31.10 22.52
CA ILE B 48 2.02 30.61 22.28
C ILE B 48 2.00 29.09 22.40
N ASP B 49 0.88 28.56 22.89
CA ASP B 49 0.67 27.12 22.90
C ASP B 49 0.86 26.55 21.51
N SER B 50 1.57 25.42 21.44
CA SER B 50 1.98 24.87 20.15
C SER B 50 0.77 24.54 19.27
N ALA B 51 -0.25 23.91 19.85
CA ALA B 51 -1.45 23.59 19.10
C ALA B 51 -2.19 24.85 18.66
N SER B 52 -2.21 25.88 19.50
CA SER B 52 -2.87 27.12 19.14
C SER B 52 -2.09 27.86 18.04
N PHE B 53 -0.77 27.92 18.20
CA PHE B 53 0.06 28.59 17.20
C PHE B 53 -0.05 27.91 15.83
N HIS B 54 -0.01 26.58 15.82
CA HIS B 54 -0.15 25.85 14.55
C HIS B 54 -1.55 26.01 13.97
N GLN B 55 -2.57 26.13 14.82
CA GLN B 55 -3.93 26.30 14.32
C GLN B 55 -4.12 27.67 13.67
N ILE B 56 -3.56 28.72 14.27
CA ILE B 56 -3.66 30.05 13.68
C ILE B 56 -2.80 30.14 12.43
N LYS B 57 -1.61 29.52 12.46
CA LYS B 57 -0.74 29.52 11.29
C LYS B 57 -1.39 28.81 10.12
N ASN B 58 -1.95 27.61 10.37
CA ASN B 58 -2.60 26.86 9.30
C ASN B 58 -3.84 27.58 8.78
N LYS B 59 -4.55 28.29 9.66
CA LYS B 59 -5.71 29.06 9.21
C LYS B 59 -5.30 30.18 8.27
N LEU B 60 -4.20 30.87 8.60
CA LEU B 60 -3.74 31.97 7.75
C LEU B 60 -3.13 31.46 6.45
N ILE B 61 -2.48 30.30 6.48
CA ILE B 61 -1.97 29.71 5.25
C ILE B 61 -3.12 29.33 4.33
N ALA B 62 -4.21 28.80 4.90
CA ALA B 62 -5.37 28.39 4.13
C ALA B 62 -6.27 29.54 3.72
N GLN B 63 -5.98 30.76 4.17
CA GLN B 63 -6.74 31.94 3.75
C GLN B 63 -6.08 32.70 2.61
N GLY B 64 -4.81 32.42 2.32
CA GLY B 64 -4.14 33.05 1.20
C GLY B 64 -3.37 34.31 1.57
N HIS B 65 -2.54 34.22 2.60
CA HIS B 65 -1.66 35.31 2.99
C HIS B 65 -0.27 35.07 2.42
N GLN B 66 0.33 36.12 1.87
CA GLN B 66 1.65 35.99 1.25
C GLN B 66 2.79 36.27 2.21
N ASP B 67 2.55 37.01 3.29
CA ASP B 67 3.52 37.22 4.36
C ASP B 67 2.90 36.66 5.64
N LEU B 68 3.25 35.41 5.96
CA LEU B 68 2.62 34.73 7.08
C LEU B 68 3.01 35.37 8.42
N GLU B 69 4.25 35.84 8.53
CA GLU B 69 4.69 36.45 9.78
C GLU B 69 4.01 37.80 9.99
N LYS B 70 3.79 38.56 8.92
CA LYS B 70 3.02 39.79 9.03
C LYS B 70 1.55 39.48 9.33
N ALA B 71 1.01 38.46 8.67
CA ALA B 71 -0.38 38.07 8.92
C ALA B 71 -0.56 37.57 10.35
N PHE B 72 0.41 36.81 10.87
CA PHE B 72 0.32 36.32 12.24
C PHE B 72 0.44 37.47 13.23
N ALA B 73 1.34 38.42 12.96
CA ALA B 73 1.49 39.57 13.85
C ALA B 73 0.20 40.37 13.93
N GLU B 74 -0.41 40.66 12.78
CA GLU B 74 -1.67 41.39 12.77
C GLU B 74 -2.80 40.57 13.39
N HIS B 75 -2.73 39.24 13.29
CA HIS B 75 -3.73 38.40 13.94
C HIS B 75 -3.64 38.51 15.46
N ALA B 76 -2.42 38.56 16.00
CA ALA B 76 -2.26 38.67 17.45
C ALA B 76 -2.65 40.04 17.96
N ILE B 77 -2.28 41.09 17.21
CA ILE B 77 -2.61 42.45 17.64
C ILE B 77 -4.13 42.66 17.63
N GLU B 78 -4.80 42.20 16.58
CA GLU B 78 -6.25 42.33 16.52
C GLU B 78 -6.93 41.52 17.61
N LEU B 79 -6.42 40.31 17.88
CA LEU B 79 -7.05 39.45 18.87
C LEU B 79 -6.90 40.03 20.28
N THR B 80 -5.70 40.50 20.62
CA THR B 80 -5.47 41.00 21.98
C THR B 80 -6.11 42.37 22.20
N ASN B 81 -6.19 43.19 21.14
CA ASN B 81 -6.85 44.49 21.30
C ASN B 81 -8.35 44.34 21.46
N ARG B 82 -8.95 43.33 20.85
CA ARG B 82 -10.40 43.14 20.88
C ARG B 82 -10.85 42.31 22.07
N THR B 83 -10.13 41.25 22.40
CA THR B 83 -10.53 40.37 23.49
C THR B 83 -9.78 40.61 24.79
N GLY B 84 -8.66 41.35 24.76
CA GLY B 84 -7.90 41.61 25.95
C GLY B 84 -6.97 40.50 26.38
N LYS B 85 -6.84 39.45 25.57
CA LYS B 85 -6.00 38.30 25.92
C LYS B 85 -5.78 37.48 24.66
N HIS B 86 -4.70 36.70 24.66
CA HIS B 86 -4.38 35.83 23.53
C HIS B 86 -4.89 34.42 23.80
N LYS B 87 -6.22 34.32 23.81
CA LYS B 87 -6.91 33.03 23.92
C LYS B 87 -7.42 32.66 22.54
N ASN B 88 -7.05 31.47 22.08
CA ASN B 88 -7.49 31.01 20.76
C ASN B 88 -9.00 30.87 20.75
N GLU B 89 -9.65 31.56 19.81
CA GLU B 89 -11.10 31.60 19.76
C GLU B 89 -11.71 30.34 19.15
N ASP B 90 -10.90 29.43 18.62
CA ASP B 90 -11.38 28.16 18.09
C ASP B 90 -11.07 26.98 18.99
N THR B 91 -9.88 26.95 19.61
CA THR B 91 -9.49 25.88 20.51
C THR B 91 -9.66 26.25 21.97
N GLY B 92 -9.12 27.41 22.37
CA GLY B 92 -9.15 27.83 23.76
C GLY B 92 -7.79 27.86 24.43
N SER B 93 -6.73 27.49 23.72
CA SER B 93 -5.40 27.46 24.30
C SER B 93 -4.80 28.86 24.33
N GLY B 94 -3.75 29.00 25.14
CA GLY B 94 -3.06 30.26 25.27
C GLY B 94 -1.56 30.14 25.20
N GLY B 95 -0.91 29.98 26.35
CA GLY B 95 0.53 29.89 26.42
C GLY B 95 1.10 30.61 27.62
N MET B 96 2.34 31.08 27.51
CA MET B 96 3.01 31.81 28.59
C MET B 96 3.80 32.95 27.99
N PHE B 97 4.33 33.81 28.87
CA PHE B 97 5.13 34.94 28.44
C PHE B 97 6.39 35.04 29.29
N ILE B 98 7.37 35.77 28.76
CA ILE B 98 8.58 36.13 29.47
C ILE B 98 8.70 37.65 29.46
N GLY B 99 9.05 38.22 30.61
CA GLY B 99 9.19 39.66 30.69
C GLY B 99 9.86 40.07 31.98
N ARG B 100 9.81 41.38 32.23
CA ARG B 100 10.39 41.97 33.42
C ARG B 100 9.29 42.64 34.24
N VAL B 101 9.43 42.57 35.56
CA VAL B 101 8.44 43.17 36.45
C VAL B 101 8.49 44.69 36.31
N ALA B 102 7.34 45.29 36.03
CA ALA B 102 7.22 46.74 35.89
C ALA B 102 6.65 47.41 37.12
N ALA B 103 5.60 46.85 37.71
CA ALA B 103 4.98 47.42 38.90
C ALA B 103 4.34 46.30 39.71
N ILE B 104 4.49 46.38 41.03
CA ILE B 104 3.89 45.42 41.95
C ILE B 104 2.93 46.18 42.85
N GLY B 105 1.66 45.80 42.82
CA GLY B 105 0.70 46.38 43.73
C GLY B 105 1.09 46.10 45.17
N ASP B 106 0.80 47.08 46.05
CA ASP B 106 1.18 46.94 47.45
C ASP B 106 0.52 45.74 48.11
N LYS B 107 -0.71 45.40 47.69
CA LYS B 107 -1.43 44.27 48.24
C LYS B 107 -1.33 43.02 47.37
N PHE B 108 -0.26 42.91 46.58
CA PHE B 108 -0.08 41.75 45.72
C PHE B 108 0.40 40.56 46.55
N GLU B 109 -0.23 39.40 46.34
CA GLU B 109 0.15 38.17 47.03
C GLU B 109 1.45 37.66 46.43
N MET B 110 2.56 37.93 47.11
CA MET B 110 3.86 37.49 46.61
C MET B 110 4.04 36.00 46.82
N LYS B 111 4.39 35.28 45.75
CA LYS B 111 4.75 33.88 45.87
C LYS B 111 6.26 33.74 45.89
N GLU B 112 6.90 33.75 44.72
CA GLU B 112 8.34 33.89 44.66
C GLU B 112 8.69 35.37 44.85
N GLU B 113 9.68 35.64 45.69
CA GLU B 113 10.07 37.01 45.98
C GLU B 113 10.70 37.63 44.73
N VAL B 114 10.04 38.65 44.17
CA VAL B 114 10.51 39.33 42.97
C VAL B 114 10.50 40.82 43.21
N LYS B 115 11.40 41.52 42.52
CA LYS B 115 11.46 42.98 42.56
C LYS B 115 11.23 43.52 41.16
N VAL B 116 10.94 44.81 41.08
CA VAL B 116 10.75 45.47 39.80
C VAL B 116 12.03 45.38 39.00
N GLY B 117 11.92 44.89 37.76
CA GLY B 117 13.05 44.71 36.89
C GLY B 117 13.53 43.27 36.78
N ASP B 118 13.06 42.38 37.64
CA ASP B 118 13.46 40.98 37.56
C ASP B 118 12.82 40.31 36.36
N LYS B 119 13.61 39.47 35.68
CA LYS B 119 13.09 38.71 34.54
C LYS B 119 12.35 37.49 35.05
N ILE B 120 11.08 37.36 34.67
CA ILE B 120 10.22 36.29 35.15
C ILE B 120 9.62 35.56 33.94
N ALA B 121 9.01 34.41 34.23
CA ALA B 121 8.29 33.63 33.24
C ALA B 121 6.90 33.31 33.77
N SER B 122 5.90 33.47 32.92
CA SER B 122 4.53 33.18 33.31
C SER B 122 4.29 31.68 33.38
N LEU B 123 3.59 31.25 34.42
CA LEU B 123 3.21 29.84 34.58
C LEU B 123 1.70 29.66 34.55
N VAL B 124 0.94 30.68 34.18
CA VAL B 124 -0.48 30.56 33.94
C VAL B 124 -0.74 30.80 32.46
N SER B 125 -1.87 30.30 31.98
CA SER B 125 -2.16 30.34 30.56
C SER B 125 -2.49 31.75 30.09
N LEU B 126 -2.14 32.03 28.83
CA LEU B 126 -2.50 33.31 28.22
C LEU B 126 -4.01 33.47 28.04
N SER B 127 -4.75 32.35 28.12
CA SER B 127 -6.21 32.39 28.01
C SER B 127 -6.89 33.07 29.20
N LEU B 128 -6.12 33.46 30.22
CA LEU B 128 -6.66 34.25 31.32
C LEU B 128 -5.83 35.49 31.61
N THR B 129 -4.74 35.71 30.88
CA THR B 129 -3.83 36.82 31.17
C THR B 129 -4.25 38.06 30.38
N PRO B 130 -4.60 39.16 31.03
CA PRO B 130 -4.78 40.43 30.30
C PRO B 130 -3.50 40.82 29.60
N LEU B 131 -3.58 40.99 28.29
CA LEU B 131 -2.40 41.21 27.46
C LEU B 131 -2.64 42.38 26.52
N LYS B 132 -1.65 43.27 26.43
CA LYS B 132 -1.68 44.41 25.52
C LYS B 132 -0.43 44.38 24.67
N ILE B 133 -0.60 44.21 23.36
CA ILE B 133 0.52 44.14 22.43
C ILE B 133 0.63 45.50 21.73
N ASN B 134 1.76 46.18 21.94
CA ASN B 134 2.02 47.47 21.32
C ASN B 134 2.88 47.37 20.08
N LYS B 135 3.67 46.30 19.94
CA LYS B 135 4.56 46.13 18.80
C LYS B 135 5.01 44.67 18.68
N VAL B 136 4.86 44.08 17.50
CA VAL B 136 5.35 42.73 17.24
C VAL B 136 6.66 42.87 16.47
N LYS B 137 7.78 42.73 17.18
CA LYS B 137 9.08 42.93 16.56
C LYS B 137 9.41 41.78 15.61
N LYS B 138 9.02 40.55 15.96
CA LYS B 138 9.36 39.39 15.16
C LYS B 138 8.41 38.25 15.48
N VAL B 139 8.03 37.50 14.46
CA VAL B 139 7.25 36.28 14.60
C VAL B 139 8.12 35.12 14.18
N LEU B 140 8.32 34.17 15.08
CA LEU B 140 9.13 32.96 14.82
C LEU B 140 8.16 31.81 14.59
N LEU B 141 7.83 31.56 13.32
CA LEU B 141 6.86 30.52 13.00
C LEU B 141 7.38 29.13 13.35
N ASP B 142 8.69 28.92 13.34
CA ASP B 142 9.26 27.61 13.63
C ASP B 142 9.39 27.34 15.13
N LYS B 143 9.14 28.34 15.98
CA LYS B 143 9.26 28.18 17.42
C LYS B 143 8.00 28.53 18.19
N ASP B 144 6.91 28.87 17.49
CA ASP B 144 5.65 29.25 18.13
C ASP B 144 5.85 30.43 19.08
N GLN B 145 6.70 31.37 18.68
CA GLN B 145 7.08 32.50 19.52
C GLN B 145 6.78 33.82 18.84
N MET B 146 6.78 34.89 19.64
CA MET B 146 6.55 36.23 19.15
C MET B 146 7.38 37.19 20.00
N GLU B 147 8.36 37.85 19.40
CA GLU B 147 9.14 38.88 20.08
C GLU B 147 8.36 40.18 19.98
N ILE B 148 7.90 40.70 21.13
CA ILE B 148 6.96 41.81 21.15
C ILE B 148 7.42 42.85 22.16
N GLU B 149 6.77 44.01 22.10
CA GLU B 149 6.79 45.02 23.16
C GLU B 149 5.37 45.13 23.70
N GLY B 150 5.18 44.74 24.95
CA GLY B 150 3.85 44.76 25.51
C GLY B 150 3.88 44.60 27.02
N GLN B 151 2.69 44.50 27.59
CA GLN B 151 2.53 44.39 29.03
C GLN B 151 1.41 43.41 29.36
N ALA B 152 1.57 42.73 30.49
CA ALA B 152 0.59 41.74 30.94
C ALA B 152 0.33 41.92 32.42
N ILE B 153 -0.78 41.34 32.88
CA ILE B 153 -1.21 41.41 34.27
C ILE B 153 -1.17 40.01 34.86
N LEU B 154 -0.54 39.88 36.03
CA LEU B 154 -0.57 38.65 36.81
C LEU B 154 -1.40 38.90 38.06
N PHE B 155 -2.50 38.17 38.20
CA PHE B 155 -3.34 38.31 39.37
C PHE B 155 -2.65 37.69 40.59
N SER B 156 -3.19 38.02 41.77
CA SER B 156 -2.62 37.48 43.00
C SER B 156 -2.69 35.96 43.05
N SER B 157 -3.72 35.38 42.43
CA SER B 157 -3.81 33.93 42.33
C SER B 157 -2.90 33.35 41.25
N GLY B 158 -2.28 34.19 40.42
CA GLY B 158 -1.44 33.71 39.34
C GLY B 158 -0.17 33.03 39.83
N VAL B 159 0.53 32.42 38.88
CA VAL B 159 1.77 31.71 39.15
C VAL B 159 2.85 32.26 38.23
N TYR B 160 4.05 32.43 38.79
CA TYR B 160 5.18 32.94 38.03
C TYR B 160 6.46 32.32 38.58
N ALA B 161 7.54 32.48 37.82
CA ALA B 161 8.84 31.97 38.23
C ALA B 161 9.91 32.98 37.85
N LYS B 162 10.78 33.32 38.80
CA LYS B 162 11.90 34.20 38.53
C LYS B 162 12.98 33.42 37.78
N LEU B 163 13.34 33.90 36.59
CA LEU B 163 14.32 33.20 35.77
C LEU B 163 15.72 33.42 36.35
N PRO B 164 16.45 32.37 36.67
CA PRO B 164 17.73 32.53 37.37
C PRO B 164 18.84 33.01 36.45
N ASP B 165 19.76 33.79 37.04
CA ASP B 165 20.87 34.35 36.28
C ASP B 165 22.01 33.36 36.09
N ASP B 166 22.07 32.30 36.89
CA ASP B 166 23.13 31.31 36.77
C ASP B 166 22.78 30.18 35.80
N LEU B 167 21.73 30.35 35.00
CA LEU B 167 21.28 29.32 34.07
C LEU B 167 20.80 29.96 32.78
N ASP B 168 20.92 29.20 31.69
CA ASP B 168 20.44 29.65 30.39
C ASP B 168 18.92 29.79 30.43
N GLU B 169 18.41 30.78 29.68
CA GLU B 169 16.98 31.06 29.70
C GLU B 169 16.18 29.88 29.14
N ASN B 170 16.52 29.42 27.94
CA ASN B 170 15.81 28.29 27.35
C ASN B 170 15.99 27.02 28.18
N LEU B 171 17.12 26.90 28.89
CA LEU B 171 17.30 25.76 29.78
C LEU B 171 16.38 25.86 30.98
N ALA B 172 16.30 27.05 31.60
CA ALA B 172 15.42 27.23 32.74
C ALA B 172 13.95 27.08 32.33
N LEU B 173 13.59 27.60 31.16
CA LEU B 173 12.20 27.50 30.70
C LEU B 173 11.79 26.06 30.43
N SER B 174 12.76 25.20 30.09
CA SER B 174 12.43 23.80 29.83
C SER B 174 11.99 23.09 31.10
N VAL B 175 12.47 23.52 32.26
CA VAL B 175 12.10 22.88 33.52
C VAL B 175 10.74 23.34 33.99
N LEU B 176 10.42 24.62 33.77
CA LEU B 176 9.12 25.16 34.18
C LEU B 176 7.97 24.49 33.45
N ASP B 177 8.22 23.89 32.28
CA ASP B 177 7.19 23.11 31.61
C ASP B 177 6.69 21.98 32.49
N VAL B 178 7.60 21.35 33.25
CA VAL B 178 7.29 20.16 34.01
C VAL B 178 7.70 20.36 35.46
N ALA B 179 7.73 21.61 35.92
CA ALA B 179 8.22 21.91 37.26
C ALA B 179 7.34 21.29 38.33
N GLY B 180 6.06 21.05 38.03
CA GLY B 180 5.18 20.43 38.99
C GLY B 180 5.44 18.96 39.23
N ALA B 181 6.07 18.27 38.27
CA ALA B 181 6.33 16.85 38.43
C ALA B 181 7.27 16.53 39.58
N PRO B 182 8.48 17.11 39.67
CA PRO B 182 9.36 16.75 40.79
C PRO B 182 8.84 17.22 42.14
N ALA B 183 8.09 18.32 42.18
CA ALA B 183 7.57 18.81 43.45
C ALA B 183 6.50 17.88 44.00
N GLN B 184 5.64 17.33 43.14
CA GLN B 184 4.61 16.43 43.61
C GLN B 184 5.15 15.04 43.94
N VAL B 185 6.19 14.59 43.24
CA VAL B 185 6.71 13.25 43.46
C VAL B 185 7.34 13.13 44.84
N GLU B 186 8.07 14.17 45.27
CA GLU B 186 8.70 14.12 46.59
C GLU B 186 7.69 14.19 47.73
N ARG B 187 6.41 14.47 47.43
CA ARG B 187 5.36 14.35 48.43
C ARG B 187 4.75 12.96 48.46
N LEU B 188 4.72 12.27 47.33
CA LEU B 188 4.03 11.00 47.22
C LEU B 188 4.88 9.80 47.63
N VAL B 189 6.20 9.90 47.54
CA VAL B 189 7.08 8.76 47.71
C VAL B 189 7.63 8.76 49.12
N LYS B 190 7.43 7.65 49.83
CA LYS B 190 7.93 7.44 51.17
C LYS B 190 9.14 6.50 51.13
N PRO B 191 9.93 6.45 52.20
CA PRO B 191 11.07 5.52 52.22
C PRO B 191 10.63 4.07 52.04
N ASP B 192 11.46 3.32 51.33
CA ASP B 192 11.28 1.90 51.01
C ASP B 192 10.09 1.64 50.09
N ASP B 193 9.52 2.67 49.49
CA ASP B 193 8.39 2.48 48.59
C ASP B 193 8.83 1.84 47.29
N THR B 194 7.89 1.17 46.62
CA THR B 194 8.08 0.68 45.26
C THR B 194 7.31 1.62 44.33
N VAL B 195 8.04 2.26 43.42
CA VAL B 195 7.48 3.30 42.56
C VAL B 195 7.60 2.85 41.11
N VAL B 196 6.48 2.89 40.39
CA VAL B 196 6.42 2.59 38.96
C VAL B 196 6.18 3.89 38.22
N ILE B 197 7.06 4.21 37.27
CA ILE B 197 6.97 5.43 36.48
C ILE B 197 6.75 5.01 35.03
N ILE B 198 5.52 5.14 34.56
CA ILE B 198 5.18 4.79 33.18
C ILE B 198 5.54 5.97 32.29
N GLY B 199 6.61 5.83 31.53
CA GLY B 199 7.12 6.92 30.71
C GLY B 199 8.38 7.51 31.31
N ALA B 200 9.25 6.64 31.83
CA ALA B 200 10.43 7.06 32.58
C ALA B 200 11.48 7.76 31.72
N ASN B 201 11.35 7.72 30.39
CA ASN B 201 12.30 8.39 29.52
C ASN B 201 11.84 9.78 29.11
N GLY B 202 10.60 10.16 29.40
CA GLY B 202 10.06 11.43 28.96
C GLY B 202 10.72 12.61 29.66
N LYS B 203 10.21 13.80 29.33
CA LYS B 203 10.72 15.03 29.90
C LYS B 203 10.49 15.07 31.41
N SER B 204 9.23 14.95 31.84
CA SER B 204 8.93 14.87 33.25
C SER B 204 9.28 13.50 33.82
N GLY B 205 9.34 12.47 32.98
CA GLY B 205 9.61 11.12 33.47
C GLY B 205 10.98 11.01 34.10
N ILE B 206 12.01 11.57 33.46
CA ILE B 206 13.36 11.48 34.00
C ILE B 206 13.48 12.26 35.30
N LEU B 207 12.70 13.34 35.44
CA LEU B 207 12.67 14.06 36.72
C LEU B 207 12.01 13.20 37.79
N CYS B 208 10.92 12.52 37.45
CA CYS B 208 10.26 11.65 38.42
C CYS B 208 11.15 10.49 38.81
N ASN B 209 11.93 9.96 37.87
CA ASN B 209 12.87 8.89 38.18
C ASN B 209 13.82 9.31 39.29
N ALA B 210 14.40 10.50 39.18
CA ALA B 210 15.40 10.94 40.14
C ALA B 210 14.77 11.22 41.51
N VAL B 211 13.66 11.96 41.53
CA VAL B 211 13.05 12.33 42.79
C VAL B 211 12.46 11.10 43.49
N ALA B 212 11.92 10.16 42.72
CA ALA B 212 11.37 8.95 43.32
C ALA B 212 12.46 8.10 43.97
N LYS B 213 13.67 8.11 43.40
CA LYS B 213 14.74 7.28 43.95
C LYS B 213 15.31 7.88 45.24
N GLU B 214 15.49 9.20 45.29
CA GLU B 214 16.04 9.80 46.50
C GLU B 214 15.02 9.79 47.64
N ARG B 215 13.72 9.78 47.32
CA ARG B 215 12.70 9.67 48.35
C ARG B 215 12.49 8.23 48.78
N ALA B 216 12.46 7.29 47.83
CA ALA B 216 12.32 5.88 48.19
C ALA B 216 13.58 5.36 48.89
N GLY B 217 14.74 5.86 48.48
CA GLY B 217 15.97 5.55 49.19
C GLY B 217 16.68 4.32 48.68
N ILE B 218 17.71 3.95 49.45
CA ILE B 218 18.58 2.83 49.07
C ILE B 218 17.82 1.51 49.07
N CYS B 219 16.82 1.36 49.93
CA CYS B 219 16.03 0.14 50.02
C CYS B 219 14.67 0.27 49.37
N GLY B 220 14.46 1.33 48.57
CA GLY B 220 13.30 1.40 47.71
C GLY B 220 13.59 0.84 46.33
N LYS B 221 12.53 0.77 45.51
CA LYS B 221 12.64 0.19 44.17
C LYS B 221 11.90 1.10 43.19
N VAL B 222 12.64 1.64 42.22
CA VAL B 222 12.08 2.51 41.19
C VAL B 222 12.07 1.73 39.88
N ILE B 223 10.87 1.50 39.36
CA ILE B 223 10.68 0.72 38.13
C ILE B 223 10.16 1.65 37.04
N GLY B 224 10.85 1.66 35.90
CA GLY B 224 10.45 2.46 34.76
C GLY B 224 9.78 1.61 33.69
N VAL B 225 8.86 2.24 32.96
CA VAL B 225 8.14 1.58 31.87
C VAL B 225 8.33 2.42 30.62
N VAL B 226 8.92 1.80 29.58
CA VAL B 226 9.18 2.48 28.32
C VAL B 226 8.81 1.57 27.17
N ARG B 227 8.59 2.18 26.01
CA ARG B 227 8.19 1.43 24.82
C ARG B 227 9.39 0.97 23.99
N ASN B 228 10.53 1.65 24.10
CA ASN B 228 11.69 1.38 23.27
C ASN B 228 12.84 0.86 24.12
N GLU B 229 13.54 -0.15 23.61
CA GLU B 229 14.66 -0.73 24.34
C GLU B 229 15.82 0.24 24.47
N ASN B 230 15.95 1.17 23.52
CA ASN B 230 17.05 2.13 23.55
C ASN B 230 16.93 3.12 24.71
N TYR B 231 15.76 3.22 25.34
CA TYR B 231 15.56 4.16 26.43
C TYR B 231 16.08 3.65 27.77
N ILE B 232 16.47 2.38 27.85
CA ILE B 232 16.84 1.80 29.14
C ILE B 232 18.01 2.51 29.81
N PRO B 233 19.14 2.76 29.12
CA PRO B 233 20.26 3.42 29.83
C PRO B 233 19.90 4.78 30.42
N THR B 234 19.03 5.55 29.78
CA THR B 234 18.62 6.83 30.33
C THR B 234 17.79 6.65 31.59
N CYS B 235 16.96 5.59 31.64
CA CYS B 235 16.12 5.36 32.81
C CYS B 235 16.95 4.99 34.03
N LYS B 236 17.91 4.09 33.86
CA LYS B 236 18.74 3.67 34.99
C LYS B 236 19.66 4.79 35.45
N ALA B 237 20.21 5.57 34.50
CA ALA B 237 21.08 6.68 34.86
C ALA B 237 20.34 7.79 35.56
N THR B 238 19.02 7.89 35.38
CA THR B 238 18.23 8.94 36.00
C THR B 238 17.49 8.48 37.25
N GLY B 239 17.69 7.24 37.69
CA GLY B 239 17.15 6.82 38.97
C GLY B 239 16.53 5.43 39.04
N CYS B 240 16.13 4.88 37.89
CA CYS B 240 15.41 3.63 37.88
C CYS B 240 16.31 2.46 38.28
N ASP B 241 15.85 1.64 39.23
CA ASP B 241 16.54 0.40 39.54
C ASP B 241 16.23 -0.66 38.49
N GLU B 242 14.98 -0.74 38.05
CA GLU B 242 14.55 -1.68 37.03
C GLU B 242 13.76 -0.92 35.96
N VAL B 243 13.73 -1.49 34.76
CA VAL B 243 13.02 -0.92 33.62
C VAL B 243 12.19 -2.01 32.96
N ILE B 244 10.92 -1.72 32.70
CA ILE B 244 10.01 -2.66 32.07
C ILE B 244 9.82 -2.26 30.62
N LEU B 245 9.88 -3.24 29.72
CA LEU B 245 9.71 -3.01 28.29
C LEU B 245 8.31 -3.43 27.87
N ALA B 246 7.45 -2.44 27.60
CA ALA B 246 6.07 -2.71 27.21
C ALA B 246 5.47 -1.44 26.66
N GLN B 247 4.45 -1.61 25.83
CA GLN B 247 3.64 -0.47 25.41
C GLN B 247 2.82 0.03 26.58
N ALA B 248 2.70 1.36 26.69
CA ALA B 248 2.01 1.96 27.83
C ALA B 248 0.55 1.50 27.94
N THR B 249 -0.05 1.05 26.84
CA THR B 249 -1.42 0.58 26.84
C THR B 249 -1.56 -0.90 27.19
N ASP B 250 -0.45 -1.61 27.35
CA ASP B 250 -0.48 -3.05 27.60
C ASP B 250 -0.60 -3.29 29.09
N ALA B 251 -1.84 -3.41 29.57
CA ALA B 251 -2.07 -3.55 31.00
C ALA B 251 -1.61 -4.91 31.52
N ILE B 252 -1.84 -5.97 30.75
CA ILE B 252 -1.52 -7.32 31.22
C ILE B 252 -0.02 -7.50 31.35
N THR B 253 0.74 -7.05 30.34
CA THR B 253 2.19 -7.19 30.39
C THR B 253 2.79 -6.34 31.51
N ILE B 254 2.31 -5.11 31.67
CA ILE B 254 2.82 -4.24 32.72
C ILE B 254 2.52 -4.84 34.09
N GLN B 255 1.29 -5.33 34.28
CA GLN B 255 0.94 -5.97 35.54
C GLN B 255 1.82 -7.19 35.80
N LYS B 256 2.01 -8.02 34.76
CA LYS B 256 2.84 -9.21 34.92
C LYS B 256 4.29 -8.85 35.20
N GLU B 257 4.81 -7.82 34.52
CA GLU B 257 6.22 -7.46 34.69
C GLU B 257 6.44 -6.74 36.01
N VAL B 258 5.47 -5.97 36.49
CA VAL B 258 5.57 -5.39 37.83
C VAL B 258 5.52 -6.48 38.88
N SER B 259 4.66 -7.47 38.68
CA SER B 259 4.56 -8.59 39.63
C SER B 259 5.88 -9.35 39.72
N ARG B 260 6.53 -9.59 38.58
CA ARG B 260 7.78 -10.35 38.58
C ARG B 260 8.88 -9.59 39.32
N LEU B 261 8.99 -8.28 39.09
CA LEU B 261 10.07 -7.51 39.69
C LEU B 261 9.83 -7.23 41.17
N THR B 262 8.58 -7.35 41.65
CA THR B 262 8.25 -7.04 43.04
C THR B 262 7.77 -8.27 43.80
N ASN B 263 7.90 -9.47 43.23
CA ASN B 263 7.51 -10.72 43.89
C ASN B 263 6.03 -10.69 44.29
N GLY B 264 5.19 -10.18 43.40
CA GLY B 264 3.75 -10.18 43.63
C GLY B 264 3.24 -9.09 44.54
N LYS B 265 4.08 -8.16 44.96
CA LYS B 265 3.66 -7.11 45.88
C LYS B 265 3.19 -5.85 45.19
N MET B 266 3.52 -5.67 43.90
CA MET B 266 3.12 -4.52 43.11
C MET B 266 3.70 -3.21 43.64
N ALA B 267 3.20 -2.09 43.13
CA ALA B 267 3.79 -0.77 43.39
C ALA B 267 3.01 -0.02 44.47
N ASP B 268 3.74 0.68 45.32
CA ASP B 268 3.10 1.59 46.28
C ASP B 268 2.59 2.84 45.59
N VAL B 269 3.38 3.39 44.66
CA VAL B 269 3.05 4.61 43.94
C VAL B 269 3.24 4.34 42.45
N VAL B 270 2.22 4.68 41.66
CA VAL B 270 2.29 4.59 40.20
C VAL B 270 2.16 6.01 39.64
N ILE B 271 3.18 6.45 38.93
CA ILE B 271 3.22 7.77 38.32
C ILE B 271 3.07 7.60 36.81
N ASN B 272 2.04 8.20 36.24
CA ASN B 272 1.77 8.13 34.81
C ASN B 272 2.19 9.45 34.17
N VAL B 273 3.19 9.40 33.30
CA VAL B 273 3.70 10.60 32.66
C VAL B 273 3.83 10.40 31.15
N VAL B 274 3.13 9.41 30.62
CA VAL B 274 3.01 9.22 29.17
C VAL B 274 1.77 9.96 28.70
N ASN B 275 1.94 10.87 27.74
CA ASN B 275 0.80 11.52 27.10
C ASN B 275 0.24 10.63 25.99
N THR B 276 -0.19 9.45 26.42
CA THR B 276 -0.78 8.44 25.55
C THR B 276 -2.14 8.05 26.11
N GLU B 277 -3.13 7.93 25.23
CA GLU B 277 -4.48 7.61 25.67
C GLU B 277 -4.60 6.12 25.98
N ASP B 278 -5.56 5.79 26.85
CA ASP B 278 -5.87 4.42 27.25
C ASP B 278 -4.74 3.79 28.06
N THR B 279 -4.15 4.56 28.96
CA THR B 279 -3.14 4.06 29.88
C THR B 279 -3.61 4.09 31.33
N GLU B 280 -4.89 4.38 31.56
CA GLU B 280 -5.40 4.44 32.93
C GLU B 280 -5.41 3.07 33.58
N LEU B 281 -5.96 2.07 32.89
CA LEU B 281 -5.99 0.72 33.43
C LEU B 281 -4.59 0.11 33.60
N PRO B 282 -3.65 0.24 32.66
CA PRO B 282 -2.28 -0.24 32.94
C PRO B 282 -1.65 0.42 34.15
N SER B 283 -1.98 1.69 34.42
CA SER B 283 -1.45 2.35 35.60
C SER B 283 -2.15 1.85 36.87
N ILE B 284 -3.45 1.59 36.79
CA ILE B 284 -4.20 1.13 37.96
C ILE B 284 -3.77 -0.27 38.36
N MET B 285 -3.66 -1.17 37.39
CA MET B 285 -3.33 -2.57 37.68
C MET B 285 -1.89 -2.76 38.15
N ALA B 286 -1.02 -1.78 37.98
CA ALA B 286 0.35 -1.87 38.47
C ALA B 286 0.46 -1.53 39.96
N ALA B 287 -0.59 -0.97 40.56
CA ALA B 287 -0.54 -0.50 41.94
C ALA B 287 -1.00 -1.58 42.91
N LYS B 288 -0.42 -1.57 44.10
CA LYS B 288 -0.83 -2.45 45.18
C LYS B 288 -2.25 -2.12 45.62
N ASP B 289 -2.79 -2.96 46.51
CA ASP B 289 -4.05 -2.66 47.14
C ASP B 289 -3.90 -1.43 48.04
N ARG B 290 -4.83 -0.49 47.91
CA ARG B 290 -4.78 0.81 48.60
C ARG B 290 -3.56 1.63 48.20
N GLY B 291 -3.02 1.38 47.01
CA GLY B 291 -1.89 2.14 46.52
C GLY B 291 -2.29 3.48 45.92
N MET B 292 -1.29 4.23 45.49
CA MET B 292 -1.47 5.57 44.96
C MET B 292 -1.17 5.57 43.46
N VAL B 293 -2.14 6.00 42.66
CA VAL B 293 -1.99 6.15 41.23
C VAL B 293 -2.14 7.63 40.91
N TYR B 294 -1.06 8.26 40.43
CA TYR B 294 -1.01 9.69 40.18
C TYR B 294 -0.96 9.94 38.68
N PHE B 295 -2.01 10.55 38.14
CA PHE B 295 -2.14 10.80 36.70
C PHE B 295 -1.70 12.22 36.41
N PHE B 296 -0.54 12.38 35.78
CA PHE B 296 -0.03 13.70 35.45
C PHE B 296 -0.28 14.12 34.00
N SER B 297 -0.49 13.16 33.10
CA SER B 297 -0.63 13.49 31.68
C SER B 297 -2.03 13.96 31.35
N MET B 298 -2.12 14.92 30.43
CA MET B 298 -3.41 15.43 29.98
C MET B 298 -4.15 14.45 29.07
N ALA B 299 -3.56 13.31 28.76
CA ALA B 299 -4.26 12.26 28.00
C ALA B 299 -5.12 11.38 28.89
N THR B 300 -5.13 11.63 30.20
CA THR B 300 -5.94 10.83 31.11
C THR B 300 -7.42 11.19 30.96
N SER B 301 -8.25 10.17 30.93
CA SER B 301 -9.70 10.33 30.90
C SER B 301 -10.26 10.03 32.29
N PHE B 302 -11.06 10.95 32.83
CA PHE B 302 -11.65 10.78 34.15
C PHE B 302 -12.48 9.51 34.21
N THR B 303 -13.37 9.33 33.23
CA THR B 303 -14.29 8.18 33.27
C THR B 303 -13.54 6.87 33.04
N LYS B 304 -12.55 6.87 32.14
CA LYS B 304 -11.81 5.64 31.87
C LYS B 304 -11.06 5.16 33.10
N ALA B 305 -10.50 6.10 33.88
CA ALA B 305 -9.85 5.72 35.13
C ALA B 305 -10.87 5.24 36.16
N ALA B 306 -11.97 5.96 36.31
CA ALA B 306 -13.00 5.58 37.28
C ALA B 306 -13.61 4.23 36.93
N LEU B 307 -14.08 4.08 35.68
CA LEU B 307 -14.65 2.81 35.27
C LEU B 307 -13.59 1.71 35.23
N GLY B 308 -12.33 2.06 34.97
CA GLY B 308 -11.28 1.05 34.98
C GLY B 308 -11.11 0.41 36.34
N ALA B 309 -10.99 1.23 37.38
CA ALA B 309 -10.85 0.68 38.74
C ALA B 309 -12.10 -0.06 39.19
N GLU B 310 -13.27 0.33 38.69
CA GLU B 310 -14.50 -0.33 39.07
C GLU B 310 -14.58 -1.74 38.50
N GLY B 311 -14.27 -1.89 37.21
CA GLY B 311 -14.44 -3.18 36.56
C GLY B 311 -13.54 -4.26 37.11
N ILE B 312 -12.36 -3.90 37.59
CA ILE B 312 -11.40 -4.86 38.12
C ILE B 312 -11.29 -4.78 39.64
N GLY B 313 -12.18 -4.04 40.30
CA GLY B 313 -12.22 -4.01 41.74
C GLY B 313 -10.93 -3.56 42.40
N ALA B 314 -10.30 -2.51 41.87
CA ALA B 314 -9.06 -2.00 42.41
C ALA B 314 -9.37 -0.85 43.36
N ASP B 315 -9.23 -1.09 44.66
CA ASP B 315 -9.37 -0.05 45.67
C ASP B 315 -8.04 0.69 45.76
N VAL B 316 -7.84 1.61 44.83
CA VAL B 316 -6.62 2.42 44.77
C VAL B 316 -7.02 3.88 44.80
N ASP B 317 -6.10 4.73 45.25
CA ASP B 317 -6.28 6.17 45.27
C ASP B 317 -5.79 6.74 43.94
N MET B 318 -6.70 7.36 43.19
CA MET B 318 -6.40 7.92 41.88
C MET B 318 -6.50 9.45 41.96
N MET B 319 -5.38 10.12 41.73
CA MET B 319 -5.30 11.57 41.85
C MET B 319 -5.23 12.23 40.49
N ILE B 320 -5.92 13.36 40.34
CA ILE B 320 -5.74 14.23 39.19
C ILE B 320 -4.48 15.05 39.42
N GLY B 321 -3.43 14.75 38.66
CA GLY B 321 -2.15 15.42 38.85
C GLY B 321 -2.21 16.91 38.61
N ASN B 322 -1.66 17.69 39.55
CA ASN B 322 -1.63 19.13 39.45
C ASN B 322 -0.25 19.61 39.02
N GLY B 323 -0.23 20.54 38.06
CA GLY B 323 1.02 21.10 37.60
C GLY B 323 1.61 22.17 38.48
N TYR B 324 0.90 22.59 39.53
CA TYR B 324 1.34 23.66 40.40
C TYR B 324 1.56 23.14 41.82
N ALA B 325 2.67 23.57 42.42
CA ALA B 325 2.95 23.34 43.83
C ALA B 325 3.55 24.63 44.40
N HIS B 326 3.75 24.64 45.72
CA HIS B 326 4.09 25.87 46.42
C HIS B 326 5.37 26.49 45.86
N HIS B 327 6.46 25.73 45.83
CA HIS B 327 7.73 26.18 45.27
C HIS B 327 8.19 25.28 44.14
N HIS B 328 7.25 24.87 43.28
CA HIS B 328 7.56 23.86 42.27
C HIS B 328 8.64 24.34 41.29
N SER B 329 8.70 25.65 41.04
CA SER B 329 9.75 26.16 40.16
C SER B 329 11.12 26.05 40.84
N GLU B 330 11.21 26.45 42.11
CA GLU B 330 12.49 26.41 42.81
C GLU B 330 12.93 24.98 43.07
N ILE B 331 11.99 24.10 43.41
CA ILE B 331 12.32 22.69 43.65
C ILE B 331 12.83 22.04 42.37
N ALA B 332 12.19 22.35 41.23
CA ALA B 332 12.58 21.73 39.97
C ALA B 332 13.95 22.20 39.52
N LEU B 333 14.20 23.52 39.56
CA LEU B 333 15.49 24.04 39.13
C LEU B 333 16.61 23.61 40.05
N ASP B 334 16.34 23.46 41.35
CA ASP B 334 17.37 22.99 42.27
C ASP B 334 17.73 21.53 41.98
N LEU B 335 16.76 20.73 41.56
CA LEU B 335 17.03 19.32 41.25
C LEU B 335 18.05 19.20 40.13
N LEU B 336 17.96 20.07 39.11
CA LEU B 336 18.94 20.05 38.04
C LEU B 336 20.32 20.46 38.52
N ARG B 337 20.39 21.37 39.50
CA ARG B 337 21.69 21.78 40.03
C ARG B 337 22.34 20.65 40.81
N ARG B 338 21.55 19.87 41.53
CA ARG B 338 22.10 18.78 42.33
C ARG B 338 22.41 17.55 41.50
N ASN B 339 21.69 17.34 40.39
CA ASN B 339 21.83 16.15 39.56
C ASN B 339 22.53 16.55 38.26
N SER B 340 23.82 16.21 38.15
CA SER B 340 24.56 16.51 36.93
C SER B 340 24.09 15.65 35.76
N VAL B 341 23.66 14.41 36.04
CA VAL B 341 23.14 13.56 34.98
C VAL B 341 21.88 14.16 34.39
N LEU B 342 21.00 14.69 35.24
CA LEU B 342 19.77 15.31 34.75
C LEU B 342 20.07 16.62 34.00
N MET B 343 21.04 17.38 34.50
CA MET B 343 21.39 18.65 33.84
C MET B 343 21.98 18.41 32.46
N LYS B 344 22.83 17.38 32.31
CA LYS B 344 23.44 17.10 31.02
C LYS B 344 22.39 16.69 29.99
N ILE B 345 21.43 15.85 30.39
CA ILE B 345 20.39 15.42 29.46
C ILE B 345 19.49 16.59 29.07
N PHE B 346 19.09 17.41 30.05
CA PHE B 346 18.25 18.57 29.75
C PHE B 346 18.95 19.55 28.82
N LYS B 347 20.28 19.67 28.93
CA LYS B 347 21.02 20.53 28.03
C LYS B 347 21.01 19.99 26.61
N GLU B 348 21.00 18.66 26.45
CA GLU B 348 21.09 18.07 25.12
C GLU B 348 19.75 18.08 24.38
N ARG B 349 18.66 17.81 25.10
CA ARG B 349 17.35 17.65 24.46
C ARG B 349 16.49 18.91 24.51
N TYR B 350 16.62 19.72 25.55
CA TYR B 350 15.79 20.91 25.68
C TYR B 350 16.63 22.16 25.95
N MET C 1 0.55 1.43 -16.00
CA MET C 1 -0.17 2.69 -16.13
C MET C 1 -1.61 2.55 -15.63
N LYS C 2 -2.01 3.43 -14.73
CA LYS C 2 -3.32 3.38 -14.12
C LYS C 2 -4.33 4.19 -14.94
N SER C 3 -5.57 3.72 -14.95
CA SER C 3 -6.60 4.25 -15.82
C SER C 3 -7.52 5.21 -15.07
N ASN C 4 -8.13 6.11 -15.85
CA ASN C 4 -9.13 7.05 -15.36
C ASN C 4 -8.58 7.92 -14.23
N GLY C 5 -7.49 8.63 -14.54
CA GLY C 5 -6.91 9.54 -13.58
C GLY C 5 -7.65 10.88 -13.58
N CYS C 6 -7.74 11.47 -12.39
CA CYS C 6 -8.38 12.78 -12.27
C CYS C 6 -7.47 13.85 -12.85
N ARG C 7 -8.03 14.71 -13.71
CA ARG C 7 -7.24 15.77 -14.31
C ARG C 7 -6.73 16.76 -13.26
N TYR C 8 -7.44 16.87 -12.13
CA TYR C 8 -7.04 17.76 -11.05
C TYR C 8 -6.08 17.11 -10.07
N GLY C 9 -5.85 15.80 -10.18
CA GLY C 9 -4.84 15.15 -9.36
C GLY C 9 -5.30 14.67 -8.01
N THR C 10 -6.60 14.55 -7.77
CA THR C 10 -7.09 14.09 -6.48
C THR C 10 -6.78 12.62 -6.24
N HIS C 11 -6.43 11.87 -7.28
CA HIS C 11 -6.09 10.46 -7.11
C HIS C 11 -4.79 10.24 -6.37
N ARG C 12 -4.05 11.31 -6.07
CA ARG C 12 -2.77 11.20 -5.38
C ARG C 12 -2.78 11.88 -4.01
N VAL C 13 -3.93 12.36 -3.54
CA VAL C 13 -4.00 12.96 -2.21
C VAL C 13 -4.20 11.87 -1.19
N ILE C 14 -3.40 11.91 -0.13
CA ILE C 14 -3.45 10.91 0.93
C ILE C 14 -4.13 11.44 2.18
N GLU C 15 -3.85 12.69 2.55
CA GLU C 15 -4.37 13.28 3.77
C GLU C 15 -4.43 14.79 3.56
N PRO C 16 -5.60 15.42 3.71
CA PRO C 16 -6.88 14.76 4.03
C PRO C 16 -7.55 14.15 2.81
N LYS C 17 -8.35 13.11 3.02
CA LYS C 17 -8.97 12.35 1.92
C LYS C 17 -10.21 13.09 1.44
N GLY C 18 -10.09 13.79 0.31
CA GLY C 18 -11.22 14.45 -0.30
C GLY C 18 -10.97 15.89 -0.68
N VAL C 19 -9.70 16.28 -0.77
CA VAL C 19 -9.32 17.65 -1.09
C VAL C 19 -8.38 17.63 -2.28
N LEU C 20 -8.14 18.82 -2.84
CA LEU C 20 -7.29 18.97 -4.00
C LEU C 20 -5.81 18.91 -3.60
N PRO C 21 -4.91 18.62 -4.56
CA PRO C 21 -3.49 18.45 -4.18
C PRO C 21 -2.87 19.67 -3.51
N GLN C 22 -3.23 20.88 -3.94
CA GLN C 22 -2.58 22.07 -3.39
C GLN C 22 -2.90 22.27 -1.91
N PRO C 23 -4.16 22.29 -1.46
CA PRO C 23 -4.41 22.42 -0.02
C PRO C 23 -4.11 21.16 0.77
N ALA C 24 -3.91 20.02 0.10
CA ALA C 24 -3.64 18.78 0.81
C ALA C 24 -2.30 18.86 1.56
N LYS C 25 -2.19 18.03 2.59
CA LYS C 25 -0.97 17.97 3.39
C LYS C 25 0.00 16.92 2.88
N ILE C 26 -0.50 15.74 2.52
CA ILE C 26 0.32 14.63 2.07
C ILE C 26 -0.14 14.20 0.68
N LEU C 27 0.80 14.11 -0.25
CA LEU C 27 0.54 13.65 -1.61
C LEU C 27 1.23 12.31 -1.84
N ASN C 28 0.68 11.53 -2.78
CA ASN C 28 1.30 10.28 -3.20
C ASN C 28 2.40 10.60 -4.20
N ASN C 29 3.65 10.45 -3.78
CA ASN C 29 4.80 10.68 -4.66
C ASN C 29 5.43 9.38 -5.15
N ASP C 30 4.62 8.35 -5.35
CA ASP C 30 5.10 7.09 -5.91
C ASP C 30 5.31 7.27 -7.42
N MET C 31 6.56 7.13 -7.86
CA MET C 31 6.92 7.34 -9.25
C MET C 31 7.01 6.04 -10.04
N SER C 32 6.72 4.90 -9.42
CA SER C 32 6.84 3.62 -10.11
C SER C 32 5.76 3.45 -11.17
N GLU C 33 4.59 4.03 -10.95
CA GLU C 33 3.47 3.90 -11.88
C GLU C 33 2.71 5.21 -11.93
N ILE C 34 2.41 5.67 -13.14
CA ILE C 34 1.69 6.93 -13.34
C ILE C 34 0.31 6.61 -13.90
N TRP C 35 -0.59 7.60 -13.77
CA TRP C 35 -1.93 7.46 -14.30
C TRP C 35 -1.95 7.81 -15.79
N ASP C 36 -3.09 7.52 -16.43
CA ASP C 36 -3.18 7.65 -17.88
C ASP C 36 -3.14 9.10 -18.34
N ASN C 37 -3.56 10.03 -17.49
CA ASN C 37 -3.59 11.45 -17.86
C ASN C 37 -2.57 12.27 -17.07
N GLU C 38 -1.45 11.66 -16.70
CA GLU C 38 -0.34 12.35 -16.07
C GLU C 38 0.85 12.40 -17.02
N MET C 39 1.79 13.28 -16.70
CA MET C 39 3.07 13.34 -17.40
C MET C 39 4.18 13.35 -16.36
N LEU C 40 5.17 12.47 -16.54
CA LEU C 40 6.28 12.36 -15.61
C LEU C 40 7.50 13.08 -16.17
N ILE C 41 8.16 13.83 -15.31
CA ILE C 41 9.32 14.65 -15.68
C ILE C 41 10.51 14.23 -14.83
N ASP C 42 11.68 14.13 -15.48
CA ASP C 42 12.94 13.92 -14.76
C ASP C 42 13.44 15.29 -14.31
N VAL C 43 13.19 15.62 -13.05
CA VAL C 43 13.48 16.96 -12.55
C VAL C 43 14.98 17.15 -12.39
N ILE C 44 15.50 18.25 -12.92
CA ILE C 44 16.91 18.59 -12.81
C ILE C 44 17.17 19.64 -11.75
N ARG C 45 16.29 20.64 -11.67
CA ARG C 45 16.52 21.81 -10.83
C ARG C 45 15.24 22.18 -10.09
N LEU C 46 15.41 22.60 -8.84
CA LEU C 46 14.32 23.13 -8.02
C LEU C 46 14.58 24.61 -7.75
N ASN C 47 13.65 25.45 -8.18
CA ASN C 47 13.70 26.88 -7.89
C ASN C 47 12.70 27.15 -6.77
N ILE C 48 13.16 26.99 -5.53
CA ILE C 48 12.29 27.15 -4.37
C ILE C 48 11.86 28.61 -4.24
N ASP C 49 10.65 28.82 -3.76
CA ASP C 49 10.14 30.17 -3.49
C ASP C 49 11.10 30.91 -2.56
N SER C 50 11.26 32.22 -2.81
CA SER C 50 12.24 32.99 -2.08
C SER C 50 11.94 33.03 -0.59
N ALA C 51 10.68 33.28 -0.23
CA ALA C 51 10.30 33.32 1.19
C ALA C 51 10.47 31.96 1.84
N SER C 52 10.17 30.88 1.11
CA SER C 52 10.31 29.54 1.67
C SER C 52 11.77 29.16 1.83
N PHE C 53 12.58 29.39 0.79
CA PHE C 53 14.01 29.09 0.88
C PHE C 53 14.67 29.90 1.99
N HIS C 54 14.32 31.19 2.10
CA HIS C 54 14.89 32.03 3.14
C HIS C 54 14.44 31.58 4.53
N GLN C 55 13.15 31.24 4.67
CA GLN C 55 12.64 30.83 5.97
C GLN C 55 13.21 29.49 6.41
N ILE C 56 13.28 28.53 5.48
CA ILE C 56 13.88 27.23 5.81
C ILE C 56 15.35 27.39 6.14
N LYS C 57 16.05 28.23 5.38
CA LYS C 57 17.48 28.45 5.63
C LYS C 57 17.72 29.03 7.02
N ASN C 58 16.96 30.07 7.38
CA ASN C 58 17.13 30.68 8.70
C ASN C 58 16.69 29.71 9.80
N LYS C 59 15.67 28.91 9.54
CA LYS C 59 15.24 27.92 10.53
C LYS C 59 16.32 26.88 10.79
N LEU C 60 17.07 26.51 9.75
CA LEU C 60 18.16 25.55 9.93
C LEU C 60 19.37 26.20 10.59
N ILE C 61 19.58 27.50 10.36
CA ILE C 61 20.64 28.22 11.05
C ILE C 61 20.36 28.28 12.55
N ALA C 62 19.09 28.45 12.93
CA ALA C 62 18.72 28.63 14.32
C ALA C 62 18.84 27.36 15.15
N GLN C 63 19.02 26.20 14.51
CA GLN C 63 19.21 24.95 15.24
C GLN C 63 20.68 24.58 15.41
N GLY C 64 21.57 25.14 14.58
CA GLY C 64 22.99 24.90 14.74
C GLY C 64 23.55 23.81 13.86
N HIS C 65 23.39 23.95 12.55
CA HIS C 65 24.01 23.07 11.58
C HIS C 65 25.30 23.70 11.08
N GLN C 66 26.30 22.86 10.81
CA GLN C 66 27.64 23.38 10.52
C GLN C 66 27.64 24.25 9.26
N ASP C 67 27.07 23.75 8.17
CA ASP C 67 26.77 24.58 7.01
C ASP C 67 25.47 24.07 6.40
N LEU C 68 24.78 24.97 5.71
CA LEU C 68 23.36 24.78 5.43
C LEU C 68 23.12 23.84 4.25
N GLU C 69 24.07 23.74 3.31
CA GLU C 69 23.84 22.99 2.10
C GLU C 69 23.52 21.52 2.37
N LYS C 70 24.25 20.90 3.30
CA LYS C 70 23.94 19.52 3.66
C LYS C 70 22.65 19.44 4.49
N ALA C 71 22.44 20.40 5.38
CA ALA C 71 21.22 20.41 6.19
C ALA C 71 20.00 20.75 5.33
N PHE C 72 20.14 21.69 4.40
CA PHE C 72 19.03 22.06 3.53
C PHE C 72 18.66 20.90 2.61
N ALA C 73 19.65 20.16 2.13
CA ALA C 73 19.36 19.00 1.28
C ALA C 73 18.59 17.95 2.06
N GLU C 74 18.98 17.68 3.31
CA GLU C 74 18.25 16.72 4.13
C GLU C 74 16.86 17.22 4.49
N HIS C 75 16.71 18.53 4.69
CA HIS C 75 15.39 19.08 5.00
C HIS C 75 14.43 18.90 3.83
N ALA C 76 14.92 19.06 2.60
CA ALA C 76 14.06 18.91 1.44
C ALA C 76 13.71 17.44 1.20
N ILE C 77 14.68 16.54 1.38
CA ILE C 77 14.42 15.12 1.16
C ILE C 77 13.42 14.60 2.18
N GLU C 78 13.58 14.97 3.45
CA GLU C 78 12.66 14.49 4.48
C GLU C 78 11.27 15.07 4.29
N LEU C 79 11.18 16.35 3.91
CA LEU C 79 9.86 16.96 3.72
C LEU C 79 9.15 16.37 2.51
N THR C 80 9.87 16.18 1.40
CA THR C 80 9.26 15.58 0.22
C THR C 80 8.95 14.10 0.42
N ASN C 81 9.70 13.42 1.29
CA ASN C 81 9.42 12.02 1.56
C ASN C 81 8.18 11.85 2.44
N ARG C 82 7.94 12.79 3.35
CA ARG C 82 6.81 12.65 4.26
C ARG C 82 5.53 13.22 3.64
N THR C 83 5.62 14.38 2.99
CA THR C 83 4.46 15.05 2.44
C THR C 83 4.23 14.77 0.96
N GLY C 84 5.20 14.19 0.27
CA GLY C 84 5.08 13.98 -1.16
C GLY C 84 5.26 15.21 -2.01
N LYS C 85 5.55 16.36 -1.40
CA LYS C 85 5.73 17.60 -2.14
C LYS C 85 6.54 18.56 -1.29
N HIS C 86 7.09 19.59 -1.94
CA HIS C 86 7.89 20.60 -1.25
C HIS C 86 7.05 21.85 -0.96
N LYS C 87 6.00 21.66 -0.18
CA LYS C 87 5.16 22.76 0.30
C LYS C 87 5.65 23.16 1.68
N ASN C 88 6.03 24.42 1.84
CA ASN C 88 6.52 24.92 3.11
C ASN C 88 5.46 24.75 4.19
N GLU C 89 5.82 24.07 5.27
CA GLU C 89 4.87 23.80 6.34
C GLU C 89 4.68 24.99 7.28
N ASP C 90 5.46 26.06 7.12
CA ASP C 90 5.33 27.27 7.92
C ASP C 90 4.76 28.43 7.13
N THR C 91 5.13 28.58 5.86
CA THR C 91 4.66 29.68 5.02
C THR C 91 3.67 29.23 3.95
N GLY C 92 3.57 27.94 3.67
CA GLY C 92 2.68 27.45 2.64
C GLY C 92 3.18 27.60 1.22
N SER C 93 4.39 28.10 1.03
CA SER C 93 4.90 28.37 -0.31
C SER C 93 5.55 27.12 -0.90
N GLY C 94 5.83 27.20 -2.21
CA GLY C 94 6.43 26.09 -2.92
C GLY C 94 7.55 26.51 -3.86
N GLY C 95 7.21 26.61 -5.15
CA GLY C 95 8.18 26.98 -6.16
C GLY C 95 7.86 26.27 -7.47
N MET C 96 8.87 26.15 -8.33
CA MET C 96 8.73 25.46 -9.60
C MET C 96 9.96 24.58 -9.82
N PHE C 97 9.94 23.82 -10.91
CA PHE C 97 11.05 22.94 -11.23
C PHE C 97 11.37 23.03 -12.72
N ILE C 98 12.59 22.63 -13.05
CA ILE C 98 13.04 22.46 -14.43
C ILE C 98 13.47 21.02 -14.61
N GLY C 99 13.04 20.41 -15.71
CA GLY C 99 13.40 19.02 -15.97
C GLY C 99 13.07 18.64 -17.39
N ARG C 100 13.29 17.37 -17.69
CA ARG C 100 13.05 16.82 -19.01
C ARG C 100 11.97 15.75 -18.93
N VAL C 101 11.14 15.68 -19.98
CA VAL C 101 10.01 14.77 -19.99
C VAL C 101 10.51 13.33 -19.95
N ALA C 102 9.93 12.52 -19.05
CA ALA C 102 10.26 11.12 -18.91
C ALA C 102 9.21 10.19 -19.47
N ALA C 103 7.93 10.44 -19.20
CA ALA C 103 6.86 9.60 -19.70
C ALA C 103 5.58 10.43 -19.80
N ILE C 104 4.80 10.18 -20.85
CA ILE C 104 3.54 10.87 -21.09
C ILE C 104 2.44 9.82 -21.14
N GLY C 105 1.43 9.97 -20.28
CA GLY C 105 0.35 9.01 -20.24
C GLY C 105 -0.47 9.00 -21.52
N ASP C 106 -1.28 7.95 -21.67
CA ASP C 106 -2.10 7.81 -22.88
C ASP C 106 -3.00 9.01 -23.08
N LYS C 107 -3.71 9.42 -22.03
CA LYS C 107 -4.76 10.42 -22.13
C LYS C 107 -4.37 11.75 -21.50
N PHE C 108 -3.08 12.05 -21.46
CA PHE C 108 -2.61 13.31 -20.91
C PHE C 108 -3.07 14.46 -21.80
N GLU C 109 -3.76 15.42 -21.21
CA GLU C 109 -4.22 16.60 -21.94
C GLU C 109 -3.04 17.49 -22.31
N MET C 110 -2.49 17.28 -23.50
CA MET C 110 -1.34 18.08 -23.94
C MET C 110 -1.78 19.50 -24.24
N LYS C 111 -1.18 20.47 -23.54
CA LYS C 111 -1.37 21.88 -23.85
C LYS C 111 -0.30 22.31 -24.84
N GLU C 112 0.89 22.62 -24.32
CA GLU C 112 2.06 22.85 -25.16
C GLU C 112 2.60 21.51 -25.62
N GLU C 113 2.92 21.40 -26.91
CA GLU C 113 3.40 20.13 -27.45
C GLU C 113 4.78 19.82 -26.92
N VAL C 114 4.92 18.66 -26.28
CA VAL C 114 6.19 18.21 -25.71
C VAL C 114 6.34 16.71 -25.96
N LYS C 115 7.59 16.28 -26.07
CA LYS C 115 7.91 14.87 -26.25
C LYS C 115 8.88 14.43 -25.16
N VAL C 116 9.11 13.12 -25.08
CA VAL C 116 10.07 12.59 -24.13
C VAL C 116 11.44 13.16 -24.43
N GLY C 117 12.11 13.68 -23.39
CA GLY C 117 13.40 14.31 -23.53
C GLY C 117 13.34 15.82 -23.64
N ASP C 118 12.18 16.39 -23.94
CA ASP C 118 12.06 17.83 -24.02
C ASP C 118 12.28 18.48 -22.65
N LYS C 119 13.05 19.55 -22.63
CA LYS C 119 13.31 20.30 -21.41
C LYS C 119 12.19 21.30 -21.20
N ILE C 120 11.51 21.20 -20.05
CA ILE C 120 10.35 22.03 -19.76
C ILE C 120 10.55 22.73 -18.42
N ALA C 121 9.72 23.76 -18.20
CA ALA C 121 9.69 24.49 -16.94
C ALA C 121 8.30 24.38 -16.35
N SER C 122 8.22 24.06 -15.07
CA SER C 122 6.93 23.98 -14.40
C SER C 122 6.37 25.37 -14.16
N LEU C 123 5.10 25.55 -14.50
CA LEU C 123 4.41 26.82 -14.29
C LEU C 123 3.31 26.72 -13.23
N VAL C 124 3.23 25.59 -12.53
CA VAL C 124 2.39 25.45 -11.35
C VAL C 124 3.30 25.29 -10.14
N SER C 125 2.79 25.67 -8.98
CA SER C 125 3.61 25.67 -7.77
C SER C 125 3.94 24.24 -7.34
N LEU C 126 5.11 24.10 -6.71
CA LEU C 126 5.50 22.82 -6.12
C LEU C 126 4.61 22.42 -4.96
N SER C 127 3.80 23.33 -4.44
CA SER C 127 2.88 23.03 -3.35
C SER C 127 1.70 22.15 -3.79
N LEU C 128 1.62 21.79 -5.07
CA LEU C 128 0.68 20.80 -5.55
C LEU C 128 1.34 19.72 -6.39
N THR C 129 2.65 19.80 -6.61
CA THR C 129 3.34 18.87 -7.49
C THR C 129 3.85 17.69 -6.68
N PRO C 130 3.43 16.46 -6.98
CA PRO C 130 4.08 15.29 -6.39
C PRO C 130 5.55 15.24 -6.79
N LEU C 131 6.42 15.27 -5.79
CA LEU C 131 7.85 15.37 -6.01
C LEU C 131 8.58 14.32 -5.20
N LYS C 132 9.55 13.66 -5.83
CA LYS C 132 10.39 12.65 -5.18
C LYS C 132 11.85 13.01 -5.46
N ILE C 133 12.57 13.37 -4.41
CA ILE C 133 13.97 13.75 -4.51
C ILE C 133 14.82 12.54 -4.11
N ASN C 134 15.56 11.99 -5.07
CA ASN C 134 16.40 10.83 -4.81
C ASN C 134 17.82 11.22 -4.41
N LYS C 135 18.31 12.36 -4.87
CA LYS C 135 19.65 12.82 -4.53
C LYS C 135 19.74 14.31 -4.82
N VAL C 136 20.33 15.05 -3.89
CA VAL C 136 20.54 16.49 -4.03
C VAL C 136 22.00 16.67 -4.43
N LYS C 137 22.23 16.95 -5.71
CA LYS C 137 23.60 17.11 -6.20
C LYS C 137 24.29 18.32 -5.59
N LYS C 138 23.54 19.40 -5.36
CA LYS C 138 24.10 20.62 -4.81
C LYS C 138 22.97 21.54 -4.36
N VAL C 139 23.22 22.26 -3.27
CA VAL C 139 22.31 23.29 -2.77
C VAL C 139 22.94 24.65 -3.03
N LEU C 140 22.21 25.52 -3.71
CA LEU C 140 22.70 26.84 -4.10
C LEU C 140 22.02 27.88 -3.20
N LEU C 141 22.67 28.19 -2.08
CA LEU C 141 22.05 29.09 -1.10
C LEU C 141 21.95 30.52 -1.63
N ASP C 142 22.84 30.92 -2.52
CA ASP C 142 22.82 32.27 -3.07
C ASP C 142 21.82 32.44 -4.20
N LYS C 143 21.11 31.38 -4.61
CA LYS C 143 20.19 31.45 -5.73
C LYS C 143 18.86 30.75 -5.45
N ASP C 144 18.65 30.25 -4.23
CA ASP C 144 17.42 29.57 -3.84
C ASP C 144 17.13 28.37 -4.74
N GLN C 145 18.20 27.67 -5.14
CA GLN C 145 18.08 26.58 -6.09
C GLN C 145 18.61 25.28 -5.49
N MET C 146 18.23 24.18 -6.13
CA MET C 146 18.68 22.85 -5.72
C MET C 146 18.83 21.99 -6.96
N GLU C 147 20.05 21.62 -7.30
CA GLU C 147 20.31 20.68 -8.38
C GLU C 147 20.18 19.26 -7.83
N ILE C 148 19.19 18.52 -8.33
CA ILE C 148 18.84 17.22 -7.77
C ILE C 148 18.72 16.18 -8.87
N GLU C 149 18.55 14.93 -8.44
CA GLU C 149 18.10 13.83 -9.28
C GLU C 149 16.76 13.37 -8.73
N GLY C 150 15.70 13.59 -9.49
CA GLY C 150 14.37 13.24 -9.00
C GLY C 150 13.35 13.32 -10.11
N GLN C 151 12.10 13.08 -9.72
CA GLN C 151 10.99 13.05 -10.67
C GLN C 151 9.78 13.75 -10.07
N ALA C 152 8.92 14.25 -10.94
CA ALA C 152 7.71 14.95 -10.51
C ALA C 152 6.57 14.62 -11.47
N ILE C 153 5.35 14.82 -11.00
CA ILE C 153 4.13 14.54 -11.75
C ILE C 153 3.48 15.85 -12.13
N LEU C 154 3.13 15.99 -13.41
CA LEU C 154 2.30 17.09 -13.88
C LEU C 154 0.94 16.53 -14.25
N PHE C 155 -0.10 17.02 -13.59
CA PHE C 155 -1.45 16.58 -13.91
C PHE C 155 -1.90 17.17 -15.24
N SER C 156 -3.01 16.64 -15.76
CA SER C 156 -3.56 17.16 -17.00
C SER C 156 -4.01 18.61 -16.85
N SER C 157 -4.36 19.02 -15.64
CA SER C 157 -4.73 20.41 -15.38
C SER C 157 -3.52 21.30 -15.13
N GLY C 158 -2.34 20.73 -14.93
CA GLY C 158 -1.16 21.52 -14.69
C GLY C 158 -0.73 22.32 -15.91
N VAL C 159 0.22 23.22 -15.69
CA VAL C 159 0.72 24.12 -16.72
C VAL C 159 2.23 23.97 -16.81
N TYR C 160 2.75 23.96 -18.05
CA TYR C 160 4.17 23.77 -18.29
C TYR C 160 4.55 24.53 -19.56
N ALA C 161 5.84 24.81 -19.70
CA ALA C 161 6.34 25.54 -20.85
C ALA C 161 7.62 24.89 -21.35
N LYS C 162 7.65 24.60 -22.65
CA LYS C 162 8.87 24.10 -23.28
C LYS C 162 9.88 25.24 -23.42
N LEU C 163 11.09 25.03 -22.91
CA LEU C 163 12.09 26.09 -22.93
C LEU C 163 12.71 26.19 -24.32
N PRO C 164 12.77 27.38 -24.91
CA PRO C 164 13.25 27.51 -26.29
C PRO C 164 14.78 27.46 -26.37
N ASP C 165 15.25 27.09 -27.56
CA ASP C 165 16.69 26.93 -27.78
C ASP C 165 17.38 28.23 -28.15
N ASP C 166 16.66 29.23 -28.64
CA ASP C 166 17.25 30.47 -29.09
C ASP C 166 17.38 31.51 -27.98
N LEU C 167 17.15 31.13 -26.72
CA LEU C 167 17.29 32.03 -25.59
C LEU C 167 17.89 31.27 -24.42
N ASP C 168 18.70 31.97 -23.63
CA ASP C 168 19.29 31.36 -22.44
C ASP C 168 18.19 31.00 -21.44
N GLU C 169 18.49 30.01 -20.59
CA GLU C 169 17.47 29.47 -19.69
C GLU C 169 17.02 30.51 -18.67
N ASN C 170 17.97 31.13 -17.97
CA ASN C 170 17.61 32.10 -16.94
C ASN C 170 16.87 33.29 -17.51
N LEU C 171 17.14 33.64 -18.77
CA LEU C 171 16.39 34.71 -19.42
C LEU C 171 14.97 34.28 -19.73
N ALA C 172 14.80 33.06 -20.24
CA ALA C 172 13.47 32.57 -20.59
C ALA C 172 12.59 32.42 -19.35
N LEU C 173 13.18 31.97 -18.24
CA LEU C 173 12.40 31.78 -17.01
C LEU C 173 11.88 33.11 -16.47
N SER C 174 12.61 34.20 -16.69
CA SER C 174 12.12 35.51 -16.28
C SER C 174 10.89 35.92 -17.07
N VAL C 175 10.76 35.43 -18.31
CA VAL C 175 9.58 35.72 -19.11
C VAL C 175 8.40 34.91 -18.62
N LEU C 176 8.60 33.62 -18.34
CA LEU C 176 7.52 32.76 -17.90
C LEU C 176 7.02 33.12 -16.51
N ASP C 177 7.82 33.84 -15.71
CA ASP C 177 7.34 34.36 -14.44
C ASP C 177 6.24 35.39 -14.65
N VAL C 178 6.24 36.08 -15.80
CA VAL C 178 5.30 37.14 -16.11
C VAL C 178 4.54 36.83 -17.40
N ALA C 179 4.50 35.56 -17.80
CA ALA C 179 3.94 35.21 -19.10
C ALA C 179 2.44 35.55 -19.20
N GLY C 180 1.73 35.53 -18.07
CA GLY C 180 0.32 35.84 -18.10
C GLY C 180 0.00 37.30 -18.34
N ALA C 181 0.97 38.19 -18.09
CA ALA C 181 0.70 39.63 -18.23
C ALA C 181 0.46 40.03 -19.68
N PRO C 182 1.36 39.74 -20.64
CA PRO C 182 1.09 40.20 -22.02
C PRO C 182 -0.13 39.54 -22.64
N ALA C 183 -0.37 38.27 -22.33
CA ALA C 183 -1.49 37.56 -22.94
C ALA C 183 -2.83 38.16 -22.51
N GLN C 184 -2.94 38.58 -21.25
CA GLN C 184 -4.20 39.14 -20.78
C GLN C 184 -4.43 40.55 -21.30
N VAL C 185 -3.36 41.31 -21.54
CA VAL C 185 -3.52 42.70 -21.98
C VAL C 185 -4.12 42.76 -23.38
N GLU C 186 -3.73 41.82 -24.26
CA GLU C 186 -4.27 41.80 -25.61
C GLU C 186 -5.78 41.59 -25.63
N ARG C 187 -6.35 41.02 -24.56
CA ARG C 187 -7.79 40.81 -24.48
C ARG C 187 -8.52 42.03 -23.92
N LEU C 188 -7.88 42.82 -23.08
CA LEU C 188 -8.54 43.92 -22.40
C LEU C 188 -8.49 45.23 -23.17
N VAL C 189 -7.45 45.44 -23.96
CA VAL C 189 -7.23 46.73 -24.63
C VAL C 189 -7.83 46.69 -26.03
N LYS C 190 -8.76 47.60 -26.29
CA LYS C 190 -9.37 47.81 -27.60
C LYS C 190 -8.67 48.95 -28.32
N PRO C 191 -8.84 49.05 -29.64
CA PRO C 191 -8.27 50.20 -30.36
C PRO C 191 -8.81 51.51 -29.83
N ASP C 192 -7.92 52.52 -29.75
CA ASP C 192 -8.20 53.87 -29.25
C ASP C 192 -8.45 53.91 -27.74
N ASP C 193 -8.22 52.82 -27.03
CA ASP C 193 -8.44 52.80 -25.59
C ASP C 193 -7.41 53.67 -24.87
N THR C 194 -7.80 54.19 -23.71
CA THR C 194 -6.89 54.84 -22.79
C THR C 194 -6.55 53.84 -21.69
N VAL C 195 -5.28 53.48 -21.59
CA VAL C 195 -4.82 52.43 -20.68
C VAL C 195 -3.88 53.04 -19.65
N VAL C 196 -4.17 52.80 -18.37
CA VAL C 196 -3.33 53.23 -17.26
C VAL C 196 -2.64 52.01 -16.69
N ILE C 197 -1.31 52.03 -16.67
CA ILE C 197 -0.50 50.95 -16.14
C ILE C 197 0.21 51.48 -14.90
N ILE C 198 -0.20 51.01 -13.73
CA ILE C 198 0.39 51.44 -12.47
C ILE C 198 1.51 50.48 -12.13
N GLY C 199 2.75 50.96 -12.21
CA GLY C 199 3.91 50.11 -12.06
C GLY C 199 4.55 49.81 -13.40
N ALA C 200 4.54 50.81 -14.29
CA ALA C 200 4.99 50.63 -15.67
C ALA C 200 6.49 50.34 -15.77
N ASN C 201 7.26 50.56 -14.70
CA ASN C 201 8.68 50.27 -14.72
C ASN C 201 9.01 48.86 -14.25
N GLY C 202 8.02 48.11 -13.76
CA GLY C 202 8.26 46.79 -13.21
C GLY C 202 8.52 45.75 -14.29
N LYS C 203 8.71 44.51 -13.82
CA LYS C 203 9.00 43.39 -14.72
C LYS C 203 7.86 43.18 -15.69
N SER C 204 6.66 42.90 -15.18
CA SER C 204 5.50 42.71 -16.04
C SER C 204 4.98 44.03 -16.58
N GLY C 205 5.31 45.15 -15.94
CA GLY C 205 4.78 46.43 -16.37
C GLY C 205 5.28 46.86 -17.74
N ILE C 206 6.58 46.67 -18.00
CA ILE C 206 7.12 47.04 -19.31
C ILE C 206 6.55 46.15 -20.40
N LEU C 207 6.21 44.90 -20.07
CA LEU C 207 5.48 44.06 -21.01
C LEU C 207 4.07 44.59 -21.24
N CYS C 208 3.41 45.02 -20.16
CA CYS C 208 2.07 45.59 -20.30
C CYS C 208 2.10 46.89 -21.10
N ASN C 209 3.15 47.70 -20.94
CA ASN C 209 3.28 48.93 -21.70
C ASN C 209 3.30 48.64 -23.20
N ALA C 210 4.15 47.70 -23.62
CA ALA C 210 4.29 47.41 -25.05
C ALA C 210 3.02 46.81 -25.63
N VAL C 211 2.41 45.88 -24.90
CA VAL C 211 1.22 45.22 -25.41
C VAL C 211 0.03 46.17 -25.43
N ALA C 212 -0.06 47.05 -24.43
CA ALA C 212 -1.15 48.02 -24.41
C ALA C 212 -1.07 48.98 -25.59
N LYS C 213 0.16 49.37 -25.98
CA LYS C 213 0.31 50.35 -27.05
C LYS C 213 -0.06 49.75 -28.40
N GLU C 214 0.36 48.51 -28.67
CA GLU C 214 0.04 47.91 -29.97
C GLU C 214 -1.45 47.59 -30.08
N ARG C 215 -2.12 47.33 -28.95
CA ARG C 215 -3.55 47.08 -28.99
C ARG C 215 -4.36 48.38 -29.01
N ALA C 216 -3.93 49.38 -28.23
CA ALA C 216 -4.64 50.66 -28.23
C ALA C 216 -4.44 51.39 -29.55
N GLY C 217 -3.26 51.28 -30.13
CA GLY C 217 -3.00 51.80 -31.46
C GLY C 217 -2.40 53.20 -31.46
N ILE C 218 -2.23 53.72 -32.68
CA ILE C 218 -1.63 55.03 -32.86
C ILE C 218 -2.47 56.13 -32.22
N CYS C 219 -3.79 55.93 -32.15
CA CYS C 219 -4.69 56.92 -31.57
C CYS C 219 -5.17 56.53 -30.18
N GLY C 220 -4.56 55.52 -29.57
CA GLY C 220 -4.78 55.25 -28.16
C GLY C 220 -3.78 55.99 -27.28
N LYS C 221 -4.02 55.93 -25.98
CA LYS C 221 -3.19 56.64 -25.01
C LYS C 221 -2.80 55.67 -23.89
N VAL C 222 -1.51 55.37 -23.78
CA VAL C 222 -0.98 54.52 -22.74
C VAL C 222 -0.29 55.40 -21.70
N ILE C 223 -0.78 55.36 -20.47
CA ILE C 223 -0.28 56.21 -19.39
C ILE C 223 0.33 55.32 -18.32
N GLY C 224 1.62 55.49 -18.07
CA GLY C 224 2.28 54.78 -17.00
C GLY C 224 2.34 55.61 -15.73
N VAL C 225 2.42 54.93 -14.59
CA VAL C 225 2.47 55.57 -13.29
C VAL C 225 3.68 55.03 -12.55
N VAL C 226 4.62 55.92 -12.20
CA VAL C 226 5.81 55.58 -11.45
C VAL C 226 6.05 56.65 -10.40
N ARG C 227 6.87 56.32 -9.42
CA ARG C 227 7.20 57.27 -8.35
C ARG C 227 8.45 58.08 -8.67
N ASN C 228 9.37 57.54 -9.47
CA ASN C 228 10.66 58.16 -9.74
C ASN C 228 10.68 58.69 -11.17
N GLU C 229 11.18 59.92 -11.34
CA GLU C 229 11.32 60.49 -12.68
C GLU C 229 12.36 59.75 -13.51
N ASN C 230 13.27 59.03 -12.87
CA ASN C 230 14.29 58.29 -13.61
C ASN C 230 13.70 57.14 -14.42
N TYR C 231 12.51 56.67 -14.08
CA TYR C 231 11.87 55.54 -14.76
C TYR C 231 11.07 55.96 -15.98
N ILE C 232 10.93 57.26 -16.23
CA ILE C 232 10.10 57.76 -17.33
C ILE C 232 10.69 57.37 -18.70
N PRO C 233 12.01 57.49 -18.94
CA PRO C 233 12.53 57.06 -20.24
C PRO C 233 12.23 55.60 -20.55
N THR C 234 12.32 54.71 -19.56
CA THR C 234 12.00 53.30 -19.80
C THR C 234 10.52 53.12 -20.10
N CYS C 235 9.66 53.87 -19.41
CA CYS C 235 8.22 53.76 -19.63
C CYS C 235 7.85 54.18 -21.05
N LYS C 236 8.39 55.31 -21.51
CA LYS C 236 8.08 55.79 -22.85
C LYS C 236 8.72 54.90 -23.92
N ALA C 237 9.93 54.39 -23.65
CA ALA C 237 10.59 53.50 -24.59
C ALA C 237 9.89 52.15 -24.71
N THR C 238 9.09 51.78 -23.72
CA THR C 238 8.36 50.52 -23.74
C THR C 238 6.91 50.66 -24.16
N GLY C 239 6.45 51.87 -24.48
CA GLY C 239 5.12 52.02 -25.04
C GLY C 239 4.27 53.14 -24.49
N CYS C 240 4.64 53.68 -23.33
CA CYS C 240 3.82 54.71 -22.69
C CYS C 240 3.86 56.00 -23.49
N ASP C 241 2.68 56.55 -23.78
CA ASP C 241 2.61 57.88 -24.38
C ASP C 241 2.80 58.97 -23.34
N GLU C 242 2.28 58.76 -22.13
CA GLU C 242 2.43 59.67 -21.02
C GLU C 242 2.87 58.90 -19.79
N VAL C 243 3.49 59.62 -18.85
CA VAL C 243 3.92 59.04 -17.58
C VAL C 243 3.47 59.96 -16.45
N ILE C 244 2.81 59.40 -15.46
CA ILE C 244 2.37 60.13 -14.28
C ILE C 244 3.34 59.83 -13.13
N LEU C 245 3.78 60.86 -12.44
CA LEU C 245 4.65 60.71 -11.27
C LEU C 245 3.79 60.75 -10.02
N ALA C 246 3.67 59.60 -9.35
CA ALA C 246 2.90 59.49 -8.12
C ALA C 246 3.23 58.16 -7.46
N GLN C 247 3.09 58.11 -6.14
CA GLN C 247 3.16 56.85 -5.44
C GLN C 247 1.92 56.02 -5.75
N ALA C 248 2.12 54.72 -5.93
CA ALA C 248 1.02 53.83 -6.31
C ALA C 248 -0.13 53.88 -5.31
N THR C 249 0.14 54.28 -4.06
CA THR C 249 -0.91 54.48 -3.07
C THR C 249 -1.52 55.87 -3.13
N ASP C 250 -0.86 56.83 -3.76
CA ASP C 250 -1.41 58.18 -3.89
C ASP C 250 -2.64 58.16 -4.79
N ALA C 251 -3.81 58.01 -4.17
CA ALA C 251 -5.04 57.83 -4.95
C ALA C 251 -5.50 59.13 -5.57
N ILE C 252 -5.35 60.25 -4.86
CA ILE C 252 -5.86 61.53 -5.34
C ILE C 252 -5.04 62.04 -6.52
N THR C 253 -3.71 61.94 -6.43
CA THR C 253 -2.85 62.45 -7.50
C THR C 253 -3.06 61.69 -8.79
N ILE C 254 -3.17 60.36 -8.71
CA ILE C 254 -3.36 59.55 -9.91
C ILE C 254 -4.67 59.93 -10.60
N GLN C 255 -5.72 60.15 -9.83
CA GLN C 255 -7.01 60.51 -10.41
C GLN C 255 -6.94 61.83 -11.14
N LYS C 256 -6.40 62.87 -10.49
CA LYS C 256 -6.36 64.19 -11.10
C LYS C 256 -5.37 64.24 -12.27
N GLU C 257 -4.27 63.49 -12.19
CA GLU C 257 -3.31 63.49 -13.29
C GLU C 257 -3.83 62.73 -14.50
N VAL C 258 -4.58 61.63 -14.27
CA VAL C 258 -5.26 60.96 -15.37
C VAL C 258 -6.33 61.88 -15.96
N SER C 259 -6.99 62.67 -15.10
CA SER C 259 -8.01 63.60 -15.58
C SER C 259 -7.42 64.67 -16.47
N ARG C 260 -6.28 65.26 -16.06
CA ARG C 260 -5.65 66.28 -16.88
C ARG C 260 -5.17 65.71 -18.21
N LEU C 261 -4.56 64.53 -18.18
CA LEU C 261 -4.02 63.93 -19.41
C LEU C 261 -5.12 63.41 -20.33
N THR C 262 -6.32 63.17 -19.81
CA THR C 262 -7.43 62.68 -20.62
C THR C 262 -8.58 63.67 -20.70
N ASN C 263 -8.38 64.91 -20.25
CA ASN C 263 -9.43 65.92 -20.23
C ASN C 263 -10.67 65.43 -19.50
N GLY C 264 -10.45 64.73 -18.39
CA GLY C 264 -11.53 64.24 -17.55
C GLY C 264 -12.20 62.98 -18.04
N LYS C 265 -11.80 62.43 -19.18
CA LYS C 265 -12.43 61.23 -19.72
C LYS C 265 -11.96 59.95 -19.04
N MET C 266 -10.85 60.01 -18.29
CA MET C 266 -10.33 58.86 -17.54
C MET C 266 -9.96 57.70 -18.46
N ALA C 267 -9.61 56.56 -17.87
CA ALA C 267 -9.04 55.44 -18.60
C ALA C 267 -10.09 54.37 -18.87
N ASP C 268 -10.05 53.79 -20.08
CA ASP C 268 -10.90 52.65 -20.39
C ASP C 268 -10.49 51.43 -19.59
N VAL C 269 -9.18 51.18 -19.49
CA VAL C 269 -8.64 50.00 -18.81
C VAL C 269 -7.55 50.46 -17.86
N VAL C 270 -7.60 49.97 -16.62
CA VAL C 270 -6.58 50.24 -15.61
C VAL C 270 -5.91 48.91 -15.27
N ILE C 271 -4.58 48.86 -15.46
CA ILE C 271 -3.80 47.65 -15.21
C ILE C 271 -2.90 47.93 -14.00
N ASN C 272 -3.08 47.14 -12.94
CA ASN C 272 -2.33 47.28 -11.71
C ASN C 272 -1.31 46.16 -11.62
N VAL C 273 -0.03 46.51 -11.58
CA VAL C 273 1.04 45.52 -11.51
C VAL C 273 2.08 45.92 -10.47
N VAL C 274 1.69 46.76 -9.51
CA VAL C 274 2.55 47.09 -8.37
C VAL C 274 2.27 46.11 -7.25
N ASN C 275 3.32 45.47 -6.73
CA ASN C 275 3.18 44.59 -5.58
C ASN C 275 3.16 45.42 -4.28
N THR C 276 2.16 46.30 -4.21
CA THR C 276 1.96 47.18 -3.06
C THR C 276 0.55 46.96 -2.53
N GLU C 277 0.39 47.04 -1.20
CA GLU C 277 -0.78 46.50 -0.54
C GLU C 277 -2.01 47.41 -0.58
N ASP C 278 -1.83 48.70 -0.83
CA ASP C 278 -2.95 49.65 -0.78
C ASP C 278 -3.07 50.42 -2.08
N THR C 279 -3.14 49.70 -3.20
CA THR C 279 -3.25 50.30 -4.52
C THR C 279 -4.58 50.01 -5.20
N GLU C 280 -5.52 49.40 -4.48
CA GLU C 280 -6.82 49.08 -5.07
C GLU C 280 -7.62 50.36 -5.36
N LEU C 281 -7.76 51.21 -4.36
CA LEU C 281 -8.52 52.45 -4.56
C LEU C 281 -7.88 53.38 -5.58
N PRO C 282 -6.55 53.58 -5.63
CA PRO C 282 -5.99 54.39 -6.72
C PRO C 282 -6.29 53.81 -8.10
N SER C 283 -6.30 52.48 -8.22
CA SER C 283 -6.61 51.86 -9.51
C SER C 283 -8.07 52.10 -9.89
N ILE C 284 -8.97 52.08 -8.91
CA ILE C 284 -10.39 52.21 -9.21
C ILE C 284 -10.72 53.62 -9.68
N MET C 285 -10.21 54.63 -8.98
CA MET C 285 -10.55 56.01 -9.30
C MET C 285 -9.89 56.51 -10.58
N ALA C 286 -8.90 55.79 -11.12
CA ALA C 286 -8.32 56.15 -12.40
C ALA C 286 -9.13 55.64 -13.58
N ALA C 287 -10.15 54.82 -13.34
CA ALA C 287 -10.95 54.25 -14.41
C ALA C 287 -12.16 55.11 -14.72
N LYS C 288 -12.57 55.08 -15.99
CA LYS C 288 -13.79 55.75 -16.40
C LYS C 288 -15.01 55.04 -15.83
N ASP C 289 -16.18 55.67 -15.99
CA ASP C 289 -17.42 55.01 -15.62
C ASP C 289 -17.63 53.78 -16.51
N ARG C 290 -17.93 52.65 -15.87
CA ARG C 290 -18.04 51.36 -16.55
C ARG C 290 -16.71 50.96 -17.21
N GLY C 291 -15.60 51.35 -16.60
CA GLY C 291 -14.29 50.98 -17.08
C GLY C 291 -13.84 49.63 -16.54
N MET C 292 -12.63 49.25 -16.92
CA MET C 292 -12.06 47.95 -16.55
C MET C 292 -10.83 48.17 -15.69
N VAL C 293 -10.84 47.59 -14.49
CA VAL C 293 -9.70 47.59 -13.59
C VAL C 293 -9.23 46.15 -13.44
N TYR C 294 -7.97 45.89 -13.81
CA TYR C 294 -7.41 44.54 -13.79
C TYR C 294 -6.29 44.47 -12.77
N PHE C 295 -6.48 43.66 -11.73
CA PHE C 295 -5.54 43.53 -10.62
C PHE C 295 -4.67 42.31 -10.86
N PHE C 296 -3.42 42.53 -11.27
CA PHE C 296 -2.49 41.44 -11.52
C PHE C 296 -1.64 41.07 -10.32
N SER C 297 -1.49 41.98 -9.35
CA SER C 297 -0.57 41.79 -8.24
C SER C 297 -1.23 41.02 -7.10
N MET C 298 -0.41 40.21 -6.42
CA MET C 298 -0.89 39.43 -5.29
C MET C 298 -1.08 40.24 -4.02
N ALA C 299 -0.67 41.51 -4.02
CA ALA C 299 -0.92 42.39 -2.88
C ALA C 299 -2.35 42.94 -2.89
N THR C 300 -3.14 42.62 -3.90
CA THR C 300 -4.51 43.10 -3.98
C THR C 300 -5.38 42.42 -2.92
N SER C 301 -6.19 43.21 -2.23
CA SER C 301 -7.14 42.70 -1.25
C SER C 301 -8.54 42.73 -1.84
N PHE C 302 -9.23 41.59 -1.80
CA PHE C 302 -10.59 41.52 -2.31
C PHE C 302 -11.51 42.51 -1.62
N THR C 303 -11.44 42.56 -0.28
CA THR C 303 -12.33 43.46 0.47
C THR C 303 -11.97 44.92 0.22
N LYS C 304 -10.68 45.25 0.19
CA LYS C 304 -10.28 46.63 -0.07
C LYS C 304 -10.73 47.08 -1.46
N ALA C 305 -10.69 46.18 -2.44
CA ALA C 305 -11.17 46.52 -3.78
C ALA C 305 -12.69 46.64 -3.79
N ALA C 306 -13.38 45.72 -3.12
CA ALA C 306 -14.84 45.73 -3.11
C ALA C 306 -15.38 46.94 -2.36
N LEU C 307 -14.87 47.19 -1.15
CA LEU C 307 -15.34 48.32 -0.37
C LEU C 307 -14.87 49.65 -0.96
N GLY C 308 -13.71 49.64 -1.63
CA GLY C 308 -13.21 50.87 -2.22
C GLY C 308 -14.13 51.41 -3.31
N ALA C 309 -14.59 50.53 -4.20
CA ALA C 309 -15.51 50.95 -5.25
C ALA C 309 -16.88 51.31 -4.69
N GLU C 310 -17.27 50.68 -3.57
CA GLU C 310 -18.54 51.01 -2.94
C GLU C 310 -18.52 52.44 -2.39
N GLY C 311 -17.46 52.81 -1.69
CA GLY C 311 -17.43 54.06 -0.96
C GLY C 311 -17.39 55.30 -1.83
N ILE C 312 -16.90 55.19 -3.06
CA ILE C 312 -16.84 56.33 -3.96
C ILE C 312 -17.71 56.11 -5.21
N GLY C 313 -18.61 55.14 -5.15
CA GLY C 313 -19.62 54.98 -6.19
C GLY C 313 -19.08 54.75 -7.58
N ALA C 314 -18.06 53.91 -7.72
CA ALA C 314 -17.46 53.61 -9.01
C ALA C 314 -18.08 52.33 -9.55
N ASP C 315 -18.95 52.46 -10.55
CA ASP C 315 -19.47 51.31 -11.27
C ASP C 315 -18.42 50.89 -12.29
N VAL C 316 -17.47 50.07 -11.84
CA VAL C 316 -16.38 49.60 -12.68
C VAL C 316 -16.28 48.09 -12.55
N ASP C 317 -15.73 47.46 -13.58
CA ASP C 317 -15.49 46.02 -13.58
C ASP C 317 -14.10 45.76 -13.00
N MET C 318 -14.05 45.19 -11.80
CA MET C 318 -12.80 44.80 -11.16
C MET C 318 -12.60 43.31 -11.37
N MET C 319 -11.45 42.94 -11.94
CA MET C 319 -11.17 41.55 -12.27
C MET C 319 -9.97 41.05 -11.46
N ILE C 320 -10.06 39.80 -11.01
CA ILE C 320 -8.95 39.13 -10.37
C ILE C 320 -8.02 38.62 -11.46
N GLY C 321 -6.82 39.21 -11.54
CA GLY C 321 -5.88 38.86 -12.59
C GLY C 321 -5.47 37.40 -12.59
N ASN C 322 -5.52 36.78 -13.76
CA ASN C 322 -5.18 35.37 -13.91
C ASN C 322 -3.79 35.26 -14.54
N GLY C 323 -2.88 34.57 -13.85
CA GLY C 323 -1.54 34.39 -14.35
C GLY C 323 -1.43 33.37 -15.47
N TYR C 324 -2.51 32.67 -15.80
CA TYR C 324 -2.52 31.68 -16.87
C TYR C 324 -3.53 32.08 -17.93
N ALA C 325 -3.14 31.90 -19.19
CA ALA C 325 -4.03 32.07 -20.33
C ALA C 325 -3.53 31.19 -21.46
N HIS C 326 -4.39 30.99 -22.46
CA HIS C 326 -4.02 30.17 -23.61
C HIS C 326 -2.77 30.70 -24.27
N HIS C 327 -1.80 29.82 -24.48
CA HIS C 327 -0.57 30.10 -25.22
C HIS C 327 0.23 31.26 -24.61
N HIS C 328 0.06 31.53 -23.32
CA HIS C 328 0.67 32.73 -22.74
C HIS C 328 2.19 32.66 -22.76
N SER C 329 2.77 31.47 -22.60
CA SER C 329 4.22 31.34 -22.68
C SER C 329 4.71 31.65 -24.09
N GLU C 330 4.06 31.07 -25.10
CA GLU C 330 4.44 31.34 -26.48
C GLU C 330 4.23 32.82 -26.83
N ILE C 331 3.12 33.40 -26.39
CA ILE C 331 2.84 34.80 -26.66
C ILE C 331 3.89 35.69 -25.99
N ALA C 332 4.24 35.39 -24.74
CA ALA C 332 5.19 36.21 -24.01
C ALA C 332 6.59 36.12 -24.63
N LEU C 333 7.02 34.91 -24.96
CA LEU C 333 8.35 34.74 -25.57
C LEU C 333 8.40 35.40 -26.94
N ASP C 334 7.31 35.31 -27.71
CA ASP C 334 7.28 35.92 -29.03
C ASP C 334 7.35 37.43 -28.95
N LEU C 335 6.72 38.02 -27.91
CA LEU C 335 6.76 39.47 -27.76
C LEU C 335 8.18 39.98 -27.60
N LEU C 336 9.03 39.23 -26.88
CA LEU C 336 10.39 39.68 -26.65
C LEU C 336 11.24 39.54 -27.91
N ARG C 337 10.92 38.57 -28.77
CA ARG C 337 11.63 38.46 -30.04
C ARG C 337 11.30 39.62 -30.97
N ARG C 338 10.05 40.09 -30.93
CA ARG C 338 9.63 41.16 -31.81
C ARG C 338 10.03 42.54 -31.30
N ASN C 339 10.19 42.70 -29.99
CA ASN C 339 10.52 43.99 -29.38
C ASN C 339 11.96 43.95 -28.91
N SER C 340 12.84 44.61 -29.66
CA SER C 340 14.26 44.64 -29.29
C SER C 340 14.48 45.45 -28.02
N VAL C 341 13.71 46.53 -27.84
CA VAL C 341 13.82 47.33 -26.62
C VAL C 341 13.43 46.49 -25.41
N LEU C 342 12.36 45.71 -25.52
CA LEU C 342 11.95 44.84 -24.43
C LEU C 342 12.99 43.77 -24.15
N MET C 343 13.54 43.16 -25.21
CA MET C 343 14.55 42.13 -25.02
C MET C 343 15.82 42.69 -24.38
N LYS C 344 16.26 43.87 -24.84
CA LYS C 344 17.48 44.48 -24.30
C LYS C 344 17.30 44.83 -22.83
N ILE C 345 16.12 45.34 -22.46
CA ILE C 345 15.85 45.66 -21.06
C ILE C 345 15.82 44.39 -20.22
N PHE C 346 15.13 43.35 -20.71
CA PHE C 346 15.06 42.09 -19.97
C PHE C 346 16.43 41.47 -19.81
N LYS C 347 17.25 41.50 -20.86
CA LYS C 347 18.60 40.95 -20.77
C LYS C 347 19.44 41.66 -19.72
N GLU C 348 19.26 42.98 -19.60
CA GLU C 348 20.08 43.76 -18.68
C GLU C 348 19.61 43.63 -17.24
N ARG C 349 18.32 43.43 -17.01
CA ARG C 349 17.76 43.46 -15.66
C ARG C 349 17.39 42.09 -15.11
N TYR C 350 16.97 41.15 -15.95
CA TYR C 350 16.48 39.86 -15.48
C TYR C 350 17.18 38.74 -16.25
N ALA C 351 18.01 37.97 -15.55
CA ALA C 351 18.67 36.82 -16.15
C ALA C 351 19.16 35.86 -15.06
N MET D 1 -38.95 -5.84 -35.92
CA MET D 1 -37.56 -5.86 -36.36
C MET D 1 -36.96 -4.46 -36.30
N LYS D 2 -35.83 -4.33 -35.62
CA LYS D 2 -35.17 -3.05 -35.44
C LYS D 2 -34.23 -2.76 -36.62
N SER D 3 -34.07 -1.47 -36.92
CA SER D 3 -33.37 -1.03 -38.12
C SER D 3 -31.96 -0.54 -37.78
N ASN D 4 -31.11 -0.53 -38.80
CA ASN D 4 -29.76 0.03 -38.73
C ASN D 4 -28.94 -0.63 -37.63
N GLY D 5 -28.86 -1.96 -37.68
CA GLY D 5 -28.02 -2.68 -36.74
C GLY D 5 -26.56 -2.59 -37.12
N CYS D 6 -25.71 -2.41 -36.12
CA CYS D 6 -24.27 -2.38 -36.34
C CYS D 6 -23.77 -3.78 -36.63
N ARG D 7 -23.00 -3.94 -37.71
CA ARG D 7 -22.50 -5.26 -38.07
C ARG D 7 -21.57 -5.82 -36.99
N TYR D 8 -20.88 -4.95 -36.25
CA TYR D 8 -20.01 -5.40 -35.17
C TYR D 8 -20.76 -5.64 -33.88
N GLY D 9 -22.05 -5.28 -33.81
CA GLY D 9 -22.86 -5.59 -32.65
C GLY D 9 -22.84 -4.56 -31.54
N THR D 10 -22.40 -3.33 -31.82
CA THR D 10 -22.37 -2.31 -30.78
C THR D 10 -23.76 -1.91 -30.31
N HIS D 11 -24.80 -2.20 -31.09
CA HIS D 11 -26.16 -1.86 -30.71
C HIS D 11 -26.69 -2.68 -29.54
N ARG D 12 -25.96 -3.71 -29.11
CA ARG D 12 -26.38 -4.55 -28.00
C ARG D 12 -25.45 -4.47 -26.80
N VAL D 13 -24.53 -3.50 -26.78
CA VAL D 13 -23.57 -3.35 -25.69
C VAL D 13 -24.19 -2.43 -24.64
N ILE D 14 -24.33 -2.93 -23.42
CA ILE D 14 -25.01 -2.21 -22.36
C ILE D 14 -24.01 -1.60 -21.38
N GLU D 15 -22.90 -2.30 -21.14
CA GLU D 15 -21.91 -1.77 -20.21
C GLU D 15 -20.53 -2.35 -20.48
N PRO D 16 -19.51 -1.50 -20.68
CA PRO D 16 -19.64 -0.05 -20.70
C PRO D 16 -20.13 0.48 -22.06
N LYS D 17 -20.63 1.71 -22.06
CA LYS D 17 -21.21 2.31 -23.28
C LYS D 17 -20.08 2.82 -24.16
N GLY D 18 -19.68 2.03 -25.15
CA GLY D 18 -18.70 2.48 -26.12
C GLY D 18 -17.65 1.45 -26.49
N VAL D 19 -17.88 0.18 -26.20
CA VAL D 19 -16.93 -0.88 -26.49
C VAL D 19 -17.58 -1.89 -27.42
N LEU D 20 -16.76 -2.81 -27.91
CA LEU D 20 -17.23 -3.91 -28.74
C LEU D 20 -17.90 -4.97 -27.85
N PRO D 21 -18.74 -5.83 -28.45
CA PRO D 21 -19.44 -6.84 -27.64
C PRO D 21 -18.53 -7.76 -26.84
N GLN D 22 -17.38 -8.15 -27.39
CA GLN D 22 -16.52 -9.10 -26.67
C GLN D 22 -15.88 -8.49 -25.43
N PRO D 23 -15.18 -7.35 -25.49
CA PRO D 23 -14.62 -6.79 -24.25
C PRO D 23 -15.69 -6.24 -23.32
N ALA D 24 -16.90 -5.99 -23.82
CA ALA D 24 -17.99 -5.54 -22.97
C ALA D 24 -18.32 -6.57 -21.90
N LYS D 25 -18.94 -6.10 -20.83
CA LYS D 25 -19.31 -6.98 -19.72
C LYS D 25 -20.79 -7.32 -19.69
N ILE D 26 -21.66 -6.42 -20.14
CA ILE D 26 -23.10 -6.65 -20.16
C ILE D 26 -23.60 -6.41 -21.58
N LEU D 27 -24.30 -7.39 -22.14
CA LEU D 27 -24.88 -7.29 -23.47
C LEU D 27 -26.40 -7.40 -23.38
N ASN D 28 -27.06 -6.91 -24.43
CA ASN D 28 -28.51 -7.02 -24.56
C ASN D 28 -28.84 -8.36 -25.19
N ASN D 29 -29.36 -9.29 -24.39
CA ASN D 29 -29.72 -10.62 -24.87
C ASN D 29 -31.24 -10.76 -25.02
N ASP D 30 -31.92 -9.67 -25.33
CA ASP D 30 -33.35 -9.72 -25.59
C ASP D 30 -33.60 -10.43 -26.92
N MET D 31 -34.30 -11.55 -26.87
CA MET D 31 -34.69 -12.29 -28.08
C MET D 31 -36.11 -11.97 -28.52
N SER D 32 -36.74 -10.95 -27.93
CA SER D 32 -38.08 -10.55 -28.37
C SER D 32 -38.06 -10.00 -29.79
N GLU D 33 -37.00 -9.27 -30.14
CA GLU D 33 -36.90 -8.61 -31.43
C GLU D 33 -35.44 -8.56 -31.84
N ILE D 34 -35.17 -8.74 -33.12
CA ILE D 34 -33.82 -8.71 -33.65
C ILE D 34 -33.66 -7.49 -34.55
N TRP D 35 -32.40 -7.11 -34.76
CA TRP D 35 -32.11 -6.03 -35.69
C TRP D 35 -32.14 -6.55 -37.12
N ASP D 36 -32.05 -5.62 -38.08
CA ASP D 36 -32.22 -6.00 -39.48
C ASP D 36 -31.05 -6.82 -40.03
N ASN D 37 -29.88 -6.77 -39.39
CA ASN D 37 -28.71 -7.47 -39.87
C ASN D 37 -28.22 -8.53 -38.89
N GLU D 38 -29.14 -9.14 -38.14
CA GLU D 38 -28.82 -10.20 -37.21
C GLU D 38 -29.43 -11.52 -37.69
N MET D 39 -28.97 -12.61 -37.07
CA MET D 39 -29.53 -13.93 -37.30
C MET D 39 -29.81 -14.58 -35.95
N LEU D 40 -31.05 -15.03 -35.76
CA LEU D 40 -31.48 -15.65 -34.52
C LEU D 40 -31.37 -17.16 -34.63
N ILE D 41 -30.76 -17.78 -33.63
CA ILE D 41 -30.49 -19.21 -33.63
C ILE D 41 -31.16 -19.84 -32.42
N ASP D 42 -31.83 -20.97 -32.63
CA ASP D 42 -32.37 -21.78 -31.54
C ASP D 42 -31.27 -22.71 -31.07
N VAL D 43 -30.62 -22.37 -29.97
CA VAL D 43 -29.44 -23.10 -29.50
C VAL D 43 -29.88 -24.43 -28.89
N ILE D 44 -29.17 -25.50 -29.24
CA ILE D 44 -29.41 -26.81 -28.66
C ILE D 44 -28.24 -27.27 -27.78
N ARG D 45 -27.02 -26.79 -28.02
CA ARG D 45 -25.85 -27.27 -27.30
C ARG D 45 -24.84 -26.15 -27.17
N LEU D 46 -24.22 -26.05 -26.00
CA LEU D 46 -23.17 -25.09 -25.73
C LEU D 46 -21.87 -25.83 -25.47
N ASN D 47 -20.85 -25.53 -26.25
CA ASN D 47 -19.51 -26.12 -26.09
C ASN D 47 -18.63 -25.08 -25.40
N ILE D 48 -18.59 -25.14 -24.08
CA ILE D 48 -17.86 -24.14 -23.31
C ILE D 48 -16.36 -24.38 -23.44
N ASP D 49 -15.60 -23.29 -23.46
CA ASP D 49 -14.14 -23.38 -23.49
C ASP D 49 -13.66 -24.22 -22.31
N SER D 50 -12.68 -25.09 -22.58
CA SER D 50 -12.26 -26.06 -21.59
C SER D 50 -11.68 -25.39 -20.35
N ALA D 51 -10.86 -24.35 -20.53
CA ALA D 51 -10.29 -23.66 -19.38
C ALA D 51 -11.35 -22.93 -18.57
N SER D 52 -12.37 -22.39 -19.24
CA SER D 52 -13.44 -21.69 -18.53
C SER D 52 -14.35 -22.67 -17.81
N PHE D 53 -14.63 -23.83 -18.43
CA PHE D 53 -15.46 -24.83 -17.78
C PHE D 53 -14.81 -25.36 -16.51
N HIS D 54 -13.49 -25.59 -16.55
N HIS D 54 -13.50 -25.60 -16.56
CA HIS D 54 -12.82 -26.11 -15.36
CA HIS D 54 -12.78 -26.10 -15.40
C HIS D 54 -12.58 -25.05 -14.30
C HIS D 54 -12.66 -25.04 -14.30
N GLN D 55 -12.51 -23.78 -14.70
CA GLN D 55 -12.38 -22.70 -13.73
C GLN D 55 -13.69 -22.48 -12.98
N ILE D 56 -14.81 -22.53 -13.68
CA ILE D 56 -16.11 -22.41 -13.02
C ILE D 56 -16.39 -23.64 -12.17
N LYS D 57 -16.03 -24.82 -12.67
CA LYS D 57 -16.22 -26.06 -11.93
C LYS D 57 -15.49 -26.01 -10.59
N ASN D 58 -14.22 -25.61 -10.62
CA ASN D 58 -13.45 -25.53 -9.37
C ASN D 58 -13.96 -24.43 -8.46
N LYS D 59 -14.47 -23.33 -9.02
CA LYS D 59 -15.06 -22.29 -8.19
C LYS D 59 -16.32 -22.79 -7.49
N LEU D 60 -17.14 -23.59 -8.18
CA LEU D 60 -18.32 -24.15 -7.55
C LEU D 60 -17.94 -25.18 -6.50
N ILE D 61 -16.88 -25.95 -6.74
CA ILE D 61 -16.39 -26.89 -5.74
C ILE D 61 -15.93 -26.15 -4.48
N ALA D 62 -15.36 -24.95 -4.66
CA ALA D 62 -14.88 -24.16 -3.53
C ALA D 62 -16.00 -23.42 -2.80
N GLN D 63 -17.20 -23.39 -3.36
CA GLN D 63 -18.33 -22.73 -2.69
C GLN D 63 -19.14 -23.68 -1.83
N GLY D 64 -18.98 -24.99 -2.01
CA GLY D 64 -19.76 -25.95 -1.26
C GLY D 64 -21.00 -26.41 -2.00
N HIS D 65 -20.85 -26.69 -3.30
CA HIS D 65 -21.94 -27.17 -4.13
C HIS D 65 -21.75 -28.67 -4.34
N GLN D 66 -22.58 -29.47 -3.67
CA GLN D 66 -22.46 -30.92 -3.76
C GLN D 66 -22.89 -31.42 -5.14
N ASP D 67 -24.06 -30.98 -5.60
CA ASP D 67 -24.52 -31.27 -6.96
C ASP D 67 -23.82 -30.31 -7.90
N LEU D 68 -22.88 -30.82 -8.70
CA LEU D 68 -22.14 -29.98 -9.64
C LEU D 68 -22.88 -29.75 -10.94
N GLU D 69 -23.60 -30.77 -11.43
CA GLU D 69 -24.41 -30.58 -12.63
C GLU D 69 -25.48 -29.51 -12.41
N LYS D 70 -26.13 -29.52 -11.25
CA LYS D 70 -27.14 -28.51 -10.95
C LYS D 70 -26.49 -27.16 -10.70
N ALA D 71 -25.36 -27.13 -9.99
CA ALA D 71 -24.70 -25.87 -9.69
C ALA D 71 -24.19 -25.19 -10.96
N PHE D 72 -23.62 -25.96 -11.88
CA PHE D 72 -23.15 -25.38 -13.13
C PHE D 72 -24.31 -24.86 -13.97
N ALA D 73 -25.41 -25.62 -14.02
CA ALA D 73 -26.58 -25.17 -14.77
C ALA D 73 -27.14 -23.88 -14.19
N GLU D 74 -27.26 -23.81 -12.86
CA GLU D 74 -27.71 -22.57 -12.23
C GLU D 74 -26.68 -21.45 -12.39
N HIS D 75 -25.40 -21.79 -12.46
CA HIS D 75 -24.37 -20.79 -12.70
C HIS D 75 -24.51 -20.19 -14.09
N ALA D 76 -24.78 -21.02 -15.10
CA ALA D 76 -24.91 -20.52 -16.46
C ALA D 76 -26.15 -19.66 -16.63
N ILE D 77 -27.26 -20.05 -16.03
CA ILE D 77 -28.50 -19.29 -16.15
C ILE D 77 -28.34 -17.93 -15.48
N GLU D 78 -27.78 -17.90 -14.27
CA GLU D 78 -27.56 -16.63 -13.58
C GLU D 78 -26.58 -15.75 -14.36
N LEU D 79 -25.51 -16.36 -14.90
CA LEU D 79 -24.52 -15.59 -15.63
C LEU D 79 -25.12 -14.97 -16.88
N THR D 80 -25.78 -15.79 -17.71
CA THR D 80 -26.31 -15.30 -18.97
C THR D 80 -27.48 -14.33 -18.76
N ASN D 81 -28.26 -14.52 -17.70
CA ASN D 81 -29.37 -13.60 -17.42
C ASN D 81 -28.85 -12.23 -16.99
N ARG D 82 -27.78 -12.21 -16.19
CA ARG D 82 -27.25 -10.96 -15.68
C ARG D 82 -26.31 -10.30 -16.67
N THR D 83 -25.50 -11.08 -17.40
CA THR D 83 -24.49 -10.57 -18.30
C THR D 83 -24.97 -10.47 -19.74
N GLY D 84 -25.85 -11.37 -20.17
CA GLY D 84 -26.29 -11.41 -21.56
C GLY D 84 -25.52 -12.36 -22.43
N LYS D 85 -24.47 -12.97 -21.92
CA LYS D 85 -23.63 -13.89 -22.67
C LYS D 85 -22.91 -14.80 -21.68
N HIS D 86 -22.33 -15.87 -22.19
CA HIS D 86 -21.55 -16.79 -21.37
C HIS D 86 -20.06 -16.48 -21.49
N LYS D 87 -19.70 -15.27 -21.11
CA LYS D 87 -18.31 -14.85 -21.03
C LYS D 87 -17.84 -14.99 -19.59
N ASN D 88 -16.81 -15.80 -19.37
CA ASN D 88 -16.28 -16.01 -18.03
C ASN D 88 -15.80 -14.68 -17.45
N GLU D 89 -16.31 -14.35 -16.26
CA GLU D 89 -16.03 -13.05 -15.65
C GLU D 89 -14.66 -12.97 -15.01
N ASP D 90 -13.97 -14.09 -14.83
CA ASP D 90 -12.63 -14.09 -14.25
C ASP D 90 -11.53 -14.27 -15.28
N THR D 91 -11.72 -15.17 -16.25
CA THR D 91 -10.73 -15.39 -17.30
C THR D 91 -11.08 -14.59 -18.56
N GLY D 92 -12.31 -14.72 -19.04
CA GLY D 92 -12.74 -14.09 -20.28
C GLY D 92 -13.08 -15.05 -21.40
N SER D 93 -12.93 -16.36 -21.19
CA SER D 93 -13.20 -17.34 -22.24
C SER D 93 -14.68 -17.60 -22.37
N GLY D 94 -15.06 -18.23 -23.48
CA GLY D 94 -16.45 -18.55 -23.74
C GLY D 94 -16.64 -19.92 -24.35
N GLY D 95 -16.68 -19.97 -25.67
CA GLY D 95 -16.91 -21.21 -26.40
C GLY D 95 -17.70 -20.94 -27.65
N MET D 96 -18.41 -21.97 -28.11
CA MET D 96 -19.25 -21.89 -29.30
C MET D 96 -20.50 -22.71 -29.06
N PHE D 97 -21.45 -22.66 -29.99
CA PHE D 97 -22.72 -23.34 -29.81
C PHE D 97 -23.14 -24.05 -31.10
N ILE D 98 -24.08 -24.97 -30.93
CA ILE D 98 -24.77 -25.64 -32.04
C ILE D 98 -26.24 -25.31 -31.95
N GLY D 99 -26.86 -25.06 -33.10
CA GLY D 99 -28.28 -24.73 -33.08
C GLY D 99 -28.85 -24.74 -34.47
N ARG D 100 -30.13 -24.37 -34.55
CA ARG D 100 -30.86 -24.27 -35.80
C ARG D 100 -31.30 -22.82 -36.01
N VAL D 101 -31.31 -22.39 -37.27
CA VAL D 101 -31.65 -21.02 -37.60
C VAL D 101 -33.13 -20.79 -37.30
N ALA D 102 -33.42 -19.72 -36.56
CA ALA D 102 -34.78 -19.35 -36.21
C ALA D 102 -35.31 -18.17 -37.02
N ALA D 103 -34.49 -17.15 -37.23
CA ALA D 103 -34.90 -15.99 -38.00
C ALA D 103 -33.66 -15.34 -38.62
N ILE D 104 -33.83 -14.82 -39.83
CA ILE D 104 -32.75 -14.15 -40.56
C ILE D 104 -33.22 -12.74 -40.90
N GLY D 105 -32.52 -11.74 -40.36
CA GLY D 105 -32.85 -10.37 -40.70
C GLY D 105 -32.67 -10.10 -42.18
N ASP D 106 -33.45 -9.13 -42.68
CA ASP D 106 -33.44 -8.85 -44.11
C ASP D 106 -32.09 -8.34 -44.57
N LYS D 107 -31.41 -7.56 -43.73
CA LYS D 107 -30.13 -6.97 -44.07
C LYS D 107 -28.95 -7.79 -43.56
N PHE D 108 -29.17 -9.05 -43.20
CA PHE D 108 -28.10 -9.87 -42.66
C PHE D 108 -27.05 -10.15 -43.73
N GLU D 109 -25.78 -9.92 -43.38
CA GLU D 109 -24.66 -10.20 -44.27
C GLU D 109 -24.43 -11.71 -44.28
N MET D 110 -25.05 -12.38 -45.25
CA MET D 110 -24.91 -13.83 -45.34
C MET D 110 -23.51 -14.20 -45.82
N LYS D 111 -22.90 -15.17 -45.14
CA LYS D 111 -21.63 -15.72 -45.57
C LYS D 111 -21.86 -17.06 -46.27
N GLU D 112 -21.98 -18.12 -45.48
CA GLU D 112 -22.46 -19.39 -46.02
C GLU D 112 -23.98 -19.37 -46.10
N GLU D 113 -24.52 -19.83 -47.22
CA GLU D 113 -25.95 -19.76 -47.45
C GLU D 113 -26.70 -20.70 -46.51
N VAL D 114 -27.54 -20.13 -45.65
CA VAL D 114 -28.36 -20.90 -44.72
C VAL D 114 -29.78 -20.37 -44.76
N LYS D 115 -30.72 -21.23 -44.37
CA LYS D 115 -32.12 -20.89 -44.27
C LYS D 115 -32.64 -21.26 -42.89
N VAL D 116 -33.88 -20.86 -42.61
CA VAL D 116 -34.48 -21.18 -41.32
C VAL D 116 -34.63 -22.69 -41.18
N GLY D 117 -34.19 -23.23 -40.06
CA GLY D 117 -34.19 -24.66 -39.83
C GLY D 117 -32.87 -25.34 -40.11
N ASP D 118 -31.92 -24.65 -40.72
CA ASP D 118 -30.61 -25.23 -40.99
C ASP D 118 -29.82 -25.37 -39.69
N LYS D 119 -29.10 -26.49 -39.58
CA LYS D 119 -28.25 -26.75 -38.42
C LYS D 119 -26.89 -26.09 -38.65
N ILE D 120 -26.51 -25.20 -37.73
CA ILE D 120 -25.27 -24.45 -37.87
C ILE D 120 -24.45 -24.57 -36.59
N ALA D 121 -23.15 -24.29 -36.73
CA ALA D 121 -22.22 -24.26 -35.62
C ALA D 121 -21.59 -22.87 -35.56
N SER D 122 -21.56 -22.28 -34.37
CA SER D 122 -20.95 -20.97 -34.20
C SER D 122 -19.44 -21.07 -34.34
N LEU D 123 -18.84 -20.11 -35.03
CA LEU D 123 -17.40 -20.03 -35.17
C LEU D 123 -16.83 -18.78 -34.53
N VAL D 124 -17.64 -18.04 -33.77
CA VAL D 124 -17.19 -16.91 -32.98
C VAL D 124 -17.41 -17.24 -31.51
N SER D 125 -16.61 -16.62 -30.65
CA SER D 125 -16.63 -16.94 -29.23
C SER D 125 -17.97 -16.58 -28.60
N LEU D 126 -18.35 -17.36 -27.58
CA LEU D 126 -19.52 -17.02 -26.78
C LEU D 126 -19.29 -15.76 -25.96
N SER D 127 -18.04 -15.33 -25.81
CA SER D 127 -17.72 -14.10 -25.09
C SER D 127 -18.20 -12.86 -25.81
N LEU D 128 -18.73 -12.99 -27.03
CA LEU D 128 -19.34 -11.87 -27.74
C LEU D 128 -20.76 -12.18 -28.20
N THR D 129 -21.25 -13.40 -27.99
CA THR D 129 -22.55 -13.81 -28.50
C THR D 129 -23.63 -13.56 -27.45
N PRO D 130 -24.59 -12.67 -27.71
CA PRO D 130 -25.73 -12.54 -26.78
C PRO D 130 -26.48 -13.85 -26.69
N LEU D 131 -26.62 -14.36 -25.47
CA LEU D 131 -27.16 -15.69 -25.24
C LEU D 131 -28.23 -15.65 -24.14
N LYS D 132 -29.38 -16.26 -24.41
CA LYS D 132 -30.46 -16.38 -23.45
C LYS D 132 -30.73 -17.85 -23.22
N ILE D 133 -30.53 -18.31 -21.98
CA ILE D 133 -30.72 -19.71 -21.62
C ILE D 133 -32.04 -19.83 -20.85
N ASN D 134 -32.98 -20.60 -21.42
CA ASN D 134 -34.28 -20.79 -20.80
C ASN D 134 -34.39 -22.09 -20.02
N LYS D 135 -33.59 -23.10 -20.35
CA LYS D 135 -33.62 -24.38 -19.65
C LYS D 135 -32.35 -25.15 -19.97
N VAL D 136 -31.74 -25.72 -18.94
CA VAL D 136 -30.54 -26.55 -19.10
C VAL D 136 -30.98 -28.00 -18.96
N LYS D 137 -30.95 -28.73 -20.09
CA LYS D 137 -31.41 -30.11 -20.08
C LYS D 137 -30.41 -31.04 -19.40
N LYS D 138 -29.12 -30.78 -19.57
CA LYS D 138 -28.09 -31.68 -19.07
C LYS D 138 -26.75 -30.95 -19.03
N VAL D 139 -25.96 -31.24 -18.00
CA VAL D 139 -24.59 -30.75 -17.88
C VAL D 139 -23.65 -31.95 -17.97
N LEU D 140 -22.78 -31.95 -18.96
CA LEU D 140 -21.84 -33.04 -19.20
C LEU D 140 -20.45 -32.58 -18.75
N LEU D 141 -20.07 -32.96 -17.53
CA LEU D 141 -18.79 -32.53 -16.98
C LEU D 141 -17.61 -33.09 -17.79
N ASP D 142 -17.77 -34.29 -18.34
CA ASP D 142 -16.70 -34.93 -19.09
C ASP D 142 -16.56 -34.42 -20.52
N LYS D 143 -17.41 -33.46 -20.94
CA LYS D 143 -17.38 -32.95 -22.30
C LYS D 143 -17.41 -31.43 -22.38
N ASP D 144 -17.47 -30.73 -21.24
CA ASP D 144 -17.59 -29.26 -21.21
C ASP D 144 -18.79 -28.79 -22.02
N GLN D 145 -19.88 -29.55 -21.96
CA GLN D 145 -21.05 -29.29 -22.78
C GLN D 145 -22.26 -28.97 -21.90
N MET D 146 -23.29 -28.41 -22.54
CA MET D 146 -24.53 -28.08 -21.84
C MET D 146 -25.66 -28.15 -22.88
N GLU D 147 -26.34 -29.30 -22.94
CA GLU D 147 -27.54 -29.41 -23.74
C GLU D 147 -28.61 -28.50 -23.13
N ILE D 148 -29.03 -27.47 -23.89
CA ILE D 148 -29.86 -26.42 -23.36
C ILE D 148 -31.00 -26.13 -24.33
N GLU D 149 -31.95 -25.33 -23.85
CA GLU D 149 -32.97 -24.71 -24.68
C GLU D 149 -32.78 -23.20 -24.56
N GLY D 150 -32.38 -22.55 -25.65
CA GLY D 150 -32.14 -21.13 -25.60
C GLY D 150 -31.92 -20.58 -26.98
N GLN D 151 -31.63 -19.28 -27.04
CA GLN D 151 -31.44 -18.58 -28.29
C GLN D 151 -30.22 -17.68 -28.21
N ALA D 152 -29.59 -17.44 -29.36
CA ALA D 152 -28.41 -16.61 -29.44
C ALA D 152 -28.48 -15.76 -30.69
N ILE D 153 -27.67 -14.70 -30.72
CA ILE D 153 -27.64 -13.73 -31.80
C ILE D 153 -26.28 -13.80 -32.49
N LEU D 154 -26.31 -13.92 -33.82
CA LEU D 154 -25.11 -13.83 -34.64
C LEU D 154 -25.15 -12.49 -35.38
N PHE D 155 -24.17 -11.63 -35.11
CA PHE D 155 -24.08 -10.37 -35.82
C PHE D 155 -23.65 -10.61 -37.28
N SER D 156 -23.83 -9.58 -38.09
CA SER D 156 -23.45 -9.69 -39.50
C SER D 156 -21.96 -9.90 -39.67
N SER D 157 -21.15 -9.44 -38.72
CA SER D 157 -19.71 -9.67 -38.75
C SER D 157 -19.31 -11.03 -38.21
N GLY D 158 -20.26 -11.77 -37.62
CA GLY D 158 -19.93 -13.07 -37.07
C GLY D 158 -19.63 -14.11 -38.14
N VAL D 159 -19.11 -15.25 -37.68
CA VAL D 159 -18.77 -16.37 -38.54
C VAL D 159 -19.54 -17.59 -38.07
N TYR D 160 -20.10 -18.33 -39.03
CA TYR D 160 -20.85 -19.54 -38.74
C TYR D 160 -20.58 -20.56 -39.84
N ALA D 161 -20.99 -21.80 -39.59
CA ALA D 161 -20.82 -22.88 -40.55
C ALA D 161 -22.05 -23.77 -40.53
N LYS D 162 -22.60 -24.04 -41.71
CA LYS D 162 -23.76 -24.93 -41.83
C LYS D 162 -23.29 -26.37 -41.73
N LEU D 163 -23.86 -27.12 -40.79
CA LEU D 163 -23.46 -28.52 -40.61
C LEU D 163 -24.14 -29.38 -41.67
N PRO D 164 -23.38 -30.15 -42.44
CA PRO D 164 -23.94 -30.79 -43.64
C PRO D 164 -24.70 -32.07 -43.34
N ASP D 165 -25.50 -32.48 -44.33
CA ASP D 165 -26.27 -33.72 -44.23
C ASP D 165 -25.37 -34.95 -44.29
N ASP D 166 -24.36 -34.93 -45.15
CA ASP D 166 -23.56 -36.11 -45.49
C ASP D 166 -22.37 -36.30 -44.55
N LEU D 167 -22.33 -35.60 -43.43
CA LEU D 167 -21.23 -35.72 -42.49
C LEU D 167 -21.79 -35.76 -41.07
N ASP D 168 -21.14 -36.55 -40.23
CA ASP D 168 -21.53 -36.69 -38.83
C ASP D 168 -21.10 -35.46 -38.03
N GLU D 169 -21.86 -35.17 -36.97
CA GLU D 169 -21.69 -33.92 -36.25
C GLU D 169 -20.29 -33.78 -35.68
N ASN D 170 -19.89 -34.71 -34.80
CA ASN D 170 -18.55 -34.67 -34.22
C ASN D 170 -17.47 -34.68 -35.30
N LEU D 171 -17.75 -35.33 -36.43
CA LEU D 171 -16.83 -35.30 -37.56
C LEU D 171 -16.72 -33.90 -38.15
N ALA D 172 -17.87 -33.26 -38.41
CA ALA D 172 -17.87 -31.98 -39.12
C ALA D 172 -17.20 -30.89 -38.30
N LEU D 173 -17.42 -30.87 -36.98
CA LEU D 173 -16.80 -29.84 -36.15
C LEU D 173 -15.30 -30.04 -36.03
N SER D 174 -14.80 -31.27 -36.20
CA SER D 174 -13.36 -31.48 -36.27
C SER D 174 -12.76 -30.77 -37.48
N VAL D 175 -13.53 -30.64 -38.56
CA VAL D 175 -13.05 -29.91 -39.73
C VAL D 175 -13.06 -28.41 -39.48
N LEU D 176 -14.04 -27.92 -38.70
CA LEU D 176 -14.16 -26.49 -38.46
C LEU D 176 -13.06 -25.93 -37.59
N ASP D 177 -12.44 -26.77 -36.75
CA ASP D 177 -11.35 -26.29 -35.90
C ASP D 177 -10.09 -25.97 -36.70
N VAL D 178 -9.96 -26.51 -37.90
CA VAL D 178 -8.77 -26.30 -38.72
C VAL D 178 -9.17 -25.91 -40.13
N ALA D 179 -10.42 -25.46 -40.30
CA ALA D 179 -10.92 -25.13 -41.62
C ALA D 179 -10.18 -23.94 -42.23
N GLY D 180 -9.66 -23.04 -41.39
CA GLY D 180 -8.94 -21.89 -41.92
C GLY D 180 -7.60 -22.22 -42.54
N ALA D 181 -7.01 -23.36 -42.15
CA ALA D 181 -5.67 -23.69 -42.66
C ALA D 181 -5.69 -23.99 -44.16
N PRO D 182 -6.54 -24.89 -44.69
CA PRO D 182 -6.50 -25.14 -46.14
C PRO D 182 -6.97 -23.96 -46.97
N ALA D 183 -7.87 -23.13 -46.44
CA ALA D 183 -8.38 -22.00 -47.22
C ALA D 183 -7.29 -20.95 -47.44
N GLN D 184 -6.43 -20.73 -46.45
CA GLN D 184 -5.35 -19.76 -46.58
C GLN D 184 -4.10 -20.36 -47.23
N VAL D 185 -3.91 -21.68 -47.09
CA VAL D 185 -2.74 -22.31 -47.70
C VAL D 185 -2.88 -22.34 -49.22
N GLU D 186 -4.08 -22.61 -49.72
CA GLU D 186 -4.31 -22.63 -51.17
C GLU D 186 -4.12 -21.26 -51.82
N ARG D 187 -4.04 -20.19 -51.03
CA ARG D 187 -3.75 -18.88 -51.60
C ARG D 187 -2.25 -18.64 -51.73
N LEU D 188 -1.45 -19.28 -50.88
CA LEU D 188 -0.02 -18.99 -50.80
C LEU D 188 0.82 -19.81 -51.76
N VAL D 189 0.38 -21.00 -52.13
CA VAL D 189 1.19 -21.94 -52.90
C VAL D 189 0.86 -21.79 -54.37
N LYS D 190 1.87 -21.51 -55.18
CA LYS D 190 1.78 -21.39 -56.62
C LYS D 190 2.26 -22.68 -57.28
N PRO D 191 1.95 -22.88 -58.56
CA PRO D 191 2.48 -24.07 -59.26
C PRO D 191 3.99 -24.08 -59.25
N ASP D 192 4.55 -25.29 -59.13
CA ASP D 192 5.99 -25.58 -59.07
C ASP D 192 6.63 -25.14 -57.76
N ASP D 193 5.84 -24.76 -56.76
CA ASP D 193 6.39 -24.30 -55.50
C ASP D 193 6.97 -25.46 -54.69
N THR D 194 8.00 -25.14 -53.90
CA THR D 194 8.52 -26.04 -52.88
C THR D 194 7.88 -25.67 -51.55
N VAL D 195 7.12 -26.59 -50.97
CA VAL D 195 6.35 -26.33 -49.75
C VAL D 195 6.89 -27.22 -48.65
N VAL D 196 7.13 -26.64 -47.48
CA VAL D 196 7.55 -27.36 -46.29
C VAL D 196 6.47 -27.18 -45.23
N ILE D 197 5.92 -28.30 -44.76
CA ILE D 197 4.86 -28.31 -43.76
C ILE D 197 5.44 -28.92 -42.49
N ILE D 198 5.55 -28.11 -41.45
CA ILE D 198 6.08 -28.56 -40.16
C ILE D 198 4.89 -29.03 -39.32
N GLY D 199 4.79 -30.33 -39.08
CA GLY D 199 3.64 -30.92 -38.43
C GLY D 199 2.70 -31.54 -39.43
N ALA D 200 3.26 -32.24 -40.42
CA ALA D 200 2.50 -32.76 -41.54
C ALA D 200 1.59 -33.93 -41.17
N ASN D 201 1.77 -34.52 -39.99
CA ASN D 201 0.92 -35.62 -39.55
C ASN D 201 -0.26 -35.15 -38.69
N GLY D 202 -0.27 -33.87 -38.31
CA GLY D 202 -1.29 -33.37 -37.42
C GLY D 202 -2.65 -33.23 -38.08
N LYS D 203 -3.59 -32.69 -37.29
CA LYS D 203 -4.96 -32.50 -37.76
C LYS D 203 -5.01 -31.58 -38.97
N SER D 204 -4.55 -30.34 -38.80
CA SER D 204 -4.46 -29.42 -39.92
C SER D 204 -3.31 -29.76 -40.85
N GLY D 205 -2.35 -30.56 -40.39
CA GLY D 205 -1.19 -30.86 -41.21
C GLY D 205 -1.55 -31.67 -42.44
N ILE D 206 -2.36 -32.72 -42.27
CA ILE D 206 -2.72 -33.56 -43.40
C ILE D 206 -3.60 -32.81 -44.39
N LEU D 207 -4.40 -31.86 -43.91
CA LEU D 207 -5.15 -31.00 -44.83
C LEU D 207 -4.21 -30.10 -45.62
N CYS D 208 -3.21 -29.52 -44.95
CA CYS D 208 -2.24 -28.68 -45.65
C CYS D 208 -1.40 -29.50 -46.62
N ASN D 209 -1.12 -30.76 -46.29
CA ASN D 209 -0.37 -31.62 -47.19
C ASN D 209 -1.10 -31.77 -48.53
N ALA D 210 -2.40 -32.05 -48.48
CA ALA D 210 -3.15 -32.33 -49.70
C ALA D 210 -3.31 -31.08 -50.55
N VAL D 211 -3.71 -29.97 -49.92
CA VAL D 211 -3.94 -28.74 -50.68
C VAL D 211 -2.64 -28.20 -51.24
N ALA D 212 -1.54 -28.33 -50.50
CA ALA D 212 -0.25 -27.88 -51.00
C ALA D 212 0.15 -28.64 -52.26
N LYS D 213 -0.12 -29.95 -52.29
CA LYS D 213 0.31 -30.76 -53.43
C LYS D 213 -0.51 -30.42 -54.68
N GLU D 214 -1.82 -30.23 -54.53
CA GLU D 214 -2.64 -29.89 -55.69
C GLU D 214 -2.41 -28.46 -56.15
N ARG D 215 -1.93 -27.58 -55.27
CA ARG D 215 -1.58 -26.23 -55.70
C ARG D 215 -0.17 -26.17 -56.25
N ALA D 216 0.77 -26.89 -55.64
CA ALA D 216 2.14 -26.91 -56.16
C ALA D 216 2.22 -27.69 -57.46
N GLY D 217 1.44 -28.75 -57.60
CA GLY D 217 1.35 -29.46 -58.87
C GLY D 217 2.32 -30.62 -58.99
N ILE D 218 2.29 -31.22 -60.17
CA ILE D 218 3.09 -32.41 -60.45
C ILE D 218 4.58 -32.10 -60.38
N CYS D 219 4.97 -30.87 -60.74
CA CYS D 219 6.37 -30.47 -60.74
C CYS D 219 6.72 -29.60 -59.54
N GLY D 220 5.83 -29.53 -58.53
CA GLY D 220 6.18 -28.95 -57.26
C GLY D 220 6.70 -30.00 -56.30
N LYS D 221 7.13 -29.55 -55.13
CA LYS D 221 7.73 -30.43 -54.12
C LYS D 221 7.14 -30.10 -52.76
N VAL D 222 6.35 -31.01 -52.22
CA VAL D 222 5.78 -30.88 -50.88
C VAL D 222 6.61 -31.71 -49.92
N ILE D 223 7.14 -31.07 -48.89
CA ILE D 223 8.04 -31.71 -47.94
C ILE D 223 7.43 -31.63 -46.54
N GLY D 224 7.19 -32.78 -45.94
CA GLY D 224 6.68 -32.84 -44.59
C GLY D 224 7.78 -32.98 -43.56
N VAL D 225 7.50 -32.50 -42.35
CA VAL D 225 8.43 -32.59 -41.23
C VAL D 225 7.69 -33.17 -40.04
N VAL D 226 8.15 -34.34 -39.57
CA VAL D 226 7.54 -35.02 -38.43
C VAL D 226 8.64 -35.55 -37.52
N ARG D 227 8.28 -35.80 -36.26
CA ARG D 227 9.24 -36.34 -35.31
C ARG D 227 9.36 -37.85 -35.42
N ASN D 228 8.25 -38.55 -35.64
CA ASN D 228 8.20 -40.00 -35.57
C ASN D 228 8.28 -40.58 -36.98
N GLU D 229 9.16 -41.57 -37.15
CA GLU D 229 9.27 -42.25 -38.44
C GLU D 229 8.04 -43.07 -38.78
N ASN D 230 7.21 -43.39 -37.78
CA ASN D 230 5.96 -44.10 -38.04
C ASN D 230 4.96 -43.23 -38.77
N TYR D 231 5.14 -41.91 -38.75
CA TYR D 231 4.20 -40.98 -39.39
C TYR D 231 4.43 -40.84 -40.89
N ILE D 232 5.51 -41.43 -41.43
CA ILE D 232 5.85 -41.22 -42.84
C ILE D 232 4.73 -41.66 -43.79
N PRO D 233 4.16 -42.87 -43.66
CA PRO D 233 3.14 -43.28 -44.64
C PRO D 233 1.95 -42.34 -44.73
N THR D 234 1.50 -41.80 -43.59
CA THR D 234 0.36 -40.89 -43.61
C THR D 234 0.71 -39.59 -44.33
N CYS D 235 1.93 -39.10 -44.14
CA CYS D 235 2.33 -37.84 -44.75
C CYS D 235 2.41 -37.96 -46.27
N LYS D 236 3.05 -39.04 -46.76
CA LYS D 236 3.16 -39.23 -48.20
C LYS D 236 1.81 -39.56 -48.83
N ALA D 237 0.95 -40.28 -48.12
CA ALA D 237 -0.37 -40.60 -48.65
C ALA D 237 -1.27 -39.38 -48.74
N THR D 238 -0.99 -38.33 -47.97
CA THR D 238 -1.80 -37.12 -47.97
C THR D 238 -1.20 -36.00 -48.78
N GLY D 239 -0.13 -36.25 -49.53
CA GLY D 239 0.37 -35.25 -50.47
C GLY D 239 1.86 -34.97 -50.43
N CYS D 240 2.55 -35.40 -49.39
CA CYS D 240 3.97 -35.10 -49.25
C CYS D 240 4.80 -35.91 -50.25
N ASP D 241 5.68 -35.23 -50.99
CA ASP D 241 6.61 -35.93 -51.86
C ASP D 241 7.82 -36.43 -51.08
N GLU D 242 8.24 -35.67 -50.08
CA GLU D 242 9.33 -36.05 -49.20
C GLU D 242 8.92 -35.80 -47.76
N VAL D 243 9.55 -36.52 -46.83
CA VAL D 243 9.29 -36.38 -45.41
C VAL D 243 10.63 -36.29 -44.68
N ILE D 244 10.76 -35.28 -43.82
CA ILE D 244 11.98 -35.07 -43.03
C ILE D 244 11.72 -35.52 -41.60
N LEU D 245 12.68 -36.23 -41.03
CA LEU D 245 12.61 -36.71 -39.65
C LEU D 245 13.39 -35.75 -38.76
N ALA D 246 12.68 -34.98 -37.94
CA ALA D 246 13.30 -34.03 -37.04
C ALA D 246 12.26 -33.51 -36.06
N GLN D 247 12.73 -33.09 -34.89
CA GLN D 247 11.87 -32.37 -33.96
C GLN D 247 11.58 -30.98 -34.53
N ALA D 248 10.34 -30.52 -34.34
CA ALA D 248 9.92 -29.25 -34.91
C ALA D 248 10.75 -28.08 -34.40
N THR D 249 11.40 -28.22 -33.25
CA THR D 249 12.27 -27.19 -32.69
C THR D 249 13.71 -27.31 -33.17
N ASP D 250 14.05 -28.36 -33.91
CA ASP D 250 15.41 -28.59 -34.39
C ASP D 250 15.62 -27.77 -35.66
N ALA D 251 16.07 -26.53 -35.48
CA ALA D 251 16.21 -25.63 -36.62
C ALA D 251 17.32 -26.07 -37.57
N ILE D 252 18.43 -26.57 -37.03
CA ILE D 252 19.58 -26.89 -37.87
C ILE D 252 19.30 -28.11 -38.74
N THR D 253 18.74 -29.16 -38.14
CA THR D 253 18.44 -30.37 -38.90
C THR D 253 17.41 -30.09 -39.99
N ILE D 254 16.35 -29.34 -39.66
CA ILE D 254 15.34 -29.00 -40.66
C ILE D 254 15.97 -28.19 -41.79
N GLN D 255 16.83 -27.23 -41.45
CA GLN D 255 17.49 -26.42 -42.47
C GLN D 255 18.37 -27.29 -43.37
N LYS D 256 19.19 -28.15 -42.76
CA LYS D 256 20.09 -28.98 -43.55
C LYS D 256 19.33 -30.03 -44.37
N GLU D 257 18.21 -30.53 -43.84
CA GLU D 257 17.44 -31.54 -44.57
C GLU D 257 16.61 -30.92 -45.68
N VAL D 258 16.05 -29.72 -45.45
CA VAL D 258 15.37 -29.01 -46.52
C VAL D 258 16.35 -28.64 -47.62
N SER D 259 17.55 -28.20 -47.23
CA SER D 259 18.57 -27.87 -48.23
C SER D 259 18.97 -29.09 -49.05
N ARG D 260 19.15 -30.24 -48.39
CA ARG D 260 19.53 -31.44 -49.11
C ARG D 260 18.48 -31.86 -50.13
N LEU D 261 17.20 -31.76 -49.76
CA LEU D 261 16.12 -32.17 -50.64
C LEU D 261 15.81 -31.15 -51.73
N THR D 262 16.35 -29.93 -51.64
CA THR D 262 16.07 -28.89 -52.62
C THR D 262 17.32 -28.33 -53.27
N ASN D 263 18.48 -28.97 -53.08
CA ASN D 263 19.74 -28.50 -53.65
C ASN D 263 20.09 -27.09 -53.17
N GLY D 264 19.77 -26.81 -51.90
CA GLY D 264 20.06 -25.52 -51.32
C GLY D 264 19.13 -24.40 -51.72
N LYS D 265 18.12 -24.68 -52.55
CA LYS D 265 17.18 -23.64 -52.96
C LYS D 265 16.13 -23.34 -51.88
N MET D 266 15.95 -24.25 -50.92
CA MET D 266 15.00 -24.09 -49.81
C MET D 266 13.57 -23.94 -50.31
N ALA D 267 12.66 -23.60 -49.40
CA ALA D 267 11.22 -23.66 -49.67
C ALA D 267 10.66 -22.29 -50.03
N ASP D 268 9.71 -22.29 -50.98
CA ASP D 268 9.00 -21.06 -51.30
C ASP D 268 8.00 -20.70 -50.22
N VAL D 269 7.30 -21.70 -49.68
CA VAL D 269 6.28 -21.51 -48.65
C VAL D 269 6.55 -22.48 -47.51
N VAL D 270 6.59 -21.96 -46.29
CA VAL D 270 6.73 -22.77 -45.08
C VAL D 270 5.44 -22.64 -44.28
N ILE D 271 4.83 -23.79 -43.96
CA ILE D 271 3.57 -23.84 -43.23
C ILE D 271 3.85 -24.42 -41.86
N ASN D 272 3.52 -23.65 -40.83
CA ASN D 272 3.70 -24.08 -39.43
C ASN D 272 2.32 -24.42 -38.86
N VAL D 273 2.07 -25.71 -38.67
CA VAL D 273 0.82 -26.19 -38.10
C VAL D 273 1.13 -27.16 -36.98
N VAL D 274 2.26 -26.95 -36.29
CA VAL D 274 2.71 -27.89 -35.28
C VAL D 274 2.20 -27.57 -33.88
N ASN D 275 1.83 -26.32 -33.62
CA ASN D 275 1.41 -25.86 -32.29
C ASN D 275 2.40 -26.29 -31.21
N THR D 276 3.66 -25.96 -31.45
CA THR D 276 4.73 -26.22 -30.50
C THR D 276 5.55 -24.95 -30.32
N GLU D 277 5.91 -24.65 -29.08
CA GLU D 277 6.66 -23.44 -28.80
C GLU D 277 8.06 -23.52 -29.37
N ASP D 278 8.62 -22.35 -29.71
CA ASP D 278 10.00 -22.22 -30.19
C ASP D 278 10.20 -22.95 -31.52
N THR D 279 9.21 -22.85 -32.41
CA THR D 279 9.33 -23.36 -33.77
C THR D 279 9.33 -22.25 -34.81
N GLU D 280 9.37 -20.99 -34.37
CA GLU D 280 9.41 -19.87 -35.32
C GLU D 280 10.72 -19.85 -36.08
N LEU D 281 11.84 -19.97 -35.36
CA LEU D 281 13.14 -19.96 -36.02
C LEU D 281 13.35 -21.14 -36.96
N PRO D 282 12.97 -22.39 -36.63
CA PRO D 282 13.06 -23.45 -37.65
C PRO D 282 12.21 -23.19 -38.87
N SER D 283 11.03 -22.57 -38.70
CA SER D 283 10.19 -22.25 -39.86
C SER D 283 10.84 -21.19 -40.73
N ILE D 284 11.43 -20.17 -40.10
CA ILE D 284 12.07 -19.09 -40.86
C ILE D 284 13.26 -19.63 -41.63
N MET D 285 14.08 -20.46 -40.99
CA MET D 285 15.31 -20.96 -41.60
C MET D 285 15.07 -21.97 -42.71
N ALA D 286 13.83 -22.46 -42.86
CA ALA D 286 13.51 -23.41 -43.92
C ALA D 286 13.10 -22.73 -45.22
N ALA D 287 12.80 -21.43 -45.20
CA ALA D 287 12.30 -20.74 -46.37
C ALA D 287 13.45 -20.17 -47.20
N LYS D 288 13.19 -20.02 -48.49
CA LYS D 288 14.11 -19.35 -49.40
C LYS D 288 14.15 -17.86 -49.10
N ASP D 289 15.02 -17.15 -49.82
CA ASP D 289 15.01 -15.69 -49.76
C ASP D 289 13.71 -15.16 -50.36
N ARG D 290 13.06 -14.27 -49.63
CA ARG D 290 11.77 -13.67 -50.00
C ARG D 290 10.64 -14.70 -50.04
N GLY D 291 10.79 -15.82 -49.34
CA GLY D 291 9.74 -16.81 -49.24
C GLY D 291 8.69 -16.44 -48.20
N MET D 292 7.67 -17.29 -48.12
CA MET D 292 6.53 -17.06 -47.23
C MET D 292 6.54 -18.07 -46.10
N VAL D 293 6.38 -17.57 -44.87
CA VAL D 293 6.27 -18.40 -43.68
C VAL D 293 4.90 -18.19 -43.08
N TYR D 294 4.11 -19.25 -42.99
CA TYR D 294 2.71 -19.19 -42.56
C TYR D 294 2.60 -19.82 -41.18
N PHE D 295 2.31 -19.00 -40.17
CA PHE D 295 2.20 -19.45 -38.78
C PHE D 295 0.73 -19.62 -38.44
N PHE D 296 0.24 -20.86 -38.49
CA PHE D 296 -1.15 -21.15 -38.17
C PHE D 296 -1.40 -21.39 -36.70
N SER D 297 -0.37 -21.68 -35.91
CA SER D 297 -0.53 -22.19 -34.57
C SER D 297 -0.55 -21.05 -33.54
N MET D 298 -1.37 -21.22 -32.50
CA MET D 298 -1.47 -20.25 -31.43
C MET D 298 -0.25 -20.24 -30.52
N ALA D 299 0.66 -21.21 -30.65
CA ALA D 299 1.89 -21.21 -29.90
C ALA D 299 2.94 -20.27 -30.47
N THR D 300 2.64 -19.60 -31.59
CA THR D 300 3.60 -18.70 -32.21
C THR D 300 3.80 -17.45 -31.37
N SER D 301 5.05 -17.09 -31.13
CA SER D 301 5.39 -15.85 -30.46
C SER D 301 5.67 -14.79 -31.52
N PHE D 302 4.93 -13.68 -31.48
CA PHE D 302 5.18 -12.58 -32.39
C PHE D 302 6.61 -12.05 -32.24
N THR D 303 7.12 -12.02 -31.01
CA THR D 303 8.43 -11.47 -30.74
C THR D 303 9.53 -12.34 -31.32
N LYS D 304 9.53 -13.64 -30.96
CA LYS D 304 10.59 -14.53 -31.44
C LYS D 304 10.56 -14.68 -32.96
N ALA D 305 9.37 -14.60 -33.56
CA ALA D 305 9.29 -14.65 -35.01
C ALA D 305 9.87 -13.40 -35.64
N ALA D 306 9.55 -12.22 -35.09
CA ALA D 306 10.05 -10.98 -35.65
C ALA D 306 11.54 -10.81 -35.40
N LEU D 307 11.96 -10.90 -34.14
CA LEU D 307 13.39 -10.77 -33.82
C LEU D 307 14.20 -11.94 -34.33
N GLY D 308 13.58 -13.11 -34.53
CA GLY D 308 14.32 -14.26 -35.05
C GLY D 308 14.79 -14.03 -36.48
N ALA D 309 13.89 -13.55 -37.33
CA ALA D 309 14.27 -13.26 -38.71
C ALA D 309 15.30 -12.14 -38.79
N GLU D 310 15.25 -11.20 -37.84
CA GLU D 310 16.23 -10.11 -37.83
C GLU D 310 17.62 -10.62 -37.51
N GLY D 311 17.73 -11.46 -36.47
CA GLY D 311 19.05 -11.89 -36.00
C GLY D 311 19.82 -12.71 -37.01
N ILE D 312 19.12 -13.39 -37.92
CA ILE D 312 19.75 -14.20 -38.95
C ILE D 312 19.56 -13.62 -40.33
N GLY D 313 19.06 -12.39 -40.43
CA GLY D 313 18.94 -11.70 -41.70
C GLY D 313 18.14 -12.43 -42.75
N ALA D 314 16.97 -12.93 -42.38
CA ALA D 314 16.09 -13.64 -43.30
C ALA D 314 15.02 -12.67 -43.79
N ASP D 315 15.17 -12.21 -45.03
CA ASP D 315 14.18 -11.36 -45.67
C ASP D 315 13.03 -12.25 -46.13
N VAL D 316 12.15 -12.58 -45.19
CA VAL D 316 11.02 -13.46 -45.44
C VAL D 316 9.74 -12.76 -45.01
N ASP D 317 8.65 -13.14 -45.67
CA ASP D 317 7.32 -12.70 -45.27
C ASP D 317 6.75 -13.70 -44.27
N MET D 318 6.28 -13.20 -43.13
CA MET D 318 5.73 -14.04 -42.07
C MET D 318 4.29 -13.61 -41.81
N MET D 319 3.36 -14.55 -41.98
CA MET D 319 1.93 -14.26 -41.87
C MET D 319 1.37 -14.83 -40.59
N ILE D 320 0.50 -14.06 -39.94
CA ILE D 320 -0.26 -14.54 -38.78
C ILE D 320 -1.42 -15.37 -39.32
N GLY D 321 -1.31 -16.69 -39.21
CA GLY D 321 -2.36 -17.57 -39.68
C GLY D 321 -3.68 -17.34 -38.98
N ASN D 322 -4.73 -17.15 -39.75
CA ASN D 322 -6.07 -16.88 -39.24
C ASN D 322 -6.90 -18.16 -39.20
N GLY D 323 -7.92 -18.14 -38.36
CA GLY D 323 -8.89 -19.22 -38.32
C GLY D 323 -10.09 -19.04 -39.21
N TYR D 324 -10.23 -17.87 -39.84
CA TYR D 324 -11.35 -17.57 -40.71
C TYR D 324 -10.86 -17.08 -42.06
N ALA D 325 -11.51 -17.56 -43.11
CA ALA D 325 -11.33 -17.04 -44.46
C ALA D 325 -12.64 -17.21 -45.21
N HIS D 326 -12.73 -16.60 -46.39
CA HIS D 326 -13.93 -16.74 -47.20
C HIS D 326 -14.18 -18.20 -47.52
N HIS D 327 -15.42 -18.66 -47.25
CA HIS D 327 -15.86 -20.01 -47.60
C HIS D 327 -14.96 -21.09 -47.03
N HIS D 328 -14.27 -20.79 -45.91
CA HIS D 328 -13.26 -21.71 -45.40
C HIS D 328 -13.88 -23.03 -44.98
N SER D 329 -15.10 -23.01 -44.43
CA SER D 329 -15.75 -24.26 -44.04
C SER D 329 -16.18 -25.07 -45.27
N GLU D 330 -16.76 -24.39 -46.27
CA GLU D 330 -17.15 -25.09 -47.48
C GLU D 330 -15.94 -25.64 -48.23
N ILE D 331 -14.83 -24.90 -48.20
CA ILE D 331 -13.62 -25.36 -48.88
C ILE D 331 -13.04 -26.58 -48.17
N ALA D 332 -13.01 -26.55 -46.84
CA ALA D 332 -12.43 -27.66 -46.09
C ALA D 332 -13.28 -28.92 -46.21
N LEU D 333 -14.60 -28.78 -46.12
CA LEU D 333 -15.48 -29.94 -46.30
C LEU D 333 -15.37 -30.50 -47.71
N ASP D 334 -15.31 -29.62 -48.71
CA ASP D 334 -15.14 -30.07 -50.09
C ASP D 334 -13.83 -30.80 -50.28
N LEU D 335 -12.79 -30.43 -49.53
CA LEU D 335 -11.51 -31.12 -49.63
C LEU D 335 -11.63 -32.57 -49.14
N LEU D 336 -12.44 -32.80 -48.10
CA LEU D 336 -12.59 -34.17 -47.60
C LEU D 336 -13.42 -35.01 -48.55
N ARG D 337 -14.42 -34.41 -49.20
CA ARG D 337 -15.25 -35.17 -50.14
C ARG D 337 -14.47 -35.55 -51.40
N ARG D 338 -13.50 -34.71 -51.80
CA ARG D 338 -12.73 -35.01 -53.00
C ARG D 338 -11.61 -36.00 -52.74
N ASN D 339 -11.08 -36.03 -51.51
CA ASN D 339 -9.96 -36.90 -51.16
C ASN D 339 -10.47 -37.95 -50.19
N SER D 340 -10.66 -39.18 -50.68
CA SER D 340 -11.14 -40.26 -49.83
C SER D 340 -10.11 -40.66 -48.79
N VAL D 341 -8.81 -40.56 -49.12
CA VAL D 341 -7.77 -40.88 -48.15
C VAL D 341 -7.84 -39.90 -46.98
N LEU D 342 -8.07 -38.62 -47.26
CA LEU D 342 -8.20 -37.64 -46.19
C LEU D 342 -9.46 -37.90 -45.37
N MET D 343 -10.57 -38.19 -46.04
CA MET D 343 -11.82 -38.45 -45.33
C MET D 343 -11.70 -39.71 -44.46
N LYS D 344 -10.97 -40.72 -44.94
CA LYS D 344 -10.79 -41.93 -44.16
C LYS D 344 -10.00 -41.66 -42.89
N ILE D 345 -8.96 -40.83 -42.98
CA ILE D 345 -8.15 -40.52 -41.82
C ILE D 345 -8.93 -39.68 -40.82
N PHE D 346 -9.70 -38.70 -41.31
CA PHE D 346 -10.47 -37.86 -40.40
C PHE D 346 -11.55 -38.65 -39.69
N LYS D 347 -12.18 -39.60 -40.39
CA LYS D 347 -13.16 -40.46 -39.75
C LYS D 347 -12.51 -41.34 -38.69
N GLU D 348 -11.27 -41.76 -38.94
CA GLU D 348 -10.60 -42.72 -38.05
C GLU D 348 -10.06 -42.03 -36.80
N ARG D 349 -9.55 -40.81 -36.92
CA ARG D 349 -8.93 -40.12 -35.79
C ARG D 349 -9.86 -39.12 -35.11
N TYR D 350 -10.79 -38.53 -35.83
CA TYR D 350 -11.68 -37.51 -35.26
C TYR D 350 -13.14 -37.80 -35.60
N MET E 1 42.80 -19.04 -40.12
CA MET E 1 41.39 -19.28 -40.39
C MET E 1 41.02 -20.73 -40.11
N LYS E 2 39.73 -21.01 -40.11
CA LYS E 2 39.22 -22.34 -39.81
C LYS E 2 37.98 -22.59 -40.66
N SER E 3 37.84 -23.83 -41.14
CA SER E 3 36.95 -24.13 -42.26
C SER E 3 35.56 -24.55 -41.81
N ASN E 4 34.64 -24.53 -42.79
CA ASN E 4 33.27 -25.03 -42.65
C ASN E 4 32.55 -24.39 -41.48
N GLY E 5 32.44 -23.06 -41.54
CA GLY E 5 31.70 -22.33 -40.53
C GLY E 5 30.21 -22.30 -40.84
N CYS E 6 29.41 -22.51 -39.80
CA CYS E 6 27.96 -22.45 -39.93
C CYS E 6 27.52 -20.98 -40.04
N ARG E 7 26.81 -20.66 -41.12
CA ARG E 7 26.37 -19.28 -41.33
C ARG E 7 25.47 -18.78 -40.20
N TYR E 8 24.83 -19.69 -39.47
CA TYR E 8 24.03 -19.33 -38.31
C TYR E 8 24.83 -19.34 -37.01
N GLY E 9 26.08 -19.77 -37.04
CA GLY E 9 26.95 -19.64 -35.89
C GLY E 9 26.86 -20.75 -34.88
N THR E 10 26.40 -21.94 -35.27
CA THR E 10 26.28 -23.03 -34.32
C THR E 10 27.63 -23.57 -33.87
N HIS E 11 28.68 -23.36 -34.68
CA HIS E 11 30.00 -23.90 -34.39
C HIS E 11 30.66 -23.27 -33.16
N ARG E 12 30.12 -22.17 -32.64
CA ARG E 12 30.67 -21.50 -31.47
C ARG E 12 29.75 -21.58 -30.26
N VAL E 13 28.73 -22.44 -30.29
CA VAL E 13 27.80 -22.59 -29.18
C VAL E 13 28.38 -23.59 -28.19
N ILE E 14 28.58 -23.15 -26.95
CA ILE E 14 29.21 -23.96 -25.91
C ILE E 14 28.18 -24.67 -25.04
N GLU E 15 27.18 -23.94 -24.56
CA GLU E 15 26.17 -24.54 -23.69
C GLU E 15 24.80 -23.90 -23.90
N PRO E 16 23.75 -24.69 -24.20
CA PRO E 16 23.85 -26.14 -24.42
C PRO E 16 24.31 -26.47 -25.83
N LYS E 17 24.94 -27.64 -25.99
CA LYS E 17 25.50 -28.05 -27.28
C LYS E 17 24.39 -28.61 -28.15
N GLY E 18 23.89 -27.77 -29.07
CA GLY E 18 22.83 -28.17 -29.97
C GLY E 18 21.80 -27.08 -30.18
N VAL E 19 22.14 -25.86 -29.75
CA VAL E 19 21.23 -24.73 -29.73
C VAL E 19 21.88 -23.58 -30.48
N LEU E 20 21.04 -22.70 -31.04
CA LEU E 20 21.53 -21.57 -31.80
C LEU E 20 22.12 -20.50 -30.88
N PRO E 21 22.94 -19.58 -31.41
CA PRO E 21 23.67 -18.65 -30.53
C PRO E 21 22.77 -17.74 -29.69
N GLN E 22 21.66 -17.25 -30.24
CA GLN E 22 20.85 -16.30 -29.48
C GLN E 22 20.23 -16.91 -28.23
N PRO E 23 19.54 -18.06 -28.28
CA PRO E 23 19.02 -18.65 -27.04
C PRO E 23 20.07 -19.38 -26.21
N ALA E 24 21.28 -19.60 -26.74
CA ALA E 24 22.31 -20.28 -25.98
C ALA E 24 22.72 -19.46 -24.76
N LYS E 25 23.31 -20.13 -23.79
CA LYS E 25 23.74 -19.50 -22.55
C LYS E 25 25.23 -19.17 -22.54
N ILE E 26 26.07 -20.02 -23.12
CA ILE E 26 27.51 -19.80 -23.18
C ILE E 26 27.95 -19.86 -24.64
N LEU E 27 28.64 -18.81 -25.09
CA LEU E 27 29.16 -18.74 -26.44
C LEU E 27 30.68 -18.79 -26.42
N ASN E 28 31.25 -19.30 -27.51
CA ASN E 28 32.70 -19.32 -27.70
C ASN E 28 33.13 -17.95 -28.22
N ASN E 29 33.79 -17.16 -27.37
CA ASN E 29 34.25 -15.83 -27.74
C ASN E 29 35.77 -15.78 -27.89
N ASP E 30 36.39 -16.90 -28.22
CA ASP E 30 37.81 -16.92 -28.52
C ASP E 30 38.07 -16.20 -29.83
N MET E 31 38.87 -15.13 -29.77
CA MET E 31 39.14 -14.30 -30.94
C MET E 31 40.53 -14.55 -31.53
N SER E 32 41.25 -15.56 -31.04
CA SER E 32 42.55 -15.89 -31.60
C SER E 32 42.45 -16.45 -33.01
N GLU E 33 41.29 -17.03 -33.38
CA GLU E 33 41.07 -17.59 -34.71
C GLU E 33 39.59 -17.45 -35.06
N ILE E 34 39.31 -17.11 -36.31
CA ILE E 34 37.95 -16.95 -36.78
C ILE E 34 37.70 -17.97 -37.90
N TRP E 35 36.43 -18.20 -38.19
CA TRP E 35 36.03 -19.14 -39.22
C TRP E 35 35.99 -18.47 -40.59
N ASP E 36 35.85 -19.31 -41.61
CA ASP E 36 35.82 -18.84 -42.98
C ASP E 36 34.73 -17.81 -43.17
N ASN E 37 33.54 -18.08 -42.68
CA ASN E 37 32.37 -17.29 -43.04
C ASN E 37 31.96 -16.32 -41.93
N GLU E 38 32.95 -15.81 -41.19
CA GLU E 38 32.70 -14.81 -40.17
C GLU E 38 33.37 -13.50 -40.54
N MET E 39 33.06 -12.48 -39.74
CA MET E 39 33.71 -11.18 -39.83
C MET E 39 34.11 -10.75 -38.43
N LEU E 40 35.37 -10.34 -38.28
CA LEU E 40 35.91 -9.90 -37.01
C LEU E 40 35.87 -8.37 -36.94
N ILE E 41 35.38 -7.85 -35.82
CA ILE E 41 35.21 -6.41 -35.63
C ILE E 41 35.94 -6.02 -34.35
N ASP E 42 36.71 -4.93 -34.42
CA ASP E 42 37.33 -4.34 -33.24
C ASP E 42 36.32 -3.38 -32.63
N VAL E 43 35.66 -3.81 -31.56
CA VAL E 43 34.58 -3.04 -30.98
C VAL E 43 35.14 -1.79 -30.30
N ILE E 44 34.53 -0.65 -30.59
CA ILE E 44 34.88 0.61 -29.92
C ILE E 44 33.78 1.11 -29.00
N ARG E 45 32.54 0.65 -29.19
CA ARG E 45 31.42 1.10 -28.37
C ARG E 45 30.42 -0.04 -28.22
N LEU E 46 29.84 -0.15 -27.02
CA LEU E 46 28.76 -1.08 -26.74
C LEU E 46 27.58 -0.26 -26.24
N ASN E 47 26.50 -0.23 -27.01
CA ASN E 47 25.27 0.48 -26.63
C ASN E 47 24.29 -0.55 -26.11
N ILE E 48 24.41 -0.86 -24.81
CA ILE E 48 23.56 -1.87 -24.20
C ILE E 48 22.10 -1.43 -24.26
N ASP E 49 21.20 -2.41 -24.37
CA ASP E 49 19.77 -2.13 -24.36
C ASP E 49 19.39 -1.35 -23.11
N SER E 50 18.50 -0.36 -23.28
CA SER E 50 18.17 0.55 -22.18
C SER E 50 17.54 -0.19 -21.01
N ALA E 51 16.62 -1.12 -21.30
CA ALA E 51 16.00 -1.90 -20.23
C ALA E 51 17.03 -2.77 -19.52
N SER E 52 17.96 -3.35 -20.27
CA SER E 52 19.02 -4.15 -19.67
C SER E 52 19.98 -3.26 -18.87
N PHE E 53 20.40 -2.14 -19.47
CA PHE E 53 21.29 -1.21 -18.76
C PHE E 53 20.66 -0.71 -17.48
N HIS E 54 19.37 -0.37 -17.52
CA HIS E 54 18.69 0.12 -16.32
C HIS E 54 18.55 -0.98 -15.28
N GLN E 55 18.24 -2.20 -15.72
CA GLN E 55 18.10 -3.31 -14.77
C GLN E 55 19.45 -3.65 -14.14
N ILE E 56 20.51 -3.68 -14.93
CA ILE E 56 21.83 -4.01 -14.39
C ILE E 56 22.30 -2.92 -13.43
N LYS E 57 22.27 -1.66 -13.87
CA LYS E 57 22.78 -0.57 -13.05
C LYS E 57 22.02 -0.47 -11.72
N ASN E 58 20.69 -0.62 -11.76
CA ASN E 58 19.92 -0.68 -10.52
C ASN E 58 20.34 -1.86 -9.67
N LYS E 59 20.79 -2.95 -10.30
CA LYS E 59 21.26 -4.11 -9.54
C LYS E 59 22.61 -3.84 -8.90
N LEU E 60 23.47 -3.05 -9.54
CA LEU E 60 24.71 -2.65 -8.87
C LEU E 60 24.42 -1.68 -7.74
N ILE E 61 23.37 -0.87 -7.88
CA ILE E 61 23.07 0.19 -6.93
C ILE E 61 22.38 -0.44 -5.73
N ALA E 62 22.18 -1.75 -5.78
CA ALA E 62 21.55 -2.48 -4.71
C ALA E 62 22.46 -3.52 -4.07
N GLN E 63 23.68 -3.72 -4.58
CA GLN E 63 24.61 -4.68 -3.99
C GLN E 63 25.59 -4.03 -3.02
N GLY E 64 25.69 -2.71 -2.99
CA GLY E 64 26.62 -2.03 -2.12
C GLY E 64 27.94 -1.74 -2.80
N HIS E 65 27.89 -1.16 -4.00
CA HIS E 65 29.10 -0.81 -4.73
C HIS E 65 29.30 0.69 -4.78
N ASP E 67 31.26 3.61 -6.30
CA ASP E 67 31.74 3.79 -7.68
C ASP E 67 30.88 3.00 -8.65
N LEU E 68 29.78 3.61 -9.10
CA LEU E 68 28.82 2.91 -9.96
C LEU E 68 29.41 2.60 -11.32
N GLU E 69 30.21 3.51 -11.87
CA GLU E 69 30.79 3.29 -13.19
C GLU E 69 31.76 2.11 -13.18
N LYS E 70 32.54 1.97 -12.11
CA LYS E 70 33.49 0.86 -12.04
C LYS E 70 32.79 -0.48 -11.85
N ALA E 71 31.64 -0.49 -11.18
CA ALA E 71 30.93 -1.74 -10.96
C ALA E 71 30.33 -2.27 -12.26
N PHE E 72 29.83 -1.37 -13.11
CA PHE E 72 29.26 -1.80 -14.39
C PHE E 72 30.34 -2.33 -15.33
N ALA E 73 31.52 -1.69 -15.32
CA ALA E 73 32.61 -2.16 -16.16
C ALA E 73 33.00 -3.59 -15.79
N GLU E 74 33.18 -3.85 -14.49
CA GLU E 74 33.49 -5.20 -14.05
C GLU E 74 32.34 -6.16 -14.31
N HIS E 75 31.09 -5.68 -14.20
CA HIS E 75 29.94 -6.53 -14.47
C HIS E 75 29.92 -7.00 -15.92
N ALA E 76 30.21 -6.09 -16.86
CA ALA E 76 30.20 -6.47 -18.27
C ALA E 76 31.39 -7.36 -18.61
N ILE E 77 32.57 -7.05 -18.05
CA ILE E 77 33.73 -7.91 -18.27
C ILE E 77 33.48 -9.30 -17.71
N GLU E 78 32.88 -9.37 -16.51
CA GLU E 78 32.58 -10.66 -15.90
C GLU E 78 31.52 -11.42 -16.69
N LEU E 79 30.53 -10.71 -17.21
CA LEU E 79 29.46 -11.36 -17.96
C LEU E 79 29.99 -11.93 -19.28
N THR E 80 30.78 -11.14 -20.01
CA THR E 80 31.28 -11.59 -21.31
C THR E 80 32.36 -12.64 -21.17
N ASN E 81 33.06 -12.68 -20.03
CA ASN E 81 34.14 -13.66 -19.86
C ASN E 81 33.57 -15.05 -19.64
N ARG E 82 32.45 -15.17 -18.92
CA ARG E 82 31.88 -16.47 -18.64
C ARG E 82 30.91 -16.93 -19.73
N THR E 83 30.04 -16.05 -20.21
CA THR E 83 29.03 -16.43 -21.18
C THR E 83 29.45 -16.20 -22.63
N GLY E 84 30.47 -15.39 -22.87
CA GLY E 84 30.91 -15.09 -24.22
C GLY E 84 30.08 -14.05 -24.94
N LYS E 85 29.09 -13.44 -24.27
CA LYS E 85 28.21 -12.46 -24.89
C LYS E 85 27.60 -11.61 -23.79
N HIS E 86 27.09 -10.45 -24.17
CA HIS E 86 26.45 -9.54 -23.23
C HIS E 86 24.93 -9.65 -23.29
N LYS E 87 24.45 -10.86 -23.01
CA LYS E 87 23.02 -11.11 -22.87
C LYS E 87 22.66 -11.05 -21.40
N ASN E 88 21.68 -10.20 -21.06
CA ASN E 88 21.26 -10.05 -19.68
C ASN E 88 20.69 -11.35 -19.15
N GLU E 89 21.29 -11.86 -18.07
CA GLU E 89 20.87 -13.13 -17.50
C GLU E 89 19.53 -13.04 -16.78
N ASP E 90 19.03 -11.83 -16.50
CA ASP E 90 17.75 -11.64 -15.86
C ASP E 90 16.65 -11.26 -16.83
N THR E 91 16.96 -10.44 -17.84
CA THR E 91 15.99 -10.03 -18.85
C THR E 91 16.17 -10.79 -20.16
N GLY E 92 17.39 -10.84 -20.69
CA GLY E 92 17.64 -11.44 -21.98
C GLY E 92 17.98 -10.46 -23.07
N SER E 93 17.96 -9.16 -22.78
CA SER E 93 18.28 -8.15 -23.77
C SER E 93 19.79 -8.08 -24.01
N GLY E 94 20.17 -7.48 -25.14
CA GLY E 94 21.56 -7.31 -25.47
C GLY E 94 21.89 -5.90 -25.91
N GLY E 95 21.82 -5.65 -27.21
CA GLY E 95 22.11 -4.36 -27.79
C GLY E 95 22.90 -4.52 -29.06
N MET E 96 23.51 -3.42 -29.50
N MET E 96 23.52 -3.43 -29.49
CA MET E 96 24.34 -3.42 -30.69
CA MET E 96 24.33 -3.41 -30.70
C MET E 96 25.69 -2.80 -30.35
C MET E 96 25.63 -2.66 -30.44
N PHE E 97 26.63 -2.92 -31.28
CA PHE E 97 27.95 -2.34 -31.12
C PHE E 97 28.33 -1.52 -32.34
N ILE E 98 29.31 -0.65 -32.16
CA ILE E 98 29.96 0.07 -33.25
C ILE E 98 31.44 -0.27 -33.22
N GLY E 99 32.01 -0.52 -34.38
CA GLY E 99 33.42 -0.86 -34.45
C GLY E 99 33.93 -0.77 -35.87
N ARG E 100 35.22 -1.07 -36.01
CA ARG E 100 35.89 -1.09 -37.30
C ARG E 100 36.19 -2.53 -37.69
N VAL E 101 36.10 -2.80 -39.00
CA VAL E 101 36.36 -4.15 -39.50
C VAL E 101 37.83 -4.50 -39.28
N ALA E 102 38.08 -5.62 -38.61
CA ALA E 102 39.43 -6.09 -38.33
C ALA E 102 39.84 -7.25 -39.23
N ALA E 103 38.96 -8.24 -39.40
CA ALA E 103 39.27 -9.39 -40.23
C ALA E 103 37.97 -9.89 -40.86
N ILE E 104 38.10 -10.41 -42.08
CA ILE E 104 36.95 -10.95 -42.81
C ILE E 104 37.20 -12.42 -43.14
N GLY E 105 37.95 -12.67 -44.21
CA GLY E 105 38.11 -14.02 -44.72
C GLY E 105 36.89 -14.46 -45.52
N ASP E 106 37.11 -15.00 -46.71
CA ASP E 106 36.02 -15.34 -47.61
C ASP E 106 35.36 -16.68 -47.21
N LYS E 107 34.18 -16.89 -47.79
CA LYS E 107 33.08 -17.77 -47.39
C LYS E 107 32.09 -16.91 -46.62
N PHE E 108 32.56 -15.77 -46.13
CA PHE E 108 31.68 -14.80 -45.49
C PHE E 108 30.75 -14.19 -46.53
N GLU E 109 29.46 -14.18 -46.23
CA GLU E 109 28.45 -13.66 -47.15
C GLU E 109 28.41 -12.14 -47.02
N MET E 110 29.08 -11.46 -47.92
CA MET E 110 29.05 -10.00 -47.95
C MET E 110 27.65 -9.51 -48.27
N LYS E 111 27.16 -8.58 -47.45
CA LYS E 111 25.89 -7.92 -47.74
C LYS E 111 26.15 -6.49 -48.18
N GLU E 112 26.35 -5.59 -47.22
CA GLU E 112 26.85 -4.26 -47.55
C GLU E 112 28.35 -4.33 -47.77
N GLU E 113 28.83 -3.66 -48.82
CA GLU E 113 30.24 -3.71 -49.17
C GLU E 113 31.05 -2.90 -48.17
N VAL E 114 31.83 -3.59 -47.35
CA VAL E 114 32.77 -2.95 -46.43
C VAL E 114 34.13 -3.63 -46.57
N LYS E 115 35.16 -2.90 -46.20
CA LYS E 115 36.54 -3.39 -46.19
C LYS E 115 37.11 -3.28 -44.79
N VAL E 116 38.32 -3.81 -44.61
CA VAL E 116 38.98 -3.76 -43.31
C VAL E 116 39.25 -2.31 -42.93
N GLY E 117 38.80 -1.92 -41.75
CA GLY E 117 38.92 -0.55 -41.29
C GLY E 117 37.64 0.27 -41.42
N ASP E 118 36.64 -0.25 -42.14
CA ASP E 118 35.39 0.48 -42.29
C ASP E 118 34.62 0.50 -40.97
N LYS E 119 33.98 1.63 -40.70
CA LYS E 119 33.19 1.80 -39.48
C LYS E 119 31.78 1.27 -39.73
N ILE E 120 31.39 0.25 -38.97
CA ILE E 120 30.11 -0.40 -39.15
C ILE E 120 29.31 -0.32 -37.85
N ALA E 121 28.00 -0.56 -37.97
CA ALA E 121 27.10 -0.64 -36.84
C ALA E 121 26.41 -1.98 -36.86
N SER E 122 26.42 -2.68 -35.73
CA SER E 122 25.74 -3.97 -35.63
C SER E 122 24.23 -3.77 -35.70
N LEU E 123 23.57 -4.63 -36.48
CA LEU E 123 22.11 -4.63 -36.57
C LEU E 123 21.52 -5.93 -36.05
N VAL E 124 22.33 -6.80 -35.46
CA VAL E 124 21.86 -7.97 -34.74
C VAL E 124 22.16 -7.76 -33.26
N SER E 125 21.39 -8.45 -32.42
CA SER E 125 21.46 -8.22 -30.99
C SER E 125 22.76 -8.75 -30.40
N LEU E 126 23.21 -8.10 -29.32
CA LEU E 126 24.37 -8.58 -28.58
C LEU E 126 24.10 -9.93 -27.92
N SER E 127 22.83 -10.32 -27.78
CA SER E 127 22.46 -11.61 -27.20
C SER E 127 22.83 -12.78 -28.09
N LEU E 128 23.32 -12.55 -29.31
CA LEU E 128 23.87 -13.61 -30.14
C LEU E 128 25.28 -13.30 -30.64
N THR E 129 25.85 -12.16 -30.24
CA THR E 129 27.16 -11.76 -30.74
C THR E 129 28.25 -12.25 -29.79
N PRO E 130 29.16 -13.11 -30.23
CA PRO E 130 30.32 -13.44 -29.41
C PRO E 130 31.16 -12.20 -29.14
N LEU E 131 31.32 -11.87 -27.86
CA LEU E 131 31.94 -10.62 -27.44
C LEU E 131 33.00 -10.88 -26.39
N LYS E 132 34.17 -10.28 -26.56
CA LYS E 132 35.24 -10.32 -25.58
C LYS E 132 35.70 -8.89 -25.31
N ILE E 133 35.54 -8.45 -24.07
CA ILE E 133 35.88 -7.10 -23.65
C ILE E 133 37.26 -7.14 -23.01
N ASN E 134 38.23 -6.47 -23.63
CA ASN E 134 39.59 -6.44 -23.11
C ASN E 134 39.84 -5.27 -22.17
N LYS E 135 39.12 -4.16 -22.34
CA LYS E 135 39.30 -2.98 -21.50
C LYS E 135 38.08 -2.08 -21.66
N VAL E 136 37.54 -1.64 -20.53
CA VAL E 136 36.41 -0.71 -20.51
C VAL E 136 36.99 0.67 -20.19
N LYS E 137 37.09 1.51 -21.21
CA LYS E 137 37.68 2.83 -21.02
C LYS E 137 36.72 3.79 -20.33
N LYS E 138 35.41 3.60 -20.48
CA LYS E 138 34.44 4.47 -19.85
C LYS E 138 33.07 3.80 -19.85
N VAL E 139 32.32 4.04 -18.78
CA VAL E 139 30.92 3.61 -18.68
C VAL E 139 30.08 4.87 -18.56
N LEU E 140 29.13 5.03 -19.49
CA LEU E 140 28.33 6.25 -19.61
C LEU E 140 26.93 5.94 -19.09
N LEU E 141 26.69 6.28 -17.83
CA LEU E 141 25.42 5.94 -17.18
C LEU E 141 24.24 6.67 -17.82
N ASP E 142 24.45 7.92 -18.23
CA ASP E 142 23.38 8.72 -18.81
C ASP E 142 23.11 8.40 -20.27
N LYS E 143 23.85 7.47 -20.87
CA LYS E 143 23.68 7.13 -22.27
C LYS E 143 23.48 5.65 -22.53
N ASP E 144 23.47 4.81 -21.50
CA ASP E 144 23.40 3.36 -21.64
C ASP E 144 24.52 2.86 -22.56
N GLN E 145 25.68 3.50 -22.47
CA GLN E 145 26.78 3.31 -23.40
C GLN E 145 28.03 2.86 -22.66
N MET E 146 28.92 2.20 -23.38
CA MET E 146 30.19 1.72 -22.83
C MET E 146 31.26 1.83 -23.89
N GLU E 147 32.27 2.67 -23.65
CA GLU E 147 33.42 2.78 -24.54
C GLU E 147 34.43 1.72 -24.16
N ILE E 148 34.69 0.78 -25.06
CA ILE E 148 35.49 -0.40 -24.75
C ILE E 148 36.52 -0.63 -25.85
N GLU E 149 37.53 -1.42 -25.51
CA GLU E 149 38.48 -1.98 -26.46
C GLU E 149 38.29 -3.49 -26.43
N GLY E 150 37.76 -4.04 -27.52
CA GLY E 150 37.48 -5.46 -27.56
C GLY E 150 37.22 -5.92 -28.98
N GLN E 151 36.70 -7.14 -29.08
CA GLN E 151 36.44 -7.76 -30.38
C GLN E 151 35.12 -8.51 -30.34
N ALA E 152 34.45 -8.55 -31.50
CA ALA E 152 33.19 -9.27 -31.64
C ALA E 152 33.17 -9.96 -33.00
N ILE E 153 32.29 -10.95 -33.12
CA ILE E 153 32.18 -11.79 -34.30
C ILE E 153 30.82 -11.56 -34.96
N LEU E 154 30.82 -11.35 -36.26
CA LEU E 154 29.61 -11.28 -37.06
C LEU E 154 29.53 -12.52 -37.94
N PHE E 155 28.44 -13.26 -37.81
CA PHE E 155 28.24 -14.44 -38.65
C PHE E 155 27.78 -14.03 -40.05
N SER E 156 27.85 -14.99 -40.97
CA SER E 156 27.44 -14.71 -42.35
C SER E 156 25.96 -14.38 -42.45
N SER E 157 25.15 -14.90 -41.53
CA SER E 157 23.73 -14.56 -41.50
C SER E 157 23.45 -13.25 -40.77
N GLY E 158 24.44 -12.66 -40.12
CA GLY E 158 24.23 -11.42 -39.40
C GLY E 158 23.99 -10.25 -40.33
N VAL E 159 23.50 -9.16 -39.74
CA VAL E 159 23.19 -7.93 -40.47
C VAL E 159 24.03 -6.79 -39.90
N TYR E 160 24.54 -5.94 -40.78
CA TYR E 160 25.34 -4.79 -40.40
C TYR E 160 25.04 -3.64 -41.34
N ALA E 161 25.55 -2.46 -41.00
CA ALA E 161 25.34 -1.26 -41.81
C ALA E 161 26.59 -0.41 -41.77
N LYS E 162 27.05 0.02 -42.95
CA LYS E 162 28.17 0.93 -43.03
C LYS E 162 27.71 2.35 -42.72
N LEU E 163 28.45 3.03 -41.86
CA LEU E 163 28.03 4.35 -41.40
C LEU E 163 28.46 5.41 -42.40
N PRO E 164 27.56 6.28 -42.84
CA PRO E 164 27.89 7.24 -43.90
C PRO E 164 28.73 8.40 -43.40
N ASP E 165 29.59 8.89 -44.30
CA ASP E 165 30.47 10.01 -43.96
C ASP E 165 29.74 11.34 -43.97
N ASP E 166 28.69 11.46 -44.77
CA ASP E 166 27.95 12.71 -44.90
C ASP E 166 26.93 12.92 -43.79
N LEU E 167 26.95 12.10 -42.73
CA LEU E 167 25.92 12.15 -41.71
C LEU E 167 26.52 11.77 -40.37
N ASP E 168 26.02 12.41 -39.31
CA ASP E 168 26.54 12.18 -37.96
C ASP E 168 26.17 10.78 -37.48
N GLU E 169 26.98 10.25 -36.57
CA GLU E 169 26.83 8.85 -36.15
C GLU E 169 25.50 8.63 -35.44
N ASN E 170 25.24 9.38 -34.38
CA ASN E 170 24.06 9.12 -33.55
C ASN E 170 22.77 9.37 -34.32
N LEU E 171 22.79 10.27 -35.30
CA LEU E 171 21.62 10.42 -36.17
C LEU E 171 21.50 9.23 -37.12
N ALA E 172 22.61 8.78 -37.68
CA ALA E 172 22.58 7.61 -38.57
C ALA E 172 22.12 6.37 -37.83
N LEU E 173 22.66 6.15 -36.63
CA LEU E 173 22.21 5.03 -35.80
C LEU E 173 20.73 5.15 -35.46
N SER E 174 20.23 6.37 -35.34
CA SER E 174 18.80 6.57 -35.09
C SER E 174 17.96 6.09 -36.27
N VAL E 175 18.48 6.22 -37.49
CA VAL E 175 17.74 5.73 -38.66
C VAL E 175 17.72 4.21 -38.68
N LEU E 176 18.83 3.57 -38.30
CA LEU E 176 18.94 2.12 -38.41
C LEU E 176 18.02 1.37 -37.46
N ASP E 177 17.57 2.01 -36.37
CA ASP E 177 16.63 1.34 -35.48
C ASP E 177 15.26 1.14 -36.13
N VAL E 178 14.98 1.85 -37.22
CA VAL E 178 13.68 1.76 -37.89
C VAL E 178 13.91 1.62 -39.39
N ALA E 179 15.12 1.20 -39.78
CA ALA E 179 15.46 1.12 -41.19
C ALA E 179 14.56 0.13 -41.94
N GLY E 180 14.01 -0.86 -41.24
CA GLY E 180 13.12 -1.81 -41.88
C GLY E 180 11.76 -1.23 -42.25
N ALA E 181 11.35 -0.16 -41.57
CA ALA E 181 10.03 0.41 -41.84
C ALA E 181 9.90 0.97 -43.26
N PRO E 182 10.76 1.86 -43.74
CA PRO E 182 10.58 2.35 -45.12
C PRO E 182 10.79 1.26 -46.17
N ALA E 183 11.67 0.30 -45.92
CA ALA E 183 11.91 -0.75 -46.91
C ALA E 183 10.69 -1.66 -47.07
N GLN E 184 10.00 -1.97 -45.97
CA GLN E 184 8.83 -2.83 -46.06
C GLN E 184 7.62 -2.07 -46.58
N VAL E 185 7.48 -0.80 -46.20
CA VAL E 185 6.30 -0.04 -46.61
C VAL E 185 6.28 0.16 -48.13
N GLU E 186 7.44 0.42 -48.73
CA GLU E 186 7.50 0.61 -50.17
C GLU E 186 7.24 -0.67 -50.95
N ARG E 187 7.21 -1.83 -50.29
CA ARG E 187 6.80 -3.07 -50.93
C ARG E 187 5.29 -3.28 -50.84
N LEU E 188 4.65 -2.78 -49.80
CA LEU E 188 3.25 -3.06 -49.53
C LEU E 188 2.29 -2.11 -50.24
N VAL E 189 2.71 -0.88 -50.49
CA VAL E 189 1.83 0.17 -51.01
C VAL E 189 1.98 0.24 -52.52
N LYS E 190 0.86 0.05 -53.23
CA LYS E 190 0.78 0.21 -54.67
C LYS E 190 0.07 1.51 -55.02
N PRO E 191 0.18 1.98 -56.25
CA PRO E 191 -0.43 3.27 -56.61
C PRO E 191 -1.93 3.29 -56.32
N ASP E 192 -2.42 4.46 -55.92
CA ASP E 192 -3.81 4.76 -55.59
C ASP E 192 -4.32 4.01 -54.37
N ASP E 193 -3.43 3.41 -53.58
CA ASP E 193 -3.83 2.72 -52.37
C ASP E 193 -4.29 3.72 -51.31
N THR E 194 -5.18 3.25 -50.44
CA THR E 194 -5.52 3.96 -49.21
C THR E 194 -4.74 3.31 -48.07
N VAL E 195 -3.95 4.11 -47.36
CA VAL E 195 -3.03 3.61 -46.35
C VAL E 195 -3.36 4.26 -45.02
N VAL E 196 -3.56 3.44 -43.99
CA VAL E 196 -3.82 3.89 -42.64
C VAL E 196 -2.62 3.54 -41.77
N ILE E 197 -2.03 4.56 -41.15
CA ILE E 197 -0.85 4.39 -40.30
C ILE E 197 -1.26 4.69 -38.86
N ILE E 198 -1.28 3.67 -38.02
CA ILE E 198 -1.58 3.83 -36.61
C ILE E 198 -0.25 4.07 -35.89
N GLY E 199 -0.09 5.26 -35.32
CA GLY E 199 1.17 5.71 -34.80
C GLY E 199 1.94 6.62 -35.73
N ALA E 200 1.26 7.49 -36.48
CA ALA E 200 1.91 8.25 -37.54
C ALA E 200 2.85 9.32 -37.01
N ASN E 201 2.77 9.66 -35.73
CA ASN E 201 3.65 10.66 -35.15
C ASN E 201 4.94 10.07 -34.61
N GLY E 202 5.05 8.75 -34.54
CA GLY E 202 6.21 8.12 -33.95
C GLY E 202 7.43 8.18 -34.84
N LYS E 203 8.50 7.55 -34.35
CA LYS E 203 9.78 7.54 -35.06
C LYS E 203 9.65 6.86 -36.42
N SER E 204 9.26 5.58 -36.42
CA SER E 204 9.02 4.88 -37.67
C SER E 204 7.75 5.35 -38.36
N GLY E 205 6.84 5.98 -37.63
CA GLY E 205 5.59 6.41 -38.22
C GLY E 205 5.77 7.48 -39.29
N ILE E 206 6.59 8.50 -39.00
CA ILE E 206 6.79 9.57 -39.97
C ILE E 206 7.56 9.04 -41.19
N LEU E 207 8.39 8.03 -41.01
CA LEU E 207 9.02 7.38 -42.16
C LEU E 207 7.98 6.63 -42.98
N CYS E 208 7.04 5.95 -42.31
CA CYS E 208 5.99 5.24 -43.02
C CYS E 208 5.06 6.20 -43.74
N ASN E 209 4.79 7.36 -43.15
CA ASN E 209 3.94 8.35 -43.79
C ASN E 209 4.52 8.80 -45.13
N ALA E 210 5.82 9.10 -45.14
CA ALA E 210 6.45 9.60 -46.36
C ALA E 210 6.52 8.52 -47.43
N VAL E 211 6.95 7.31 -47.05
CA VAL E 211 7.08 6.23 -48.03
C VAL E 211 5.72 5.82 -48.56
N ALA E 212 4.70 5.77 -47.69
CA ALA E 212 3.37 5.41 -48.15
C ALA E 212 2.82 6.44 -49.14
N LYS E 213 3.18 7.71 -48.99
CA LYS E 213 2.64 8.74 -49.87
C LYS E 213 3.29 8.71 -51.24
N GLU E 214 4.60 8.49 -51.31
CA GLU E 214 5.25 8.45 -52.62
C GLU E 214 4.91 7.16 -53.37
N ARG E 215 4.57 6.10 -52.65
CA ARG E 215 4.18 4.85 -53.31
C ARG E 215 2.71 4.89 -53.71
N ALA E 216 1.83 5.37 -52.83
CA ALA E 216 0.41 5.48 -53.19
C ALA E 216 0.18 6.55 -54.24
N GLY E 217 0.98 7.61 -54.23
CA GLY E 217 0.95 8.59 -55.30
C GLY E 217 -0.05 9.70 -55.09
N ILE E 218 -0.16 10.53 -56.13
CA ILE E 218 -0.99 11.73 -56.06
C ILE E 218 -2.47 11.37 -55.88
N CYS E 219 -2.89 10.23 -56.39
CA CYS E 219 -4.28 9.81 -56.30
C CYS E 219 -4.50 8.75 -55.22
N GLY E 220 -3.49 8.50 -54.38
CA GLY E 220 -3.67 7.70 -53.18
C GLY E 220 -4.11 8.55 -52.01
N LYS E 221 -4.35 7.88 -50.89
CA LYS E 221 -4.82 8.55 -49.68
C LYS E 221 -4.11 7.95 -48.48
N VAL E 222 -3.26 8.75 -47.84
CA VAL E 222 -2.52 8.33 -46.64
C VAL E 222 -3.20 8.94 -45.44
N ILE E 223 -3.68 8.08 -44.53
CA ILE E 223 -4.43 8.51 -43.36
C ILE E 223 -3.62 8.15 -42.11
N GLY E 224 -3.22 9.18 -41.37
CA GLY E 224 -2.58 8.97 -40.09
C GLY E 224 -3.59 8.92 -38.96
N VAL E 225 -3.25 8.16 -37.92
CA VAL E 225 -4.08 8.04 -36.73
C VAL E 225 -3.25 8.49 -35.54
N VAL E 226 -3.67 9.57 -34.88
CA VAL E 226 -2.91 10.17 -33.80
C VAL E 226 -3.82 10.41 -32.60
N ARG E 227 -3.19 10.56 -31.44
CA ARG E 227 -3.92 10.73 -30.19
C ARG E 227 -4.52 12.13 -30.10
N ASN E 228 -3.69 13.17 -30.16
CA ASN E 228 -4.14 14.53 -29.94
C ASN E 228 -3.73 15.42 -31.10
N GLU E 229 -4.41 16.57 -31.20
CA GLU E 229 -4.33 17.41 -32.39
C GLU E 229 -2.98 18.08 -32.58
N ASN E 230 -2.14 18.13 -31.55
CA ASN E 230 -0.83 18.75 -31.71
C ASN E 230 0.04 18.02 -32.72
N TYR E 231 -0.27 16.76 -33.01
CA TYR E 231 0.53 15.95 -33.93
C TYR E 231 0.08 16.05 -35.38
N ILE E 232 -0.99 16.79 -35.65
CA ILE E 232 -1.57 16.87 -37.00
C ILE E 232 -0.62 17.54 -37.98
N PRO E 233 -0.02 18.69 -37.67
CA PRO E 233 0.90 19.31 -38.64
C PRO E 233 2.10 18.43 -38.99
N THR E 234 2.62 17.66 -38.04
CA THR E 234 3.75 16.78 -38.34
C THR E 234 3.34 15.67 -39.30
N CYS E 235 2.14 15.13 -39.14
CA CYS E 235 1.68 14.05 -40.00
C CYS E 235 1.48 14.53 -41.44
N LYS E 236 0.90 15.72 -41.61
CA LYS E 236 0.66 16.24 -42.96
C LYS E 236 1.97 16.61 -43.65
N ALA E 237 2.94 17.14 -42.88
CA ALA E 237 4.23 17.47 -43.45
C ALA E 237 5.04 16.23 -43.81
N THR E 238 4.73 15.09 -43.22
CA THR E 238 5.44 13.85 -43.49
C THR E 238 4.71 12.94 -44.46
N GLY E 239 3.59 13.38 -45.03
CA GLY E 239 2.95 12.61 -46.10
C GLY E 239 1.46 12.37 -45.97
N CYS E 240 0.90 12.51 -44.77
CA CYS E 240 -0.50 12.18 -44.56
C CYS E 240 -1.40 13.18 -45.27
N ASP E 241 -2.38 12.66 -46.02
CA ASP E 241 -3.42 13.51 -46.59
C ASP E 241 -4.53 13.78 -45.58
N GLU E 242 -4.84 12.81 -44.73
CA GLU E 242 -5.83 12.95 -43.67
C GLU E 242 -5.24 12.45 -42.36
N VAL E 243 -5.78 12.95 -41.26
CA VAL E 243 -5.32 12.59 -39.93
C VAL E 243 -6.52 12.31 -39.05
N ILE E 244 -6.52 11.16 -38.36
CA ILE E 244 -7.61 10.75 -37.50
C ILE E 244 -7.19 10.94 -36.05
N LEU E 245 -8.04 11.61 -35.27
CA LEU E 245 -7.82 11.81 -33.85
C LEU E 245 -8.52 10.69 -33.10
N ALA E 246 -7.75 9.80 -32.49
CA ALA E 246 -8.31 8.68 -31.73
C ALA E 246 -7.19 8.02 -30.93
N GLN E 247 -7.59 7.29 -29.89
CA GLN E 247 -6.66 6.42 -29.19
C GLN E 247 -6.42 5.17 -30.02
N ALA E 248 -5.17 4.69 -30.02
CA ALA E 248 -4.82 3.54 -30.83
C ALA E 248 -5.58 2.27 -30.44
N THR E 249 -6.15 2.25 -29.23
CA THR E 249 -6.96 1.12 -28.78
C THR E 249 -8.43 1.28 -29.12
N ASP E 250 -8.85 2.45 -29.60
CA ASP E 250 -10.27 2.72 -29.88
C ASP E 250 -10.58 2.21 -31.28
N ALA E 251 -11.06 0.96 -31.35
CA ALA E 251 -11.31 0.34 -32.64
C ALA E 251 -12.55 0.91 -33.32
N ILE E 252 -13.58 1.22 -32.53
CA ILE E 252 -14.84 1.70 -33.12
C ILE E 252 -14.65 3.07 -33.76
N THR E 253 -13.94 3.98 -33.07
CA THR E 253 -13.72 5.31 -33.63
C THR E 253 -12.84 5.24 -34.87
N ILE E 254 -11.75 4.46 -34.82
CA ILE E 254 -10.85 4.34 -35.96
C ILE E 254 -11.61 3.78 -37.16
N GLN E 255 -12.41 2.73 -36.94
CA GLN E 255 -13.19 2.16 -38.02
C GLN E 255 -14.18 3.16 -38.58
N LYS E 256 -14.86 3.91 -37.70
CA LYS E 256 -15.83 4.88 -38.16
C LYS E 256 -15.18 6.04 -38.90
N GLU E 257 -13.98 6.45 -38.49
CA GLU E 257 -13.33 7.59 -39.11
C GLU E 257 -12.72 7.21 -40.46
N VAL E 258 -12.12 6.02 -40.55
CA VAL E 258 -11.61 5.54 -41.83
C VAL E 258 -12.75 5.38 -42.82
N SER E 259 -13.88 4.85 -42.36
CA SER E 259 -15.05 4.68 -43.23
C SER E 259 -15.53 6.02 -43.75
N ARG E 260 -15.59 7.03 -42.89
CA ARG E 260 -16.01 8.36 -43.33
C ARG E 260 -15.03 8.94 -44.34
N LEU E 261 -13.73 8.77 -44.10
CA LEU E 261 -12.71 9.35 -44.98
C LEU E 261 -12.52 8.55 -46.26
N THR E 262 -13.03 7.32 -46.32
CA THR E 262 -12.87 6.47 -47.50
C THR E 262 -14.21 6.05 -48.10
N ASN E 263 -15.31 6.71 -47.69
CA ASN E 263 -16.64 6.40 -48.20
C ASN E 263 -17.01 4.93 -47.95
N GLY E 264 -16.55 4.40 -46.82
CA GLY E 264 -16.81 3.02 -46.49
C GLY E 264 -15.97 2.00 -47.23
N LYS E 265 -14.99 2.44 -48.00
CA LYS E 265 -14.12 1.52 -48.72
C LYS E 265 -12.97 0.99 -47.87
N MET E 266 -12.66 1.68 -46.77
CA MET E 266 -11.60 1.30 -45.84
C MET E 266 -10.24 1.25 -46.52
N ALA E 267 -9.21 0.80 -45.81
CA ALA E 267 -7.84 0.89 -46.27
C ALA E 267 -7.40 -0.38 -46.98
N ASP E 268 -6.57 -0.20 -48.01
CA ASP E 268 -5.95 -1.36 -48.65
C ASP E 268 -4.83 -1.92 -47.78
N VAL E 269 -4.04 -1.05 -47.15
CA VAL E 269 -2.93 -1.46 -46.30
C VAL E 269 -3.02 -0.69 -44.99
N VAL E 270 -2.86 -1.41 -43.88
CA VAL E 270 -2.82 -0.81 -42.55
C VAL E 270 -1.46 -1.11 -41.93
N ILE E 271 -0.77 -0.07 -41.49
CA ILE E 271 0.55 -0.20 -40.86
C ILE E 271 0.40 0.17 -39.40
N ASN E 272 0.79 -0.75 -38.51
CA ASN E 272 0.77 -0.51 -37.07
C ASN E 272 2.20 -0.28 -36.61
N VAL E 273 2.50 0.95 -36.20
CA VAL E 273 3.82 1.32 -35.69
C VAL E 273 3.64 2.11 -34.40
N VAL E 274 2.53 1.87 -33.70
CA VAL E 274 2.22 2.64 -32.51
C VAL E 274 2.88 2.12 -31.25
N ASN E 275 3.27 0.85 -31.23
CA ASN E 275 3.90 0.23 -30.05
C ASN E 275 3.08 0.45 -28.78
N THR E 276 1.81 0.10 -28.85
CA THR E 276 0.95 0.04 -27.67
C THR E 276 0.09 -1.22 -27.71
N GLU E 277 -0.14 -1.82 -26.55
CA GLU E 277 -0.79 -3.13 -26.51
C GLU E 277 -2.28 -3.01 -26.79
N ASP E 278 -2.86 -4.08 -27.35
CA ASP E 278 -4.29 -4.15 -27.68
C ASP E 278 -4.66 -3.18 -28.80
N THR E 279 -3.80 -3.06 -29.81
CA THR E 279 -4.10 -2.30 -31.02
C THR E 279 -4.29 -3.20 -32.23
N GLU E 280 -4.28 -4.52 -32.04
CA GLU E 280 -4.48 -5.44 -33.16
C GLU E 280 -5.87 -5.30 -33.75
N LEU E 281 -6.90 -5.39 -32.90
CA LEU E 281 -8.27 -5.26 -33.40
C LEU E 281 -8.53 -3.92 -34.07
N PRO E 282 -8.14 -2.77 -33.50
CA PRO E 282 -8.30 -1.51 -34.26
C PRO E 282 -7.62 -1.53 -35.62
N SER E 283 -6.47 -2.19 -35.72
CA SER E 283 -5.80 -2.30 -37.01
C SER E 283 -6.59 -3.16 -37.99
N ILE E 284 -7.21 -4.23 -37.48
CA ILE E 284 -7.88 -5.18 -38.36
C ILE E 284 -9.17 -4.57 -38.90
N MET E 285 -9.97 -3.94 -38.05
CA MET E 285 -11.24 -3.39 -38.48
C MET E 285 -11.08 -2.15 -39.36
N ALA E 286 -9.86 -1.63 -39.51
CA ALA E 286 -9.61 -0.50 -40.40
C ALA E 286 -9.35 -0.93 -41.83
N ALA E 287 -9.14 -2.21 -42.09
CA ALA E 287 -8.78 -2.70 -43.41
C ALA E 287 -10.02 -3.10 -44.21
N LYS E 288 -9.93 -2.91 -45.52
CA LYS E 288 -10.95 -3.42 -46.43
C LYS E 288 -10.94 -4.95 -46.42
N ASP E 289 -11.95 -5.53 -47.06
CA ASP E 289 -11.96 -6.98 -47.27
C ASP E 289 -10.75 -7.39 -48.10
N ARG E 290 -10.08 -8.46 -47.66
CA ARG E 290 -8.85 -8.95 -48.27
C ARG E 290 -7.73 -7.91 -48.23
N GLY E 291 -7.79 -6.97 -47.28
CA GLY E 291 -6.75 -5.98 -47.13
C GLY E 291 -5.53 -6.52 -46.42
N MET E 292 -4.50 -5.67 -46.35
CA MET E 292 -3.23 -6.02 -45.74
C MET E 292 -3.05 -5.25 -44.45
N VAL E 293 -2.74 -5.97 -43.37
CA VAL E 293 -2.43 -5.38 -42.08
C VAL E 293 -1.01 -5.79 -41.71
N TYR E 294 -0.12 -4.81 -41.60
CA TYR E 294 1.29 -5.05 -41.32
C TYR E 294 1.59 -4.60 -39.90
N PHE E 295 2.01 -5.54 -39.06
CA PHE E 295 2.26 -5.29 -37.64
C PHE E 295 3.76 -5.11 -37.43
N PHE E 296 4.20 -3.87 -37.31
CA PHE E 296 5.61 -3.57 -37.09
C PHE E 296 5.99 -3.53 -35.62
N SER E 297 5.03 -3.25 -34.74
CA SER E 297 5.33 -3.02 -33.33
C SER E 297 5.51 -4.33 -32.58
N MET E 298 6.48 -4.34 -31.67
CA MET E 298 6.73 -5.49 -30.82
C MET E 298 5.69 -5.68 -29.72
N ALA E 299 4.75 -4.74 -29.59
CA ALA E 299 3.64 -4.89 -28.66
C ALA E 299 2.51 -5.73 -29.24
N THR E 300 2.68 -6.26 -30.45
CA THR E 300 1.64 -7.06 -31.09
C THR E 300 1.61 -8.47 -30.49
N SER E 301 0.42 -8.92 -30.13
CA SER E 301 0.20 -10.27 -29.64
C SER E 301 -0.31 -11.14 -30.78
N PHE E 302 0.37 -12.27 -31.00
CA PHE E 302 -0.02 -13.17 -32.08
C PHE E 302 -1.46 -13.65 -31.90
N THR E 303 -1.83 -14.06 -30.69
CA THR E 303 -3.15 -14.61 -30.46
C THR E 303 -4.23 -13.54 -30.55
N LYS E 304 -3.93 -12.33 -30.08
CA LYS E 304 -4.92 -11.26 -30.12
C LYS E 304 -5.21 -10.83 -31.56
N ALA E 305 -4.19 -10.85 -32.42
CA ALA E 305 -4.42 -10.54 -33.83
C ALA E 305 -5.22 -11.64 -34.52
N ALA E 306 -4.89 -12.90 -34.24
CA ALA E 306 -5.59 -14.01 -34.89
C ALA E 306 -7.02 -14.12 -34.40
N LEU E 307 -7.21 -14.11 -33.07
CA LEU E 307 -8.56 -14.19 -32.52
C LEU E 307 -9.37 -12.93 -32.85
N GLY E 308 -8.70 -11.79 -32.98
CA GLY E 308 -9.42 -10.56 -33.29
C GLY E 308 -10.08 -10.61 -34.65
N ALA E 309 -9.36 -11.09 -35.67
CA ALA E 309 -9.94 -11.21 -37.00
C ALA E 309 -11.04 -12.28 -37.04
N GLU E 310 -10.87 -13.35 -36.27
CA GLU E 310 -11.87 -14.42 -36.27
C GLU E 310 -13.20 -13.94 -35.70
N GLY E 311 -13.17 -13.19 -34.60
CA GLY E 311 -14.40 -12.84 -33.92
C GLY E 311 -15.31 -11.92 -34.70
N ILE E 312 -14.73 -11.08 -35.56
CA ILE E 312 -15.51 -10.15 -36.36
C ILE E 312 -15.41 -10.47 -37.86
N GLY E 313 -14.98 -11.69 -38.19
CA GLY E 313 -15.02 -12.19 -39.54
C GLY E 313 -14.30 -11.33 -40.57
N ALA E 314 -13.07 -10.92 -40.27
CA ALA E 314 -12.28 -10.11 -41.18
C ALA E 314 -11.30 -11.01 -41.92
N ASP E 315 -11.54 -11.19 -43.23
CA ASP E 315 -10.62 -11.95 -44.07
C ASP E 315 -9.56 -10.98 -44.59
N VAL E 316 -8.54 -10.76 -43.77
CA VAL E 316 -7.43 -9.89 -44.10
C VAL E 316 -6.14 -10.65 -43.86
N ASP E 317 -5.07 -10.17 -44.50
CA ASP E 317 -3.76 -10.78 -44.37
C ASP E 317 -2.94 -10.01 -43.35
N MET E 318 -2.61 -10.67 -42.24
CA MET E 318 -1.87 -10.07 -41.14
C MET E 318 -0.44 -10.58 -41.17
N MET E 319 0.51 -9.66 -41.32
CA MET E 319 1.93 -10.00 -41.40
C MET E 319 2.64 -9.62 -40.11
N ILE E 320 3.52 -10.51 -39.65
CA ILE E 320 4.46 -10.17 -38.58
C ILE E 320 5.56 -9.32 -39.20
N GLY E 321 5.59 -8.04 -38.85
CA GLY E 321 6.55 -7.14 -39.47
C GLY E 321 7.98 -7.55 -39.17
N ASN E 322 8.81 -7.53 -40.21
CA ASN E 322 10.21 -7.89 -40.12
C ASN E 322 11.07 -6.63 -40.18
N GLY E 323 11.97 -6.49 -39.20
CA GLY E 323 12.83 -5.32 -39.13
C GLY E 323 13.96 -5.29 -40.13
N TYR E 324 14.21 -6.39 -40.83
CA TYR E 324 15.27 -6.46 -41.82
C TYR E 324 14.68 -6.68 -43.22
N ALA E 325 15.23 -5.97 -44.19
CA ALA E 325 14.89 -6.18 -45.59
C ALA E 325 16.13 -5.87 -46.43
N HIS E 326 16.08 -6.24 -47.70
CA HIS E 326 17.20 -6.01 -48.60
C HIS E 326 17.50 -4.52 -48.70
N HIS E 327 18.73 -4.15 -48.34
CA HIS E 327 19.22 -2.77 -48.44
C HIS E 327 18.40 -1.81 -47.61
N HIS E 328 17.86 -2.27 -46.47
CA HIS E 328 16.98 -1.42 -45.68
C HIS E 328 17.71 -0.22 -45.10
N SER E 329 18.98 -0.39 -44.71
CA SER E 329 19.76 0.74 -44.21
C SER E 329 20.01 1.75 -45.31
N GLU E 330 20.37 1.28 -46.51
CA GLU E 330 20.58 2.19 -47.63
C GLU E 330 19.29 2.93 -47.99
N ILE E 331 18.17 2.20 -48.04
CA ILE E 331 16.91 2.80 -48.44
C ILE E 331 16.44 3.81 -47.40
N ALA E 332 16.62 3.50 -46.11
CA ALA E 332 16.22 4.43 -45.06
C ALA E 332 17.09 5.68 -45.08
N LEU E 333 18.41 5.51 -45.14
CA LEU E 333 19.30 6.67 -45.19
C LEU E 333 19.04 7.52 -46.42
N ASP E 334 18.82 6.87 -47.57
CA ASP E 334 18.49 7.61 -48.78
C ASP E 334 17.22 8.41 -48.61
N LEU E 335 16.19 7.81 -48.01
CA LEU E 335 14.92 8.51 -47.81
C LEU E 335 15.11 9.79 -47.01
N LEU E 336 15.94 9.76 -45.97
CA LEU E 336 16.21 10.97 -45.20
C LEU E 336 16.96 12.00 -46.02
N ARG E 337 17.75 11.55 -47.00
CA ARG E 337 18.52 12.48 -47.82
C ARG E 337 17.66 13.16 -48.89
N ARG E 338 16.62 12.49 -49.38
CA ARG E 338 15.75 13.10 -50.38
C ARG E 338 14.67 13.98 -49.78
N ASN E 339 14.29 13.75 -48.52
CA ASN E 339 13.21 14.47 -47.87
C ASN E 339 13.81 15.37 -46.80
N SER E 340 13.94 16.67 -47.11
CA SER E 340 14.51 17.61 -46.16
C SER E 340 13.60 17.80 -44.96
N VAL E 341 12.27 17.77 -45.17
CA VAL E 341 11.33 17.86 -44.06
C VAL E 341 11.51 16.68 -43.11
N LEU E 342 11.68 15.48 -43.67
CA LEU E 342 11.87 14.29 -42.85
C LEU E 342 13.19 14.34 -42.09
N MET E 343 14.26 14.82 -42.73
CA MET E 343 15.55 14.90 -42.07
C MET E 343 15.54 15.92 -40.94
N LYS E 344 14.87 17.06 -41.15
CA LYS E 344 14.81 18.09 -40.12
C LYS E 344 14.13 17.58 -38.86
N ILE E 345 13.05 16.80 -39.03
CA ILE E 345 12.34 16.27 -37.88
C ILE E 345 13.19 15.23 -37.16
N PHE E 346 13.89 14.38 -37.91
CA PHE E 346 14.74 13.37 -37.29
C PHE E 346 15.91 14.02 -36.54
N LYS E 347 16.46 15.10 -37.08
CA LYS E 347 17.54 15.80 -36.40
C LYS E 347 17.04 16.45 -35.11
N GLU E 348 15.81 16.95 -35.10
CA GLU E 348 15.28 17.63 -33.93
C GLU E 348 14.84 16.65 -32.85
N ARG E 349 14.28 15.50 -33.25
CA ARG E 349 13.74 14.55 -32.30
C ARG E 349 14.77 13.54 -31.82
N TYR E 350 15.54 12.96 -32.74
CA TYR E 350 16.38 11.79 -32.45
C TYR E 350 17.82 12.09 -32.90
N ALA E 351 18.62 12.65 -32.00
CA ALA E 351 20.01 12.96 -32.29
C ALA E 351 20.89 12.69 -31.07
N MET F 1 51.15 -63.90 3.58
CA MET F 1 50.41 -62.88 4.30
C MET F 1 51.06 -61.51 4.13
N LYS F 2 50.23 -60.48 3.96
CA LYS F 2 50.68 -59.10 3.86
C LYS F 2 50.07 -58.29 4.99
N SER F 3 50.86 -57.39 5.56
CA SER F 3 50.50 -56.68 6.78
C SER F 3 49.86 -55.33 6.47
N ASN F 4 49.19 -54.78 7.49
CA ASN F 4 48.62 -53.43 7.45
C ASN F 4 47.61 -53.27 6.32
N GLY F 5 46.65 -54.19 6.28
CA GLY F 5 45.57 -54.08 5.31
C GLY F 5 44.54 -53.04 5.76
N CYS F 6 44.03 -52.29 4.80
CA CYS F 6 42.98 -51.32 5.07
C CYS F 6 41.65 -52.04 5.27
N ARG F 7 40.94 -51.70 6.35
CA ARG F 7 39.67 -52.36 6.63
C ARG F 7 38.64 -52.07 5.55
N TYR F 8 38.77 -50.95 4.85
CA TYR F 8 37.86 -50.60 3.77
C TYR F 8 38.30 -51.16 2.42
N GLY F 9 39.49 -51.74 2.34
CA GLY F 9 39.92 -52.42 1.13
C GLY F 9 40.66 -51.57 0.12
N THR F 10 41.16 -50.40 0.51
CA THR F 10 41.87 -49.55 -0.43
C THR F 10 43.18 -50.18 -0.92
N HIS F 11 43.72 -51.15 -0.18
CA HIS F 11 44.97 -51.79 -0.57
C HIS F 11 44.84 -52.60 -1.85
N ARG F 12 43.61 -52.92 -2.27
CA ARG F 12 43.38 -53.69 -3.48
C ARG F 12 42.84 -52.85 -4.62
N VAL F 13 42.79 -51.54 -4.46
CA VAL F 13 42.32 -50.64 -5.51
C VAL F 13 43.47 -50.37 -6.48
N ILE F 14 43.29 -50.73 -7.74
CA ILE F 14 44.29 -50.54 -8.77
C ILE F 14 44.00 -49.31 -9.61
N GLU F 15 42.76 -49.16 -10.08
CA GLU F 15 42.39 -48.08 -10.96
C GLU F 15 40.93 -47.72 -10.72
N PRO F 16 40.61 -46.45 -10.44
CA PRO F 16 41.58 -45.36 -10.27
C PRO F 16 42.18 -45.31 -8.87
N LYS F 17 43.35 -44.69 -8.75
CA LYS F 17 44.07 -44.65 -7.49
C LYS F 17 43.41 -43.65 -6.53
N GLY F 18 43.43 -43.98 -5.24
CA GLY F 18 42.90 -43.09 -4.22
C GLY F 18 41.41 -43.14 -4.03
N VAL F 19 40.74 -44.20 -4.49
CA VAL F 19 39.30 -44.33 -4.40
C VAL F 19 38.97 -45.63 -3.66
N LEU F 20 37.71 -45.76 -3.24
CA LEU F 20 37.23 -46.92 -2.52
C LEU F 20 36.96 -48.07 -3.49
N PRO F 21 36.91 -49.31 -2.97
CA PRO F 21 36.78 -50.46 -3.89
C PRO F 21 35.50 -50.46 -4.72
N GLN F 22 34.37 -50.04 -4.17
CA GLN F 22 33.12 -50.12 -4.93
C GLN F 22 33.11 -49.18 -6.13
N PRO F 23 33.39 -47.87 -6.00
CA PRO F 23 33.40 -47.03 -7.19
C PRO F 23 34.60 -47.27 -8.10
N ALA F 24 35.63 -47.95 -7.62
CA ALA F 24 36.81 -48.22 -8.42
C ALA F 24 36.43 -49.11 -9.61
N LYS F 25 37.27 -49.04 -10.65
CA LYS F 25 37.04 -49.82 -11.85
C LYS F 25 37.79 -51.15 -11.83
N ILE F 26 39.05 -51.14 -11.40
CA ILE F 26 39.89 -52.34 -11.40
C ILE F 26 40.33 -52.60 -9.96
N LEU F 27 40.07 -53.82 -9.49
CA LEU F 27 40.53 -54.29 -8.18
C LEU F 27 41.55 -55.40 -8.34
N ASN F 28 42.38 -55.56 -7.33
CA ASN F 28 43.36 -56.64 -7.29
C ASN F 28 42.67 -57.89 -6.78
N ASN F 29 42.46 -58.87 -7.65
CA ASN F 29 41.79 -60.11 -7.30
C ASN F 29 42.77 -61.28 -7.19
N ASP F 30 44.02 -60.99 -6.87
CA ASP F 30 45.01 -62.04 -6.63
C ASP F 30 44.67 -62.78 -5.35
N MET F 31 44.48 -64.10 -5.45
CA MET F 31 44.12 -64.92 -4.31
C MET F 31 45.27 -65.78 -3.80
N SER F 32 46.46 -65.67 -4.41
CA SER F 32 47.60 -66.44 -3.93
C SER F 32 48.09 -65.98 -2.57
N GLU F 33 47.81 -64.73 -2.20
CA GLU F 33 48.17 -64.21 -0.89
C GLU F 33 47.12 -63.19 -0.46
N ILE F 34 46.74 -63.25 0.81
CA ILE F 34 45.74 -62.35 1.37
C ILE F 34 46.39 -61.49 2.45
N TRP F 35 45.75 -60.37 2.74
CA TRP F 35 46.23 -59.47 3.77
C TRP F 35 45.82 -59.96 5.15
N ASP F 36 46.40 -59.34 6.19
CA ASP F 36 46.22 -59.83 7.54
C ASP F 36 44.79 -59.67 8.06
N ASN F 37 44.03 -58.72 7.52
CA ASN F 37 42.68 -58.46 7.99
C ASN F 37 41.62 -58.76 6.94
N GLU F 38 41.90 -59.71 6.06
CA GLU F 38 40.94 -60.19 5.08
C GLU F 38 40.49 -61.60 5.41
N MET F 39 39.35 -61.99 4.86
CA MET F 39 38.86 -63.36 4.93
C MET F 39 38.69 -63.89 3.50
N LEU F 40 39.21 -65.08 3.25
CA LEU F 40 39.16 -65.71 1.94
C LEU F 40 38.02 -66.72 1.91
N ILE F 41 37.20 -66.67 0.86
CA ILE F 41 36.02 -67.51 0.72
C ILE F 41 36.16 -68.34 -0.55
N ASP F 42 35.80 -69.61 -0.47
CA ASP F 42 35.73 -70.48 -1.66
C ASP F 42 34.32 -70.36 -2.23
N VAL F 43 34.18 -69.54 -3.27
CA VAL F 43 32.86 -69.26 -3.84
C VAL F 43 32.37 -70.47 -4.61
N ILE F 44 31.16 -70.91 -4.29
CA ILE F 44 30.50 -71.98 -5.03
C ILE F 44 29.35 -71.45 -5.89
N ARG F 45 28.79 -70.28 -5.58
CA ARG F 45 27.60 -69.80 -6.25
C ARG F 45 27.61 -68.27 -6.25
N LEU F 46 27.22 -67.69 -7.39
CA LEU F 46 27.12 -66.25 -7.55
C LEU F 46 25.67 -65.90 -7.86
N ASN F 47 25.08 -65.05 -7.02
CA ASN F 47 23.72 -64.57 -7.21
C ASN F 47 23.81 -63.14 -7.75
N ILE F 48 23.89 -63.03 -9.08
CA ILE F 48 24.04 -61.73 -9.71
C ILE F 48 22.76 -60.93 -9.57
N ASP F 49 22.91 -59.61 -9.41
CA ASP F 49 21.76 -58.71 -9.35
C ASP F 49 20.86 -58.91 -10.55
N SER F 50 19.55 -58.90 -10.32
CA SER F 50 18.59 -59.22 -11.38
C SER F 50 18.69 -58.24 -12.54
N ALA F 51 18.78 -56.94 -12.23
CA ALA F 51 18.88 -55.94 -13.29
C ALA F 51 20.19 -56.08 -14.05
N SER F 52 21.28 -56.41 -13.36
CA SER F 52 22.56 -56.58 -14.02
C SER F 52 22.58 -57.83 -14.89
N PHE F 53 21.99 -58.93 -14.39
CA PHE F 53 21.95 -60.18 -15.15
C PHE F 53 21.16 -60.00 -16.45
N HIS F 54 20.06 -59.25 -16.39
CA HIS F 54 19.25 -59.04 -17.59
C HIS F 54 19.97 -58.15 -18.59
N GLN F 55 20.72 -57.16 -18.10
CA GLN F 55 21.44 -56.27 -19.01
C GLN F 55 22.59 -56.99 -19.71
N ILE F 56 23.27 -57.88 -18.98
CA ILE F 56 24.35 -58.65 -19.60
C ILE F 56 23.81 -59.64 -20.61
N LYS F 57 22.72 -60.32 -20.27
CA LYS F 57 22.14 -61.30 -21.18
C LYS F 57 21.66 -60.64 -22.46
N ASN F 58 20.86 -59.57 -22.34
CA ASN F 58 20.34 -58.89 -23.52
C ASN F 58 21.46 -58.26 -24.36
N LYS F 59 22.56 -57.87 -23.72
CA LYS F 59 23.71 -57.38 -24.46
C LYS F 59 24.34 -58.49 -25.30
N LEU F 60 24.27 -59.73 -24.84
CA LEU F 60 24.91 -60.84 -25.54
C LEU F 60 24.05 -61.33 -26.70
N ILE F 61 22.73 -61.32 -26.56
CA ILE F 61 21.88 -61.78 -27.66
C ILE F 61 21.92 -60.81 -28.84
N ALA F 62 22.22 -59.53 -28.58
CA ALA F 62 22.25 -58.51 -29.62
C ALA F 62 23.64 -58.34 -30.24
N GLN F 63 24.58 -59.20 -29.90
CA GLN F 63 25.94 -59.09 -30.42
C GLN F 63 26.24 -59.94 -31.65
N GLY F 64 25.70 -61.16 -31.82
CA GLY F 64 24.87 -61.87 -30.87
C GLY F 64 25.27 -63.33 -30.74
N HIS F 65 25.12 -63.88 -29.54
CA HIS F 65 25.65 -65.20 -29.23
C HIS F 65 24.54 -66.24 -29.25
N GLN F 66 24.92 -67.47 -29.59
CA GLN F 66 23.96 -68.57 -29.70
C GLN F 66 23.69 -69.19 -28.33
N ASP F 67 24.65 -69.95 -27.81
CA ASP F 67 24.53 -70.51 -26.47
C ASP F 67 24.78 -69.40 -25.45
N LEU F 68 23.71 -68.93 -24.82
CA LEU F 68 23.83 -67.83 -23.87
C LEU F 68 24.61 -68.25 -22.63
N GLU F 69 24.44 -69.50 -22.19
CA GLU F 69 25.15 -69.97 -21.02
C GLU F 69 26.66 -69.94 -21.22
N LYS F 70 27.11 -70.31 -22.43
CA LYS F 70 28.54 -70.23 -22.72
C LYS F 70 29.00 -68.79 -22.84
N ALA F 71 28.20 -67.93 -23.49
CA ALA F 71 28.57 -66.53 -23.64
C ALA F 71 28.57 -65.82 -22.30
N PHE F 72 27.59 -66.09 -21.45
CA PHE F 72 27.56 -65.45 -20.14
C PHE F 72 28.72 -65.93 -19.27
N ALA F 73 29.04 -67.22 -19.31
CA ALA F 73 30.14 -67.75 -18.53
C ALA F 73 31.46 -67.11 -18.95
N GLU F 74 31.70 -67.01 -20.26
CA GLU F 74 32.92 -66.37 -20.73
C GLU F 74 32.91 -64.87 -20.47
N HIS F 75 31.72 -64.25 -20.48
CA HIS F 75 31.63 -62.83 -20.15
C HIS F 75 31.98 -62.59 -18.69
N ALA F 76 31.52 -63.47 -17.79
CA ALA F 76 31.83 -63.30 -16.38
C ALA F 76 33.31 -63.55 -16.11
N ILE F 77 33.90 -64.54 -16.79
CA ILE F 77 35.32 -64.82 -16.59
C ILE F 77 36.18 -63.68 -17.11
N GLU F 78 35.85 -63.16 -18.29
CA GLU F 78 36.62 -62.05 -18.86
C GLU F 78 36.48 -60.80 -17.99
N LEU F 79 35.28 -60.53 -17.48
CA LEU F 79 35.07 -59.34 -16.68
C LEU F 79 35.81 -59.42 -15.35
N THR F 80 35.69 -60.55 -14.64
CA THR F 80 36.33 -60.68 -13.35
C THR F 80 37.85 -60.78 -13.48
N ASN F 81 38.35 -61.31 -14.59
CA ASN F 81 39.80 -61.35 -14.78
C ASN F 81 40.36 -59.97 -15.13
N ARG F 82 39.58 -59.15 -15.83
CA ARG F 82 40.04 -57.84 -16.27
C ARG F 82 39.80 -56.76 -15.21
N THR F 83 38.62 -56.75 -14.59
CA THR F 83 38.28 -55.73 -13.61
C THR F 83 38.54 -56.16 -12.18
N GLY F 84 38.74 -57.46 -11.92
CA GLY F 84 38.94 -57.94 -10.57
C GLY F 84 37.67 -58.12 -9.76
N LYS F 85 36.51 -57.92 -10.38
CA LYS F 85 35.23 -58.04 -9.68
C LYS F 85 34.13 -58.13 -10.72
N HIS F 86 32.95 -58.58 -10.26
CA HIS F 86 31.78 -58.69 -11.13
C HIS F 86 30.87 -57.48 -10.96
N LYS F 87 31.42 -56.31 -11.28
CA LYS F 87 30.66 -55.07 -11.29
C LYS F 87 30.26 -54.78 -12.73
N ASN F 88 28.95 -54.61 -12.95
CA ASN F 88 28.45 -54.28 -14.27
C ASN F 88 29.04 -52.94 -14.74
N GLU F 89 29.68 -52.95 -15.89
CA GLU F 89 30.35 -51.76 -16.39
C GLU F 89 29.39 -50.73 -16.99
N ASP F 90 28.13 -51.11 -17.23
CA ASP F 90 27.12 -50.18 -17.74
C ASP F 90 26.24 -49.62 -16.64
N THR F 91 25.78 -50.45 -15.72
CA THR F 91 24.96 -49.99 -14.60
C THR F 91 25.81 -49.71 -13.37
N GLY F 92 26.48 -50.74 -12.84
CA GLY F 92 27.31 -50.59 -11.66
C GLY F 92 26.94 -51.55 -10.56
N SER F 93 25.88 -52.33 -10.76
CA SER F 93 25.41 -53.26 -9.75
C SER F 93 26.23 -54.55 -9.78
N GLY F 94 26.09 -55.33 -8.70
CA GLY F 94 26.84 -56.57 -8.57
C GLY F 94 25.99 -57.73 -8.14
N GLY F 95 25.95 -58.00 -6.85
CA GLY F 95 25.19 -59.11 -6.30
C GLY F 95 25.85 -59.61 -5.01
N MET F 96 25.63 -60.88 -4.73
N MET F 96 25.64 -60.89 -4.74
CA MET F 96 26.24 -61.51 -3.57
CA MET F 96 26.14 -61.55 -3.54
C MET F 96 26.60 -62.94 -3.92
C MET F 96 26.56 -62.98 -3.89
N PHE F 97 27.51 -63.51 -3.13
CA PHE F 97 28.00 -64.87 -3.36
C PHE F 97 27.67 -65.79 -2.19
N ILE F 98 27.69 -67.08 -2.48
CA ILE F 98 27.60 -68.14 -1.49
C ILE F 98 28.89 -68.95 -1.58
N GLY F 99 29.43 -69.33 -0.43
CA GLY F 99 30.65 -70.11 -0.44
C GLY F 99 31.03 -70.57 0.95
N ARG F 100 32.22 -71.19 1.02
CA ARG F 100 32.77 -71.70 2.26
C ARG F 100 34.03 -70.93 2.62
N VAL F 101 34.24 -70.73 3.92
CA VAL F 101 35.42 -70.01 4.39
C VAL F 101 36.66 -70.84 4.09
N ALA F 102 37.67 -70.21 3.50
CA ALA F 102 38.93 -70.86 3.16
C ALA F 102 40.09 -70.45 4.05
N ALA F 103 40.20 -69.18 4.40
CA ALA F 103 41.27 -68.70 5.25
C ALA F 103 40.81 -67.43 5.96
N ILE F 104 41.16 -67.31 7.24
CA ILE F 104 40.83 -66.15 8.05
C ILE F 104 42.14 -65.51 8.50
N GLY F 105 42.37 -64.27 8.08
CA GLY F 105 43.54 -63.56 8.54
C GLY F 105 43.53 -63.37 10.04
N ASP F 106 44.73 -63.31 10.62
CA ASP F 106 44.83 -63.19 12.08
C ASP F 106 44.22 -61.88 12.58
N LYS F 107 44.38 -60.81 11.81
CA LYS F 107 43.86 -59.49 12.19
C LYS F 107 42.48 -59.22 11.61
N PHE F 108 41.77 -60.24 11.16
CA PHE F 108 40.46 -60.04 10.57
C PHE F 108 39.45 -59.65 11.65
N GLU F 109 38.68 -58.59 11.38
CA GLU F 109 37.65 -58.13 12.32
C GLU F 109 36.45 -59.05 12.22
N MET F 110 36.38 -60.05 13.09
CA MET F 110 35.29 -61.01 13.06
C MET F 110 33.98 -60.35 13.49
N LYS F 111 32.93 -60.57 12.71
CA LYS F 111 31.59 -60.12 13.09
C LYS F 111 30.82 -61.30 13.67
N GLU F 112 30.17 -62.10 12.82
CA GLU F 112 29.65 -63.38 13.28
C GLU F 112 30.78 -64.40 13.32
N GLU F 113 30.79 -65.22 14.37
CA GLU F 113 31.86 -66.19 14.56
C GLU F 113 31.81 -67.27 13.48
N VAL F 114 32.86 -67.35 12.67
CA VAL F 114 32.99 -68.37 11.64
C VAL F 114 34.40 -68.92 11.68
N LYS F 115 34.54 -70.18 11.28
CA LYS F 115 35.84 -70.84 11.15
C LYS F 115 36.01 -71.33 9.72
N VAL F 116 37.20 -71.84 9.43
CA VAL F 116 37.49 -72.34 8.10
C VAL F 116 36.60 -73.54 7.81
N GLY F 117 35.95 -73.53 6.65
CA GLY F 117 35.02 -74.57 6.27
C GLY F 117 33.56 -74.22 6.48
N ASP F 118 33.27 -73.14 7.21
CA ASP F 118 31.89 -72.73 7.43
C ASP F 118 31.29 -72.18 6.16
N LYS F 119 30.01 -72.47 5.94
CA LYS F 119 29.27 -71.97 4.79
C LYS F 119 28.65 -70.62 5.12
N ILE F 120 29.06 -69.59 4.39
CA ILE F 120 28.62 -68.23 4.66
C ILE F 120 27.97 -67.64 3.42
N ALA F 121 27.24 -66.54 3.64
CA ALA F 121 26.58 -65.79 2.58
C ALA F 121 27.09 -64.36 2.58
N SER F 122 27.48 -63.86 1.41
CA SER F 122 27.92 -62.48 1.30
C SER F 122 26.75 -61.53 1.53
N LEU F 123 27.02 -60.45 2.26
CA LEU F 123 26.02 -59.43 2.53
C LEU F 123 26.44 -58.06 2.02
N VAL F 124 27.57 -57.97 1.32
CA VAL F 124 27.98 -56.77 0.62
C VAL F 124 27.93 -57.04 -0.88
N SER F 125 27.81 -55.98 -1.65
CA SER F 125 27.62 -56.12 -3.10
C SER F 125 28.89 -56.62 -3.78
N LEU F 126 28.69 -57.39 -4.85
CA LEU F 126 29.81 -57.85 -5.66
C LEU F 126 30.58 -56.70 -6.31
N SER F 127 30.02 -55.49 -6.31
CA SER F 127 30.68 -54.33 -6.89
C SER F 127 31.90 -53.88 -6.10
N LEU F 128 32.14 -54.46 -4.93
CA LEU F 128 33.33 -54.13 -4.15
C LEU F 128 34.12 -55.35 -3.71
N THR F 129 33.67 -56.57 -4.04
CA THR F 129 34.34 -57.78 -3.60
C THR F 129 35.35 -58.22 -4.65
N PRO F 130 36.64 -58.28 -4.35
CA PRO F 130 37.60 -58.89 -5.28
C PRO F 130 37.23 -60.35 -5.53
N LEU F 131 37.02 -60.68 -6.80
CA LEU F 131 36.49 -61.99 -7.18
C LEU F 131 37.35 -62.60 -8.27
N LYS F 132 37.65 -63.89 -8.12
CA LYS F 132 38.39 -64.65 -9.11
C LYS F 132 37.59 -65.89 -9.48
N ILE F 133 37.21 -66.00 -10.74
CA ILE F 133 36.45 -67.15 -11.24
C ILE F 133 37.41 -68.08 -11.97
N ASN F 134 37.57 -69.29 -11.44
CA ASN F 134 38.43 -70.29 -12.06
C ASN F 134 37.69 -71.19 -13.04
N LYS F 135 36.40 -71.43 -12.79
CA LYS F 135 35.61 -72.31 -13.64
C LYS F 135 34.14 -72.04 -13.38
N VAL F 136 33.36 -71.93 -14.45
CA VAL F 136 31.91 -71.75 -14.35
C VAL F 136 31.27 -73.11 -14.61
N LYS F 137 30.78 -73.74 -13.54
CA LYS F 137 30.23 -75.08 -13.67
C LYS F 137 28.85 -75.06 -14.33
N LYS F 138 28.07 -74.01 -14.10
CA LYS F 138 26.72 -73.93 -14.65
C LYS F 138 26.26 -72.48 -14.63
N VAL F 139 25.52 -72.09 -15.65
CA VAL F 139 24.89 -70.77 -15.71
C VAL F 139 23.39 -70.98 -15.76
N LEU F 140 22.68 -70.43 -14.78
CA LEU F 140 21.24 -70.61 -14.62
C LEU F 140 20.57 -69.29 -14.98
N LEU F 141 20.12 -69.17 -16.24
CA LEU F 141 19.54 -67.92 -16.70
C LEU F 141 18.14 -67.66 -16.14
N ASP F 142 17.44 -68.70 -15.71
CA ASP F 142 16.16 -68.54 -15.04
C ASP F 142 16.29 -68.19 -13.57
N LYS F 143 17.51 -68.08 -13.05
CA LYS F 143 17.73 -67.84 -11.63
C LYS F 143 18.73 -66.72 -11.36
N ASP F 144 19.22 -66.04 -12.40
CA ASP F 144 20.25 -65.00 -12.24
C ASP F 144 21.44 -65.54 -11.45
N GLN F 145 21.79 -66.80 -11.71
CA GLN F 145 22.68 -67.56 -10.86
C GLN F 145 23.83 -68.13 -11.66
N MET F 146 24.95 -68.38 -10.97
CA MET F 146 26.14 -68.98 -11.58
C MET F 146 26.77 -69.91 -10.56
N GLU F 147 26.74 -71.21 -10.84
CA GLU F 147 27.46 -72.20 -10.04
C GLU F 147 28.88 -72.28 -10.56
N ILE F 148 29.84 -71.79 -9.76
CA ILE F 148 31.20 -71.59 -10.21
C ILE F 148 32.18 -72.22 -9.23
N GLU F 149 33.45 -72.25 -9.64
CA GLU F 149 34.58 -72.55 -8.78
C GLU F 149 35.44 -71.30 -8.71
N GLY F 150 35.56 -70.71 -7.53
CA GLY F 150 36.33 -69.49 -7.42
C GLY F 150 36.50 -69.06 -5.98
N GLN F 151 37.11 -67.90 -5.81
CA GLN F 151 37.42 -67.35 -4.50
C GLN F 151 37.11 -65.86 -4.49
N ALA F 152 36.67 -65.36 -3.34
CA ALA F 152 36.36 -63.96 -3.14
C ALA F 152 37.00 -63.47 -1.85
N ILE F 153 37.13 -62.14 -1.75
CA ILE F 153 37.75 -61.49 -0.60
C ILE F 153 36.71 -60.68 0.13
N LEU F 154 36.58 -60.91 1.44
CA LEU F 154 35.78 -60.07 2.33
C LEU F 154 36.72 -59.22 3.15
N PHE F 155 36.59 -57.90 3.05
CA PHE F 155 37.38 -57.01 3.87
C PHE F 155 36.86 -57.02 5.30
N SER F 156 37.66 -56.46 6.21
CA SER F 156 37.25 -56.38 7.61
C SER F 156 36.00 -55.53 7.80
N SER F 157 35.72 -54.62 6.87
CA SER F 157 34.51 -53.82 6.91
C SER F 157 33.32 -54.51 6.27
N GLY F 158 33.53 -55.61 5.56
CA GLY F 158 32.44 -56.30 4.91
C GLY F 158 31.48 -56.93 5.89
N VAL F 159 30.34 -57.37 5.36
CA VAL F 159 29.29 -58.01 6.14
C VAL F 159 29.02 -59.39 5.54
N TYR F 160 28.83 -60.37 6.40
CA TYR F 160 28.57 -61.75 5.98
C TYR F 160 27.63 -62.39 6.99
N ALA F 161 27.10 -63.56 6.63
CA ALA F 161 26.22 -64.31 7.51
C ALA F 161 26.51 -65.80 7.36
N LYS F 162 26.73 -66.46 8.49
CA LYS F 162 26.92 -67.91 8.47
C LYS F 162 25.58 -68.60 8.26
N LEU F 163 25.50 -69.44 7.23
CA LEU F 163 24.26 -70.13 6.91
C LEU F 163 24.02 -71.26 7.90
N PRO F 164 22.88 -71.29 8.60
CA PRO F 164 22.69 -72.26 9.68
C PRO F 164 22.39 -73.65 9.16
N ASP F 165 22.66 -74.63 10.02
CA ASP F 165 22.45 -76.03 9.68
C ASP F 165 21.00 -76.47 9.82
N ASP F 166 20.20 -75.75 10.61
CA ASP F 166 18.81 -76.15 10.88
C ASP F 166 17.82 -75.50 9.91
N LEU F 167 18.29 -74.80 8.89
CA LEU F 167 17.43 -74.23 7.88
C LEU F 167 18.07 -74.42 6.51
N ASP F 168 17.22 -74.56 5.49
CA ASP F 168 17.72 -74.72 4.13
C ASP F 168 18.28 -73.39 3.62
N GLU F 169 19.09 -73.48 2.56
CA GLU F 169 19.86 -72.32 2.10
C GLU F 169 18.94 -71.18 1.67
N ASN F 170 18.10 -71.43 0.66
CA ASN F 170 17.29 -70.34 0.10
C ASN F 170 16.29 -69.79 1.12
N LEU F 171 15.91 -70.60 2.10
CA LEU F 171 15.08 -70.09 3.19
C LEU F 171 15.89 -69.16 4.10
N ALA F 172 17.12 -69.56 4.42
CA ALA F 172 17.99 -68.69 5.20
C ALA F 172 18.27 -67.38 4.48
N LEU F 173 18.42 -67.45 3.14
CA LEU F 173 18.63 -66.22 2.37
C LEU F 173 17.41 -65.32 2.40
N SER F 174 16.22 -65.89 2.60
CA SER F 174 15.01 -65.07 2.63
C SER F 174 14.99 -64.15 3.84
N VAL F 175 15.51 -64.61 4.97
CA VAL F 175 15.46 -63.78 6.17
C VAL F 175 16.56 -62.72 6.15
N LEU F 176 17.68 -62.98 5.45
CA LEU F 176 18.76 -62.01 5.36
C LEU F 176 18.45 -60.86 4.41
N ASP F 177 17.43 -60.99 3.57
CA ASP F 177 17.00 -59.87 2.74
C ASP F 177 16.42 -58.73 3.58
N VAL F 178 15.93 -59.04 4.78
CA VAL F 178 15.24 -58.05 5.61
C VAL F 178 15.72 -58.16 7.05
N ALA F 179 16.90 -58.74 7.24
CA ALA F 179 17.38 -58.99 8.59
C ALA F 179 17.68 -57.70 9.36
N GLY F 180 17.98 -56.62 8.64
CA GLY F 180 18.28 -55.35 9.29
C GLY F 180 17.09 -54.67 9.91
N ALA F 181 15.87 -55.00 9.45
CA ALA F 181 14.69 -54.35 10.01
C ALA F 181 14.41 -54.78 11.45
N PRO F 182 14.33 -56.07 11.79
CA PRO F 182 14.06 -56.42 13.19
C PRO F 182 15.20 -56.06 14.13
N ALA F 183 16.45 -56.09 13.65
CA ALA F 183 17.57 -55.73 14.50
C ALA F 183 17.54 -54.26 14.88
N GLN F 184 17.11 -53.40 13.96
CA GLN F 184 17.03 -51.97 14.23
C GLN F 184 15.71 -51.58 14.89
N VAL F 185 14.64 -52.33 14.64
CA VAL F 185 13.35 -51.99 15.23
C VAL F 185 13.35 -52.23 16.73
N GLU F 186 13.97 -53.32 17.17
CA GLU F 186 14.02 -53.63 18.59
C GLU F 186 14.81 -52.62 19.40
N ARG F 187 15.61 -51.77 18.75
CA ARG F 187 16.30 -50.69 19.45
C ARG F 187 15.39 -49.49 19.68
N LEU F 188 14.41 -49.28 18.79
CA LEU F 188 13.58 -48.08 18.84
C LEU F 188 12.36 -48.23 19.73
N VAL F 189 11.86 -49.44 19.92
CA VAL F 189 10.61 -49.68 20.62
C VAL F 189 10.89 -49.96 22.09
N LYS F 190 10.34 -49.11 22.96
CA LYS F 190 10.42 -49.20 24.41
C LYS F 190 9.14 -49.81 24.96
N PRO F 191 9.15 -50.33 26.19
CA PRO F 191 7.93 -50.91 26.76
C PRO F 191 6.80 -49.91 26.81
N ASP F 192 5.58 -50.39 26.58
CA ASP F 192 4.34 -49.63 26.56
C ASP F 192 4.20 -48.70 25.35
N ASP F 193 5.14 -48.78 24.41
CA ASP F 193 5.07 -47.92 23.24
C ASP F 193 3.90 -48.31 22.34
N THR F 194 3.35 -47.31 21.65
CA THR F 194 2.40 -47.53 20.56
C THR F 194 3.17 -47.46 19.26
N VAL F 195 3.13 -48.55 18.49
CA VAL F 195 3.91 -48.67 17.26
C VAL F 195 2.96 -48.84 16.09
N VAL F 196 3.18 -48.09 15.03
CA VAL F 196 2.42 -48.19 13.79
C VAL F 196 3.36 -48.71 12.71
N ILE F 197 2.97 -49.80 12.06
CA ILE F 197 3.78 -50.47 11.05
C ILE F 197 3.04 -50.41 9.73
N ILE F 198 3.52 -49.54 8.83
CA ILE F 198 2.92 -49.41 7.51
C ILE F 198 3.53 -50.49 6.62
N GLY F 199 2.72 -51.48 6.26
CA GLY F 199 3.18 -52.63 5.51
C GLY F 199 3.39 -53.85 6.39
N ALA F 200 2.49 -54.03 7.36
CA ALA F 200 2.65 -55.07 8.37
C ALA F 200 2.52 -56.47 7.79
N ASN F 201 1.89 -56.63 6.63
CA ASN F 201 1.73 -57.93 6.02
C ASN F 201 2.94 -58.35 5.17
N GLY F 202 3.88 -57.43 4.92
CA GLY F 202 4.98 -57.70 4.03
C GLY F 202 6.03 -58.62 4.63
N LYS F 203 7.10 -58.80 3.85
CA LYS F 203 8.19 -59.69 4.24
C LYS F 203 8.86 -59.22 5.53
N SER F 204 9.38 -57.99 5.52
CA SER F 204 9.92 -57.40 6.73
C SER F 204 8.85 -56.96 7.72
N GLY F 205 7.63 -56.71 7.24
CA GLY F 205 6.58 -56.24 8.13
C GLY F 205 6.21 -57.24 9.20
N ILE F 206 6.07 -58.51 8.81
CA ILE F 206 5.69 -59.54 9.78
C ILE F 206 6.80 -59.75 10.80
N LEU F 207 8.07 -59.57 10.39
CA LEU F 207 9.16 -59.60 11.36
C LEU F 207 9.07 -58.41 12.31
N CYS F 208 8.76 -57.22 11.78
CA CYS F 208 8.61 -56.06 12.63
C CYS F 208 7.37 -56.17 13.52
N ASN F 209 6.31 -56.83 13.03
CA ASN F 209 5.13 -57.05 13.85
C ASN F 209 5.49 -57.81 15.14
N ALA F 210 6.27 -58.89 15.00
CA ALA F 210 6.65 -59.68 16.16
C ALA F 210 7.58 -58.90 17.07
N VAL F 211 8.60 -58.26 16.49
CA VAL F 211 9.59 -57.55 17.30
C VAL F 211 8.95 -56.39 18.04
N ALA F 212 8.06 -55.65 17.37
CA ALA F 212 7.41 -54.53 18.02
C ALA F 212 6.58 -54.98 19.21
N LYS F 213 5.90 -56.13 19.10
CA LYS F 213 5.08 -56.61 20.19
C LYS F 213 5.93 -57.14 21.34
N GLU F 214 7.06 -57.78 21.03
CA GLU F 214 7.97 -58.22 22.09
C GLU F 214 8.49 -57.04 22.89
N ARG F 215 8.83 -55.94 22.20
CA ARG F 215 9.45 -54.80 22.88
C ARG F 215 8.41 -53.90 23.53
N ALA F 216 7.25 -53.72 22.90
CA ALA F 216 6.22 -52.88 23.48
C ALA F 216 5.60 -53.54 24.71
N GLY F 217 5.45 -54.86 24.68
CA GLY F 217 4.98 -55.60 25.84
C GLY F 217 3.47 -55.77 25.86
N ILE F 218 3.02 -56.36 26.96
CA ILE F 218 1.60 -56.68 27.14
C ILE F 218 0.76 -55.41 27.15
N CYS F 219 1.32 -54.29 27.59
CA CYS F 219 0.59 -53.04 27.68
C CYS F 219 1.00 -52.05 26.60
N GLY F 220 1.73 -52.50 25.57
CA GLY F 220 1.93 -51.72 24.37
C GLY F 220 0.82 -51.96 23.36
N LYS F 221 0.87 -51.20 22.27
CA LYS F 221 -0.14 -51.30 21.22
C LYS F 221 0.54 -51.27 19.87
N VAL F 222 0.51 -52.40 19.16
CA VAL F 222 1.09 -52.51 17.82
C VAL F 222 -0.04 -52.41 16.82
N ILE F 223 0.03 -51.42 15.93
CA ILE F 223 -1.02 -51.14 14.96
C ILE F 223 -0.44 -51.35 13.57
N GLY F 224 -1.00 -52.30 12.83
CA GLY F 224 -0.61 -52.51 11.45
C GLY F 224 -1.46 -51.73 10.48
N VAL F 225 -0.86 -51.38 9.34
CA VAL F 225 -1.55 -50.68 8.26
C VAL F 225 -1.39 -51.51 7.00
N VAL F 226 -2.51 -52.00 6.46
CA VAL F 226 -2.50 -52.83 5.27
C VAL F 226 -3.58 -52.34 4.31
N ARG F 227 -3.49 -52.84 3.08
CA ARG F 227 -4.38 -52.44 1.99
C ARG F 227 -5.65 -53.29 1.94
N ASN F 228 -5.54 -54.59 2.20
CA ASN F 228 -6.64 -55.53 2.03
C ASN F 228 -7.07 -56.09 3.39
N GLU F 229 -8.37 -56.35 3.52
CA GLU F 229 -8.91 -56.89 4.77
C GLU F 229 -8.41 -58.31 5.03
N ASN F 230 -8.11 -59.07 3.96
CA ASN F 230 -7.65 -60.45 4.15
C ASN F 230 -6.25 -60.53 4.73
N TYR F 231 -5.51 -59.42 4.78
CA TYR F 231 -4.21 -59.40 5.43
C TYR F 231 -4.31 -59.26 6.94
N ILE F 232 -5.49 -58.95 7.47
CA ILE F 232 -5.63 -58.71 8.91
C ILE F 232 -5.28 -59.94 9.75
N PRO F 233 -5.78 -61.14 9.45
CA PRO F 233 -5.43 -62.30 10.29
C PRO F 233 -3.93 -62.55 10.39
N THR F 234 -3.18 -62.30 9.33
CA THR F 234 -1.73 -62.49 9.39
C THR F 234 -1.07 -61.44 10.27
N CYS F 235 -1.59 -60.20 10.23
CA CYS F 235 -1.00 -59.13 11.03
C CYS F 235 -1.20 -59.39 12.52
N LYS F 236 -2.41 -59.81 12.92
CA LYS F 236 -2.66 -60.10 14.32
C LYS F 236 -1.88 -61.31 14.79
N ALA F 237 -1.82 -62.36 13.98
CA ALA F 237 -1.08 -63.56 14.34
C ALA F 237 0.42 -63.30 14.46
N THR F 238 0.92 -62.25 13.84
CA THR F 238 2.35 -61.92 13.89
C THR F 238 2.67 -60.86 14.95
N GLY F 239 1.68 -60.31 15.63
CA GLY F 239 1.95 -59.42 16.74
C GLY F 239 1.12 -58.16 16.81
N CYS F 240 0.43 -57.81 15.73
CA CYS F 240 -0.34 -56.57 15.71
C CYS F 240 -1.56 -56.70 16.62
N ASP F 241 -1.76 -55.69 17.48
CA ASP F 241 -2.98 -55.63 18.29
C ASP F 241 -4.15 -55.09 17.48
N GLU F 242 -3.89 -54.08 16.65
CA GLU F 242 -4.91 -53.48 15.79
C GLU F 242 -4.38 -53.40 14.37
N VAL F 243 -5.30 -53.38 13.41
CA VAL F 243 -4.95 -53.30 12.00
C VAL F 243 -5.81 -52.22 11.35
N ILE F 244 -5.15 -51.31 10.62
CA ILE F 244 -5.82 -50.24 9.90
C ILE F 244 -5.88 -50.61 8.42
N LEU F 245 -7.06 -50.45 7.82
CA LEU F 245 -7.26 -50.73 6.40
C LEU F 245 -7.22 -49.40 5.64
N ALA F 246 -6.12 -49.17 4.92
CA ALA F 246 -5.94 -47.93 4.17
C ALA F 246 -4.79 -48.11 3.20
N GLN F 247 -4.79 -47.28 2.16
CA GLN F 247 -3.66 -47.26 1.24
C GLN F 247 -2.46 -46.59 1.91
N ALA F 248 -1.26 -47.13 1.65
CA ALA F 248 -0.06 -46.61 2.28
C ALA F 248 0.20 -45.15 1.93
N THR F 249 -0.36 -44.67 0.82
CA THR F 249 -0.22 -43.28 0.41
C THR F 249 -1.32 -42.39 0.95
N ASP F 250 -2.30 -42.95 1.65
CA ASP F 250 -3.45 -42.18 2.16
C ASP F 250 -3.07 -41.62 3.53
N ALA F 251 -2.54 -40.39 3.53
CA ALA F 251 -2.06 -39.79 4.77
C ALA F 251 -3.21 -39.44 5.71
N ILE F 252 -4.33 -38.98 5.15
CA ILE F 252 -5.43 -38.50 5.99
C ILE F 252 -6.11 -39.66 6.70
N THR F 253 -6.40 -40.74 5.97
CA THR F 253 -7.06 -41.89 6.58
C THR F 253 -6.19 -42.54 7.65
N ILE F 254 -4.89 -42.70 7.35
CA ILE F 254 -3.98 -43.30 8.32
C ILE F 254 -3.88 -42.43 9.57
N GLN F 255 -3.83 -41.11 9.38
CA GLN F 255 -3.78 -40.19 10.53
C GLN F 255 -5.03 -40.33 11.39
N LYS F 256 -6.21 -40.25 10.76
CA LYS F 256 -7.45 -40.28 11.52
C LYS F 256 -7.67 -41.65 12.17
N GLU F 257 -7.26 -42.72 11.50
CA GLU F 257 -7.46 -44.05 12.07
C GLU F 257 -6.47 -44.32 13.21
N VAL F 258 -5.23 -43.83 13.08
CA VAL F 258 -4.32 -43.89 14.21
C VAL F 258 -4.83 -43.03 15.35
N SER F 259 -5.44 -41.89 15.02
CA SER F 259 -6.00 -41.00 16.04
C SER F 259 -7.13 -41.70 16.81
N ARG F 260 -8.04 -42.34 16.09
CA ARG F 260 -9.16 -43.01 16.75
C ARG F 260 -8.67 -44.16 17.63
N LEU F 261 -7.69 -44.92 17.15
CA LEU F 261 -7.19 -46.07 17.90
C LEU F 261 -6.31 -45.69 19.08
N THR F 262 -5.84 -44.45 19.15
CA THR F 262 -4.96 -44.01 20.23
C THR F 262 -5.53 -42.89 21.07
N ASN F 263 -6.78 -42.49 20.84
CA ASN F 263 -7.40 -41.35 21.53
C ASN F 263 -6.55 -40.09 21.36
N GLY F 264 -6.14 -39.84 20.11
CA GLY F 264 -5.36 -38.68 19.77
C GLY F 264 -3.91 -38.70 20.21
N LYS F 265 -3.47 -39.74 20.92
CA LYS F 265 -2.10 -39.78 21.41
C LYS F 265 -1.09 -40.16 20.34
N MET F 266 -1.54 -40.78 19.24
CA MET F 266 -0.70 -41.16 18.11
C MET F 266 0.38 -42.16 18.53
N ALA F 267 1.32 -42.43 17.62
CA ALA F 267 2.27 -43.52 17.79
C ALA F 267 3.63 -43.00 18.24
N ASP F 268 4.26 -43.74 19.16
CA ASP F 268 5.61 -43.40 19.59
C ASP F 268 6.63 -43.73 18.51
N VAL F 269 6.43 -44.85 17.80
CA VAL F 269 7.33 -45.30 16.76
C VAL F 269 6.51 -45.62 15.52
N VAL F 270 6.96 -45.13 14.36
CA VAL F 270 6.34 -45.44 13.07
C VAL F 270 7.37 -46.18 12.23
N ILE F 271 7.03 -47.41 11.83
CA ILE F 271 7.90 -48.23 11.01
C ILE F 271 7.29 -48.32 9.62
N ASN F 272 8.07 -47.92 8.60
CA ASN F 272 7.63 -47.94 7.21
C ASN F 272 8.39 -49.04 6.48
N VAL F 273 7.65 -50.04 5.99
CA VAL F 273 8.25 -51.16 5.28
C VAL F 273 7.38 -51.55 4.09
N VAL F 274 6.72 -50.57 3.47
CA VAL F 274 5.85 -50.86 2.34
C VAL F 274 6.61 -50.96 1.01
N ASN F 275 7.74 -50.28 0.88
CA ASN F 275 8.43 -50.11 -0.40
C ASN F 275 7.47 -49.55 -1.44
N THR F 276 6.82 -48.45 -1.08
CA THR F 276 5.91 -47.73 -1.94
C THR F 276 6.27 -46.25 -1.89
N GLU F 277 6.27 -45.60 -3.04
CA GLU F 277 6.64 -44.19 -3.12
C GLU F 277 5.51 -43.32 -2.57
N ASP F 278 5.90 -42.15 -2.06
CA ASP F 278 4.97 -41.18 -1.47
C ASP F 278 4.26 -41.75 -0.24
N THR F 279 5.02 -42.40 0.64
CA THR F 279 4.51 -42.84 1.93
C THR F 279 5.22 -42.16 3.09
N GLU F 280 6.07 -41.16 2.82
CA GLU F 280 6.79 -40.48 3.88
C GLU F 280 5.84 -39.64 4.74
N LEU F 281 5.03 -38.80 4.10
CA LEU F 281 4.08 -37.97 4.84
C LEU F 281 3.06 -38.79 5.62
N PRO F 282 2.46 -39.87 5.10
CA PRO F 282 1.59 -40.69 5.95
C PRO F 282 2.31 -41.27 7.16
N SER F 283 3.59 -41.63 7.02
CA SER F 283 4.33 -42.13 8.17
C SER F 283 4.60 -41.01 9.18
N ILE F 284 4.94 -39.81 8.69
CA ILE F 284 5.25 -38.70 9.58
C ILE F 284 4.01 -38.31 10.38
N MET F 285 2.88 -38.14 9.70
CA MET F 285 1.66 -37.68 10.35
C MET F 285 1.06 -38.71 11.30
N ALA F 286 1.53 -39.96 11.27
CA ALA F 286 1.04 -40.96 12.21
C ALA F 286 1.77 -40.90 13.56
N ALA F 287 2.93 -40.27 13.61
CA ALA F 287 3.70 -40.20 14.84
C ALA F 287 3.22 -39.07 15.73
N LYS F 288 3.39 -39.25 17.04
CA LYS F 288 3.11 -38.19 17.99
C LYS F 288 4.22 -37.14 17.93
N ASP F 289 4.07 -36.09 18.74
CA ASP F 289 5.10 -35.07 18.83
C ASP F 289 6.37 -35.67 19.41
N ARG F 290 7.50 -35.42 18.75
CA ARG F 290 8.80 -35.99 19.09
C ARG F 290 8.80 -37.52 18.97
N GLY F 291 8.03 -38.04 18.01
CA GLY F 291 8.04 -39.46 17.74
C GLY F 291 9.18 -39.86 16.81
N MET F 292 9.31 -41.17 16.63
CA MET F 292 10.36 -41.74 15.78
C MET F 292 9.73 -42.35 14.54
N VAL F 293 10.29 -42.04 13.37
CA VAL F 293 9.83 -42.57 12.09
C VAL F 293 10.99 -43.35 11.48
N TYR F 294 10.75 -44.63 11.22
CA TYR F 294 11.79 -45.55 10.73
C TYR F 294 11.47 -45.90 9.28
N PHE F 295 12.30 -45.42 8.35
CA PHE F 295 12.13 -45.67 6.92
C PHE F 295 13.09 -46.79 6.51
N PHE F 296 12.55 -48.00 6.35
CA PHE F 296 13.37 -49.13 5.94
C PHE F 296 13.41 -49.34 4.43
N SER F 297 12.42 -48.83 3.70
CA SER F 297 12.29 -49.12 2.29
C SER F 297 13.16 -48.20 1.45
N MET F 298 13.73 -48.76 0.37
CA MET F 298 14.54 -47.99 -0.56
C MET F 298 13.72 -47.08 -1.46
N ALA F 299 12.39 -47.12 -1.34
CA ALA F 299 11.53 -46.20 -2.08
C ALA F 299 11.39 -44.85 -1.39
N THR F 300 12.05 -44.65 -0.25
CA THR F 300 11.94 -43.41 0.50
C THR F 300 12.77 -42.32 -0.16
N SER F 301 12.18 -41.13 -0.29
CA SER F 301 12.88 -39.96 -0.80
C SER F 301 13.33 -39.10 0.38
N PHE F 302 14.63 -38.85 0.47
CA PHE F 302 15.16 -37.98 1.52
C PHE F 302 14.52 -36.60 1.46
N THR F 303 14.30 -36.09 0.24
CA THR F 303 13.75 -34.75 0.08
C THR F 303 12.28 -34.70 0.49
N LYS F 304 11.51 -35.72 0.11
CA LYS F 304 10.08 -35.72 0.43
C LYS F 304 9.84 -35.87 1.93
N ALA F 305 10.71 -36.60 2.62
CA ALA F 305 10.54 -36.77 4.07
C ALA F 305 10.91 -35.49 4.81
N ALA F 306 12.06 -34.90 4.47
CA ALA F 306 12.52 -33.71 5.17
C ALA F 306 11.60 -32.52 4.92
N LEU F 307 11.27 -32.27 3.65
CA LEU F 307 10.35 -31.18 3.34
C LEU F 307 8.93 -31.51 3.78
N GLY F 308 8.59 -32.80 3.89
CA GLY F 308 7.25 -33.16 4.33
C GLY F 308 6.99 -32.78 5.77
N ALA F 309 7.93 -33.14 6.67
CA ALA F 309 7.77 -32.79 8.08
C ALA F 309 7.84 -31.29 8.30
N GLU F 310 8.53 -30.56 7.41
CA GLU F 310 8.63 -29.11 7.55
C GLU F 310 7.29 -28.43 7.27
N GLY F 311 6.67 -28.77 6.14
CA GLY F 311 5.46 -28.09 5.71
C GLY F 311 4.27 -28.27 6.66
N ILE F 312 4.31 -29.30 7.50
CA ILE F 312 3.24 -29.54 8.47
C ILE F 312 3.75 -29.42 9.91
N GLY F 313 4.94 -28.89 10.10
CA GLY F 313 5.44 -28.61 11.44
C GLY F 313 5.51 -29.82 12.34
N ALA F 314 5.97 -30.95 11.82
CA ALA F 314 6.09 -32.17 12.62
C ALA F 314 7.51 -32.27 13.15
N ASP F 315 7.67 -32.07 14.46
CA ASP F 315 8.96 -32.22 15.11
C ASP F 315 9.13 -33.69 15.46
N VAL F 316 9.49 -34.48 14.45
CA VAL F 316 9.67 -35.91 14.60
C VAL F 316 11.08 -36.28 14.15
N ASP F 317 11.60 -37.37 14.73
CA ASP F 317 12.87 -37.94 14.29
C ASP F 317 12.62 -38.93 13.17
N MET F 318 13.47 -38.87 12.14
CA MET F 318 13.30 -39.70 10.95
C MET F 318 14.60 -40.44 10.69
N MET F 319 14.53 -41.76 10.66
CA MET F 319 15.69 -42.63 10.52
C MET F 319 15.82 -43.13 9.09
N ILE F 320 17.03 -43.10 8.57
CA ILE F 320 17.35 -43.81 7.33
C ILE F 320 17.60 -45.26 7.70
N GLY F 321 16.59 -46.11 7.54
CA GLY F 321 16.72 -47.50 7.91
C GLY F 321 17.77 -48.21 7.06
N ASN F 322 18.62 -48.98 7.72
CA ASN F 322 19.72 -49.67 7.08
C ASN F 322 19.40 -51.15 6.90
N GLY F 323 20.23 -51.81 6.10
CA GLY F 323 20.18 -53.24 5.94
C GLY F 323 21.16 -54.01 6.81
N TYR F 324 21.98 -53.32 7.59
CA TYR F 324 22.96 -53.96 8.46
C TYR F 324 22.88 -53.38 9.86
N ALA F 325 22.98 -54.27 10.85
CA ALA F 325 23.17 -53.88 12.24
C ALA F 325 23.94 -55.00 12.92
N HIS F 326 24.38 -54.74 14.16
CA HIS F 326 25.14 -55.73 14.90
C HIS F 326 24.35 -57.02 15.07
N HIS F 327 24.95 -58.13 14.64
CA HIS F 327 24.38 -59.47 14.82
C HIS F 327 22.98 -59.59 14.22
N HIS F 328 22.70 -58.80 13.17
CA HIS F 328 21.34 -58.76 12.62
C HIS F 328 20.91 -60.10 12.07
N SER F 329 21.83 -60.87 11.50
CA SER F 329 21.48 -62.19 10.97
C SER F 329 21.10 -63.14 12.09
N GLU F 330 21.92 -63.21 13.14
CA GLU F 330 21.62 -64.09 14.26
C GLU F 330 20.34 -63.68 14.98
N ILE F 331 20.09 -62.37 15.06
CA ILE F 331 18.88 -61.89 15.72
C ILE F 331 17.64 -62.28 14.93
N ALA F 332 17.67 -62.08 13.60
CA ALA F 332 16.52 -62.43 12.77
C ALA F 332 16.26 -63.93 12.78
N LEU F 333 17.32 -64.73 12.70
CA LEU F 333 17.15 -66.18 12.75
C LEU F 333 16.62 -66.62 14.12
N ASP F 334 17.11 -65.99 15.19
CA ASP F 334 16.63 -66.34 16.52
C ASP F 334 15.16 -66.00 16.69
N LEU F 335 14.71 -64.90 16.07
CA LEU F 335 13.31 -64.53 16.14
C LEU F 335 12.41 -65.60 15.52
N LEU F 336 12.85 -66.16 14.39
CA LEU F 336 12.05 -67.19 13.73
C LEU F 336 12.05 -68.49 14.52
N ARG F 337 13.16 -68.82 15.18
CA ARG F 337 13.21 -70.04 15.98
C ARG F 337 12.29 -69.96 17.20
N ARG F 338 12.13 -68.77 17.77
CA ARG F 338 11.31 -68.60 18.96
C ARG F 338 9.83 -68.47 18.67
N ASN F 339 9.46 -68.05 17.46
CA ASN F 339 8.06 -67.82 17.08
C ASN F 339 7.70 -68.84 16.01
N SER F 340 6.97 -69.89 16.41
CA SER F 340 6.58 -70.93 15.46
C SER F 340 5.58 -70.41 14.44
N VAL F 341 4.66 -69.54 14.87
CA VAL F 341 3.71 -68.95 13.93
C VAL F 341 4.44 -68.09 12.91
N LEU F 342 5.44 -67.34 13.34
CA LEU F 342 6.24 -66.54 12.41
C LEU F 342 7.06 -67.43 11.50
N MET F 343 7.65 -68.50 12.05
CA MET F 343 8.46 -69.40 11.23
C MET F 343 7.62 -70.12 10.20
N LYS F 344 6.40 -70.53 10.58
CA LYS F 344 5.53 -71.20 9.62
C LYS F 344 5.26 -70.31 8.41
N ILE F 345 4.83 -69.07 8.65
CA ILE F 345 4.51 -68.16 7.55
C ILE F 345 5.74 -67.94 6.67
N PHE F 346 6.91 -67.78 7.27
CA PHE F 346 8.10 -67.48 6.48
C PHE F 346 8.48 -68.64 5.57
N LYS F 347 8.33 -69.88 6.06
CA LYS F 347 8.67 -71.02 5.23
C LYS F 347 7.66 -71.22 4.10
N GLU F 348 6.38 -70.91 4.35
CA GLU F 348 5.35 -71.13 3.34
C GLU F 348 5.31 -70.03 2.29
N ARG F 349 5.89 -68.86 2.57
CA ARG F 349 5.87 -67.75 1.62
C ARG F 349 7.21 -67.48 0.95
N TYR F 350 8.33 -67.76 1.61
CA TYR F 350 9.65 -67.40 1.07
C TYR F 350 10.64 -68.55 1.13
N ALA F 351 10.18 -69.79 0.96
CA ALA F 351 11.07 -70.94 0.97
C ALA F 351 12.04 -70.88 -0.21
N MET G 1 -12.37 -28.70 38.44
CA MET G 1 -12.30 -27.31 38.00
C MET G 1 -10.90 -26.95 37.52
N LYS G 2 -10.83 -26.15 36.46
CA LYS G 2 -9.54 -25.75 35.92
C LYS G 2 -8.77 -24.92 36.92
N SER G 3 -7.44 -25.04 36.89
CA SER G 3 -6.58 -24.46 37.90
C SER G 3 -5.90 -23.19 37.38
N ASN G 4 -5.46 -22.36 38.33
CA ASN G 4 -4.64 -21.18 38.05
C ASN G 4 -5.36 -20.20 37.12
N GLY G 5 -6.58 -19.83 37.50
CA GLY G 5 -7.29 -18.82 36.74
C GLY G 5 -6.74 -17.43 36.99
N CYS G 6 -6.73 -16.61 35.95
CA CYS G 6 -6.31 -15.22 36.08
C CYS G 6 -7.39 -14.41 36.77
N ARG G 7 -7.00 -13.69 37.82
CA ARG G 7 -7.98 -12.92 38.58
C ARG G 7 -8.66 -11.86 37.72
N TYR G 8 -7.98 -11.36 36.70
CA TYR G 8 -8.55 -10.39 35.78
C TYR G 8 -9.34 -11.04 34.65
N GLY G 9 -9.32 -12.36 34.55
CA GLY G 9 -10.16 -13.05 33.59
C GLY G 9 -9.60 -13.16 32.19
N THR G 10 -8.28 -13.03 32.02
CA THR G 10 -7.69 -13.15 30.69
C THR G 10 -7.77 -14.57 30.15
N HIS G 11 -7.93 -15.56 31.03
CA HIS G 11 -8.01 -16.95 30.60
C HIS G 11 -9.28 -17.27 29.83
N ARG G 12 -10.26 -16.37 29.82
CA ARG G 12 -11.50 -16.55 29.07
C ARG G 12 -11.60 -15.63 27.88
N VAL G 13 -10.51 -14.94 27.52
CA VAL G 13 -10.51 -14.03 26.38
C VAL G 13 -10.14 -14.83 25.13
N ILE G 14 -11.03 -14.81 24.14
CA ILE G 14 -10.87 -15.56 22.91
C ILE G 14 -10.31 -14.70 21.79
N GLU G 15 -10.91 -13.52 21.57
CA GLU G 15 -10.48 -12.63 20.50
C GLU G 15 -10.68 -11.17 20.90
N PRO G 16 -9.61 -10.36 20.88
CA PRO G 16 -8.25 -10.80 20.56
C PRO G 16 -7.50 -11.33 21.78
N LYS G 17 -6.58 -12.27 21.56
CA LYS G 17 -5.82 -12.84 22.67
C LYS G 17 -4.77 -11.86 23.16
N GLY G 18 -4.63 -11.78 24.47
CA GLY G 18 -3.70 -10.84 25.10
C GLY G 18 -4.32 -9.54 25.55
N VAL G 19 -5.65 -9.49 25.69
CA VAL G 19 -6.35 -8.26 26.05
C VAL G 19 -7.39 -8.59 27.11
N LEU G 20 -7.67 -7.63 27.99
CA LEU G 20 -8.58 -7.84 29.10
C LEU G 20 -10.00 -8.10 28.61
N PRO G 21 -10.84 -8.74 29.44
CA PRO G 21 -12.16 -9.18 28.96
C PRO G 21 -13.08 -8.07 28.47
N GLN G 22 -13.03 -6.87 29.07
CA GLN G 22 -14.00 -5.83 28.68
C GLN G 22 -13.75 -5.32 27.26
N PRO G 23 -12.56 -4.83 26.90
CA PRO G 23 -12.37 -4.38 25.51
C PRO G 23 -12.34 -5.51 24.50
N ALA G 24 -12.21 -6.76 24.95
CA ALA G 24 -12.22 -7.89 24.04
C ALA G 24 -13.56 -8.00 23.31
N LYS G 25 -13.54 -8.70 22.18
CA LYS G 25 -14.73 -8.88 21.36
C LYS G 25 -15.46 -10.20 21.65
N ILE G 26 -14.73 -11.26 21.96
CA ILE G 26 -15.34 -12.57 22.22
C ILE G 26 -14.72 -13.15 23.49
N LEU G 27 -15.58 -13.60 24.40
CA LEU G 27 -15.14 -14.24 25.64
C LEU G 27 -15.59 -15.69 25.67
N ASN G 28 -14.92 -16.48 26.50
CA ASN G 28 -15.27 -17.89 26.70
C ASN G 28 -16.38 -17.95 27.75
N ASN G 29 -17.60 -18.24 27.32
CA ASN G 29 -18.74 -18.35 28.21
C ASN G 29 -19.16 -19.81 28.43
N ASP G 30 -18.23 -20.74 28.27
CA ASP G 30 -18.50 -22.14 28.59
C ASP G 30 -18.71 -22.27 30.10
N MET G 31 -19.87 -22.79 30.49
CA MET G 31 -20.26 -22.87 31.89
C MET G 31 -20.20 -24.28 32.44
N SER G 32 -19.71 -25.25 31.66
CA SER G 32 -19.64 -26.62 32.15
C SER G 32 -18.55 -26.79 33.19
N GLU G 33 -17.51 -25.96 33.14
CA GLU G 33 -16.43 -26.01 34.12
C GLU G 33 -15.93 -24.60 34.37
N ILE G 34 -15.61 -24.31 35.64
CA ILE G 34 -15.14 -23.00 36.04
C ILE G 34 -13.71 -23.12 36.53
N TRP G 35 -13.00 -22.00 36.53
CA TRP G 35 -11.66 -21.95 37.10
C TRP G 35 -11.75 -21.84 38.62
N ASP G 36 -10.61 -22.06 39.28
CA ASP G 36 -10.59 -22.15 40.74
C ASP G 36 -10.84 -20.82 41.42
N ASN G 37 -10.68 -19.69 40.71
CA ASN G 37 -10.87 -18.37 41.30
C ASN G 37 -12.04 -17.63 40.67
N GLU G 38 -13.04 -18.37 40.18
CA GLU G 38 -14.26 -17.80 39.64
C GLU G 38 -15.44 -18.11 40.56
N MET G 39 -16.53 -17.37 40.34
CA MET G 39 -17.80 -17.63 41.01
C MET G 39 -18.89 -17.73 39.95
N LEU G 40 -19.66 -18.81 40.00
CA LEU G 40 -20.72 -19.06 39.05
C LEU G 40 -22.05 -18.60 39.63
N ILE G 41 -22.81 -17.84 38.83
CA ILE G 41 -24.07 -17.24 39.28
C ILE G 41 -25.19 -17.69 38.35
N ASP G 42 -26.31 -18.09 38.93
CA ASP G 42 -27.52 -18.39 38.17
C ASP G 42 -28.28 -17.08 37.97
N VAL G 43 -28.16 -16.49 36.79
CA VAL G 43 -28.72 -15.18 36.54
C VAL G 43 -30.24 -15.25 36.49
N ILE G 44 -30.90 -14.34 37.19
CA ILE G 44 -32.35 -14.22 37.14
C ILE G 44 -32.79 -13.03 36.29
N ARG G 45 -32.09 -11.90 36.40
CA ARG G 45 -32.45 -10.68 35.70
C ARG G 45 -31.22 -10.05 35.09
N LEU G 46 -31.42 -9.40 33.94
CA LEU G 46 -30.39 -8.61 33.27
C LEU G 46 -30.89 -7.18 33.15
N ASN G 47 -30.21 -6.25 33.81
CA ASN G 47 -30.53 -4.83 33.73
C ASN G 47 -29.62 -4.21 32.68
N ILE G 48 -30.11 -4.14 31.45
CA ILE G 48 -29.30 -3.63 30.35
C ILE G 48 -29.19 -2.11 30.45
N ASP G 49 -28.01 -1.59 30.08
CA ASP G 49 -27.80 -0.15 30.06
C ASP G 49 -28.85 0.54 29.20
N SER G 50 -29.29 1.71 29.65
CA SER G 50 -30.40 2.41 28.98
C SER G 50 -30.04 2.76 27.54
N ALA G 51 -28.84 3.32 27.33
CA ALA G 51 -28.43 3.67 25.97
C ALA G 51 -28.29 2.43 25.10
N SER G 52 -27.80 1.33 25.67
CA SER G 52 -27.66 0.10 24.91
C SER G 52 -29.01 -0.52 24.60
N PHE G 53 -29.90 -0.57 25.60
CA PHE G 53 -31.23 -1.15 25.40
C PHE G 53 -32.02 -0.35 24.37
N HIS G 54 -31.85 0.97 24.36
CA HIS G 54 -32.57 1.81 23.41
C HIS G 54 -32.03 1.66 21.99
N GLN G 55 -30.70 1.59 21.85
CA GLN G 55 -30.11 1.46 20.53
C GLN G 55 -30.41 0.10 19.91
N ILE G 56 -30.39 -0.96 20.72
CA ILE G 56 -30.70 -2.29 20.20
C ILE G 56 -32.17 -2.37 19.78
N LYS G 57 -33.06 -1.74 20.56
CA LYS G 57 -34.48 -1.77 20.21
C LYS G 57 -34.73 -1.07 18.88
N ASN G 58 -34.17 0.12 18.70
CA ASN G 58 -34.37 0.85 17.45
C ASN G 58 -33.77 0.12 16.26
N LYS G 59 -32.65 -0.59 16.47
CA LYS G 59 -32.05 -1.36 15.38
C LYS G 59 -32.96 -2.50 14.94
N LEU G 60 -33.63 -3.14 15.89
CA LEU G 60 -34.55 -4.23 15.55
C LEU G 60 -35.81 -3.70 14.87
N ILE G 61 -36.27 -2.51 15.27
CA ILE G 61 -37.46 -1.92 14.64
C ILE G 61 -37.19 -1.63 13.17
N ALA G 62 -36.01 -1.08 12.87
CA ALA G 62 -35.69 -0.66 11.51
C ALA G 62 -35.30 -1.81 10.60
N GLN G 63 -35.16 -3.02 11.12
CA GLN G 63 -34.88 -4.19 10.28
C GLN G 63 -36.13 -4.97 9.92
N GLY G 64 -37.24 -4.76 10.62
CA GLY G 64 -38.50 -5.36 10.23
C GLY G 64 -39.04 -6.42 11.17
N HIS G 65 -39.02 -6.13 12.47
CA HIS G 65 -39.55 -7.05 13.48
C HIS G 65 -40.80 -6.46 14.11
N GLN G 66 -41.87 -7.26 14.16
CA GLN G 66 -43.11 -6.87 14.81
C GLN G 66 -43.18 -7.35 16.25
N ASP G 67 -43.07 -8.67 16.46
CA ASP G 67 -42.97 -9.22 17.80
C ASP G 67 -41.67 -8.75 18.44
N LEU G 68 -41.70 -7.57 19.04
CA LEU G 68 -40.47 -6.92 19.50
C LEU G 68 -39.83 -7.69 20.66
N GLU G 69 -40.64 -8.12 21.63
CA GLU G 69 -40.09 -8.86 22.77
C GLU G 69 -39.42 -10.15 22.33
N LYS G 70 -39.96 -10.80 21.29
CA LYS G 70 -39.35 -12.02 20.79
C LYS G 70 -38.08 -11.72 20.02
N ALA G 71 -38.07 -10.63 19.24
CA ALA G 71 -36.88 -10.27 18.49
C ALA G 71 -35.73 -9.87 19.40
N PHE G 72 -36.02 -9.11 20.47
CA PHE G 72 -34.99 -8.73 21.42
C PHE G 72 -34.46 -9.96 22.16
N ALA G 73 -35.34 -10.90 22.50
CA ALA G 73 -34.92 -12.11 23.19
C ALA G 73 -33.90 -12.89 22.35
N GLU G 74 -34.26 -13.20 21.10
CA GLU G 74 -33.35 -13.92 20.23
C GLU G 74 -32.09 -13.13 19.95
N HIS G 75 -32.19 -11.79 19.98
CA HIS G 75 -30.99 -10.97 19.84
C HIS G 75 -30.03 -11.20 21.00
N ALA G 76 -30.57 -11.38 22.21
CA ALA G 76 -29.73 -11.60 23.37
C ALA G 76 -29.05 -12.97 23.32
N ILE G 77 -29.80 -14.01 22.95
CA ILE G 77 -29.21 -15.34 22.85
C ILE G 77 -28.17 -15.38 21.73
N GLU G 78 -28.49 -14.78 20.58
CA GLU G 78 -27.54 -14.76 19.48
C GLU G 78 -26.29 -13.95 19.83
N LEU G 79 -26.47 -12.82 20.52
CA LEU G 79 -25.32 -11.99 20.89
C LEU G 79 -24.44 -12.70 21.91
N THR G 80 -25.05 -13.32 22.92
CA THR G 80 -24.26 -13.96 23.97
C THR G 80 -23.67 -15.30 23.53
N ASN G 81 -24.33 -15.99 22.61
CA ASN G 81 -23.81 -17.29 22.15
C ASN G 81 -22.59 -17.11 21.27
N ARG G 82 -22.58 -16.07 20.43
CA ARG G 82 -21.44 -15.84 19.55
C ARG G 82 -20.32 -15.09 20.26
N THR G 83 -20.66 -14.06 21.03
CA THR G 83 -19.67 -13.19 21.65
C THR G 83 -19.27 -13.65 23.04
N GLY G 84 -20.17 -14.29 23.78
CA GLY G 84 -19.88 -14.72 25.14
C GLY G 84 -20.24 -13.73 26.22
N LYS G 85 -20.79 -12.57 25.85
CA LYS G 85 -21.14 -11.53 26.79
C LYS G 85 -22.12 -10.60 26.11
N HIS G 86 -22.91 -9.89 26.93
CA HIS G 86 -23.87 -8.93 26.41
C HIS G 86 -23.27 -7.53 26.35
N LYS G 87 -22.20 -7.41 25.57
CA LYS G 87 -21.58 -6.13 25.28
C LYS G 87 -22.11 -5.62 23.95
N ASN G 88 -22.63 -4.40 23.95
CA ASN G 88 -23.15 -3.80 22.73
C ASN G 88 -22.01 -3.62 21.73
N GLU G 89 -22.22 -4.11 20.51
CA GLU G 89 -21.18 -4.08 19.49
C GLU G 89 -21.01 -2.71 18.84
N ASP G 90 -21.97 -1.80 19.02
CA ASP G 90 -21.89 -0.46 18.45
C ASP G 90 -21.54 0.60 19.49
N THR G 91 -22.11 0.51 20.69
CA THR G 91 -21.85 1.49 21.73
C THR G 91 -20.85 1.00 22.79
N GLY G 92 -20.68 -0.31 22.92
CA GLY G 92 -19.78 -0.86 23.92
C GLY G 92 -20.38 -1.01 25.30
N SER G 93 -21.64 -0.64 25.50
CA SER G 93 -22.26 -0.69 26.81
C SER G 93 -22.76 -2.09 27.12
N GLY G 94 -23.01 -2.34 28.41
CA GLY G 94 -23.51 -3.61 28.86
C GLY G 94 -24.61 -3.50 29.90
N GLY G 95 -24.25 -3.60 31.17
CA GLY G 95 -25.20 -3.54 32.25
C GLY G 95 -24.74 -4.39 33.41
N MET G 96 -25.69 -4.82 34.23
CA MET G 96 -25.41 -5.67 35.38
C MET G 96 -26.50 -6.73 35.48
N PHE G 97 -26.31 -7.67 36.40
CA PHE G 97 -27.25 -8.77 36.56
C PHE G 97 -27.54 -9.02 38.03
N ILE G 98 -28.67 -9.68 38.28
CA ILE G 98 -29.04 -10.19 39.59
C ILE G 98 -29.18 -11.70 39.47
N GLY G 99 -28.65 -12.42 40.46
CA GLY G 99 -28.73 -13.87 40.39
C GLY G 99 -28.39 -14.51 41.72
N ARG G 100 -28.41 -15.84 41.72
CA ARG G 100 -28.10 -16.64 42.88
C ARG G 100 -26.74 -17.32 42.68
N VAL G 101 -25.98 -17.43 43.76
CA VAL G 101 -24.68 -18.08 43.70
C VAL G 101 -24.87 -19.58 43.46
N ALA G 102 -24.25 -20.09 42.40
CA ALA G 102 -24.37 -21.49 42.03
C ALA G 102 -23.15 -22.32 42.44
N ALA G 103 -21.95 -21.80 42.23
CA ALA G 103 -20.73 -22.51 42.58
C ALA G 103 -19.65 -21.51 42.93
N ILE G 104 -18.84 -21.85 43.93
CA ILE G 104 -17.75 -20.99 44.41
C ILE G 104 -16.45 -21.76 44.28
N GLY G 105 -15.54 -21.26 43.45
CA GLY G 105 -14.23 -21.87 43.35
C GLY G 105 -13.48 -21.83 44.67
N ASP G 106 -12.68 -22.86 44.90
CA ASP G 106 -11.99 -23.00 46.18
C ASP G 106 -10.94 -21.92 46.39
N LYS G 107 -10.53 -21.21 45.33
CA LYS G 107 -9.53 -20.15 45.44
C LYS G 107 -10.11 -18.79 45.06
N PHE G 108 -11.42 -18.65 45.07
CA PHE G 108 -12.05 -17.38 44.72
C PHE G 108 -11.76 -16.33 45.79
N GLU G 109 -11.29 -15.16 45.35
CA GLU G 109 -11.04 -14.05 46.26
C GLU G 109 -12.35 -13.47 46.75
N MET G 110 -12.83 -13.94 47.90
CA MET G 110 -14.11 -13.47 48.43
C MET G 110 -13.98 -12.03 48.91
N LYS G 111 -14.92 -11.19 48.49
CA LYS G 111 -15.00 -9.83 49.00
C LYS G 111 -16.03 -9.79 50.14
N GLU G 112 -17.30 -9.71 49.79
CA GLU G 112 -18.36 -9.93 50.77
C GLU G 112 -18.64 -11.41 50.90
N GLU G 113 -18.75 -11.89 52.13
CA GLU G 113 -18.94 -13.31 52.38
C GLU G 113 -20.29 -13.77 51.84
N VAL G 114 -20.27 -14.70 50.89
CA VAL G 114 -21.48 -15.25 50.30
C VAL G 114 -21.36 -16.77 50.25
N LYS G 115 -22.50 -17.44 50.32
CA LYS G 115 -22.61 -18.89 50.19
C LYS G 115 -23.46 -19.22 48.96
N VAL G 116 -23.49 -20.51 48.61
CA VAL G 116 -24.29 -20.94 47.45
C VAL G 116 -25.76 -20.79 47.79
N GLY G 117 -26.50 -20.12 46.90
CA GLY G 117 -27.88 -19.78 47.16
C GLY G 117 -28.11 -18.32 47.48
N ASP G 118 -27.06 -17.58 47.84
CA ASP G 118 -27.20 -16.17 48.16
C ASP G 118 -27.55 -15.35 46.91
N LYS G 119 -28.53 -14.46 47.07
CA LYS G 119 -28.94 -13.57 45.99
C LYS G 119 -28.02 -12.36 45.96
N ILE G 120 -27.30 -12.17 44.87
CA ILE G 120 -26.35 -11.09 44.74
C ILE G 120 -26.67 -10.28 43.48
N ALA G 121 -26.10 -9.08 43.42
CA ALA G 121 -26.16 -8.22 42.25
C ALA G 121 -24.74 -7.90 41.83
N SER G 122 -24.45 -8.05 40.54
CA SER G 122 -23.12 -7.75 40.03
C SER G 122 -22.90 -6.24 40.02
N LEU G 123 -21.68 -5.83 40.38
CA LEU G 123 -21.29 -4.43 40.36
C LEU G 123 -20.24 -4.14 39.30
N VAL G 124 -20.01 -5.09 38.38
CA VAL G 124 -19.16 -4.86 37.22
C VAL G 124 -20.03 -4.95 35.98
N SER G 125 -19.55 -4.35 34.89
CA SER G 125 -20.35 -4.27 33.68
C SER G 125 -20.50 -5.63 33.03
N LEU G 126 -21.62 -5.81 32.31
CA LEU G 126 -21.81 -6.99 31.48
C LEU G 126 -20.87 -7.01 30.29
N SER G 127 -20.20 -5.89 29.99
CA SER G 127 -19.23 -5.84 28.91
C SER G 127 -17.96 -6.64 29.21
N LEU G 128 -17.80 -7.14 30.44
CA LEU G 128 -16.71 -8.02 30.79
C LEU G 128 -17.18 -9.34 31.40
N THR G 129 -18.48 -9.53 31.54
CA THR G 129 -19.00 -10.70 32.23
C THR G 129 -19.29 -11.82 31.24
N PRO G 130 -18.64 -12.98 31.36
CA PRO G 130 -19.05 -14.14 30.56
C PRO G 130 -20.47 -14.54 30.91
N LEU G 131 -21.35 -14.52 29.90
CA LEU G 131 -22.77 -14.73 30.11
C LEU G 131 -23.29 -15.77 29.13
N LYS G 132 -24.09 -16.71 29.65
CA LYS G 132 -24.73 -17.74 28.84
C LYS G 132 -26.23 -17.71 29.12
N ILE G 133 -27.02 -17.37 28.11
CA ILE G 133 -28.46 -17.24 28.25
C ILE G 133 -29.10 -18.47 27.62
N ASN G 134 -29.75 -19.30 28.46
CA ASN G 134 -30.39 -20.51 27.98
C ASN G 134 -31.85 -20.30 27.60
N LYS G 135 -32.51 -19.27 28.12
CA LYS G 135 -33.90 -19.02 27.79
C LYS G 135 -34.28 -17.66 28.37
N VAL G 136 -35.01 -16.88 27.57
CA VAL G 136 -35.49 -15.57 27.98
C VAL G 136 -36.96 -15.71 28.34
N LYS G 137 -37.27 -15.62 29.64
CA LYS G 137 -38.66 -15.78 30.06
C LYS G 137 -39.50 -14.55 29.73
N LYS G 138 -38.91 -13.36 29.74
CA LYS G 138 -39.65 -12.13 29.52
C LYS G 138 -38.68 -11.00 29.23
N VAL G 139 -39.06 -10.13 28.29
CA VAL G 139 -38.32 -8.90 27.98
C VAL G 139 -39.23 -7.73 28.35
N LEU G 140 -38.75 -6.85 29.23
CA LEU G 140 -39.53 -5.72 29.73
C LEU G 140 -39.02 -4.46 29.04
N LEU G 141 -39.70 -4.06 27.96
CA LEU G 141 -39.20 -2.98 27.12
C LEU G 141 -39.20 -1.65 27.87
N ASP G 142 -40.19 -1.43 28.74
CA ASP G 142 -40.29 -0.18 29.47
C ASP G 142 -39.36 -0.11 30.68
N LYS G 143 -38.61 -1.17 30.97
CA LYS G 143 -37.76 -1.23 32.14
C LYS G 143 -36.30 -1.55 31.82
N ASP G 144 -35.94 -1.69 30.55
CA ASP G 144 -34.58 -2.06 30.13
C ASP G 144 -34.13 -3.36 30.77
N GLN G 145 -35.07 -4.27 31.02
CA GLN G 145 -34.83 -5.46 31.83
C GLN G 145 -35.09 -6.72 31.01
N MET G 146 -34.65 -7.85 31.57
CA MET G 146 -34.84 -9.15 30.93
C MET G 146 -34.86 -10.23 32.02
N GLU G 147 -35.94 -11.00 32.07
CA GLU G 147 -36.04 -12.15 32.96
C GLU G 147 -35.60 -13.38 32.20
N ILE G 148 -34.49 -13.99 32.60
CA ILE G 148 -33.86 -15.07 31.85
C ILE G 148 -33.53 -16.22 32.78
N GLU G 149 -33.17 -17.35 32.16
CA GLU G 149 -32.61 -18.50 32.86
C GLU G 149 -31.24 -18.74 32.24
N GLY G 150 -30.19 -18.43 32.99
CA GLY G 150 -28.85 -18.56 32.48
C GLY G 150 -27.82 -18.51 33.58
N GLN G 151 -26.56 -18.43 33.18
CA GLN G 151 -25.46 -18.42 34.12
C GLN G 151 -24.40 -17.42 33.69
N ALA G 152 -23.70 -16.85 34.66
CA ALA G 152 -22.66 -15.87 34.40
C ALA G 152 -21.46 -16.14 35.30
N ILE G 153 -20.32 -15.57 34.92
CA ILE G 153 -19.06 -15.76 35.61
C ILE G 153 -18.62 -14.43 36.21
N LEU G 154 -18.23 -14.45 37.48
CA LEU G 154 -17.57 -13.33 38.13
C LEU G 154 -16.12 -13.73 38.41
N PHE G 155 -15.19 -12.95 37.86
CA PHE G 155 -13.78 -13.20 38.14
C PHE G 155 -13.44 -12.78 39.56
N SER G 156 -12.26 -13.19 40.02
CA SER G 156 -11.84 -12.84 41.38
C SER G 156 -11.66 -11.33 41.54
N SER G 157 -11.34 -10.63 40.45
CA SER G 157 -11.22 -9.18 40.50
C SER G 157 -12.56 -8.47 40.38
N GLY G 158 -13.64 -9.20 40.09
CA GLY G 158 -14.94 -8.57 39.96
C GLY G 158 -15.46 -8.02 41.27
N VAL G 159 -16.54 -7.25 41.16
CA VAL G 159 -17.22 -6.67 42.31
C VAL G 159 -18.67 -7.12 42.29
N TYR G 160 -19.17 -7.55 43.44
CA TYR G 160 -20.55 -7.99 43.59
C TYR G 160 -21.06 -7.52 44.95
N ALA G 161 -22.37 -7.59 45.13
CA ALA G 161 -22.99 -7.18 46.38
C ALA G 161 -24.08 -8.17 46.75
N LYS G 162 -24.00 -8.70 47.98
CA LYS G 162 -25.02 -9.62 48.47
C LYS G 162 -26.29 -8.85 48.78
N LEU G 163 -27.39 -9.22 48.13
CA LEU G 163 -28.66 -8.57 48.40
C LEU G 163 -29.18 -9.07 49.74
N PRO G 164 -29.43 -8.17 50.70
CA PRO G 164 -29.67 -8.59 52.09
C PRO G 164 -31.09 -9.08 52.32
N ASP G 165 -31.20 -10.09 53.19
CA ASP G 165 -32.49 -10.68 53.53
C ASP G 165 -33.31 -9.82 54.49
N ASP G 166 -32.71 -8.83 55.13
CA ASP G 166 -33.41 -8.01 56.12
C ASP G 166 -33.86 -6.66 55.57
N LEU G 167 -33.73 -6.43 54.25
CA LEU G 167 -34.24 -5.23 53.62
C LEU G 167 -34.88 -5.58 52.29
N ASP G 168 -35.61 -4.61 51.74
CA ASP G 168 -36.25 -4.77 50.45
C ASP G 168 -35.22 -4.66 49.33
N GLU G 169 -35.48 -5.37 48.24
CA GLU G 169 -34.48 -5.50 47.17
C GLU G 169 -34.31 -4.19 46.41
N ASN G 170 -35.41 -3.63 45.90
CA ASN G 170 -35.31 -2.43 45.07
C ASN G 170 -34.70 -1.27 45.83
N LEU G 171 -34.89 -1.22 47.15
CA LEU G 171 -34.21 -0.21 47.96
C LEU G 171 -32.72 -0.50 48.03
N ALA G 172 -32.35 -1.78 48.22
CA ALA G 172 -30.93 -2.13 48.30
C ALA G 172 -30.22 -1.88 46.97
N LEU G 173 -30.90 -2.15 45.85
CA LEU G 173 -30.31 -1.85 44.54
C LEU G 173 -30.17 -0.35 44.31
N SER G 174 -31.00 0.46 44.96
CA SER G 174 -30.87 1.91 44.86
C SER G 174 -29.59 2.44 45.49
N VAL G 175 -29.00 1.70 46.43
CA VAL G 175 -27.81 2.19 47.13
C VAL G 175 -26.51 1.83 46.40
N LEU G 176 -26.52 0.77 45.59
CA LEU G 176 -25.27 0.24 45.08
C LEU G 176 -24.64 1.16 44.03
N ASP G 177 -25.45 1.89 43.28
CA ASP G 177 -24.91 2.79 42.27
C ASP G 177 -24.26 4.03 42.87
N VAL G 178 -24.39 4.25 44.19
CA VAL G 178 -23.81 5.41 44.85
C VAL G 178 -23.07 4.97 46.10
N ALA G 179 -22.89 3.65 46.27
CA ALA G 179 -22.27 3.12 47.48
C ALA G 179 -20.81 3.51 47.60
N GLY G 180 -20.15 3.85 46.49
CA GLY G 180 -18.74 4.22 46.55
C GLY G 180 -18.47 5.58 47.17
N ALA G 181 -19.47 6.47 47.17
CA ALA G 181 -19.25 7.80 47.73
C ALA G 181 -19.07 7.78 49.25
N PRO G 182 -19.98 7.19 50.04
CA PRO G 182 -19.75 7.22 51.50
C PRO G 182 -18.52 6.45 51.95
N ALA G 183 -18.16 5.38 51.25
CA ALA G 183 -17.00 4.59 51.66
C ALA G 183 -15.70 5.36 51.50
N GLN G 184 -15.55 6.10 50.40
CA GLN G 184 -14.36 6.89 50.16
C GLN G 184 -14.38 8.22 50.89
N VAL G 185 -15.56 8.75 51.21
CA VAL G 185 -15.65 10.04 51.89
C VAL G 185 -15.25 9.90 53.35
N GLU G 186 -15.66 8.81 54.00
CA GLU G 186 -15.32 8.60 55.40
C GLU G 186 -13.82 8.40 55.62
N ARG G 187 -13.05 8.19 54.56
CA ARG G 187 -11.59 8.14 54.66
C ARG G 187 -10.96 9.52 54.58
N LEU G 188 -11.63 10.49 53.97
CA LEU G 188 -11.06 11.80 53.72
C LEU G 188 -11.33 12.80 54.84
N VAL G 189 -12.42 12.63 55.57
CA VAL G 189 -12.86 13.62 56.56
C VAL G 189 -12.28 13.26 57.92
N LYS G 190 -11.48 14.17 58.48
CA LYS G 190 -10.93 14.06 59.82
C LYS G 190 -11.83 14.77 60.82
N PRO G 191 -11.68 14.48 62.11
CA PRO G 191 -12.42 15.25 63.12
C PRO G 191 -12.11 16.73 63.04
N ASP G 192 -13.13 17.55 63.28
CA ASP G 192 -13.10 19.02 63.24
C ASP G 192 -12.92 19.58 61.83
N ASP G 193 -13.03 18.74 60.80
CA ASP G 193 -12.85 19.22 59.44
C ASP G 193 -14.03 20.08 58.99
N THR G 194 -13.74 21.02 58.10
CA THR G 194 -14.77 21.73 57.36
C THR G 194 -14.98 21.03 56.02
N VAL G 195 -16.20 20.63 55.74
CA VAL G 195 -16.54 19.87 54.55
C VAL G 195 -17.57 20.66 53.75
N VAL G 196 -17.31 20.82 52.45
CA VAL G 196 -18.24 21.43 51.52
C VAL G 196 -18.70 20.34 50.54
N ILE G 197 -20.00 20.11 50.48
CA ILE G 197 -20.58 19.10 49.61
C ILE G 197 -21.43 19.82 48.57
N ILE G 198 -20.94 19.86 47.33
CA ILE G 198 -21.67 20.49 46.23
C ILE G 198 -22.65 19.46 45.69
N GLY G 199 -23.95 19.74 45.87
CA GLY G 199 -24.99 18.80 45.48
C GLY G 199 -25.48 17.98 46.64
N ALA G 200 -25.65 18.62 47.80
CA ALA G 200 -26.00 17.91 49.02
C ALA G 200 -27.41 17.31 48.96
N ASN G 201 -28.26 17.80 48.07
CA ASN G 201 -29.61 17.23 47.95
C ASN G 201 -29.65 16.01 47.04
N GLY G 202 -28.57 15.71 46.33
CA GLY G 202 -28.56 14.61 45.40
C GLY G 202 -28.63 13.25 46.10
N LYS G 203 -28.61 12.21 45.27
CA LYS G 203 -28.69 10.85 45.76
C LYS G 203 -27.46 10.51 46.62
N SER G 204 -26.27 10.66 46.06
CA SER G 204 -25.05 10.44 46.83
C SER G 204 -24.76 11.60 47.77
N GLY G 205 -25.32 12.78 47.51
CA GLY G 205 -25.05 13.93 48.36
C GLY G 205 -25.56 13.75 49.77
N ILE G 206 -26.80 13.28 49.92
CA ILE G 206 -27.37 13.10 51.24
C ILE G 206 -26.62 12.02 52.01
N LEU G 207 -26.10 11.01 51.31
CA LEU G 207 -25.23 10.04 51.97
C LEU G 207 -23.94 10.69 52.44
N CYS G 208 -23.35 11.56 51.60
CA CYS G 208 -22.12 12.23 51.98
C CYS G 208 -22.35 13.25 53.09
N ASN G 209 -23.55 13.83 53.17
CA ASN G 209 -23.86 14.74 54.26
C ASN G 209 -23.79 14.02 55.61
N ALA G 210 -24.41 12.84 55.69
CA ALA G 210 -24.42 12.09 56.94
C ALA G 210 -23.01 11.61 57.30
N VAL G 211 -22.29 11.06 56.31
CA VAL G 211 -20.96 10.52 56.58
C VAL G 211 -20.00 11.65 56.95
N ALA G 212 -20.10 12.80 56.29
CA ALA G 212 -19.20 13.91 56.61
C ALA G 212 -19.44 14.42 58.01
N LYS G 213 -20.69 14.42 58.47
CA LYS G 213 -20.99 14.93 59.81
C LYS G 213 -20.51 13.96 60.88
N GLU G 214 -20.64 12.65 60.64
CA GLU G 214 -20.15 11.67 61.61
C GLU G 214 -18.64 11.74 61.75
N ARG G 215 -17.93 11.94 60.63
CA ARG G 215 -16.47 11.96 60.67
C ARG G 215 -15.94 13.31 61.15
N ALA G 216 -16.53 14.42 60.68
CA ALA G 216 -16.08 15.73 61.12
C ALA G 216 -16.39 15.94 62.60
N GLY G 217 -17.53 15.45 63.07
CA GLY G 217 -17.83 15.44 64.48
C GLY G 217 -18.65 16.63 64.94
N ILE G 218 -18.77 16.71 66.27
CA ILE G 218 -19.57 17.76 66.89
C ILE G 218 -18.97 19.14 66.62
N CYS G 219 -17.64 19.23 66.53
CA CYS G 219 -16.95 20.48 66.29
C CYS G 219 -16.48 20.62 64.84
N GLY G 220 -17.01 19.79 63.94
CA GLY G 220 -16.79 19.99 62.53
C GLY G 220 -17.90 20.80 61.89
N LYS G 221 -17.67 21.20 60.63
CA LYS G 221 -18.59 22.07 59.91
C LYS G 221 -18.87 21.47 58.54
N VAL G 222 -20.10 21.01 58.33
CA VAL G 222 -20.53 20.43 57.06
C VAL G 222 -21.39 21.46 56.34
N ILE G 223 -20.96 21.86 55.15
CA ILE G 223 -21.63 22.89 54.37
C ILE G 223 -22.13 22.26 53.07
N GLY G 224 -23.44 22.36 52.84
CA GLY G 224 -24.04 21.87 51.62
C GLY G 224 -24.26 22.98 50.62
N VAL G 225 -24.25 22.62 49.33
CA VAL G 225 -24.45 23.58 48.25
C VAL G 225 -25.57 23.05 47.36
N VAL G 226 -26.67 23.81 47.28
CA VAL G 226 -27.80 23.47 46.43
C VAL G 226 -28.28 24.73 45.73
N ARG G 227 -29.05 24.53 44.65
CA ARG G 227 -29.51 25.65 43.84
C ARG G 227 -30.87 26.19 44.28
N ASN G 228 -31.73 25.34 44.84
CA ASN G 228 -33.08 25.73 45.21
C ASN G 228 -33.21 25.78 46.73
N GLU G 229 -33.94 26.79 47.21
CA GLU G 229 -34.16 26.92 48.65
C GLU G 229 -34.95 25.74 49.22
N ASN G 230 -35.82 25.14 48.41
CA ASN G 230 -36.62 24.01 48.86
C ASN G 230 -35.74 22.82 49.28
N TYR G 231 -34.49 22.77 48.82
CA TYR G 231 -33.58 21.69 49.18
C TYR G 231 -32.94 21.88 50.54
N ILE G 232 -33.06 23.06 51.14
CA ILE G 232 -32.35 23.34 52.40
C ILE G 232 -32.79 22.43 53.54
N PRO G 233 -34.08 22.22 53.81
CA PRO G 233 -34.45 21.34 54.93
C PRO G 233 -33.92 19.92 54.79
N THR G 234 -33.81 19.40 53.56
CA THR G 234 -33.29 18.05 53.37
C THR G 234 -31.78 17.99 53.67
N CYS G 235 -31.05 19.05 53.37
CA CYS G 235 -29.61 19.03 53.61
C CYS G 235 -29.28 19.06 55.09
N LYS G 236 -30.02 19.88 55.85
CA LYS G 236 -29.77 19.97 57.29
C LYS G 236 -30.19 18.69 58.01
N ALA G 237 -31.27 18.06 57.55
CA ALA G 237 -31.72 16.82 58.17
C ALA G 237 -30.77 15.66 57.91
N THR G 238 -29.93 15.76 56.87
CA THR G 238 -29.00 14.70 56.53
C THR G 238 -27.57 14.98 56.97
N GLY G 239 -27.32 16.11 57.64
CA GLY G 239 -26.00 16.33 58.22
C GLY G 239 -25.39 17.70 58.05
N CYS G 240 -25.92 18.50 57.14
CA CYS G 240 -25.33 19.81 56.87
C CYS G 240 -25.64 20.78 58.01
N ASP G 241 -24.57 21.39 58.56
CA ASP G 241 -24.76 22.46 59.54
C ASP G 241 -25.19 23.76 58.87
N GLU G 242 -24.54 24.10 57.75
CA GLU G 242 -24.91 25.23 56.93
C GLU G 242 -25.14 24.75 55.51
N VAL G 243 -25.96 25.49 54.77
CA VAL G 243 -26.23 25.19 53.36
C VAL G 243 -26.09 26.47 52.56
N ILE G 244 -25.38 26.40 51.44
CA ILE G 244 -25.16 27.55 50.56
C ILE G 244 -26.09 27.45 49.36
N LEU G 245 -26.75 28.56 49.04
CA LEU G 245 -27.64 28.63 47.89
C LEU G 245 -26.89 29.26 46.73
N ALA G 246 -26.55 28.44 45.73
CA ALA G 246 -25.83 28.92 44.56
C ALA G 246 -25.87 27.84 43.49
N GLN G 247 -25.71 28.27 42.23
CA GLN G 247 -25.53 27.33 41.15
C GLN G 247 -24.17 26.65 41.29
N ALA G 248 -24.13 25.35 41.00
CA ALA G 248 -22.88 24.59 41.13
C ALA G 248 -21.77 25.13 40.25
N THR G 249 -22.11 25.81 39.15
CA THR G 249 -21.12 26.40 38.26
C THR G 249 -20.69 27.80 38.69
N ASP G 250 -21.34 28.37 39.70
CA ASP G 250 -21.03 29.73 40.16
C ASP G 250 -19.85 29.65 41.13
N ALA G 251 -18.65 29.81 40.59
CA ALA G 251 -17.44 29.66 41.40
C ALA G 251 -17.27 30.85 42.35
N ILE G 252 -17.61 32.06 41.90
CA ILE G 252 -17.38 33.24 42.71
C ILE G 252 -18.33 33.26 43.91
N THR G 253 -19.61 32.94 43.69
CA THR G 253 -20.56 32.94 44.79
C THR G 253 -20.23 31.85 45.81
N ILE G 254 -19.85 30.66 45.34
CA ILE G 254 -19.53 29.57 46.25
C ILE G 254 -18.29 29.92 47.07
N GLN G 255 -17.26 30.48 46.43
CA GLN G 255 -16.05 30.85 47.15
C GLN G 255 -16.34 31.86 48.25
N LYS G 256 -17.07 32.93 47.92
CA LYS G 256 -17.37 33.96 48.90
C LYS G 256 -18.31 33.44 49.98
N GLU G 257 -19.26 32.59 49.62
CA GLU G 257 -20.19 32.07 50.61
C GLU G 257 -19.51 31.06 51.53
N VAL G 258 -18.61 30.23 50.98
CA VAL G 258 -17.76 29.40 51.82
C VAL G 258 -16.87 30.29 52.70
N SER G 259 -16.46 31.44 52.17
CA SER G 259 -15.57 32.33 52.92
C SER G 259 -16.28 32.94 54.12
N ARG G 260 -17.53 33.39 53.93
CA ARG G 260 -18.27 34.00 55.02
C ARG G 260 -18.57 32.99 56.12
N LEU G 261 -18.91 31.76 55.74
CA LEU G 261 -19.28 30.73 56.71
C LEU G 261 -18.08 30.15 57.46
N THR G 262 -16.86 30.39 57.01
CA THR G 262 -15.67 29.84 57.64
C THR G 262 -14.68 30.92 58.07
N ASN G 263 -15.08 32.19 58.06
N ASN G 263 -15.07 32.19 58.06
CA ASN G 263 -14.24 33.32 58.45
CA ASN G 263 -14.24 33.32 58.46
C ASN G 263 -12.94 33.38 57.66
C ASN G 263 -12.98 33.47 57.60
N GLY G 264 -12.89 32.72 56.50
CA GLY G 264 -11.73 32.79 55.64
C GLY G 264 -10.86 31.54 55.60
N LYS G 265 -11.17 30.51 56.39
CA LYS G 265 -10.29 29.36 56.48
C LYS G 265 -10.56 28.31 55.41
N MET G 266 -11.75 28.32 54.80
CA MET G 266 -12.11 27.44 53.69
C MET G 266 -12.28 25.99 54.11
N ALA G 267 -12.55 25.12 53.15
CA ALA G 267 -12.91 23.73 53.43
C ALA G 267 -11.68 22.83 53.40
N ASP G 268 -11.59 21.94 54.38
CA ASP G 268 -10.54 20.93 54.37
C ASP G 268 -10.81 19.88 53.28
N VAL G 269 -12.08 19.50 53.11
CA VAL G 269 -12.47 18.51 52.10
C VAL G 269 -13.65 19.09 51.33
N VAL G 270 -13.57 19.02 49.99
CA VAL G 270 -14.65 19.45 49.11
C VAL G 270 -15.12 18.23 48.32
N ILE G 271 -16.40 17.92 48.41
CA ILE G 271 -16.98 16.75 47.78
C ILE G 271 -17.92 17.22 46.67
N ASN G 272 -17.63 16.79 45.44
CA ASN G 272 -18.41 17.16 44.26
C ASN G 272 -19.19 15.93 43.80
N VAL G 273 -20.52 15.99 43.94
CA VAL G 273 -21.37 14.88 43.51
C VAL G 273 -22.54 15.41 42.70
N VAL G 274 -22.34 16.54 42.01
CA VAL G 274 -23.31 17.01 41.03
C VAL G 274 -22.94 16.42 39.68
N ASN G 275 -23.94 15.91 38.97
CA ASN G 275 -23.73 15.46 37.59
C ASN G 275 -23.92 16.64 36.64
N THR G 276 -23.09 17.67 36.87
CA THR G 276 -23.15 18.93 36.14
C THR G 276 -21.77 19.28 35.65
N GLU G 277 -21.69 19.78 34.42
CA GLU G 277 -20.41 20.13 33.82
C GLU G 277 -19.96 21.51 34.30
N ASP G 278 -18.66 21.76 34.16
CA ASP G 278 -18.04 23.03 34.51
C ASP G 278 -18.22 23.36 35.98
N THR G 279 -18.03 22.36 36.85
CA THR G 279 -18.09 22.54 38.29
C THR G 279 -16.77 22.22 38.97
N GLU G 280 -15.70 21.97 38.21
CA GLU G 280 -14.42 21.62 38.81
C GLU G 280 -13.82 22.80 39.56
N LEU G 281 -13.77 23.96 38.90
CA LEU G 281 -13.15 25.14 39.50
C LEU G 281 -13.95 25.69 40.67
N PRO G 282 -15.29 25.68 40.65
CA PRO G 282 -16.01 25.99 41.90
C PRO G 282 -15.63 25.08 43.06
N SER G 283 -15.42 23.79 42.79
CA SER G 283 -15.00 22.87 43.85
C SER G 283 -13.58 23.19 44.32
N ILE G 284 -12.70 23.54 43.38
CA ILE G 284 -11.32 23.82 43.75
C ILE G 284 -11.23 25.09 44.61
N MET G 285 -11.90 26.15 44.18
CA MET G 285 -11.81 27.43 44.87
C MET G 285 -12.51 27.41 46.24
N ALA G 286 -13.28 26.38 46.55
CA ALA G 286 -13.91 26.24 47.85
C ALA G 286 -13.00 25.58 48.88
N ALA G 287 -11.88 25.02 48.45
CA ALA G 287 -10.98 24.31 49.35
C ALA G 287 -9.87 25.25 49.83
N LYS G 288 -9.35 24.95 51.02
CA LYS G 288 -8.23 25.69 51.57
C LYS G 288 -6.94 25.27 50.86
N ASP G 289 -5.86 25.98 51.21
CA ASP G 289 -4.54 25.58 50.73
C ASP G 289 -4.19 24.19 51.24
N ARG G 290 -3.77 23.31 50.33
CA ARG G 290 -3.46 21.91 50.60
C ARG G 290 -4.69 21.12 51.03
N GLY G 291 -5.88 21.55 50.64
CA GLY G 291 -7.08 20.80 50.93
C GLY G 291 -7.31 19.67 49.95
N MET G 292 -8.39 18.92 50.20
CA MET G 292 -8.75 17.76 49.39
C MET G 292 -10.02 18.05 48.62
N VAL G 293 -10.02 17.72 47.33
CA VAL G 293 -11.18 17.93 46.45
C VAL G 293 -11.54 16.58 45.86
N TYR G 294 -12.71 16.06 46.21
CA TYR G 294 -13.14 14.72 45.81
C TYR G 294 -14.19 14.84 44.70
N PHE G 295 -13.83 14.37 43.51
CA PHE G 295 -14.71 14.41 42.34
C PHE G 295 -15.32 13.03 42.15
N PHE G 296 -16.60 12.90 42.46
CA PHE G 296 -17.30 11.61 42.37
C PHE G 296 -18.11 11.45 41.09
N SER G 297 -18.58 12.54 40.49
CA SER G 297 -19.47 12.46 39.35
C SER G 297 -18.69 12.20 38.06
N MET G 298 -19.34 11.51 37.12
CA MET G 298 -18.75 11.19 35.84
C MET G 298 -18.72 12.38 34.88
N ALA G 299 -19.31 13.50 35.26
CA ALA G 299 -19.25 14.71 34.45
C ALA G 299 -17.97 15.50 34.65
N THR G 300 -17.06 15.02 35.48
CA THR G 300 -15.81 15.73 35.76
C THR G 300 -14.85 15.55 34.60
N SER G 301 -14.23 16.66 34.18
CA SER G 301 -13.21 16.65 33.14
C SER G 301 -11.84 16.67 33.78
N PHE G 302 -11.00 15.69 33.41
CA PHE G 302 -9.64 15.63 33.94
C PHE G 302 -8.85 16.88 33.58
N THR G 303 -8.96 17.32 32.32
N THR G 303 -8.96 17.33 32.32
CA THR G 303 -8.20 18.49 31.86
CA THR G 303 -8.19 18.49 31.88
C THR G 303 -8.68 19.75 32.55
C THR G 303 -8.69 19.78 32.52
N LYS G 304 -10.01 19.93 32.66
CA LYS G 304 -10.55 21.13 33.28
C LYS G 304 -10.17 21.26 34.75
N ALA G 305 -10.06 20.13 35.45
CA ALA G 305 -9.66 20.18 36.85
C ALA G 305 -8.17 20.47 36.99
N ALA G 306 -7.34 19.79 36.19
CA ALA G 306 -5.90 19.97 36.28
C ALA G 306 -5.48 21.37 35.86
N LEU G 307 -5.94 21.82 34.69
CA LEU G 307 -5.63 23.18 34.24
C LEU G 307 -6.35 24.21 35.09
N GLY G 308 -7.47 23.84 35.72
CA GLY G 308 -8.16 24.78 36.58
C GLY G 308 -7.34 25.16 37.80
N ALA G 309 -6.78 24.15 38.49
CA ALA G 309 -5.94 24.43 39.64
C ALA G 309 -4.65 25.15 39.25
N GLU G 310 -4.18 24.91 38.03
CA GLU G 310 -2.96 25.59 37.57
C GLU G 310 -3.21 27.08 37.34
N GLY G 311 -4.33 27.42 36.71
CA GLY G 311 -4.56 28.82 36.33
C GLY G 311 -4.72 29.75 37.52
N ILE G 312 -5.22 29.24 38.64
CA ILE G 312 -5.45 30.04 39.83
C ILE G 312 -4.47 29.71 40.94
N GLY G 313 -3.45 28.90 40.66
CA GLY G 313 -2.43 28.58 41.63
C GLY G 313 -2.96 27.94 42.90
N ALA G 314 -3.82 26.95 42.75
CA ALA G 314 -4.43 26.25 43.88
C ALA G 314 -3.66 24.96 44.13
N ASP G 315 -2.86 24.94 45.19
CA ASP G 315 -2.13 23.74 45.60
C ASP G 315 -3.08 22.87 46.41
N VAL G 316 -3.95 22.16 45.70
CA VAL G 316 -4.93 21.27 46.32
C VAL G 316 -4.77 19.88 45.74
N ASP G 317 -5.20 18.89 46.51
CA ASP G 317 -5.26 17.51 46.03
C ASP G 317 -6.62 17.25 45.40
N MET G 318 -6.61 16.54 44.27
CA MET G 318 -7.83 16.26 43.53
C MET G 318 -7.90 14.76 43.25
N MET G 319 -8.90 14.10 43.82
CA MET G 319 -9.05 12.65 43.72
C MET G 319 -10.10 12.31 42.67
N ILE G 320 -9.82 11.25 41.90
CA ILE G 320 -10.79 10.69 40.96
C ILE G 320 -11.68 9.75 41.76
N GLY G 321 -12.87 10.21 42.14
CA GLY G 321 -13.80 9.39 42.91
C GLY G 321 -14.23 8.16 42.16
N ASN G 322 -14.08 7.00 42.78
CA ASN G 322 -14.42 5.73 42.17
C ASN G 322 -15.69 5.17 42.80
N GLY G 323 -16.32 4.25 42.08
CA GLY G 323 -17.52 3.60 42.55
C GLY G 323 -17.30 2.39 43.41
N TYR G 324 -16.05 1.97 43.62
CA TYR G 324 -15.76 0.78 44.41
C TYR G 324 -14.75 1.10 45.50
N ALA G 325 -14.97 0.54 46.68
CA ALA G 325 -14.01 0.54 47.76
C ALA G 325 -14.28 -0.70 48.62
N HIS G 326 -13.33 -1.00 49.51
CA HIS G 326 -13.47 -2.16 50.39
C HIS G 326 -14.77 -2.05 51.20
N HIS G 327 -15.62 -3.07 51.05
CA HIS G 327 -16.88 -3.15 51.80
C HIS G 327 -17.79 -1.95 51.54
N HIS G 328 -17.74 -1.38 50.34
CA HIS G 328 -18.49 -0.16 50.07
C HIS G 328 -20.00 -0.40 50.13
N SER G 329 -20.46 -1.58 49.72
CA SER G 329 -21.89 -1.86 49.77
C SER G 329 -22.35 -2.12 51.20
N GLU G 330 -21.56 -2.87 51.98
CA GLU G 330 -21.93 -3.13 53.37
C GLU G 330 -21.90 -1.85 54.20
N ILE G 331 -20.94 -0.96 53.92
CA ILE G 331 -20.87 0.31 54.63
C ILE G 331 -22.08 1.18 54.29
N ALA G 332 -22.43 1.26 53.01
CA ALA G 332 -23.54 2.12 52.60
C ALA G 332 -24.87 1.60 53.14
N LEU G 333 -25.11 0.28 53.05
CA LEU G 333 -26.33 -0.28 53.61
C LEU G 333 -26.40 -0.08 55.11
N ASP G 334 -25.29 -0.29 55.81
CA ASP G 334 -25.26 -0.06 57.25
C ASP G 334 -25.51 1.40 57.57
N LEU G 335 -25.04 2.32 56.72
CA LEU G 335 -25.29 3.74 56.93
C LEU G 335 -26.78 4.03 56.89
N LEU G 336 -27.51 3.41 55.95
CA LEU G 336 -28.95 3.61 55.87
C LEU G 336 -29.65 3.00 57.07
N ARG G 337 -29.15 1.85 57.56
CA ARG G 337 -29.76 1.22 58.72
C ARG G 337 -29.59 2.06 59.98
N ARG G 338 -28.52 2.83 60.07
CA ARG G 338 -28.23 3.57 61.30
C ARG G 338 -28.97 4.90 61.38
N ASN G 339 -29.25 5.53 60.24
CA ASN G 339 -29.92 6.83 60.20
C ASN G 339 -31.33 6.62 59.64
N SER G 340 -32.33 6.76 60.51
CA SER G 340 -33.72 6.58 60.07
C SER G 340 -34.14 7.64 59.08
N VAL G 341 -33.66 8.88 59.24
CA VAL G 341 -33.99 9.95 58.30
C VAL G 341 -33.45 9.62 56.91
N LEU G 342 -32.23 9.08 56.86
CA LEU G 342 -31.63 8.73 55.57
C LEU G 342 -32.38 7.58 54.90
N MET G 343 -32.84 6.60 55.71
CA MET G 343 -33.57 5.48 55.14
C MET G 343 -34.92 5.90 54.57
N LYS G 344 -35.59 6.83 55.25
CA LYS G 344 -36.91 7.27 54.79
C LYS G 344 -36.82 8.00 53.45
N ILE G 345 -35.76 8.78 53.26
CA ILE G 345 -35.60 9.51 52.01
C ILE G 345 -35.34 8.54 50.86
N PHE G 346 -34.48 7.55 51.09
CA PHE G 346 -34.14 6.61 50.02
C PHE G 346 -35.37 5.77 49.62
N LYS G 347 -36.18 5.38 50.59
CA LYS G 347 -37.44 4.71 50.26
C LYS G 347 -38.39 5.65 49.53
N GLU G 348 -38.24 6.96 49.74
CA GLU G 348 -39.14 7.93 49.13
C GLU G 348 -38.78 8.21 47.68
N ARG G 349 -37.49 8.40 47.39
CA ARG G 349 -37.07 8.92 46.10
C ARG G 349 -36.54 7.85 45.14
N TYR G 350 -35.96 6.78 45.64
CA TYR G 350 -35.25 5.81 44.80
C TYR G 350 -35.74 4.40 45.08
N ALA G 351 -36.29 3.76 44.05
CA ALA G 351 -36.77 2.38 44.16
C ALA G 351 -36.97 1.78 42.78
N MET H 1 -23.74 78.68 -1.20
CA MET H 1 -23.03 77.43 -1.45
C MET H 1 -21.60 77.68 -1.89
N LYS H 2 -20.68 76.88 -1.38
CA LYS H 2 -19.28 76.98 -1.74
C LYS H 2 -19.02 76.29 -3.08
N SER H 3 -18.11 76.86 -3.86
CA SER H 3 -17.87 76.41 -5.23
C SER H 3 -16.68 75.48 -5.31
N ASN H 4 -16.64 74.69 -6.39
CA ASN H 4 -15.54 73.80 -6.73
C ASN H 4 -15.31 72.77 -5.61
N GLY H 5 -16.36 72.01 -5.32
CA GLY H 5 -16.26 70.94 -4.34
C GLY H 5 -15.76 69.67 -4.98
N CYS H 6 -14.81 69.01 -4.33
CA CYS H 6 -14.27 67.76 -4.85
C CYS H 6 -15.30 66.65 -4.70
N ARG H 7 -15.56 65.94 -5.79
CA ARG H 7 -16.57 64.88 -5.77
C ARG H 7 -16.18 63.75 -4.81
N TYR H 8 -14.90 63.59 -4.53
CA TYR H 8 -14.44 62.59 -3.57
C TYR H 8 -14.38 63.14 -2.15
N GLY H 9 -14.64 64.43 -1.96
CA GLY H 9 -14.77 64.98 -0.63
C GLY H 9 -13.49 65.46 0.02
N THR H 10 -12.41 65.63 -0.74
CA THR H 10 -11.15 66.07 -0.16
C THR H 10 -11.23 67.49 0.39
N HIS H 11 -12.22 68.27 -0.02
CA HIS H 11 -12.38 69.63 0.48
C HIS H 11 -12.79 69.68 1.95
N ARG H 12 -13.16 68.55 2.54
CA ARG H 12 -13.52 68.48 3.95
C ARG H 12 -12.52 67.67 4.77
N VAL H 13 -11.37 67.33 4.20
CA VAL H 13 -10.33 66.60 4.91
C VAL H 13 -9.44 67.61 5.62
N ILE H 14 -9.40 67.54 6.94
CA ILE H 14 -8.64 68.48 7.76
C ILE H 14 -7.28 67.91 8.16
N GLU H 15 -7.24 66.64 8.58
CA GLU H 15 -6.01 66.02 9.03
C GLU H 15 -6.07 64.51 8.82
N PRO H 16 -5.07 63.92 8.15
CA PRO H 16 -3.95 64.63 7.51
C PRO H 16 -4.33 65.14 6.12
N LYS H 17 -3.69 66.20 5.66
CA LYS H 17 -4.02 66.78 4.36
C LYS H 17 -3.29 66.01 3.27
N GLY H 18 -4.05 65.31 2.43
CA GLY H 18 -3.47 64.54 1.36
C GLY H 18 -4.09 63.17 1.18
N VAL H 19 -5.16 62.89 1.93
CA VAL H 19 -5.84 61.60 1.88
C VAL H 19 -7.33 61.85 1.62
N LEU H 20 -8.03 60.76 1.35
CA LEU H 20 -9.47 60.79 1.14
C LEU H 20 -10.19 60.89 2.47
N PRO H 21 -11.48 61.22 2.47
CA PRO H 21 -12.22 61.35 3.74
C PRO H 21 -12.21 60.07 4.59
N GLN H 22 -12.21 58.89 3.98
CA GLN H 22 -12.29 57.67 4.76
C GLN H 22 -11.02 57.41 5.58
N PRO H 23 -9.82 57.41 5.00
CA PRO H 23 -8.62 57.22 5.83
C PRO H 23 -8.29 58.43 6.70
N ALA H 24 -8.86 59.60 6.41
CA ALA H 24 -8.53 60.80 7.15
C ALA H 24 -8.94 60.66 8.63
N LYS H 25 -8.27 61.42 9.48
CA LYS H 25 -8.53 61.40 10.91
C LYS H 25 -9.62 62.38 11.31
N ILE H 26 -9.56 63.61 10.82
CA ILE H 26 -10.51 64.66 11.17
C ILE H 26 -11.13 65.21 9.89
N LEU H 27 -12.46 65.24 9.85
CA LEU H 27 -13.20 65.82 8.74
C LEU H 27 -13.95 67.06 9.19
N ASN H 28 -14.25 67.92 8.22
CA ASN H 28 -14.98 69.16 8.48
C ASN H 28 -16.48 68.85 8.46
N ASN H 29 -17.11 68.89 9.64
CA ASN H 29 -18.54 68.61 9.77
C ASN H 29 -19.35 69.88 10.03
N ASP H 30 -18.88 71.01 9.50
CA ASP H 30 -19.63 72.26 9.60
C ASP H 30 -20.76 72.24 8.57
N MET H 31 -22.00 72.29 9.06
CA MET H 31 -23.17 72.20 8.21
C MET H 31 -23.81 73.55 7.91
N SER H 32 -23.18 74.65 8.31
CA SER H 32 -23.76 75.97 8.08
C SER H 32 -23.76 76.32 6.58
N GLU H 33 -22.80 75.81 5.83
CA GLU H 33 -22.79 75.98 4.38
C GLU H 33 -22.20 74.74 3.73
N ILE H 34 -22.79 74.33 2.62
CA ILE H 34 -22.38 73.13 1.90
C ILE H 34 -21.78 73.53 0.57
N TRP H 35 -21.03 72.60 -0.01
CA TRP H 35 -20.45 72.81 -1.33
C TRP H 35 -21.49 72.52 -2.41
N ASP H 36 -21.16 72.91 -3.64
CA ASP H 36 -22.12 72.83 -4.74
C ASP H 36 -22.40 71.40 -5.18
N ASN H 37 -21.52 70.45 -4.86
CA ASN H 37 -21.72 69.07 -5.26
C ASN H 37 -21.87 68.14 -4.06
N GLU H 38 -22.31 68.67 -2.93
CA GLU H 38 -22.65 67.89 -1.75
C GLU H 38 -24.16 67.88 -1.56
N MET H 39 -24.65 66.85 -0.87
CA MET H 39 -26.04 66.78 -0.47
C MET H 39 -26.13 66.69 1.05
N LEU H 40 -27.04 67.46 1.64
CA LEU H 40 -27.19 67.55 3.08
C LEU H 40 -28.39 66.72 3.52
N ILE H 41 -28.19 65.93 4.59
CA ILE H 41 -29.20 65.02 5.08
C ILE H 41 -29.54 65.38 6.52
N ASP H 42 -30.82 65.35 6.86
CA ASP H 42 -31.27 65.47 8.24
C ASP H 42 -31.32 64.07 8.84
N VAL H 43 -30.27 63.70 9.57
CA VAL H 43 -30.13 62.33 10.07
C VAL H 43 -31.12 62.09 11.19
N ILE H 44 -31.87 61.00 11.08
CA ILE H 44 -32.77 60.58 12.14
C ILE H 44 -32.28 59.31 12.85
N ARG H 45 -31.55 58.44 12.18
CA ARG H 45 -31.14 57.16 12.74
C ARG H 45 -29.73 56.83 12.29
N LEU H 46 -28.92 56.31 13.22
CA LEU H 46 -27.58 55.84 12.94
C LEU H 46 -27.52 54.34 13.18
N ASN H 47 -27.23 53.58 12.13
CA ASN H 47 -27.07 52.13 12.24
C ASN H 47 -25.57 51.84 12.24
N ILE H 48 -25.01 51.74 13.45
CA ILE H 48 -23.57 51.54 13.62
C ILE H 48 -23.20 50.11 13.27
N ASP H 49 -21.99 49.94 12.72
CA ASP H 49 -21.47 48.61 12.45
C ASP H 49 -21.44 47.78 13.73
N SER H 50 -21.78 46.50 13.62
CA SER H 50 -21.93 45.65 14.80
C SER H 50 -20.62 45.52 15.58
N ALA H 51 -19.51 45.31 14.87
CA ALA H 51 -18.23 45.19 15.54
C ALA H 51 -17.80 46.51 16.17
N SER H 52 -18.07 47.62 15.49
CA SER H 52 -17.73 48.93 16.04
C SER H 52 -18.61 49.25 17.25
N PHE H 53 -19.92 48.98 17.15
CA PHE H 53 -20.81 49.20 18.28
C PHE H 53 -20.41 48.35 19.47
N HIS H 54 -20.03 47.10 19.23
CA HIS H 54 -19.65 46.20 20.33
C HIS H 54 -18.29 46.59 20.91
N GLN H 55 -17.36 47.05 20.06
CA GLN H 55 -16.05 47.45 20.56
C GLN H 55 -16.15 48.67 21.47
N ILE H 56 -16.99 49.64 21.09
CA ILE H 56 -17.18 50.83 21.93
C ILE H 56 -17.89 50.45 23.22
N LYS H 57 -18.90 49.58 23.14
CA LYS H 57 -19.66 49.19 24.32
C LYS H 57 -18.75 48.52 25.35
N ASN H 58 -17.90 47.60 24.90
CA ASN H 58 -16.98 46.94 25.82
C ASN H 58 -15.91 47.90 26.32
N LYS H 59 -15.55 48.90 25.51
CA LYS H 59 -14.61 49.92 25.98
C LYS H 59 -15.24 50.76 27.08
N LEU H 60 -16.54 51.06 26.96
CA LEU H 60 -17.22 51.85 27.97
C LEU H 60 -17.46 51.06 29.25
N ILE H 61 -17.66 49.74 29.13
CA ILE H 61 -17.82 48.89 30.32
C ILE H 61 -16.54 48.88 31.14
N ALA H 62 -15.39 48.90 30.46
CA ALA H 62 -14.09 48.85 31.13
C ALA H 62 -13.67 50.19 31.72
N GLN H 63 -14.39 51.27 31.44
CA GLN H 63 -14.05 52.57 31.99
C GLN H 63 -14.80 52.91 33.26
N GLY H 64 -15.86 52.17 33.59
CA GLY H 64 -16.58 52.37 34.83
C GLY H 64 -17.96 52.98 34.66
N HIS H 65 -18.58 52.74 33.51
CA HIS H 65 -19.89 53.28 33.21
C HIS H 65 -20.96 52.24 33.49
N GLN H 66 -21.95 52.61 34.31
CA GLN H 66 -23.08 51.73 34.59
C GLN H 66 -24.27 52.04 33.67
N ASP H 67 -24.50 53.32 33.37
CA ASP H 67 -25.51 53.72 32.40
C ASP H 67 -24.85 53.67 31.02
N LEU H 68 -25.07 52.57 30.31
CA LEU H 68 -24.39 52.38 29.02
C LEU H 68 -25.07 53.15 27.90
N GLU H 69 -26.39 53.32 27.94
CA GLU H 69 -27.08 54.10 26.93
C GLU H 69 -26.62 55.56 26.95
N LYS H 70 -26.47 56.12 28.15
CA LYS H 70 -26.00 57.51 28.26
C LYS H 70 -24.53 57.63 27.92
N ALA H 71 -23.72 56.66 28.35
CA ALA H 71 -22.29 56.71 28.05
C ALA H 71 -22.04 56.58 26.55
N PHE H 72 -22.80 55.72 25.86
CA PHE H 72 -22.66 55.59 24.42
C PHE H 72 -23.05 56.87 23.71
N ALA H 73 -24.12 57.53 24.17
CA ALA H 73 -24.55 58.78 23.55
C ALA H 73 -23.50 59.87 23.69
N GLU H 74 -22.88 59.97 24.88
CA GLU H 74 -21.82 60.95 25.08
C GLU H 74 -20.57 60.58 24.28
N HIS H 75 -20.30 59.29 24.11
CA HIS H 75 -19.15 58.87 23.32
C HIS H 75 -19.32 59.24 21.86
N ALA H 76 -20.55 59.12 21.33
CA ALA H 76 -20.78 59.44 19.93
C ALA H 76 -20.71 60.95 19.68
N ILE H 77 -21.26 61.74 20.59
CA ILE H 77 -21.22 63.19 20.43
C ILE H 77 -19.78 63.69 20.52
N GLU H 78 -19.01 63.18 21.48
CA GLU H 78 -17.61 63.58 21.60
C GLU H 78 -16.81 63.14 20.38
N LEU H 79 -17.09 61.94 19.86
CA LEU H 79 -16.34 61.44 18.71
C LEU H 79 -16.64 62.27 17.47
N THR H 80 -17.91 62.52 17.19
CA THR H 80 -18.27 63.25 15.97
C THR H 80 -17.94 64.73 16.06
N ASN H 81 -17.97 65.30 17.27
CA ASN H 81 -17.60 66.71 17.42
C ASN H 81 -16.10 66.90 17.22
N ARG H 82 -15.29 65.95 17.67
CA ARG H 82 -13.84 66.09 17.59
C ARG H 82 -13.30 65.67 16.22
N THR H 83 -13.78 64.55 15.69
CA THR H 83 -13.26 64.03 14.43
C THR H 83 -14.09 64.41 13.21
N GLY H 84 -15.31 64.90 13.41
CA GLY H 84 -16.18 65.23 12.29
C GLY H 84 -16.89 64.06 11.66
N LYS H 85 -16.73 62.86 12.20
CA LYS H 85 -17.36 61.66 11.66
C LYS H 85 -17.37 60.59 12.73
N HIS H 86 -18.23 59.59 12.54
CA HIS H 86 -18.31 58.46 13.46
C HIS H 86 -17.52 57.27 12.92
N LYS H 87 -16.23 57.51 12.71
CA LYS H 87 -15.29 56.46 12.36
C LYS H 87 -14.66 55.94 13.65
N ASN H 88 -14.71 54.61 13.84
CA ASN H 88 -14.10 54.02 15.01
C ASN H 88 -12.60 54.25 14.99
N GLU H 89 -12.07 54.78 16.09
CA GLU H 89 -10.67 55.17 16.13
C GLU H 89 -9.73 54.00 16.38
N ASP H 90 -10.24 52.86 16.85
CA ASP H 90 -9.41 51.69 17.08
C ASP H 90 -9.52 50.65 15.98
N THR H 91 -10.74 50.37 15.49
CA THR H 91 -10.92 49.44 14.39
C THR H 91 -10.95 50.14 13.04
N GLY H 92 -11.76 51.18 12.90
CA GLY H 92 -11.95 51.88 11.64
C GLY H 92 -13.33 51.71 11.03
N SER H 93 -14.26 51.03 11.69
CA SER H 93 -15.57 50.78 11.12
C SER H 93 -16.50 51.97 11.38
N GLY H 94 -17.59 52.01 10.61
CA GLY H 94 -18.57 53.08 10.74
C GLY H 94 -20.00 52.59 10.76
N GLY H 95 -20.57 52.38 9.58
CA GLY H 95 -21.96 52.01 9.45
C GLY H 95 -22.66 52.87 8.41
N MET H 96 -23.96 53.08 8.57
N MET H 96 -23.97 53.04 8.55
CA MET H 96 -24.72 53.92 7.65
CA MET H 96 -24.78 53.85 7.64
C MET H 96 -25.77 54.68 8.46
C MET H 96 -25.78 54.67 8.46
N PHE H 97 -26.49 55.56 7.77
CA PHE H 97 -27.49 56.40 8.41
C PHE H 97 -28.79 56.38 7.61
N ILE H 98 -29.86 56.79 8.28
CA ILE H 98 -31.17 57.02 7.69
C ILE H 98 -31.54 58.47 7.93
N GLY H 99 -32.10 59.13 6.92
CA GLY H 99 -32.47 60.51 7.10
C GLY H 99 -33.27 61.04 5.92
N ARG H 100 -33.61 62.32 6.01
CA ARG H 100 -34.35 63.02 4.97
C ARG H 100 -33.46 64.10 4.36
N VAL H 101 -33.61 64.32 3.06
CA VAL H 101 -32.79 65.29 2.35
C VAL H 101 -33.09 66.70 2.85
N ALA H 102 -32.04 67.46 3.14
CA ALA H 102 -32.16 68.85 3.59
C ALA H 102 -31.75 69.85 2.54
N ALA H 103 -30.63 69.62 1.84
CA ALA H 103 -30.17 70.48 0.77
C ALA H 103 -29.40 69.64 -0.24
N ILE H 104 -29.48 70.04 -1.51
CA ILE H 104 -28.99 69.23 -2.62
C ILE H 104 -27.83 69.90 -3.35
N GLY H 105 -27.98 71.19 -3.67
CA GLY H 105 -26.91 71.88 -4.38
C GLY H 105 -27.09 71.85 -5.89
N ASP H 106 -26.72 72.96 -6.54
CA ASP H 106 -27.00 73.12 -7.97
C ASP H 106 -26.14 72.21 -8.85
N LYS H 107 -25.04 71.67 -8.33
CA LYS H 107 -24.15 70.84 -9.12
C LYS H 107 -23.90 69.47 -8.51
N PHE H 108 -24.83 68.99 -7.69
CA PHE H 108 -24.69 67.66 -7.10
C PHE H 108 -24.89 66.59 -8.16
N GLU H 109 -23.95 65.64 -8.23
CA GLU H 109 -24.05 64.53 -9.17
C GLU H 109 -25.21 63.63 -8.74
N MET H 110 -26.35 63.81 -9.39
CA MET H 110 -27.55 63.09 -9.01
C MET H 110 -27.46 61.62 -9.42
N LYS H 111 -27.75 60.73 -8.47
CA LYS H 111 -27.94 59.31 -8.79
C LYS H 111 -29.43 59.01 -8.90
N GLU H 112 -30.00 58.36 -7.88
CA GLU H 112 -31.45 58.28 -7.79
C GLU H 112 -32.04 59.66 -7.51
N GLU H 113 -33.06 60.01 -8.28
CA GLU H 113 -33.66 61.32 -8.19
C GLU H 113 -34.53 61.44 -6.94
N VAL H 114 -34.09 62.31 -6.02
CA VAL H 114 -34.77 62.56 -4.77
C VAL H 114 -34.95 64.06 -4.63
N LYS H 115 -35.93 64.46 -3.82
CA LYS H 115 -36.13 65.88 -3.53
C LYS H 115 -35.86 66.13 -2.06
N VAL H 116 -35.85 67.42 -1.69
CA VAL H 116 -35.69 67.77 -0.28
C VAL H 116 -36.88 67.22 0.49
N GLY H 117 -36.59 66.50 1.58
CA GLY H 117 -37.61 65.84 2.37
C GLY H 117 -37.77 64.36 2.10
N ASP H 118 -37.11 63.84 1.06
CA ASP H 118 -37.21 62.42 0.76
C ASP H 118 -36.40 61.60 1.76
N LYS H 119 -37.02 60.55 2.29
CA LYS H 119 -36.33 59.66 3.22
C LYS H 119 -35.40 58.74 2.44
N ILE H 120 -34.10 58.80 2.74
CA ILE H 120 -33.10 58.02 2.03
C ILE H 120 -32.26 57.25 3.01
N ALA H 121 -31.55 56.26 2.50
CA ALA H 121 -30.59 55.48 3.25
C ALA H 121 -29.21 55.63 2.61
N SER H 122 -28.21 55.91 3.42
CA SER H 122 -26.85 56.00 2.90
C SER H 122 -26.29 54.60 2.67
N LEU H 123 -25.61 54.45 1.52
CA LEU H 123 -24.96 53.18 1.19
C LEU H 123 -23.45 53.29 1.21
N VAL H 124 -22.91 54.36 1.78
CA VAL H 124 -21.49 54.51 2.02
C VAL H 124 -21.24 54.42 3.51
N SER H 125 -19.98 54.17 3.87
CA SER H 125 -19.64 53.98 5.28
C SER H 125 -19.70 55.31 6.03
N LEU H 126 -20.02 55.21 7.33
CA LEU H 126 -19.94 56.37 8.20
C LEU H 126 -18.50 56.82 8.44
N SER H 127 -17.52 55.98 8.10
CA SER H 127 -16.11 56.32 8.27
C SER H 127 -15.63 57.36 7.27
N LEU H 128 -16.44 57.71 6.28
CA LEU H 128 -16.13 58.80 5.36
C LEU H 128 -17.19 59.88 5.35
N THR H 129 -18.25 59.74 6.14
CA THR H 129 -19.37 60.67 6.10
C THR H 129 -19.18 61.77 7.13
N PRO H 130 -19.04 63.03 6.74
CA PRO H 130 -19.07 64.12 7.72
C PRO H 130 -20.41 64.11 8.45
N LEU H 131 -20.34 63.97 9.77
CA LEU H 131 -21.53 63.80 10.60
C LEU H 131 -21.49 64.77 11.77
N LYS H 132 -22.62 65.44 12.00
CA LYS H 132 -22.79 66.33 13.15
C LYS H 132 -24.02 65.86 13.91
N ILE H 133 -23.82 65.43 15.15
CA ILE H 133 -24.89 64.97 16.02
C ILE H 133 -25.24 66.09 16.98
N ASN H 134 -26.45 66.63 16.87
CA ASN H 134 -26.91 67.68 17.76
C ASN H 134 -27.58 67.15 19.02
N LYS H 135 -28.12 65.94 18.97
CA LYS H 135 -28.83 65.36 20.11
C LYS H 135 -29.02 63.87 19.85
N VAL H 136 -28.80 63.06 20.88
CA VAL H 136 -29.04 61.62 20.82
C VAL H 136 -30.34 61.36 21.57
N LYS H 137 -31.41 61.11 20.81
CA LYS H 137 -32.71 60.88 21.43
C LYS H 137 -32.78 59.53 22.12
N LYS H 138 -32.12 58.51 21.57
CA LYS H 138 -32.17 57.18 22.14
C LYS H 138 -30.98 56.37 21.65
N VAL H 139 -30.48 55.50 22.53
CA VAL H 139 -29.45 54.53 22.20
C VAL H 139 -30.04 53.15 22.36
N LEU H 140 -30.14 52.41 21.26
CA LEU H 140 -30.71 51.06 21.24
C LEU H 140 -29.56 50.07 21.26
N LEU H 141 -29.21 49.59 22.45
CA LEU H 141 -28.06 48.71 22.62
C LEU H 141 -28.26 47.34 21.99
N ASP H 142 -29.50 46.89 21.84
CA ASP H 142 -29.76 45.58 21.25
C ASP H 142 -29.94 45.63 19.73
N LYS H 143 -29.73 46.78 19.11
CA LYS H 143 -29.86 46.91 17.67
C LYS H 143 -28.67 47.61 17.02
N ASP H 144 -27.63 47.95 17.78
CA ASP H 144 -26.51 48.75 17.29
C ASP H 144 -27.01 50.04 16.63
N GLN H 145 -28.02 50.64 17.25
CA GLN H 145 -28.75 51.75 16.66
C GLN H 145 -28.74 52.96 17.59
N MET H 146 -28.91 54.14 16.99
CA MET H 146 -28.95 55.39 17.72
C MET H 146 -29.93 56.32 17.02
N GLU H 147 -31.05 56.62 17.68
CA GLU H 147 -31.99 57.61 17.19
C GLU H 147 -31.51 59.00 17.61
N ILE H 148 -31.22 59.85 16.63
CA ILE H 148 -30.56 61.13 16.87
C ILE H 148 -31.29 62.23 16.13
N GLU H 149 -30.83 63.46 16.37
CA GLU H 149 -31.14 64.62 15.54
C GLU H 149 -29.82 65.21 15.08
N GLY H 150 -29.57 65.18 13.78
CA GLY H 150 -28.30 65.65 13.29
C GLY H 150 -28.30 65.78 11.78
N GLN H 151 -27.11 66.06 11.24
CA GLN H 151 -26.95 66.28 9.81
C GLN H 151 -25.71 65.56 9.31
N ALA H 152 -25.73 65.18 8.04
CA ALA H 152 -24.60 64.49 7.42
C ALA H 152 -24.45 64.95 5.98
N ILE H 153 -23.24 64.76 5.44
CA ILE H 153 -22.89 65.18 4.10
C ILE H 153 -22.69 63.95 3.23
N LEU H 154 -23.33 63.94 2.06
CA LEU H 154 -23.07 62.95 1.03
C LEU H 154 -22.34 63.63 -0.12
N PHE H 155 -21.13 63.16 -0.42
CA PHE H 155 -20.39 63.70 -1.54
C PHE H 155 -21.01 63.22 -2.85
N SER H 156 -20.57 63.83 -3.96
CA SER H 156 -21.08 63.45 -5.26
C SER H 156 -20.70 62.02 -5.62
N SER H 157 -19.58 61.52 -5.09
CA SER H 157 -19.19 60.14 -5.29
C SER H 157 -19.92 59.18 -4.36
N GLY H 158 -20.62 59.70 -3.35
CA GLY H 158 -21.33 58.84 -2.42
C GLY H 158 -22.48 58.11 -3.08
N VAL H 159 -23.02 57.15 -2.34
CA VAL H 159 -24.14 56.32 -2.80
C VAL H 159 -25.25 56.38 -1.77
N TYR H 160 -26.49 56.47 -2.25
CA TYR H 160 -27.67 56.54 -1.41
C TYR H 160 -28.82 55.85 -2.11
N ALA H 161 -29.86 55.53 -1.34
CA ALA H 161 -31.06 54.92 -1.90
C ALA H 161 -32.28 55.56 -1.28
N LYS H 162 -33.21 56.00 -2.12
CA LYS H 162 -34.48 56.53 -1.63
C LYS H 162 -35.33 55.37 -1.11
N LEU H 163 -35.71 55.45 0.15
CA LEU H 163 -36.47 54.37 0.76
C LEU H 163 -37.91 54.40 0.26
N PRO H 164 -38.42 53.30 -0.28
CA PRO H 164 -39.76 53.31 -0.87
C PRO H 164 -40.85 53.25 0.20
N ASP H 165 -41.96 53.92 -0.10
CA ASP H 165 -43.08 53.97 0.83
C ASP H 165 -43.95 52.73 0.78
N ASP H 166 -43.82 51.90 -0.26
CA ASP H 166 -44.65 50.71 -0.39
C ASP H 166 -44.10 49.51 0.37
N LEU H 167 -42.93 49.62 0.97
CA LEU H 167 -42.36 48.59 1.83
C LEU H 167 -41.82 49.23 3.10
N ASP H 168 -41.76 48.45 4.18
CA ASP H 168 -41.29 48.99 5.45
C ASP H 168 -39.80 49.28 5.39
N GLU H 169 -39.31 49.98 6.42
CA GLU H 169 -37.91 50.40 6.45
C GLU H 169 -36.98 49.19 6.57
N ASN H 170 -37.30 48.26 7.47
CA ASN H 170 -36.40 47.13 7.70
C ASN H 170 -36.34 46.19 6.49
N LEU H 171 -37.48 45.98 5.83
CA LEU H 171 -37.50 45.11 4.66
C LEU H 171 -36.77 45.75 3.49
N ALA H 172 -37.06 47.02 3.21
CA ALA H 172 -36.35 47.72 2.15
C ALA H 172 -34.86 47.80 2.45
N LEU H 173 -34.49 47.97 3.72
CA LEU H 173 -33.09 47.99 4.10
C LEU H 173 -32.42 46.64 3.82
N SER H 174 -33.19 45.55 3.89
CA SER H 174 -32.60 44.24 3.63
C SER H 174 -32.34 44.03 2.15
N VAL H 175 -33.11 44.71 1.28
CA VAL H 175 -32.85 44.61 -0.15
C VAL H 175 -31.58 45.35 -0.52
N LEU H 176 -31.34 46.51 0.10
CA LEU H 176 -30.14 47.28 -0.18
C LEU H 176 -28.87 46.56 0.30
N ASP H 177 -29.01 45.58 1.18
CA ASP H 177 -27.85 44.80 1.62
C ASP H 177 -27.23 44.03 0.47
N VAL H 178 -28.05 43.60 -0.50
CA VAL H 178 -27.58 42.71 -1.56
C VAL H 178 -28.05 43.22 -2.92
N ALA H 179 -28.40 44.50 -3.01
CA ALA H 179 -28.93 45.04 -4.25
C ALA H 179 -27.90 45.02 -5.38
N GLY H 180 -26.61 45.00 -5.06
CA GLY H 180 -25.59 45.01 -6.09
C GLY H 180 -25.45 43.70 -6.83
N ALA H 181 -25.91 42.59 -6.25
CA ALA H 181 -25.77 41.30 -6.93
C ALA H 181 -26.68 41.19 -8.15
N PRO H 182 -28.00 41.42 -8.06
CA PRO H 182 -28.82 41.29 -9.28
C PRO H 182 -28.49 42.30 -10.35
N ALA H 183 -28.06 43.51 -9.97
CA ALA H 183 -27.71 44.51 -10.96
C ALA H 183 -26.48 44.09 -11.76
N GLN H 184 -25.51 43.45 -11.12
CA GLN H 184 -24.32 43.00 -11.82
C GLN H 184 -24.50 41.63 -12.45
N VAL H 185 -25.37 40.79 -11.89
CA VAL H 185 -25.61 39.46 -12.47
C VAL H 185 -26.34 39.60 -13.80
N GLU H 186 -27.29 40.53 -13.89
CA GLU H 186 -28.04 40.71 -15.12
C GLU H 186 -27.20 41.24 -16.28
N ARG H 187 -25.98 41.72 -16.00
CA ARG H 187 -25.06 42.11 -17.06
C ARG H 187 -24.23 40.93 -17.57
N LEU H 188 -24.04 39.90 -16.76
CA LEU H 188 -23.16 38.79 -17.12
C LEU H 188 -23.87 37.66 -17.84
N VAL H 189 -25.17 37.49 -17.60
CA VAL H 189 -25.90 36.34 -18.14
C VAL H 189 -26.51 36.73 -19.49
N LYS H 190 -26.16 35.97 -20.52
CA LYS H 190 -26.66 36.12 -21.87
C LYS H 190 -27.73 35.07 -22.16
N PRO H 191 -28.54 35.26 -23.20
CA PRO H 191 -29.55 34.26 -23.53
C PRO H 191 -28.93 32.90 -23.81
N ASP H 192 -29.64 31.84 -23.40
CA ASP H 192 -29.26 30.44 -23.55
C ASP H 192 -28.04 30.06 -22.72
N ASP H 193 -27.58 30.94 -21.83
CA ASP H 193 -26.43 30.64 -21.00
C ASP H 193 -26.76 29.55 -19.97
N THR H 194 -25.72 28.87 -19.51
CA THR H 194 -25.81 27.98 -18.36
C THR H 194 -25.19 28.69 -17.16
N VAL H 195 -25.98 28.83 -16.09
CA VAL H 195 -25.58 29.60 -14.92
C VAL H 195 -25.59 28.68 -13.71
N VAL H 196 -24.49 28.68 -12.96
CA VAL H 196 -24.37 27.93 -11.71
C VAL H 196 -24.28 28.94 -10.56
N ILE H 197 -25.17 28.81 -9.60
CA ILE H 197 -25.25 29.74 -8.46
C ILE H 197 -24.93 28.96 -7.20
N ILE H 198 -23.74 29.17 -6.65
CA ILE H 198 -23.31 28.52 -5.42
C ILE H 198 -23.85 29.34 -4.25
N GLY H 199 -24.75 28.74 -3.48
CA GLY H 199 -25.44 29.45 -2.41
C GLY H 199 -26.79 29.96 -2.84
N ALA H 200 -27.51 29.14 -3.61
CA ALA H 200 -28.76 29.54 -4.23
C ALA H 200 -29.88 29.78 -3.23
N ASN H 201 -29.73 29.33 -1.98
CA ASN H 201 -30.76 29.51 -0.96
C ASN H 201 -30.58 30.78 -0.14
N GLY H 202 -29.42 31.44 -0.24
CA GLY H 202 -29.14 32.61 0.56
C GLY H 202 -29.98 33.81 0.18
N LYS H 203 -29.69 34.93 0.85
CA LYS H 203 -30.45 36.16 0.62
C LYS H 203 -30.19 36.70 -0.79
N SER H 204 -28.93 36.90 -1.14
CA SER H 204 -28.61 37.35 -2.50
C SER H 204 -28.78 36.23 -3.51
N GLY H 205 -28.72 34.98 -3.08
CA GLY H 205 -28.81 33.87 -4.02
C GLY H 205 -30.17 33.77 -4.68
N ILE H 206 -31.24 33.89 -3.88
CA ILE H 206 -32.59 33.79 -4.45
C ILE H 206 -32.86 34.94 -5.40
N LEU H 207 -32.25 36.10 -5.17
CA LEU H 207 -32.34 37.18 -6.14
C LEU H 207 -31.57 36.83 -7.42
N CYS H 208 -30.39 36.24 -7.28
CA CYS H 208 -29.61 35.84 -8.44
C CYS H 208 -30.28 34.72 -9.20
N ASN H 209 -31.00 33.82 -8.50
CA ASN H 209 -31.75 32.77 -9.17
C ASN H 209 -32.76 33.36 -10.15
N ALA H 210 -33.53 34.35 -9.70
CA ALA H 210 -34.57 34.94 -10.54
C ALA H 210 -33.95 35.69 -11.73
N VAL H 211 -32.94 36.52 -11.46
CA VAL H 211 -32.33 37.31 -12.51
C VAL H 211 -31.63 36.41 -13.53
N ALA H 212 -30.97 35.35 -13.06
CA ALA H 212 -30.27 34.46 -13.98
C ALA H 212 -31.24 33.75 -14.91
N LYS H 213 -32.44 33.41 -14.40
CA LYS H 213 -33.37 32.65 -15.23
C LYS H 213 -34.01 33.53 -16.30
N GLU H 214 -34.38 34.77 -15.95
CA GLU H 214 -34.99 35.64 -16.96
C GLU H 214 -33.96 36.11 -17.98
N ARG H 215 -32.69 36.15 -17.61
CA ARG H 215 -31.65 36.54 -18.57
C ARG H 215 -31.20 35.35 -19.41
N ALA H 216 -31.05 34.18 -18.80
CA ALA H 216 -30.71 32.99 -19.58
C ALA H 216 -31.87 32.55 -20.48
N GLY H 217 -33.10 32.73 -20.02
CA GLY H 217 -34.25 32.50 -20.85
C GLY H 217 -34.80 31.08 -20.75
N ILE H 218 -35.83 30.84 -21.58
CA ILE H 218 -36.53 29.56 -21.57
C ILE H 218 -35.59 28.42 -21.96
N CYS H 219 -34.58 28.70 -22.77
CA CYS H 219 -33.62 27.68 -23.20
C CYS H 219 -32.27 27.83 -22.51
N GLY H 220 -32.19 28.65 -21.46
CA GLY H 220 -31.03 28.62 -20.59
C GLY H 220 -31.19 27.59 -19.49
N LYS H 221 -30.13 27.42 -18.69
CA LYS H 221 -30.12 26.43 -17.62
C LYS H 221 -29.54 27.06 -16.37
N VAL H 222 -30.38 27.25 -15.36
CA VAL H 222 -29.96 27.82 -14.08
C VAL H 222 -29.81 26.67 -13.09
N ILE H 223 -28.60 26.48 -12.59
CA ILE H 223 -28.28 25.39 -11.66
C ILE H 223 -27.91 26.01 -10.32
N GLY H 224 -28.63 25.60 -9.27
CA GLY H 224 -28.34 26.04 -7.92
C GLY H 224 -27.51 25.02 -7.18
N VAL H 225 -26.74 25.49 -6.21
CA VAL H 225 -25.88 24.64 -5.38
C VAL H 225 -26.15 24.96 -3.93
N VAL H 226 -26.68 23.98 -3.19
CA VAL H 226 -26.96 24.13 -1.76
C VAL H 226 -26.49 22.88 -1.03
N ARG H 227 -26.36 23.01 0.29
CA ARG H 227 -25.89 21.91 1.12
C ARG H 227 -27.03 21.07 1.70
N ASN H 228 -28.23 21.64 1.80
CA ASN H 228 -29.36 20.96 2.43
C ASN H 228 -30.39 20.57 1.38
N GLU H 229 -30.90 19.34 1.51
CA GLU H 229 -31.93 18.87 0.59
C GLU H 229 -33.23 19.66 0.72
N ASN H 230 -33.48 20.22 1.91
CA ASN H 230 -34.70 20.98 2.13
C ASN H 230 -34.73 22.30 1.38
N TYR H 231 -33.57 22.81 0.96
CA TYR H 231 -33.52 24.08 0.24
C TYR H 231 -33.92 23.95 -1.22
N ILE H 232 -34.10 22.72 -1.73
CA ILE H 232 -34.37 22.53 -3.16
C ILE H 232 -35.68 23.17 -3.60
N PRO H 233 -36.80 23.01 -2.89
CA PRO H 233 -38.06 23.62 -3.37
C PRO H 233 -37.97 25.13 -3.54
N THR H 234 -37.31 25.84 -2.62
CA THR H 234 -37.21 27.29 -2.75
C THR H 234 -36.25 27.69 -3.86
N CYS H 235 -35.21 26.88 -4.11
CA CYS H 235 -34.30 27.19 -5.20
C CYS H 235 -35.00 27.10 -6.55
N LYS H 236 -35.81 26.06 -6.75
CA LYS H 236 -36.56 25.94 -8.00
C LYS H 236 -37.69 26.96 -8.08
N ALA H 237 -38.25 27.36 -6.94
CA ALA H 237 -39.31 28.35 -6.95
C ALA H 237 -38.78 29.75 -7.26
N THR H 238 -37.48 29.97 -7.11
CA THR H 238 -36.87 31.26 -7.39
C THR H 238 -36.13 31.31 -8.72
N GLY H 239 -36.15 30.22 -9.50
CA GLY H 239 -35.62 30.28 -10.85
C GLY H 239 -34.73 29.13 -11.28
N CYS H 240 -34.29 28.30 -10.33
CA CYS H 240 -33.37 27.22 -10.67
C CYS H 240 -34.07 26.13 -11.47
N ASP H 241 -33.49 25.76 -12.61
CA ASP H 241 -33.96 24.61 -13.36
C ASP H 241 -33.52 23.31 -12.70
N GLU H 242 -32.26 23.25 -12.26
CA GLU H 242 -31.72 22.10 -11.55
C GLU H 242 -31.06 22.59 -10.27
N VAL H 243 -30.93 21.67 -9.30
CA VAL H 243 -30.30 21.96 -8.03
C VAL H 243 -29.30 20.86 -7.72
N ILE H 244 -28.07 21.26 -7.40
CA ILE H 244 -27.00 20.34 -7.02
C ILE H 244 -26.90 20.33 -5.50
N LEU H 245 -26.89 19.15 -4.90
CA LEU H 245 -26.76 18.99 -3.46
C LEU H 245 -25.31 18.65 -3.14
N ALA H 246 -24.59 19.61 -2.54
CA ALA H 246 -23.20 19.43 -2.17
C ALA H 246 -22.79 20.59 -1.27
N GLN H 247 -21.72 20.37 -0.52
CA GLN H 247 -21.14 21.46 0.26
C GLN H 247 -20.40 22.41 -0.68
N ALA H 248 -20.52 23.71 -0.41
CA ALA H 248 -19.95 24.72 -1.28
C ALA H 248 -18.43 24.59 -1.40
N THR H 249 -17.77 23.97 -0.44
CA THR H 249 -16.33 23.76 -0.47
C THR H 249 -15.93 22.49 -1.22
N ASP H 250 -16.89 21.64 -1.59
CA ASP H 250 -16.59 20.38 -2.26
C ASP H 250 -16.34 20.65 -3.74
N ALA H 251 -15.07 20.81 -4.08
CA ALA H 251 -14.71 21.15 -5.45
C ALA H 251 -14.99 20.00 -6.42
N ILE H 252 -14.70 18.77 -5.99
CA ILE H 252 -14.83 17.62 -6.89
C ILE H 252 -16.31 17.32 -7.16
N THR H 253 -17.14 17.32 -6.11
CA THR H 253 -18.55 16.99 -6.29
C THR H 253 -19.24 18.01 -7.17
N ILE H 254 -18.98 19.31 -6.95
CA ILE H 254 -19.60 20.34 -7.76
C ILE H 254 -19.16 20.23 -9.22
N GLN H 255 -17.88 19.94 -9.45
CA GLN H 255 -17.38 19.79 -10.81
C GLN H 255 -18.08 18.65 -11.53
N LYS H 256 -18.12 17.48 -10.91
CA LYS H 256 -18.71 16.31 -11.56
C LYS H 256 -20.22 16.44 -11.71
N GLU H 257 -20.89 17.06 -10.73
CA GLU H 257 -22.34 17.20 -10.81
C GLU H 257 -22.74 18.25 -11.84
N VAL H 258 -21.97 19.33 -11.96
CA VAL H 258 -22.19 20.28 -13.04
C VAL H 258 -21.95 19.61 -14.38
N SER H 259 -20.94 18.73 -14.45
CA SER H 259 -20.63 18.04 -15.69
C SER H 259 -21.76 17.10 -16.11
N ARG H 260 -22.33 16.37 -15.15
CA ARG H 260 -23.43 15.47 -15.47
C ARG H 260 -24.63 16.23 -16.01
N LEU H 261 -24.92 17.40 -15.44
CA LEU H 261 -26.10 18.16 -15.80
C LEU H 261 -25.92 19.00 -17.07
N THR H 262 -24.69 19.13 -17.56
CA THR H 262 -24.42 19.91 -18.77
C THR H 262 -23.73 19.11 -19.86
N ASN H 263 -23.59 17.78 -19.67
CA ASN H 263 -22.90 16.91 -20.62
C ASN H 263 -21.47 17.39 -20.87
N GLY H 264 -20.80 17.81 -19.80
CA GLY H 264 -19.41 18.23 -19.88
C GLY H 264 -19.19 19.65 -20.35
N LYS H 265 -20.25 20.38 -20.71
CA LYS H 265 -20.10 21.75 -21.20
C LYS H 265 -19.85 22.75 -20.08
N MET H 266 -20.19 22.41 -18.84
CA MET H 266 -20.01 23.27 -17.67
C MET H 266 -20.80 24.57 -17.83
N ALA H 267 -20.45 25.59 -17.04
CA ALA H 267 -21.26 26.80 -16.91
C ALA H 267 -20.65 27.97 -17.65
N ASP H 268 -21.50 28.76 -18.30
CA ASP H 268 -21.05 30.02 -18.90
C ASP H 268 -20.73 31.04 -17.82
N VAL H 269 -21.57 31.13 -16.79
CA VAL H 269 -21.40 32.08 -15.69
C VAL H 269 -21.53 31.33 -14.38
N VAL H 270 -20.55 31.50 -13.50
CA VAL H 270 -20.58 30.95 -12.15
C VAL H 270 -20.73 32.10 -11.17
N ILE H 271 -21.79 32.05 -10.37
CA ILE H 271 -22.11 33.09 -9.39
C ILE H 271 -21.90 32.52 -8.00
N ASN H 272 -20.97 33.09 -7.26
CA ASN H 272 -20.68 32.69 -5.89
C ASN H 272 -21.31 33.71 -4.95
N VAL H 273 -22.33 33.30 -4.20
CA VAL H 273 -23.00 34.19 -3.26
C VAL H 273 -23.12 33.51 -1.91
N VAL H 274 -22.27 32.52 -1.66
CA VAL H 274 -22.21 31.87 -0.36
C VAL H 274 -21.12 32.56 0.47
N ASN H 275 -21.43 32.83 1.74
CA ASN H 275 -20.47 33.49 2.63
C ASN H 275 -19.66 32.43 3.38
N THR H 276 -18.95 31.62 2.60
CA THR H 276 -18.11 30.55 3.11
C THR H 276 -16.74 30.66 2.48
N GLU H 277 -15.70 30.47 3.29
CA GLU H 277 -14.35 30.45 2.77
C GLU H 277 -14.06 29.14 2.07
N ASP H 278 -12.99 29.14 1.27
CA ASP H 278 -12.56 27.96 0.50
C ASP H 278 -13.62 27.54 -0.52
N THR H 279 -14.22 28.53 -1.18
CA THR H 279 -15.16 28.28 -2.27
C THR H 279 -14.65 28.82 -3.60
N GLU H 280 -13.40 29.30 -3.65
CA GLU H 280 -12.86 29.83 -4.89
C GLU H 280 -12.64 28.71 -5.90
N LEU H 281 -11.94 27.65 -5.51
CA LEU H 281 -11.70 26.54 -6.41
C LEU H 281 -13.00 25.84 -6.84
N PRO H 282 -13.98 25.57 -5.96
CA PRO H 282 -15.26 25.04 -6.46
C PRO H 282 -15.94 25.94 -7.48
N SER H 283 -15.78 27.25 -7.35
CA SER H 283 -16.37 28.16 -8.33
C SER H 283 -15.61 28.14 -9.65
N ILE H 284 -14.27 28.11 -9.58
CA ILE H 284 -13.45 28.06 -10.78
C ILE H 284 -13.73 26.79 -11.58
N MET H 285 -13.69 25.64 -10.89
CA MET H 285 -13.80 24.34 -11.54
C MET H 285 -15.20 24.06 -12.08
N ALA H 286 -16.18 24.90 -11.76
CA ALA H 286 -17.53 24.74 -12.31
C ALA H 286 -17.72 25.48 -13.62
N ALA H 287 -16.76 26.31 -14.03
CA ALA H 287 -16.90 27.14 -15.21
C ALA H 287 -16.32 26.46 -16.44
N LYS H 288 -16.91 26.76 -17.59
CA LYS H 288 -16.36 26.34 -18.87
C LYS H 288 -15.05 27.08 -19.14
N ASP H 289 -14.37 26.63 -20.19
CA ASP H 289 -13.20 27.36 -20.68
C ASP H 289 -13.63 28.76 -21.12
N ARG H 290 -12.87 29.77 -20.70
CA ARG H 290 -13.19 31.18 -20.95
C ARG H 290 -14.53 31.58 -20.34
N GLY H 291 -14.93 30.89 -19.27
CA GLY H 291 -16.14 31.26 -18.57
C GLY H 291 -15.91 32.39 -17.57
N MET H 292 -17.00 32.88 -17.01
CA MET H 292 -16.98 34.01 -16.09
C MET H 292 -17.36 33.55 -14.69
N VAL H 293 -16.51 33.87 -13.71
CA VAL H 293 -16.75 33.52 -12.31
C VAL H 293 -16.94 34.81 -11.53
N TYR H 294 -18.11 34.97 -10.93
CA TYR H 294 -18.50 36.20 -10.25
C TYR H 294 -18.51 35.94 -8.74
N PHE H 295 -17.61 36.61 -8.02
CA PHE H 295 -17.47 36.44 -6.57
C PHE H 295 -18.14 37.63 -5.88
N PHE H 296 -19.33 37.39 -5.32
CA PHE H 296 -20.07 38.45 -4.64
C PHE H 296 -19.77 38.55 -3.15
N SER H 297 -19.39 37.44 -2.51
CA SER H 297 -19.24 37.41 -1.07
C SER H 297 -17.90 37.99 -0.64
N MET H 298 -17.88 38.56 0.57
CA MET H 298 -16.67 39.15 1.13
C MET H 298 -15.70 38.10 1.69
N ALA H 299 -16.10 36.83 1.74
CA ALA H 299 -15.20 35.78 2.18
C ALA H 299 -14.24 35.32 1.08
N THR H 300 -14.26 35.96 -0.07
CA THR H 300 -13.39 35.57 -1.18
C THR H 300 -11.96 36.05 -0.93
N SER H 301 -11.01 35.13 -1.07
CA SER H 301 -9.59 35.44 -0.96
C SER H 301 -9.03 35.69 -2.35
N PHE H 302 -8.40 36.85 -2.54
CA PHE H 302 -7.86 37.22 -3.84
C PHE H 302 -6.79 36.23 -4.29
N THR H 303 -5.79 35.98 -3.43
CA THR H 303 -4.66 35.15 -3.82
C THR H 303 -5.08 33.71 -4.07
N LYS H 304 -5.94 33.16 -3.19
CA LYS H 304 -6.42 31.80 -3.40
C LYS H 304 -7.20 31.69 -4.70
N ALA H 305 -7.93 32.74 -5.06
CA ALA H 305 -8.66 32.75 -6.33
C ALA H 305 -7.71 32.84 -7.51
N ALA H 306 -6.74 33.75 -7.43
CA ALA H 306 -5.83 33.96 -8.55
C ALA H 306 -4.87 32.77 -8.73
N LEU H 307 -4.22 32.36 -7.64
CA LEU H 307 -3.31 31.21 -7.71
C LEU H 307 -4.05 29.89 -7.88
N GLY H 308 -5.33 29.83 -7.49
CA GLY H 308 -6.08 28.61 -7.71
C GLY H 308 -6.33 28.33 -9.19
N ALA H 309 -6.69 29.37 -9.95
CA ALA H 309 -6.89 29.19 -11.38
C ALA H 309 -5.58 28.88 -12.09
N GLU H 310 -4.46 29.42 -11.61
CA GLU H 310 -3.18 29.11 -12.21
C GLU H 310 -2.80 27.65 -12.01
N GLY H 311 -3.03 27.11 -10.82
CA GLY H 311 -2.56 25.77 -10.50
C GLY H 311 -3.29 24.68 -11.25
N ILE H 312 -4.52 24.94 -11.66
CA ILE H 312 -5.31 23.97 -12.41
C ILE H 312 -5.54 24.43 -13.84
N GLY H 313 -4.77 25.42 -14.31
CA GLY H 313 -4.82 25.85 -15.69
C GLY H 313 -6.20 26.21 -16.21
N ALA H 314 -6.94 27.00 -15.43
CA ALA H 314 -8.30 27.40 -15.80
C ALA H 314 -8.26 28.82 -16.35
N ASP H 315 -8.41 28.94 -17.66
CA ASP H 315 -8.46 30.25 -18.33
C ASP H 315 -9.88 30.79 -18.21
N VAL H 316 -10.17 31.38 -17.05
CA VAL H 316 -11.49 31.91 -16.75
C VAL H 316 -11.35 33.37 -16.31
N ASP H 317 -12.44 34.11 -16.47
CA ASP H 317 -12.52 35.48 -16.00
C ASP H 317 -13.12 35.51 -14.61
N MET H 318 -12.44 36.17 -13.68
CA MET H 318 -12.85 36.22 -12.28
C MET H 318 -13.08 37.67 -11.89
N MET H 319 -14.33 38.00 -11.56
CA MET H 319 -14.72 39.36 -11.23
C MET H 319 -14.95 39.52 -9.74
N ILE H 320 -14.47 40.64 -9.19
CA ILE H 320 -14.71 41.00 -7.80
C ILE H 320 -16.11 41.62 -7.72
N GLY H 321 -17.05 40.91 -7.11
CA GLY H 321 -18.38 41.47 -6.93
C GLY H 321 -18.34 42.74 -6.10
N ASN H 322 -19.06 43.76 -6.57
CA ASN H 322 -18.94 45.11 -6.01
C ASN H 322 -19.94 45.36 -4.89
N GLY H 323 -21.24 45.31 -5.20
CA GLY H 323 -22.26 45.77 -4.30
C GLY H 323 -22.85 47.11 -4.68
N TYR H 324 -22.20 47.83 -5.60
CA TYR H 324 -22.77 49.04 -6.18
C TYR H 324 -22.78 48.92 -7.70
N ALA H 325 -23.88 49.33 -8.30
CA ALA H 325 -23.98 49.43 -9.75
C ALA H 325 -25.04 50.50 -10.07
N HIS H 326 -25.08 50.89 -11.34
CA HIS H 326 -26.06 51.87 -11.79
C HIS H 326 -27.47 51.42 -11.46
N HIS H 327 -28.19 52.25 -10.69
CA HIS H 327 -29.58 52.00 -10.35
C HIS H 327 -29.78 50.67 -9.63
N HIS H 328 -28.75 50.21 -8.89
CA HIS H 328 -28.82 48.88 -8.30
C HIS H 328 -29.95 48.77 -7.28
N SER H 329 -30.23 49.85 -6.55
CA SER H 329 -31.33 49.81 -5.59
C SER H 329 -32.67 49.74 -6.31
N GLU H 330 -32.84 50.52 -7.38
CA GLU H 330 -34.11 50.53 -8.11
C GLU H 330 -34.33 49.22 -8.85
N ILE H 331 -33.26 48.61 -9.36
CA ILE H 331 -33.40 47.36 -10.10
C ILE H 331 -33.81 46.22 -9.17
N ALA H 332 -33.19 46.17 -7.97
CA ALA H 332 -33.53 45.11 -7.02
C ALA H 332 -34.94 45.26 -6.49
N LEU H 333 -35.36 46.49 -6.17
CA LEU H 333 -36.71 46.70 -5.69
C LEU H 333 -37.74 46.35 -6.75
N ASP H 334 -37.49 46.73 -8.00
CA ASP H 334 -38.42 46.42 -9.08
C ASP H 334 -38.50 44.91 -9.32
N LEU H 335 -37.37 44.20 -9.18
CA LEU H 335 -37.38 42.76 -9.33
C LEU H 335 -38.31 42.10 -8.33
N LEU H 336 -38.34 42.61 -7.09
CA LEU H 336 -39.21 42.04 -6.08
C LEU H 336 -40.68 42.33 -6.39
N ARG H 337 -40.98 43.53 -6.88
CA ARG H 337 -42.36 43.87 -7.21
C ARG H 337 -42.89 43.00 -8.35
N ARG H 338 -42.04 42.62 -9.29
CA ARG H 338 -42.48 41.79 -10.41
C ARG H 338 -42.61 40.32 -10.03
N ASN H 339 -41.82 39.85 -9.06
CA ASN H 339 -41.79 38.45 -8.67
C ASN H 339 -42.44 38.31 -7.30
N SER H 340 -43.70 37.90 -7.28
CA SER H 340 -44.42 37.75 -6.02
C SER H 340 -43.83 36.62 -5.18
N VAL H 341 -43.43 35.52 -5.83
CA VAL H 341 -42.81 34.42 -5.11
C VAL H 341 -41.49 34.87 -4.47
N LEU H 342 -40.70 35.66 -5.20
CA LEU H 342 -39.47 36.20 -4.64
C LEU H 342 -39.77 37.21 -3.54
N MET H 343 -40.78 38.06 -3.74
CA MET H 343 -41.15 39.00 -2.69
C MET H 343 -41.72 38.27 -1.47
N LYS H 344 -42.59 37.29 -1.70
CA LYS H 344 -43.16 36.53 -0.58
C LYS H 344 -42.06 35.95 0.29
N ILE H 345 -41.13 35.22 -0.31
CA ILE H 345 -40.04 34.62 0.46
C ILE H 345 -39.22 35.68 1.17
N PHE H 346 -39.03 36.83 0.53
CA PHE H 346 -38.10 37.82 1.06
C PHE H 346 -38.63 38.47 2.34
N LYS H 347 -39.95 38.69 2.45
CA LYS H 347 -40.45 39.33 3.65
C LYS H 347 -40.58 38.35 4.82
N GLU H 348 -40.76 37.06 4.55
CA GLU H 348 -40.71 36.09 5.64
C GLU H 348 -39.31 36.04 6.26
N ARG H 349 -38.27 36.04 5.42
CA ARG H 349 -36.91 35.89 5.90
C ARG H 349 -36.36 37.20 6.45
N TYR H 350 -36.63 38.31 5.78
CA TYR H 350 -35.98 39.58 6.11
C TYR H 350 -36.98 40.73 6.15
C1 PEG I . 10.57 -25.18 8.95
O1 PEG I . 9.20 -24.91 8.67
C2 PEG I . 11.45 -24.71 7.79
O2 PEG I . 12.82 -24.86 8.17
C3 PEG I . 13.68 -24.02 7.39
C4 PEG I . 14.85 -23.60 8.26
O4 PEG I . 15.47 -24.75 8.84
C1 EDO J . -12.53 -11.48 8.07
O1 EDO J . -11.55 -12.27 8.74
C2 EDO J . -12.08 -11.22 6.64
O2 EDO J . -11.88 -12.47 5.96
C1 EDO K . 40.19 -30.23 21.80
O1 EDO K . 40.73 -30.60 20.52
C2 EDO K . 39.81 -31.49 22.57
O2 EDO K . 39.36 -31.12 23.88
C1 EDO L . -10.36 -21.60 -7.72
O1 EDO L . -11.68 -21.35 -7.21
C2 EDO L . -9.35 -20.69 -7.01
O2 EDO L . -9.32 -21.01 -5.61
CL CL M . 36.65 -41.37 -1.92
C1 PEG N . -5.84 38.30 1.38
O1 PEG N . -5.76 37.36 0.30
C2 PEG N . -6.37 37.61 2.64
O2 PEG N . -7.80 37.59 2.62
C3 PEG N . -8.32 37.10 3.86
C4 PEG N . -9.84 37.16 3.84
O4 PEG N . -10.36 36.14 2.96
C1 EDO O . 2.59 -1.59 56.08
O1 EDO O . 3.64 -0.77 55.56
C2 EDO O . 3.18 -2.65 57.00
O2 EDO O . 4.15 -3.41 56.29
C1 EDO P . -1.67 40.32 4.15
O1 EDO P . -1.43 40.34 5.56
C2 EDO P . -0.91 39.14 3.54
O2 EDO P . 0.48 39.26 3.83
C1 EDO Q . 5.94 33.53 49.98
O1 EDO Q . 4.82 32.97 50.67
C2 EDO Q . 7.14 32.60 50.14
O2 EDO Q . 6.70 31.24 50.07
C1 EDO R . 2.49 27.33 31.03
O1 EDO R . 3.71 28.05 31.19
C2 EDO R . 1.35 28.32 30.80
O2 EDO R . 0.12 27.61 30.65
C1 EDO S . -6.33 46.51 14.58
O1 EDO S . -5.81 45.18 14.40
C2 EDO S . -6.01 46.98 15.99
O2 EDO S . -6.59 46.07 16.94
S SO4 T . 11.31 -3.82 51.10
O1 SO4 T . 12.57 -4.26 50.52
O2 SO4 T . 10.23 -4.67 50.63
O3 SO4 T . 11.06 -2.43 50.70
O4 SO4 T . 11.38 -3.89 52.56
C1 PEG U . 16.75 67.38 -10.72
O1 PEG U . 17.33 68.69 -10.67
C2 PEG U . 17.30 66.54 -9.57
O2 PEG U . 16.89 65.19 -9.74
C3 PEG U . 17.41 64.34 -8.73
C4 PEG U . 17.15 62.88 -9.11
O4 PEG U . 15.77 62.70 -9.43
C1 EDO V . 6.07 29.09 -10.11
O1 EDO V . 6.27 28.71 -11.47
C2 EDO V . 4.63 28.81 -9.70
O2 EDO V . 4.45 29.16 -8.33
C1 EDO W . -2.19 59.83 -29.08
O1 EDO W . -3.29 59.90 -28.16
C2 EDO W . -1.05 60.69 -28.55
O2 EDO W . -0.75 60.32 -27.21
C1 EDO X . -12.20 39.59 -22.04
O1 EDO X . -11.08 39.16 -21.27
C2 EDO X . -11.84 39.55 -23.53
O2 EDO X . -11.53 38.19 -23.89
C1 EDO Y . 21.05 19.74 15.03
O1 EDO Y . 22.10 20.72 15.04
C2 EDO Y . 19.73 20.40 15.42
O2 EDO Y . 18.68 19.44 15.34
CL CL Z . 25.67 20.76 -1.62
C1 EDO AA . -29.07 -30.04 -14.89
O1 EDO AA . -29.42 -29.24 -13.75
C2 EDO AA . -28.34 -31.30 -14.41
O2 EDO AA . -27.77 -31.98 -15.53
C1 EDO BA . 9.62 -33.29 -57.42
O1 EDO BA . 8.78 -32.65 -58.39
C2 EDO BA . 8.78 -33.72 -56.23
O2 EDO BA . 9.61 -34.43 -55.29
CL CL CA . -4.01 -37.05 -51.24
C1 GOL DA . -18.52 -18.49 -43.08
O1 GOL DA . -19.90 -18.70 -42.97
C2 GOL DA . -18.00 -19.23 -44.30
O2 GOL DA . -16.64 -18.91 -44.50
C3 GOL DA . -18.14 -20.73 -44.06
O3 GOL DA . -18.03 -21.42 -45.29
CA CA EA . -19.00 -25.25 -30.65
C1 EDO FA . 17.98 3.64 -27.78
O1 EDO FA . 17.31 3.13 -28.93
C2 EDO FA . 18.67 2.50 -27.04
O2 EDO FA . 17.68 1.64 -26.45
CL CL GA . 2.83 -10.71 -26.02
C1 EDO HA . -10.95 -59.45 2.02
O1 EDO HA . -10.73 -60.55 1.12
C2 EDO HA . -11.85 -59.89 3.17
O2 EDO HA . -11.11 -60.70 4.09
C1 EDO IA . 43.86 -57.60 -13.09
O1 EDO IA . 44.77 -56.50 -13.02
C2 EDO IA . 43.08 -57.70 -11.79
O2 EDO IA . 43.98 -57.96 -10.70
C1 EDO JA . 17.51 -36.22 18.42
O1 EDO JA . 16.73 -35.07 18.11
C2 EDO JA . 17.34 -37.27 17.32
O2 EDO JA . 18.11 -38.43 17.65
C TRS KA . 14.30 -67.05 -3.28
C1 TRS KA . 15.07 -67.15 -1.98
C2 TRS KA . 14.14 -65.60 -3.69
C3 TRS KA . 12.94 -67.71 -3.13
N TRS KA . 15.05 -67.76 -4.33
O1 TRS KA . 16.21 -66.31 -2.05
O2 TRS KA . 12.91 -65.42 -4.37
O3 TRS KA . 13.10 -69.09 -2.86
CL CL LA . 2.40 -43.96 24.70
S SO4 MA . 44.01 -66.35 -16.29
O1 SO4 MA . 44.29 -67.23 -15.14
O2 SO4 MA . 42.79 -66.79 -16.94
O3 SO4 MA . 45.13 -66.42 -17.23
O4 SO4 MA . 43.85 -64.98 -15.81
C1 EDO NA . -23.29 7.82 39.65
O1 EDO NA . -24.24 7.73 40.72
C2 EDO NA . -22.12 8.69 40.09
O2 EDO NA . -21.21 8.86 38.99
C1 EDO OA . -15.71 26.72 32.63
O1 EDO OA . -16.75 27.35 33.38
C2 EDO OA . -14.55 26.34 33.56
O2 EDO OA . -13.87 27.53 33.99
C1 EDO PA . -18.39 -18.49 21.32
O1 EDO PA . -17.34 -19.21 20.66
C2 EDO PA . -17.86 -17.88 22.61
O2 EDO PA . -17.47 -18.92 23.50
C1 EDO QA . -14.82 1.23 30.47
O1 EDO QA . -14.28 2.54 30.24
C2 EDO QA . -13.68 0.23 30.60
O2 EDO QA . -12.91 0.51 31.77
C1 EDO RA . -27.91 13.65 60.09
O1 EDO RA . -28.59 12.40 59.92
C2 EDO RA . -26.61 13.42 60.86
O2 EDO RA . -25.80 12.48 60.15
CL CL SA . -20.47 23.93 63.46
CA CA TA . -27.85 -5.06 38.13
C1 PEG UA . -30.59 57.57 25.50
O1 PEG UA . -30.42 56.15 25.48
C2 PEG UA . -29.47 58.20 26.31
O2 PEG UA . -29.66 59.62 26.36
C3 PEG UA . -28.77 60.25 27.26
C4 PEG UA . -29.08 61.75 27.31
O4 PEG UA . -28.23 62.38 28.27
C1 EDO VA . -14.13 22.64 -20.52
O1 EDO VA . -15.13 23.56 -20.98
C2 EDO VA . -13.15 23.37 -19.61
O2 EDO VA . -13.77 23.66 -18.36
C1 EDO WA . -33.54 23.45 -19.60
O1 EDO WA . -33.64 24.70 -20.30
C2 EDO WA . -32.96 23.69 -18.22
O2 EDO WA . -32.91 22.47 -17.49
C1 EDO XA . -23.35 27.43 -24.73
O1 EDO XA . -24.37 28.11 -23.98
C2 EDO XA . -22.20 27.05 -23.80
O2 EDO XA . -22.72 26.33 -22.68
C1 EDO YA . -35.64 70.37 8.67
O1 EDO YA . -37.05 70.24 8.51
C2 EDO YA . -35.04 71.11 7.48
O2 EDO YA . -33.62 70.94 7.48
CL CL ZA . -22.52 56.73 33.07
CL CL AB . -24.58 68.69 -12.26
#